data_9HDF
#
_entry.id   9HDF
#
_cell.length_a   264.410
_cell.length_b   265.464
_cell.length_c   109.671
_cell.angle_alpha   90.00
_cell.angle_beta   90.00
_cell.angle_gamma   90.00
#
_symmetry.space_group_name_H-M   'P 21 21 2'
#
loop_
_entity.id
_entity.type
_entity.pdbx_description
1 polymer 'Ancestral Glucocorticoid Receptor2 ligand binding domain'
2 polymer 'Ancestral Glucocorticoid Receptor2 ligand binding domain'
3 polymer 'Nuclear receptor subfamily 0 group B member 2'
4 non-polymer DEXAMETHASONE
5 non-polymer 'CACODYLATE ION'
6 non-polymer '4-(2-HYDROXYETHYL)-1-PIPERAZINE ETHANESULFONIC ACID'
7 non-polymer GLYCEROL
8 non-polymer 'SULFATE ION'
9 non-polymer 'CHLORIDE ION'
10 non-polymer 'TETRAETHYLENE GLYCOL'
11 non-polymer IMIDAZOLE
12 non-polymer DI(HYDROXYETHYL)ETHER
13 non-polymer 'TRIETHYLENE GLYCOL'
14 water water
#
loop_
_entity_poly.entity_id
_entity_poly.type
_entity_poly.pdbx_seq_one_letter_code
_entity_poly.pdbx_strand_id
1 'polypeptide(L)'
;FPTLISLLEVIEPEVLYSGYDSTLPDTSTRLMSTLNRLGGRQVVSAVKWAKALPGFRNLHLDDQMTLLQYSWMSLMAFSL
GWRSYKQSNGNMLCFAPDLVINEERMQLPYMYDQCQQMLKISSEFVRLQVSYDEYLCMKVLLLLSTVPKDGLKSQAVFDE
IRMTYIKELGKAIVKREGNSSQNWQRFYQLTKLLDSMHEMVGGLLQFCFYTFVNKSLSVEFPEMLAEIISNQLPKFKAGS
VKPLLFHQ
;
A,C,D,F,G,H,I,L,M,P
2 'polypeptide(L)'
;FPTLISLLEVIEPEVLYSGYDSTLPDTSTRLMSTLNRLGGRQVVSAVKWAKALPGFRNLHLDDQMTLLQYSWMSLMAFSL
GWRSYKQSNGNML(CSO)FAPDLVINEERMQLPYMYDQCQQMLKISSEFVRLQVSYDEYLCMKVLLLLSTVPKDGLKSQA
VFDEIRMTYIKELGKAIVKREGNSSQNWQRFYQLTKLLDSMHEMVGGLLQFCFYTFVNKSLSVEFPEMLAEIISNQLPKF
KAGSVKPLLFHQ
;
B,E,J,K,N,O
3 'polypeptide(L)' ASRPAILYALLSSSL a,b,c,d,e,f,g,h,i,j,k,l,m,n,o,p
#
# COMPACT_ATOMS: atom_id res chain seq x y z
N PHE A 1 49.76 47.87 8.31
CA PHE A 1 49.05 49.10 8.83
C PHE A 1 47.55 48.81 9.03
N PRO A 2 47.01 48.96 10.26
CA PRO A 2 45.62 48.58 10.54
C PRO A 2 44.65 49.75 10.31
N THR A 3 43.43 49.44 9.86
CA THR A 3 42.42 50.47 9.61
C THR A 3 41.95 51.05 10.94
N LEU A 4 41.41 52.28 10.90
CA LEU A 4 40.96 52.95 12.10
C LEU A 4 39.75 52.24 12.67
N ILE A 5 38.84 51.78 11.81
CA ILE A 5 37.65 51.07 12.29
C ILE A 5 38.10 49.80 13.03
N SER A 6 39.12 49.10 12.52
CA SER A 6 39.48 47.85 13.17
C SER A 6 40.13 48.12 14.53
N LEU A 7 40.81 49.26 14.68
CA LEU A 7 41.36 49.64 15.98
C LEU A 7 40.22 49.91 16.98
N LEU A 8 39.16 50.58 16.49
CA LEU A 8 38.05 50.91 17.35
C LEU A 8 37.42 49.64 17.91
N GLU A 9 37.38 48.60 17.07
CA GLU A 9 36.85 47.30 17.43
C GLU A 9 37.74 46.65 18.48
N VAL A 10 39.06 46.75 18.33
CA VAL A 10 39.92 45.99 19.22
C VAL A 10 39.98 46.66 20.59
N ILE A 11 39.76 47.99 20.65
CA ILE A 11 39.99 48.69 21.90
C ILE A 11 38.70 48.82 22.70
N GLU A 12 37.56 48.49 22.07
CA GLU A 12 36.27 48.56 22.73
C GLU A 12 36.32 47.77 24.02
N PRO A 13 35.93 48.36 25.17
CA PRO A 13 35.97 47.65 26.46
C PRO A 13 35.01 46.47 26.48
N GLU A 14 35.43 45.40 27.15
CA GLU A 14 34.60 44.21 27.29
C GLU A 14 33.54 44.52 28.34
N VAL A 15 32.34 43.97 28.19
CA VAL A 15 31.24 44.13 29.12
C VAL A 15 31.64 43.70 30.54
N LEU A 16 31.42 44.55 31.54
CA LEU A 16 31.70 44.20 32.92
C LEU A 16 30.54 43.47 33.57
N TYR A 17 30.84 42.60 34.56
CA TYR A 17 29.86 42.03 35.46
C TYR A 17 29.70 42.94 36.68
N SER A 18 28.49 42.95 37.28
CA SER A 18 28.26 43.83 38.41
C SER A 18 28.61 43.14 39.71
N GLY A 19 28.52 41.80 39.72
CA GLY A 19 28.67 41.02 40.94
C GLY A 19 27.55 41.28 41.94
N TYR A 20 26.41 41.77 41.45
CA TYR A 20 25.18 41.91 42.22
C TYR A 20 24.86 40.59 42.90
N ASP A 21 24.37 40.66 44.15
CA ASP A 21 23.97 39.49 44.89
C ASP A 21 22.46 39.27 44.74
N SER A 22 22.07 38.30 43.89
CA SER A 22 20.65 38.08 43.60
C SER A 22 19.94 37.32 44.72
N THR A 23 20.67 37.01 45.79
CA THR A 23 20.18 36.36 46.99
C THR A 23 19.29 37.28 47.82
N LEU A 24 19.73 38.52 47.98
CA LEU A 24 19.05 39.52 48.80
C LEU A 24 17.98 40.19 47.95
N PRO A 25 16.84 40.58 48.54
CA PRO A 25 15.76 41.22 47.78
C PRO A 25 16.16 42.61 47.26
N ASP A 26 15.53 43.03 46.16
CA ASP A 26 15.85 44.30 45.52
C ASP A 26 15.20 45.44 46.29
N THR A 27 15.94 46.53 46.51
CA THR A 27 15.35 47.78 46.94
C THR A 27 15.87 48.88 46.01
N SER A 28 15.10 49.96 45.89
CA SER A 28 15.48 51.10 45.08
C SER A 28 16.89 51.59 45.44
N THR A 29 17.14 51.85 46.73
CA THR A 29 18.45 52.35 47.13
C THR A 29 19.55 51.37 46.72
N ARG A 30 19.32 50.09 46.96
CA ARG A 30 20.35 49.09 46.73
C ARG A 30 20.67 49.03 45.24
N LEU A 31 19.64 49.02 44.42
CA LEU A 31 19.78 48.89 42.98
C LEU A 31 20.55 50.08 42.42
N MET A 32 20.12 51.29 42.80
CA MET A 32 20.76 52.50 42.32
C MET A 32 22.22 52.54 42.76
N SER A 33 22.47 52.14 44.00
CA SER A 33 23.84 52.07 44.49
C SER A 33 24.65 51.06 43.67
N THR A 34 24.05 49.93 43.32
CA THR A 34 24.77 48.92 42.56
C THR A 34 25.11 49.47 41.19
N LEU A 35 24.11 50.10 40.54
CA LEU A 35 24.33 50.68 39.23
C LEU A 35 25.46 51.71 39.30
N ASN A 36 25.50 52.52 40.35
CA ASN A 36 26.55 53.53 40.44
C ASN A 36 27.92 52.87 40.58
N ARG A 37 27.99 51.83 41.41
CA ARG A 37 29.25 51.13 41.67
C ARG A 37 29.77 50.55 40.35
N LEU A 38 28.84 50.02 39.55
CA LEU A 38 29.14 49.46 38.24
C LEU A 38 29.60 50.58 37.30
N GLY A 39 28.89 51.71 37.32
CA GLY A 39 29.23 52.87 36.52
C GLY A 39 30.67 53.35 36.78
N GLY A 40 31.06 53.39 38.06
CA GLY A 40 32.42 53.75 38.41
C GLY A 40 33.43 52.93 37.62
N ARG A 41 33.24 51.61 37.62
CA ARG A 41 34.16 50.70 36.96
C ARG A 41 34.07 50.87 35.45
N GLN A 42 32.86 51.09 34.93
CA GLN A 42 32.67 51.29 33.50
C GLN A 42 33.41 52.55 33.04
N VAL A 43 33.41 53.58 33.89
CA VAL A 43 34.06 54.83 33.56
C VAL A 43 35.58 54.65 33.51
N VAL A 44 36.13 53.98 34.52
CA VAL A 44 37.54 53.64 34.46
C VAL A 44 37.88 52.90 33.16
N SER A 45 37.00 51.98 32.75
CA SER A 45 37.20 51.29 31.49
C SER A 45 37.23 52.29 30.34
N ALA A 46 36.37 53.30 30.42
CA ALA A 46 36.23 54.25 29.33
C ALA A 46 37.45 55.15 29.26
N VAL A 47 38.01 55.50 30.43
CA VAL A 47 39.22 56.30 30.45
C VAL A 47 40.35 55.52 29.77
N LYS A 48 40.54 54.25 30.15
CA LYS A 48 41.61 53.46 29.55
C LYS A 48 41.38 53.37 28.04
N TRP A 49 40.11 53.38 27.63
CA TRP A 49 39.71 53.29 26.25
C TRP A 49 40.13 54.57 25.53
N ALA A 50 39.77 55.71 26.12
CA ALA A 50 40.13 57.00 25.57
C ALA A 50 41.64 57.10 25.37
N LYS A 51 42.43 56.71 26.36
CA LYS A 51 43.88 56.81 26.23
C LYS A 51 44.41 56.02 25.04
N ALA A 52 43.65 55.04 24.54
CA ALA A 52 44.11 54.25 23.42
C ALA A 52 43.40 54.68 22.14
N LEU A 53 42.52 55.65 22.25
CA LEU A 53 41.77 56.14 21.10
C LEU A 53 42.71 56.94 20.21
N PRO A 54 42.88 56.53 18.93
CA PRO A 54 43.73 57.26 17.99
C PRO A 54 43.28 58.73 17.93
N GLY A 55 44.24 59.63 18.19
CA GLY A 55 43.99 61.05 18.16
C GLY A 55 43.97 61.62 19.58
N PHE A 56 43.29 60.92 20.48
CA PHE A 56 42.88 61.52 21.74
C PHE A 56 44.09 62.03 22.53
N ARG A 57 45.21 61.31 22.49
CA ARG A 57 46.35 61.64 23.34
C ARG A 57 47.05 62.93 22.90
N ASN A 58 46.71 63.45 21.72
CA ASN A 58 47.28 64.69 21.22
C ASN A 58 46.62 65.91 21.86
N LEU A 59 45.42 65.78 22.43
CA LEU A 59 44.78 66.91 23.06
C LEU A 59 45.57 67.33 24.30
N HIS A 60 45.40 68.58 24.72
CA HIS A 60 46.03 69.01 25.95
C HIS A 60 45.44 68.17 27.09
N LEU A 61 46.24 67.91 28.12
CA LEU A 61 45.76 67.10 29.22
C LEU A 61 44.45 67.65 29.77
N ASP A 62 44.31 68.98 29.80
CA ASP A 62 43.15 69.59 30.44
C ASP A 62 41.93 69.45 29.54
N ASP A 63 42.15 69.28 28.25
CA ASP A 63 41.06 69.06 27.32
C ASP A 63 40.55 67.62 27.42
N GLN A 64 41.48 66.72 27.73
CA GLN A 64 41.16 65.32 27.97
C GLN A 64 40.25 65.24 29.18
N MET A 65 40.69 65.82 30.30
CA MET A 65 39.90 65.88 31.51
C MET A 65 38.52 66.45 31.21
N THR A 66 38.47 67.47 30.36
CA THR A 66 37.23 68.20 30.17
C THR A 66 36.25 67.33 29.40
N LEU A 67 36.71 66.73 28.29
CA LEU A 67 35.83 65.95 27.44
C LEU A 67 35.29 64.72 28.17
N LEU A 68 36.13 64.09 28.99
CA LEU A 68 35.69 62.92 29.72
C LEU A 68 34.68 63.31 30.80
N GLN A 69 34.94 64.40 31.53
CA GLN A 69 33.98 64.87 32.52
C GLN A 69 32.65 65.25 31.88
N TYR A 70 32.69 65.82 30.67
CA TYR A 70 31.47 66.40 30.12
C TYR A 70 30.64 65.27 29.50
N SER A 71 31.25 64.13 29.20
CA SER A 71 30.56 63.19 28.34
C SER A 71 30.46 61.76 28.90
N TRP A 72 30.94 61.53 30.13
CA TRP A 72 30.95 60.17 30.65
C TRP A 72 29.55 59.56 30.64
N MET A 73 28.57 60.34 31.12
CA MET A 73 27.21 59.84 31.13
C MET A 73 26.75 59.48 29.72
N SER A 74 27.13 60.24 28.68
CA SER A 74 26.71 59.92 27.33
C SER A 74 27.25 58.56 26.91
N LEU A 75 28.55 58.36 27.18
CA LEU A 75 29.20 57.12 26.79
C LEU A 75 28.51 55.94 27.48
N MET A 76 28.25 56.07 28.78
CA MET A 76 27.71 54.95 29.51
C MET A 76 26.29 54.63 29.03
N ALA A 77 25.49 55.69 28.85
CA ALA A 77 24.11 55.52 28.44
C ALA A 77 24.03 54.91 27.03
N PHE A 78 24.95 55.33 26.17
CA PHE A 78 24.96 54.89 24.79
C PHE A 78 25.27 53.39 24.76
N SER A 79 26.32 52.97 25.51
CA SER A 79 26.67 51.57 25.58
C SER A 79 25.52 50.73 26.13
N LEU A 80 24.88 51.24 27.17
CA LEU A 80 23.73 50.56 27.74
C LEU A 80 22.68 50.35 26.64
N GLY A 81 22.39 51.42 25.89
CA GLY A 81 21.46 51.34 24.78
C GLY A 81 21.84 50.22 23.83
N TRP A 82 23.13 50.16 23.47
CA TRP A 82 23.59 49.18 22.50
C TRP A 82 23.36 47.77 23.04
N ARG A 83 23.84 47.51 24.27
CA ARG A 83 23.70 46.20 24.88
C ARG A 83 22.23 45.82 24.97
N SER A 84 21.36 46.78 25.32
CA SER A 84 19.94 46.48 25.48
C SER A 84 19.32 46.09 24.14
N TYR A 85 19.74 46.79 23.09
CA TYR A 85 19.30 46.54 21.72
C TYR A 85 19.77 45.17 21.27
N LYS A 86 21.04 44.85 21.55
CA LYS A 86 21.63 43.63 21.07
C LYS A 86 21.05 42.42 21.79
N GLN A 87 20.79 42.50 23.12
CA GLN A 87 20.51 41.30 23.88
C GLN A 87 19.01 41.06 24.01
N SER A 88 18.17 42.10 23.83
CA SER A 88 16.76 41.96 24.16
C SER A 88 15.89 42.80 23.24
N ASN A 89 16.49 43.27 22.14
CA ASN A 89 15.80 44.10 21.17
C ASN A 89 15.08 45.27 21.85
N GLY A 90 15.72 45.84 22.87
CA GLY A 90 15.22 47.07 23.48
C GLY A 90 14.13 46.84 24.51
N ASN A 91 13.85 45.59 24.86
CA ASN A 91 12.77 45.26 25.80
C ASN A 91 13.19 45.39 27.26
N MET A 92 14.44 45.05 27.56
CA MET A 92 14.96 45.16 28.92
C MET A 92 16.24 45.98 28.90
N LEU A 93 16.60 46.55 30.06
CA LEU A 93 17.88 47.22 30.21
C LEU A 93 18.94 46.21 30.64
N CYS A 94 19.91 45.94 29.76
CA CYS A 94 20.96 44.98 30.04
C CYS A 94 22.21 45.69 30.56
N PHE A 95 22.18 46.08 31.85
CA PHE A 95 23.28 46.81 32.43
C PHE A 95 24.54 45.95 32.38
N ALA A 96 24.38 44.70 32.82
CA ALA A 96 25.44 43.70 32.83
C ALA A 96 24.80 42.35 32.55
N PRO A 97 25.57 41.33 32.15
CA PRO A 97 25.00 39.99 31.92
C PRO A 97 24.37 39.44 33.20
N ASP A 98 24.84 39.90 34.36
CA ASP A 98 24.34 39.44 35.64
C ASP A 98 23.42 40.49 36.28
N LEU A 99 22.95 41.47 35.49
CA LEU A 99 22.09 42.51 36.04
C LEU A 99 21.21 43.10 34.94
N VAL A 100 20.04 42.49 34.76
CA VAL A 100 19.08 42.87 33.74
C VAL A 100 17.81 43.37 34.43
N ILE A 101 17.41 44.61 34.12
CA ILE A 101 16.17 45.14 34.67
C ILE A 101 15.07 44.99 33.61
N ASN A 102 14.07 44.15 33.91
CA ASN A 102 12.97 43.91 33.00
C ASN A 102 11.75 44.71 33.45
N GLU A 103 10.61 44.51 32.75
CA GLU A 103 9.38 45.24 33.02
C GLU A 103 9.03 45.17 34.51
N GLU A 104 9.13 43.98 35.10
CA GLU A 104 8.75 43.78 36.48
C GLU A 104 9.63 44.57 37.43
N ARG A 105 10.95 44.49 37.27
CA ARG A 105 11.86 45.11 38.24
C ARG A 105 11.76 46.64 38.22
N MET A 106 11.19 47.21 37.15
CA MET A 106 11.09 48.66 36.98
C MET A 106 10.00 49.25 37.85
N GLN A 107 9.14 48.39 38.42
CA GLN A 107 7.98 48.81 39.19
C GLN A 107 8.41 49.28 40.58
N LEU A 108 9.71 49.18 40.90
CA LEU A 108 10.18 49.62 42.20
C LEU A 108 10.02 51.14 42.32
N PRO A 109 9.83 51.66 43.56
CA PRO A 109 9.78 53.11 43.78
C PRO A 109 11.00 53.82 43.19
N TYR A 110 10.76 54.94 42.51
CA TYR A 110 11.80 55.79 41.91
C TYR A 110 12.29 55.24 40.56
N MET A 111 12.22 53.92 40.36
CA MET A 111 12.89 53.28 39.25
C MET A 111 12.19 53.57 37.92
N TYR A 112 10.86 53.58 37.92
CA TYR A 112 10.13 53.57 36.66
C TYR A 112 10.55 54.71 35.74
N ASP A 113 10.59 55.93 36.28
CA ASP A 113 10.87 57.11 35.47
C ASP A 113 12.26 57.05 34.89
N GLN A 114 13.26 56.76 35.73
CA GLN A 114 14.63 56.74 35.27
C GLN A 114 14.83 55.64 34.22
N CYS A 115 14.18 54.50 34.38
CA CYS A 115 14.34 53.41 33.43
C CYS A 115 13.70 53.73 32.07
N GLN A 116 12.60 54.47 32.09
CA GLN A 116 11.90 54.89 30.88
C GLN A 116 12.84 55.72 30.02
N GLN A 117 13.57 56.63 30.67
CA GLN A 117 14.58 57.47 30.05
C GLN A 117 15.62 56.62 29.31
N MET A 118 16.20 55.61 30.00
CA MET A 118 17.31 54.85 29.45
C MET A 118 16.85 53.96 28.30
N LEU A 119 15.57 53.58 28.33
CA LEU A 119 15.00 52.75 27.29
C LEU A 119 14.83 53.53 26.00
N LYS A 120 14.67 54.86 26.09
CA LYS A 120 14.50 55.70 24.91
C LYS A 120 15.70 55.49 23.98
N ILE A 121 16.90 55.59 24.57
CA ILE A 121 18.13 55.38 23.82
C ILE A 121 18.09 54.02 23.13
N SER A 122 17.66 53.01 23.88
CA SER A 122 17.67 51.67 23.33
C SER A 122 16.80 51.58 22.08
N SER A 123 15.59 52.16 22.15
CA SER A 123 14.64 51.95 21.07
C SER A 123 15.04 52.75 19.82
N GLU A 124 15.84 53.81 20.03
CA GLU A 124 16.44 54.51 18.91
C GLU A 124 17.29 53.56 18.07
N PHE A 125 18.18 52.80 18.74
CA PHE A 125 18.96 51.80 18.03
C PHE A 125 18.03 50.82 17.30
N VAL A 126 16.89 50.48 17.92
CA VAL A 126 15.98 49.52 17.33
C VAL A 126 15.35 50.09 16.07
N ARG A 127 14.86 51.33 16.19
CA ARG A 127 14.20 52.01 15.08
C ARG A 127 15.14 52.10 13.87
N LEU A 128 16.37 52.59 14.09
CA LEU A 128 17.30 52.88 13.01
C LEU A 128 18.11 51.66 12.59
N GLN A 129 17.94 50.52 13.28
CA GLN A 129 18.72 49.33 13.00
C GLN A 129 20.21 49.64 12.86
N VAL A 130 20.79 50.29 13.88
CA VAL A 130 22.20 50.68 13.87
C VAL A 130 23.10 49.46 13.81
N SER A 131 24.22 49.59 13.10
CA SER A 131 25.22 48.54 12.97
C SER A 131 26.36 48.77 13.96
N TYR A 132 27.15 47.72 14.20
CA TYR A 132 28.22 47.78 15.18
C TYR A 132 29.18 48.93 14.83
N ASP A 133 29.59 49.00 13.55
CA ASP A 133 30.58 49.98 13.15
C ASP A 133 30.01 51.38 13.30
N GLU A 134 28.74 51.56 12.92
CA GLU A 134 28.07 52.84 13.10
C GLU A 134 28.13 53.24 14.57
N TYR A 135 27.78 52.28 15.44
CA TYR A 135 27.75 52.48 16.89
C TYR A 135 29.13 52.92 17.38
N LEU A 136 30.19 52.25 16.92
CA LEU A 136 31.52 52.49 17.46
C LEU A 136 31.97 53.91 17.18
N CYS A 137 31.58 54.42 16.00
CA CYS A 137 31.99 55.73 15.53
C CYS A 137 31.19 56.81 16.24
N MET A 138 29.87 56.61 16.29
CA MET A 138 29.00 57.51 17.01
C MET A 138 29.48 57.65 18.44
N LYS A 139 29.94 56.55 19.04
CA LYS A 139 30.36 56.60 20.42
C LYS A 139 31.52 57.57 20.56
N VAL A 140 32.45 57.54 19.60
CA VAL A 140 33.61 58.42 19.68
C VAL A 140 33.13 59.86 19.56
N LEU A 141 32.17 60.09 18.65
CA LEU A 141 31.64 61.42 18.44
C LEU A 141 31.04 61.98 19.73
N LEU A 142 30.40 61.13 20.53
CA LEU A 142 29.80 61.59 21.77
C LEU A 142 30.86 62.14 22.72
N LEU A 143 32.05 61.53 22.71
CA LEU A 143 33.14 61.98 23.55
C LEU A 143 33.51 63.41 23.17
N LEU A 144 33.31 63.71 21.88
CA LEU A 144 33.72 64.96 21.28
C LEU A 144 32.52 65.87 20.98
N SER A 145 31.48 65.83 21.82
CA SER A 145 30.25 66.49 21.41
C SER A 145 29.81 67.52 22.44
N THR A 146 30.61 67.73 23.49
CA THR A 146 30.29 68.70 24.51
C THR A 146 31.57 69.38 24.94
N VAL A 147 31.61 70.71 24.76
CA VAL A 147 32.79 71.51 25.02
C VAL A 147 32.41 72.65 25.97
N PRO A 148 33.40 73.29 26.64
CA PRO A 148 33.12 74.42 27.52
C PRO A 148 32.75 75.61 26.64
N LYS A 149 32.08 76.63 27.20
CA LYS A 149 31.43 77.64 26.38
C LYS A 149 32.48 78.50 25.69
N ASP A 150 33.66 78.61 26.31
CA ASP A 150 34.75 79.42 25.79
C ASP A 150 35.90 78.53 25.33
N GLY A 151 35.57 77.37 24.74
CA GLY A 151 36.51 76.57 23.97
C GLY A 151 37.57 75.83 24.79
N LEU A 152 38.54 75.25 24.06
CA LEU A 152 39.51 74.32 24.64
C LEU A 152 40.93 74.85 24.46
N LYS A 153 41.85 74.38 25.30
CA LYS A 153 43.26 74.76 25.24
C LYS A 153 43.92 74.35 23.91
N SER A 154 43.36 73.39 23.18
CA SER A 154 43.96 72.99 21.92
C SER A 154 42.89 72.69 20.89
N GLN A 155 42.10 73.73 20.60
CA GLN A 155 41.00 73.69 19.64
C GLN A 155 41.51 73.20 18.29
N ALA A 156 42.78 73.54 17.97
CA ALA A 156 43.47 73.08 16.78
C ALA A 156 43.20 71.59 16.57
N VAL A 157 43.72 70.78 17.50
CA VAL A 157 43.79 69.32 17.44
C VAL A 157 42.38 68.75 17.54
N PHE A 158 41.58 69.30 18.45
CA PHE A 158 40.21 68.86 18.66
C PHE A 158 39.48 68.81 17.33
N ASP A 159 39.53 69.90 16.55
CA ASP A 159 38.72 70.02 15.36
C ASP A 159 39.13 68.96 14.34
N GLU A 160 40.45 68.64 14.33
CA GLU A 160 40.96 67.64 13.41
C GLU A 160 40.43 66.25 13.78
N ILE A 161 40.56 65.89 15.07
CA ILE A 161 40.05 64.62 15.59
C ILE A 161 38.57 64.49 15.22
N ARG A 162 37.78 65.49 15.58
CA ARG A 162 36.35 65.46 15.36
C ARG A 162 36.05 65.16 13.89
N MET A 163 36.87 65.73 12.99
CA MET A 163 36.64 65.61 11.56
C MET A 163 36.98 64.18 11.11
N THR A 164 38.08 63.64 11.64
CA THR A 164 38.49 62.27 11.31
C THR A 164 37.35 61.30 11.61
N TYR A 165 36.75 61.43 12.81
CA TYR A 165 35.71 60.48 13.22
C TYR A 165 34.40 60.71 12.48
N ILE A 166 34.11 61.95 12.08
CA ILE A 166 32.96 62.17 11.21
C ILE A 166 33.16 61.43 9.89
N LYS A 167 34.37 61.53 9.33
CA LYS A 167 34.69 60.85 8.09
C LYS A 167 34.49 59.34 8.30
N GLU A 168 34.93 58.87 9.48
CA GLU A 168 34.90 57.46 9.82
C GLU A 168 33.46 56.95 9.87
N LEU A 169 32.58 57.73 10.51
CA LEU A 169 31.17 57.38 10.53
C LEU A 169 30.69 57.23 9.09
N GLY A 170 31.17 58.12 8.21
CA GLY A 170 30.89 58.06 6.79
C GLY A 170 31.21 56.69 6.19
N LYS A 171 32.46 56.24 6.38
CA LYS A 171 32.90 54.96 5.84
C LYS A 171 31.99 53.84 6.35
N ALA A 172 31.64 53.92 7.64
CA ALA A 172 30.84 52.90 8.29
C ALA A 172 29.46 52.81 7.64
N ILE A 173 28.87 53.97 7.29
CA ILE A 173 27.57 53.98 6.64
C ILE A 173 27.66 53.33 5.26
N VAL A 174 28.70 53.73 4.50
CA VAL A 174 28.94 53.24 3.16
C VAL A 174 29.09 51.72 3.17
N LYS A 175 29.87 51.22 4.13
CA LYS A 175 30.19 49.81 4.26
C LYS A 175 28.91 48.98 4.47
N ARG A 176 27.83 49.62 4.96
CA ARG A 176 26.60 48.91 5.24
C ARG A 176 25.76 48.74 3.97
N GLU A 177 26.05 49.57 2.93
CA GLU A 177 25.05 49.77 1.89
C GLU A 177 25.59 49.98 0.47
N GLY A 178 26.73 50.66 0.36
CA GLY A 178 27.28 51.07 -0.92
C GLY A 178 27.13 52.57 -1.13
N ASN A 179 27.46 53.04 -2.33
CA ASN A 179 27.60 54.45 -2.65
C ASN A 179 26.32 55.00 -3.29
N SER A 180 25.15 54.69 -2.73
CA SER A 180 23.86 55.26 -3.09
C SER A 180 23.74 56.67 -2.54
N SER A 181 22.76 57.49 -2.99
CA SER A 181 22.44 58.72 -2.29
C SER A 181 21.37 58.57 -1.18
N GLN A 182 21.14 57.33 -0.78
CA GLN A 182 20.44 57.03 0.46
C GLN A 182 21.44 57.12 1.63
N ASN A 183 22.71 56.93 1.32
CA ASN A 183 23.87 57.15 2.15
C ASN A 183 23.79 58.46 2.87
N TRP A 184 23.36 59.57 2.19
CA TRP A 184 23.38 60.81 2.95
C TRP A 184 22.09 60.91 3.78
N GLN A 185 21.04 60.19 3.43
CA GLN A 185 19.84 60.16 4.23
C GLN A 185 20.13 59.52 5.59
N ARG A 186 20.88 58.44 5.55
CA ARG A 186 21.33 57.71 6.72
C ARG A 186 22.18 58.64 7.59
N PHE A 187 23.16 59.28 6.97
CA PHE A 187 24.05 60.19 7.68
C PHE A 187 23.22 61.22 8.43
N TYR A 188 22.08 61.62 7.87
CA TYR A 188 21.25 62.64 8.49
C TYR A 188 20.61 62.06 9.75
N GLN A 189 20.01 60.89 9.57
CA GLN A 189 19.34 60.15 10.63
C GLN A 189 20.27 59.92 11.82
N LEU A 190 21.49 59.45 11.53
CA LEU A 190 22.44 59.14 12.60
C LEU A 190 22.94 60.41 13.26
N THR A 191 23.08 61.48 12.50
CA THR A 191 23.51 62.74 13.10
C THR A 191 22.36 63.36 13.86
N LYS A 192 21.12 63.10 13.42
CA LYS A 192 19.95 63.55 14.16
C LYS A 192 19.92 62.87 15.53
N LEU A 193 20.23 61.56 15.55
CA LEU A 193 20.30 60.76 16.76
C LEU A 193 21.36 61.34 17.70
N LEU A 194 22.56 61.58 17.18
CA LEU A 194 23.64 62.15 17.99
C LEU A 194 23.18 63.45 18.63
N ASP A 195 22.34 64.19 17.91
CA ASP A 195 21.90 65.49 18.38
C ASP A 195 20.92 65.29 19.52
N SER A 196 19.96 64.38 19.32
CA SER A 196 18.93 64.13 20.30
C SER A 196 19.51 63.54 21.59
N MET A 197 20.75 63.06 21.53
CA MET A 197 21.42 62.51 22.72
C MET A 197 21.62 63.58 23.78
N HIS A 198 21.80 64.85 23.41
CA HIS A 198 22.05 65.87 24.43
C HIS A 198 20.85 66.01 25.36
N GLU A 199 19.64 65.95 24.79
CA GLU A 199 18.41 66.04 25.56
C GLU A 199 18.27 64.79 26.45
N MET A 200 18.34 63.59 25.85
CA MET A 200 18.15 62.33 26.55
C MET A 200 19.13 62.21 27.72
N VAL A 201 20.40 62.50 27.45
CA VAL A 201 21.44 62.40 28.47
C VAL A 201 21.20 63.45 29.54
N GLY A 202 20.79 64.65 29.12
CA GLY A 202 20.47 65.72 30.06
C GLY A 202 19.49 65.27 31.12
N GLY A 203 18.48 64.49 30.71
CA GLY A 203 17.53 63.85 31.61
C GLY A 203 18.24 63.00 32.66
N LEU A 204 19.05 62.05 32.21
CA LEU A 204 19.81 61.17 33.09
C LEU A 204 20.69 62.01 34.00
N LEU A 205 21.35 63.01 33.45
CA LEU A 205 22.28 63.83 34.21
C LEU A 205 21.54 64.49 35.37
N GLN A 206 20.26 64.83 35.13
CA GLN A 206 19.46 65.48 36.15
C GLN A 206 19.18 64.53 37.29
N PHE A 207 18.74 63.29 36.98
CA PHE A 207 18.49 62.31 38.01
C PHE A 207 19.77 62.08 38.82
N CYS A 208 20.90 62.01 38.09
CA CYS A 208 22.17 61.72 38.71
C CYS A 208 22.52 62.79 39.72
N PHE A 209 22.43 64.07 39.31
CA PHE A 209 22.74 65.17 40.21
C PHE A 209 21.79 65.18 41.40
N TYR A 210 20.52 64.89 41.13
CA TYR A 210 19.53 64.86 42.20
C TYR A 210 19.90 63.81 43.24
N THR A 211 20.10 62.57 42.81
CA THR A 211 20.39 61.50 43.76
C THR A 211 21.75 61.70 44.42
N PHE A 212 22.64 62.46 43.79
CA PHE A 212 23.94 62.70 44.38
C PHE A 212 23.86 63.71 45.52
N VAL A 213 23.03 64.74 45.32
CA VAL A 213 23.01 65.90 46.21
C VAL A 213 22.10 65.61 47.40
N ASN A 214 20.98 64.94 47.13
CA ASN A 214 19.91 64.74 48.08
C ASN A 214 20.21 63.50 48.93
N LYS A 215 20.94 63.74 50.02
CA LYS A 215 21.49 62.72 50.90
C LYS A 215 20.43 61.80 51.49
N SER A 216 19.19 62.29 51.62
CA SER A 216 18.14 61.52 52.28
C SER A 216 17.74 60.25 51.51
N LEU A 217 18.06 60.19 50.21
CA LEU A 217 17.73 59.05 49.37
C LEU A 217 18.71 57.90 49.61
N SER A 218 19.85 58.20 50.22
CA SER A 218 20.83 57.21 50.68
C SER A 218 21.45 56.45 49.52
N VAL A 219 21.51 57.05 48.33
CA VAL A 219 22.13 56.40 47.18
C VAL A 219 23.64 56.60 47.28
N GLU A 220 24.42 55.51 47.15
CA GLU A 220 25.87 55.62 47.26
C GLU A 220 26.51 55.79 45.88
N PHE A 221 27.67 56.44 45.87
CA PHE A 221 28.46 56.66 44.66
C PHE A 221 29.91 56.29 44.96
N PRO A 222 30.62 55.56 44.08
CA PRO A 222 32.03 55.30 44.31
C PRO A 222 32.84 56.58 44.12
N GLU A 223 34.03 56.64 44.75
CA GLU A 223 34.86 57.83 44.74
C GLU A 223 35.09 58.36 43.33
N MET A 224 35.41 57.48 42.39
CA MET A 224 35.64 57.87 41.01
C MET A 224 34.55 58.83 40.52
N LEU A 225 33.28 58.39 40.62
CA LEU A 225 32.16 59.15 40.12
C LEU A 225 31.90 60.38 40.99
N ALA A 226 32.02 60.23 42.31
CA ALA A 226 31.73 61.31 43.24
C ALA A 226 32.61 62.51 42.92
N GLU A 227 33.93 62.29 42.83
CA GLU A 227 34.87 63.31 42.46
C GLU A 227 34.43 64.00 41.17
N ILE A 228 34.10 63.21 40.13
CA ILE A 228 33.74 63.78 38.84
C ILE A 228 32.45 64.57 38.97
N ILE A 229 31.41 63.96 39.58
CA ILE A 229 30.10 64.60 39.63
C ILE A 229 30.21 65.93 40.36
N SER A 230 30.89 65.94 41.52
CA SER A 230 30.87 67.13 42.35
C SER A 230 31.61 68.28 41.68
N ASN A 231 32.60 67.96 40.84
CA ASN A 231 33.30 68.99 40.08
C ASN A 231 32.44 69.48 38.91
N GLN A 232 31.64 68.56 38.34
CA GLN A 232 30.94 68.84 37.11
C GLN A 232 29.61 69.53 37.42
N LEU A 233 29.22 69.53 38.70
CA LEU A 233 27.88 69.93 39.12
C LEU A 233 27.71 71.45 39.00
N PRO A 234 28.56 72.30 39.66
CA PRO A 234 28.52 73.74 39.46
C PRO A 234 28.61 74.20 38.00
N LYS A 235 29.41 73.49 37.18
CA LYS A 235 29.58 73.84 35.78
C LYS A 235 28.27 73.68 34.99
N PHE A 236 27.40 72.76 35.43
CA PHE A 236 26.17 72.50 34.70
C PHE A 236 25.07 73.42 35.22
N LYS A 237 25.11 73.76 36.52
CA LYS A 237 24.17 74.72 37.09
C LYS A 237 24.38 76.12 36.50
N ALA A 238 25.63 76.44 36.13
CA ALA A 238 25.98 77.75 35.60
C ALA A 238 25.85 77.81 34.09
N GLY A 239 25.28 76.75 33.47
CA GLY A 239 25.12 76.62 32.03
C GLY A 239 26.31 77.09 31.20
N SER A 240 27.53 76.67 31.58
CA SER A 240 28.77 77.09 30.94
C SER A 240 29.27 76.02 29.96
N VAL A 241 28.31 75.24 29.45
CA VAL A 241 28.55 74.04 28.67
C VAL A 241 27.81 74.17 27.35
N LYS A 242 28.48 73.82 26.25
CA LYS A 242 27.95 74.05 24.91
C LYS A 242 27.91 72.73 24.15
N PRO A 243 26.72 72.21 23.78
CA PRO A 243 26.62 71.11 22.82
C PRO A 243 27.06 71.50 21.41
N LEU A 244 27.75 70.59 20.71
CA LEU A 244 28.02 70.74 19.29
C LEU A 244 26.95 69.97 18.51
N LEU A 245 26.06 70.70 17.83
CA LEU A 245 25.01 70.07 17.07
C LEU A 245 25.41 69.92 15.61
N PHE A 246 24.76 69.00 14.90
CA PHE A 246 24.94 68.83 13.47
C PHE A 246 23.81 69.56 12.74
N HIS A 247 22.75 69.95 13.46
CA HIS A 247 21.51 70.40 12.85
C HIS A 247 20.91 71.59 13.60
N GLN A 248 19.77 72.03 13.08
CA GLN A 248 19.03 73.18 13.58
C GLN A 248 17.69 72.72 14.15
N PHE B 1 45.13 63.37 46.43
CA PHE B 1 45.99 62.38 45.78
C PHE B 1 45.61 60.96 46.20
N PRO B 2 45.34 60.01 45.25
CA PRO B 2 45.15 58.60 45.56
C PRO B 2 46.47 57.82 45.59
N THR B 3 46.54 56.81 46.47
CA THR B 3 47.75 56.03 46.66
C THR B 3 48.04 55.20 45.41
N LEU B 4 49.31 54.81 45.25
CA LEU B 4 49.73 54.08 44.07
C LEU B 4 49.10 52.68 44.07
N ILE B 5 49.06 52.03 45.24
CA ILE B 5 48.45 50.71 45.31
C ILE B 5 46.99 50.79 44.89
N SER B 6 46.28 51.84 45.30
CA SER B 6 44.86 51.88 44.98
C SER B 6 44.65 52.11 43.49
N LEU B 7 45.57 52.80 42.82
CA LEU B 7 45.50 52.98 41.37
C LEU B 7 45.71 51.63 40.68
N LEU B 8 46.63 50.83 41.21
CA LEU B 8 46.94 49.54 40.60
C LEU B 8 45.69 48.67 40.62
N GLU B 9 44.93 48.78 41.71
CA GLU B 9 43.68 48.05 41.91
C GLU B 9 42.64 48.51 40.91
N VAL B 10 42.55 49.83 40.68
CA VAL B 10 41.45 50.32 39.86
C VAL B 10 41.73 50.02 38.37
N ILE B 11 43.00 49.93 37.99
CA ILE B 11 43.30 49.84 36.57
C ILE B 11 43.45 48.39 36.13
N GLU B 12 43.51 47.47 37.10
CA GLU B 12 43.62 46.05 36.80
C GLU B 12 42.52 45.63 35.84
N PRO B 13 42.85 44.98 34.70
CA PRO B 13 41.84 44.57 33.73
C PRO B 13 40.89 43.53 34.29
N GLU B 14 39.61 43.64 33.87
CA GLU B 14 38.59 42.69 34.27
C GLU B 14 38.80 41.41 33.48
N VAL B 15 38.52 40.27 34.10
CA VAL B 15 38.62 38.95 33.47
C VAL B 15 37.77 38.87 32.19
N LEU B 16 38.37 38.43 31.09
CA LEU B 16 37.66 38.26 29.83
C LEU B 16 37.01 36.88 29.75
N TYR B 17 35.85 36.80 29.05
CA TYR B 17 35.23 35.54 28.65
C TYR B 17 35.76 35.13 27.29
N SER B 18 35.82 33.82 27.04
CA SER B 18 36.37 33.37 25.76
C SER B 18 35.26 33.22 24.72
N GLY B 19 34.03 32.99 25.20
CA GLY B 19 32.92 32.67 24.31
C GLY B 19 33.09 31.31 23.62
N TYR B 20 33.93 30.46 24.18
CA TYR B 20 34.09 29.08 23.76
C TYR B 20 32.76 28.38 23.77
N ASP B 21 32.50 27.50 22.80
CA ASP B 21 31.28 26.69 22.74
C ASP B 21 31.54 25.34 23.43
N SER B 22 31.02 25.19 24.65
CA SER B 22 31.30 24.02 25.45
C SER B 22 30.48 22.80 25.02
N THR B 23 29.64 22.99 23.98
CA THR B 23 28.76 21.97 23.43
C THR B 23 29.57 20.99 22.60
N LEU B 24 30.51 21.51 21.79
CA LEU B 24 31.32 20.70 20.90
C LEU B 24 32.50 20.16 21.69
N PRO B 25 32.95 18.92 21.38
CA PRO B 25 34.14 18.35 22.01
C PRO B 25 35.40 19.11 21.60
N ASP B 26 36.43 19.03 22.46
CA ASP B 26 37.69 19.70 22.26
C ASP B 26 38.52 18.92 21.23
N THR B 27 39.23 19.66 20.38
CA THR B 27 40.42 19.13 19.74
C THR B 27 41.63 20.01 20.06
N SER B 28 42.82 19.46 19.96
CA SER B 28 44.06 20.21 20.19
C SER B 28 44.09 21.50 19.37
N THR B 29 43.87 21.40 18.06
CA THR B 29 43.92 22.58 17.21
C THR B 29 42.91 23.62 17.69
N ARG B 30 41.68 23.17 17.97
CA ARG B 30 40.60 24.08 18.30
C ARG B 30 40.96 24.81 19.59
N LEU B 31 41.42 24.05 20.60
CA LEU B 31 41.70 24.59 21.90
C LEU B 31 42.81 25.63 21.83
N MET B 32 43.92 25.26 21.17
CA MET B 32 45.07 26.13 21.06
C MET B 32 44.68 27.40 20.30
N SER B 33 43.88 27.25 19.24
CA SER B 33 43.42 28.42 18.52
C SER B 33 42.56 29.30 19.41
N THR B 34 41.70 28.69 20.25
CA THR B 34 40.84 29.47 21.11
C THR B 34 41.69 30.25 22.10
N LEU B 35 42.65 29.54 22.72
CA LEU B 35 43.52 30.17 23.69
C LEU B 35 44.26 31.33 23.06
N ASN B 36 44.72 31.18 21.82
CA ASN B 36 45.45 32.27 21.19
C ASN B 36 44.53 33.47 20.96
N ARG B 37 43.31 33.21 20.50
CA ARG B 37 42.37 34.27 20.19
C ARG B 37 42.08 35.03 21.49
N LEU B 38 41.96 34.30 22.60
CA LEU B 38 41.72 34.87 23.91
C LEU B 38 42.94 35.69 24.36
N GLY B 39 44.14 35.13 24.15
CA GLY B 39 45.38 35.80 24.48
C GLY B 39 45.50 37.15 23.77
N GLY B 40 45.14 37.18 22.49
CA GLY B 40 45.14 38.42 21.73
C GLY B 40 44.38 39.51 22.47
N ARG B 41 43.16 39.19 22.91
CA ARG B 41 42.30 40.15 23.58
C ARG B 41 42.88 40.50 24.94
N GLN B 42 43.44 39.52 25.64
CA GLN B 42 44.04 39.76 26.94
C GLN B 42 45.22 40.71 26.81
N VAL B 43 45.97 40.59 25.72
CA VAL B 43 47.13 41.44 25.48
C VAL B 43 46.69 42.87 25.22
N VAL B 44 45.69 43.05 24.36
CA VAL B 44 45.13 44.38 24.17
C VAL B 44 44.71 44.99 25.51
N SER B 45 44.10 44.17 26.37
CA SER B 45 43.74 44.65 27.69
C SER B 45 44.98 45.11 28.45
N ALA B 46 46.09 44.37 28.28
CA ALA B 46 47.30 44.65 29.02
C ALA B 46 47.95 45.94 28.51
N VAL B 47 47.86 46.17 27.19
CA VAL B 47 48.38 47.39 26.62
C VAL B 47 47.63 48.57 27.21
N LYS B 48 46.29 48.52 27.20
CA LYS B 48 45.50 49.62 27.74
C LYS B 48 45.87 49.83 29.20
N TRP B 49 46.21 48.76 29.88
CA TRP B 49 46.58 48.78 31.29
C TRP B 49 47.91 49.50 31.44
N ALA B 50 48.89 49.10 30.63
CA ALA B 50 50.21 49.72 30.64
C ALA B 50 50.09 51.23 30.42
N LYS B 51 49.30 51.66 29.43
CA LYS B 51 49.19 53.09 29.17
C LYS B 51 48.66 53.87 30.37
N ALA B 52 48.00 53.19 31.31
CA ALA B 52 47.47 53.89 32.47
C ALA B 52 48.33 53.61 33.70
N LEU B 53 49.38 52.83 33.51
CA LEU B 53 50.28 52.51 34.61
C LEU B 53 51.11 53.74 34.95
N PRO B 54 51.04 54.23 36.21
CA PRO B 54 51.82 55.40 36.63
C PRO B 54 53.30 55.17 36.36
N GLY B 55 53.90 56.08 35.59
CA GLY B 55 55.30 55.99 35.25
C GLY B 55 55.50 55.58 33.79
N PHE B 56 54.71 54.60 33.34
CA PHE B 56 55.02 53.91 32.11
C PHE B 56 55.07 54.86 30.92
N ARG B 57 54.20 55.87 30.89
CA ARG B 57 54.10 56.75 29.73
C ARG B 57 55.33 57.65 29.56
N ASN B 58 56.19 57.72 30.59
CA ASN B 58 57.40 58.52 30.54
C ASN B 58 58.51 57.83 29.74
N LEU B 59 58.44 56.50 29.55
CA LEU B 59 59.45 55.80 28.78
C LEU B 59 59.38 56.25 27.33
N HIS B 60 60.48 56.08 26.60
CA HIS B 60 60.46 56.36 25.18
C HIS B 60 59.47 55.40 24.54
N LEU B 61 58.80 55.83 23.47
CA LEU B 61 57.84 54.97 22.80
C LEU B 61 58.45 53.61 22.47
N ASP B 62 59.73 53.60 22.09
CA ASP B 62 60.36 52.37 21.61
C ASP B 62 60.65 51.44 22.78
N ASP B 63 60.77 52.02 23.97
CA ASP B 63 61.00 51.22 25.17
C ASP B 63 59.69 50.58 25.62
N GLN B 64 58.60 51.30 25.37
CA GLN B 64 57.27 50.80 25.66
C GLN B 64 57.02 49.56 24.81
N MET B 65 57.20 49.72 23.49
CA MET B 65 57.07 48.61 22.55
C MET B 65 57.94 47.44 22.99
N THR B 66 59.13 47.74 23.48
CA THR B 66 60.10 46.68 23.75
C THR B 66 59.63 45.89 24.96
N LEU B 67 59.28 46.58 26.04
CA LEU B 67 58.94 45.91 27.28
C LEU B 67 57.67 45.08 27.13
N LEU B 68 56.70 45.59 26.36
CA LEU B 68 55.47 44.84 26.15
C LEU B 68 55.73 43.61 25.29
N GLN B 69 56.53 43.74 24.22
CA GLN B 69 56.86 42.59 23.40
C GLN B 69 57.63 41.54 24.20
N TYR B 70 58.50 41.98 25.13
CA TYR B 70 59.41 41.04 25.75
C TYR B 70 58.68 40.33 26.88
N SER B 71 57.56 40.87 27.35
CA SER B 71 57.06 40.37 28.62
C SER B 71 55.57 39.95 28.58
N TRP B 72 54.93 40.03 27.39
CA TRP B 72 53.50 39.75 27.34
C TRP B 72 53.19 38.35 27.88
N MET B 73 53.97 37.36 27.44
CA MET B 73 53.74 36.02 27.93
C MET B 73 53.84 35.95 29.46
N SER B 74 54.77 36.69 30.08
CA SER B 74 54.90 36.64 31.53
C SER B 74 53.63 37.16 32.19
N LEU B 75 53.14 38.30 31.67
CA LEU B 75 51.96 38.93 32.22
C LEU B 75 50.78 37.97 32.13
N MET B 76 50.60 37.36 30.97
CA MET B 76 49.42 36.52 30.77
C MET B 76 49.50 35.30 31.67
N ALA B 77 50.68 34.67 31.74
CA ALA B 77 50.87 33.47 32.54
C ALA B 77 50.67 33.76 34.02
N PHE B 78 51.14 34.94 34.45
CA PHE B 78 51.06 35.32 35.84
C PHE B 78 49.60 35.52 36.23
N SER B 79 48.84 36.24 35.40
CA SER B 79 47.42 36.46 35.66
C SER B 79 46.67 35.13 35.69
N LEU B 80 47.01 34.24 34.75
CA LEU B 80 46.40 32.92 34.73
C LEU B 80 46.65 32.24 36.07
N GLY B 81 47.90 32.28 36.53
CA GLY B 81 48.25 31.72 37.81
C GLY B 81 47.36 32.27 38.92
N TRP B 82 47.18 33.59 38.93
CA TRP B 82 46.42 34.25 39.97
C TRP B 82 44.98 33.75 39.94
N ARG B 83 44.33 33.82 38.76
CA ARG B 83 42.95 33.39 38.61
C ARG B 83 42.81 31.92 39.03
N SER B 84 43.78 31.08 38.65
CA SER B 84 43.69 29.66 38.96
C SER B 84 43.77 29.43 40.47
N TYR B 85 44.62 30.21 41.13
CA TYR B 85 44.81 30.19 42.57
C TYR B 85 43.53 30.65 43.27
N LYS B 86 42.95 31.73 42.76
CA LYS B 86 41.78 32.32 43.39
C LYS B 86 40.56 31.42 43.23
N GLN B 87 40.35 30.80 42.07
CA GLN B 87 39.09 30.14 41.78
C GLN B 87 39.10 28.66 42.14
N SER B 88 40.27 28.04 42.22
CA SER B 88 40.31 26.59 42.34
C SER B 88 41.51 26.12 43.17
N ASN B 89 42.12 27.07 43.87
CA ASN B 89 43.28 26.81 44.71
C ASN B 89 44.35 26.05 43.93
N GLY B 90 44.53 26.39 42.66
CA GLY B 90 45.65 25.88 41.88
C GLY B 90 45.39 24.52 41.28
N ASN B 91 44.16 24.00 41.40
CA ASN B 91 43.84 22.66 40.92
C ASN B 91 43.52 22.62 39.44
N MET B 92 42.87 23.67 38.92
CA MET B 92 42.54 23.74 37.50
C MET B 92 43.07 25.05 36.94
N LEU B 93 43.30 25.10 35.62
CA LEU B 93 43.67 26.33 34.95
C LEU B 93 42.41 27.12 34.57
N PHE B 95 41.47 29.76 32.54
CA PHE B 95 41.76 30.70 31.46
C PHE B 95 40.73 31.80 31.43
N ALA B 96 39.46 31.39 31.48
CA ALA B 96 38.33 32.29 31.58
C ALA B 96 37.28 31.61 32.43
N PRO B 97 36.27 32.34 32.96
CA PRO B 97 35.20 31.71 33.74
C PRO B 97 34.45 30.67 32.92
N ASP B 98 34.46 30.83 31.59
CA ASP B 98 33.77 29.93 30.69
C ASP B 98 34.75 29.00 29.98
N LEU B 99 35.99 28.89 30.50
CA LEU B 99 36.98 28.01 29.88
C LEU B 99 38.00 27.56 30.92
N VAL B 100 37.68 26.45 31.57
CA VAL B 100 38.43 25.91 32.70
C VAL B 100 38.99 24.54 32.32
N ILE B 101 40.31 24.40 32.35
CA ILE B 101 40.95 23.15 31.97
C ILE B 101 41.30 22.39 33.25
N ASN B 102 40.66 21.24 33.49
CA ASN B 102 40.97 20.41 34.65
C ASN B 102 41.87 19.25 34.22
N GLU B 103 42.18 18.35 35.17
CA GLU B 103 43.04 17.20 34.94
C GLU B 103 42.61 16.43 33.69
N GLU B 104 41.30 16.19 33.56
CA GLU B 104 40.78 15.40 32.44
C GLU B 104 41.04 16.10 31.10
N ARG B 105 40.72 17.39 30.98
CA ARG B 105 40.82 18.07 29.69
C ARG B 105 42.25 18.21 29.21
N MET B 106 43.23 18.05 30.13
CA MET B 106 44.64 18.22 29.82
C MET B 106 45.18 17.02 29.05
N GLN B 107 44.41 15.93 28.98
CA GLN B 107 44.82 14.70 28.33
C GLN B 107 44.83 14.84 26.81
N LEU B 108 44.40 15.98 26.28
CA LEU B 108 44.45 16.21 24.85
C LEU B 108 45.90 16.24 24.35
N PRO B 109 46.15 15.83 23.09
CA PRO B 109 47.49 15.91 22.50
C PRO B 109 48.09 17.30 22.62
N TYR B 110 49.36 17.37 23.04
CA TYR B 110 50.10 18.62 23.17
C TYR B 110 49.78 19.39 24.45
N MET B 111 48.57 19.20 24.99
CA MET B 111 48.09 20.05 26.08
C MET B 111 48.82 19.73 27.39
N TYR B 112 49.07 18.46 27.67
CA TYR B 112 49.47 18.06 29.03
C TYR B 112 50.72 18.81 29.47
N ASP B 113 51.75 18.84 28.61
CA ASP B 113 53.03 19.42 29.00
C ASP B 113 52.87 20.92 29.26
N GLN B 114 52.23 21.63 28.34
CA GLN B 114 52.12 23.06 28.47
C GLN B 114 51.30 23.40 29.72
N CYS B 115 50.25 22.62 30.02
CA CYS B 115 49.43 22.94 31.16
C CYS B 115 50.14 22.68 32.49
N GLN B 116 51.03 21.67 32.52
CA GLN B 116 51.82 21.34 33.69
C GLN B 116 52.68 22.54 34.07
N GLN B 117 53.27 23.18 33.04
CA GLN B 117 54.09 24.36 33.18
C GLN B 117 53.29 25.48 33.84
N MET B 118 52.06 25.77 33.36
CA MET B 118 51.29 26.91 33.82
C MET B 118 50.77 26.67 35.23
N LEU B 119 50.61 25.41 35.60
CA LEU B 119 50.16 25.05 36.93
C LEU B 119 51.24 25.31 37.98
N LYS B 120 52.51 25.26 37.55
CA LYS B 120 53.63 25.50 38.46
C LYS B 120 53.48 26.89 39.06
N ILE B 121 53.24 27.88 38.20
CA ILE B 121 53.03 29.25 38.63
C ILE B 121 51.89 29.29 39.64
N SER B 122 50.81 28.58 39.36
CA SER B 122 49.65 28.63 40.22
C SER B 122 50.02 28.16 41.63
N SER B 123 50.76 27.04 41.72
CA SER B 123 50.99 26.44 43.02
C SER B 123 51.98 27.25 43.84
N GLU B 124 52.82 28.05 43.14
CA GLU B 124 53.67 29.02 43.81
C GLU B 124 52.81 29.99 44.62
N PHE B 125 51.78 30.58 44.00
CA PHE B 125 50.85 31.43 44.74
C PHE B 125 50.27 30.67 45.93
N VAL B 126 49.99 29.38 45.76
CA VAL B 126 49.37 28.59 46.83
C VAL B 126 50.36 28.43 47.98
N ARG B 127 51.59 28.03 47.64
CA ARG B 127 52.65 27.80 48.62
C ARG B 127 52.87 29.05 49.46
N LEU B 128 53.05 30.21 48.81
CA LEU B 128 53.44 31.45 49.46
C LEU B 128 52.24 32.22 50.00
N GLN B 129 51.02 31.75 49.74
CA GLN B 129 49.81 32.47 50.13
C GLN B 129 49.90 33.96 49.76
N VAL B 130 50.19 34.25 48.48
CA VAL B 130 50.34 35.61 47.98
C VAL B 130 49.02 36.38 48.14
N SER B 131 49.15 37.67 48.47
CA SER B 131 48.02 38.56 48.62
C SER B 131 47.80 39.35 47.33
N TYR B 132 46.61 39.93 47.20
CA TYR B 132 46.24 40.66 46.00
C TYR B 132 47.24 41.79 45.74
N ASP B 133 47.57 42.56 46.78
CA ASP B 133 48.44 43.71 46.61
C ASP B 133 49.84 43.25 46.20
N GLU B 134 50.31 42.17 46.83
CA GLU B 134 51.60 41.61 46.46
C GLU B 134 51.59 41.25 44.97
N TYR B 135 50.51 40.57 44.55
CA TYR B 135 50.33 40.13 43.18
C TYR B 135 50.39 41.32 42.22
N LEU B 136 49.68 42.40 42.56
CA LEU B 136 49.54 43.52 41.65
C LEU B 136 50.90 44.16 41.36
N CYS B 137 51.75 44.19 42.39
CA CYS B 137 53.05 44.83 42.33
C CYS B 137 54.03 43.96 41.56
N MET B 138 54.06 42.68 41.93
CA MET B 138 54.87 41.71 41.22
C MET B 138 54.56 41.76 39.73
N LYS B 139 53.26 41.91 39.40
CA LYS B 139 52.88 41.88 38.00
C LYS B 139 53.56 43.05 37.28
N VAL B 140 53.62 44.21 37.93
CA VAL B 140 54.22 45.38 37.30
C VAL B 140 55.71 45.09 37.08
N LEU B 141 56.33 44.48 38.09
CA LEU B 141 57.74 44.16 38.01
C LEU B 141 58.04 43.25 36.81
N LEU B 142 57.13 42.33 36.50
CA LEU B 142 57.33 41.44 35.37
C LEU B 142 57.41 42.22 34.06
N LEU B 143 56.62 43.28 33.95
CA LEU B 143 56.64 44.13 32.77
C LEU B 143 58.03 44.73 32.59
N LEU B 144 58.69 44.94 33.74
CA LEU B 144 59.98 45.63 33.79
C LEU B 144 61.12 44.66 34.08
N SER B 145 61.03 43.42 33.58
CA SER B 145 61.98 42.43 34.05
C SER B 145 62.76 41.81 32.90
N THR B 146 62.52 42.27 31.68
CA THR B 146 63.22 41.73 30.53
C THR B 146 63.57 42.87 29.58
N VAL B 147 64.87 43.08 29.37
CA VAL B 147 65.36 44.21 28.61
C VAL B 147 66.28 43.69 27.51
N PRO B 148 66.55 44.51 26.46
CA PRO B 148 67.45 44.11 25.38
C PRO B 148 68.88 44.12 25.95
N LYS B 149 69.82 43.42 25.31
CA LYS B 149 71.09 43.12 25.96
C LYS B 149 71.92 44.39 26.11
N ASP B 150 71.69 45.34 25.19
CA ASP B 150 72.42 46.61 25.19
C ASP B 150 71.47 47.76 25.55
N GLY B 151 70.56 47.51 26.51
CA GLY B 151 69.82 48.55 27.21
C GLY B 151 68.74 49.25 26.38
N LEU B 152 68.20 50.32 26.96
CA LEU B 152 67.00 50.97 26.45
C LEU B 152 67.29 52.43 26.10
N LYS B 153 66.46 53.00 25.21
CA LYS B 153 66.58 54.38 24.78
C LYS B 153 66.40 55.38 25.93
N SER B 154 65.78 54.99 27.04
CA SER B 154 65.62 55.93 28.16
C SER B 154 65.79 55.19 29.48
N GLN B 155 67.00 54.65 29.64
CA GLN B 155 67.42 53.93 30.83
C GLN B 155 67.21 54.76 32.08
N ALA B 156 67.36 56.07 31.94
CA ALA B 156 67.09 57.05 32.98
C ALA B 156 65.79 56.71 33.70
N VAL B 157 64.69 56.83 32.95
CA VAL B 157 63.32 56.76 33.42
C VAL B 157 63.01 55.33 33.88
N PHE B 158 63.44 54.36 33.07
CA PHE B 158 63.23 52.96 33.35
C PHE B 158 63.66 52.65 34.79
N ASP B 159 64.88 53.05 35.15
CA ASP B 159 65.46 52.65 36.44
C ASP B 159 64.66 53.25 37.58
N GLU B 160 64.10 54.44 37.36
CA GLU B 160 63.30 55.11 38.37
C GLU B 160 62.00 54.35 38.59
N ILE B 161 61.28 54.06 37.48
CA ILE B 161 60.05 53.28 37.51
C ILE B 161 60.29 51.98 38.27
N ARG B 162 61.30 51.22 37.84
CA ARG B 162 61.60 49.92 38.42
C ARG B 162 61.75 50.04 39.94
N MET B 163 62.37 51.15 40.38
CA MET B 163 62.67 51.35 41.79
C MET B 163 61.38 51.64 42.55
N THR B 164 60.52 52.49 41.96
CA THR B 164 59.24 52.84 42.56
C THR B 164 58.44 51.57 42.87
N TYR B 165 58.35 50.66 41.88
CA TYR B 165 57.53 49.47 42.05
C TYR B 165 58.17 48.46 43.00
N ILE B 166 59.50 48.42 43.06
CA ILE B 166 60.14 47.59 44.07
C ILE B 166 59.76 48.09 45.47
N LYS B 167 59.80 49.42 45.63
CA LYS B 167 59.43 50.02 46.91
C LYS B 167 57.98 49.63 47.23
N GLU B 168 57.15 49.66 46.19
CA GLU B 168 55.71 49.41 46.31
C GLU B 168 55.47 47.98 46.78
N LEU B 169 56.18 47.03 46.17
CA LEU B 169 56.08 45.65 46.61
C LEU B 169 56.41 45.59 48.11
N GLY B 170 57.42 46.38 48.51
CA GLY B 170 57.81 46.51 49.90
C GLY B 170 56.63 46.88 50.80
N LYS B 171 55.96 47.99 50.46
CA LYS B 171 54.83 48.46 51.25
C LYS B 171 53.78 47.35 51.37
N ALA B 172 53.55 46.64 50.25
CA ALA B 172 52.54 45.61 50.20
C ALA B 172 52.87 44.48 51.18
N ILE B 173 54.16 44.12 51.26
CA ILE B 173 54.59 43.07 52.17
C ILE B 173 54.37 43.52 53.62
N VAL B 174 54.78 44.76 53.92
CA VAL B 174 54.70 45.34 55.25
C VAL B 174 53.25 45.36 55.70
N LYS B 175 52.35 45.79 54.81
CA LYS B 175 50.94 45.93 55.09
C LYS B 175 50.33 44.59 55.51
N ARG B 176 50.96 43.47 55.10
CA ARG B 176 50.43 42.15 55.40
C ARG B 176 50.80 41.71 56.81
N GLU B 177 51.84 42.34 57.38
CA GLU B 177 52.09 42.49 58.81
C GLU B 177 52.80 41.32 59.48
N GLY B 178 53.30 41.57 60.70
CA GLY B 178 54.24 40.68 61.35
C GLY B 178 55.62 41.33 61.41
N ASN B 179 56.58 40.64 62.03
CA ASN B 179 57.77 41.28 62.60
C ASN B 179 58.76 41.68 61.51
N SER B 180 59.75 42.48 61.91
CA SER B 180 60.72 43.15 61.06
C SER B 180 61.49 42.18 60.15
N SER B 181 61.77 40.98 60.68
CA SER B 181 62.60 40.06 59.92
C SER B 181 61.81 38.93 59.29
N GLN B 182 60.47 38.87 59.45
CA GLN B 182 59.67 38.01 58.58
C GLN B 182 59.37 38.78 57.29
N ASN B 183 59.37 40.10 57.41
CA ASN B 183 59.21 41.02 56.30
C ASN B 183 60.31 40.77 55.29
N TRP B 184 61.54 40.52 55.76
CA TRP B 184 62.66 40.46 54.83
C TRP B 184 62.71 39.10 54.17
N GLN B 185 62.27 38.09 54.93
CA GLN B 185 62.24 36.72 54.43
C GLN B 185 61.23 36.64 53.29
N ARG B 186 60.10 37.31 53.47
CA ARG B 186 59.03 37.37 52.49
C ARG B 186 59.56 38.04 51.22
N PHE B 187 60.21 39.21 51.40
CA PHE B 187 60.74 39.94 50.25
C PHE B 187 61.65 39.02 49.44
N TYR B 188 62.36 38.12 50.12
CA TYR B 188 63.30 37.24 49.44
C TYR B 188 62.53 36.23 48.59
N GLN B 189 61.53 35.61 49.25
CA GLN B 189 60.68 34.60 48.66
C GLN B 189 60.01 35.15 47.40
N LEU B 190 59.44 36.36 47.50
CA LEU B 190 58.68 36.93 46.39
C LEU B 190 59.64 37.31 45.26
N THR B 191 60.84 37.76 45.61
CA THR B 191 61.79 38.13 44.57
C THR B 191 62.39 36.86 43.96
N LYS B 192 62.47 35.79 44.76
CA LYS B 192 62.91 34.50 44.23
C LYS B 192 61.92 34.01 43.18
N LEU B 193 60.62 34.17 43.48
CA LEU B 193 59.54 33.80 42.58
C LEU B 193 59.64 34.59 41.27
N LEU B 194 59.80 35.91 41.39
CA LEU B 194 59.92 36.75 40.20
C LEU B 194 61.07 36.24 39.33
N ASP B 195 62.11 35.73 39.99
CA ASP B 195 63.29 35.31 39.27
C ASP B 195 62.99 34.02 38.52
N SER B 196 62.33 33.08 39.21
CA SER B 196 62.04 31.79 38.65
C SER B 196 61.05 31.90 37.48
N MET B 197 60.38 33.04 37.36
CA MET B 197 59.45 33.26 36.27
C MET B 197 60.14 33.23 34.90
N HIS B 198 61.40 33.64 34.83
CA HIS B 198 62.06 33.70 33.52
C HIS B 198 62.18 32.31 32.91
N GLU B 199 62.49 31.32 33.76
CA GLU B 199 62.63 29.94 33.32
C GLU B 199 61.25 29.40 32.89
N MET B 200 60.24 29.52 33.78
CA MET B 200 58.91 28.97 33.53
C MET B 200 58.34 29.55 32.23
N VAL B 201 58.44 30.87 32.07
CA VAL B 201 57.91 31.54 30.90
C VAL B 201 58.68 31.12 29.65
N GLY B 202 60.00 30.97 29.80
CA GLY B 202 60.85 30.55 28.69
C GLY B 202 60.33 29.25 28.06
N GLY B 203 59.89 28.31 28.93
CA GLY B 203 59.23 27.09 28.50
C GLY B 203 58.03 27.36 27.59
N LEU B 204 57.09 28.17 28.10
CA LEU B 204 55.89 28.52 27.36
C LEU B 204 56.27 29.20 26.05
N LEU B 205 57.26 30.11 26.11
CA LEU B 205 57.65 30.87 24.94
C LEU B 205 58.11 29.92 23.84
N GLN B 206 58.73 28.82 24.25
CA GLN B 206 59.24 27.83 23.30
C GLN B 206 58.09 27.12 22.59
N PHE B 207 57.09 26.65 23.37
CA PHE B 207 55.94 25.99 22.75
C PHE B 207 55.26 26.98 21.78
N CYS B 208 55.17 28.26 22.21
CA CYS B 208 54.49 29.26 21.43
C CYS B 208 55.18 29.42 20.07
N PHE B 209 56.51 29.60 20.10
CA PHE B 209 57.26 29.76 18.86
C PHE B 209 57.13 28.52 17.97
N TYR B 210 57.16 27.34 18.61
CA TYR B 210 57.02 26.10 17.87
C TYR B 210 55.68 26.06 17.14
N THR B 211 54.58 26.27 17.86
CA THR B 211 53.26 26.16 17.23
C THR B 211 53.04 27.29 16.23
N PHE B 212 53.78 28.39 16.37
CA PHE B 212 53.62 29.50 15.46
C PHE B 212 54.30 29.22 14.12
N VAL B 213 55.47 28.57 14.18
CA VAL B 213 56.34 28.41 13.02
C VAL B 213 55.88 27.19 12.22
N ASN B 214 55.50 26.13 12.93
CA ASN B 214 55.26 24.82 12.36
C ASN B 214 53.83 24.73 11.84
N LYS B 215 53.68 25.15 10.56
CA LYS B 215 52.42 25.28 9.86
C LYS B 215 51.58 24.01 9.86
N SER B 216 52.19 22.83 9.94
CA SER B 216 51.45 21.58 9.82
C SER B 216 50.50 21.34 11.00
N LEU B 217 50.72 22.01 12.14
CA LEU B 217 49.87 21.85 13.32
C LEU B 217 48.55 22.63 13.14
N SER B 218 48.55 23.60 12.22
CA SER B 218 47.36 24.36 11.84
C SER B 218 46.81 25.20 13.00
N VAL B 219 47.68 25.62 13.93
CA VAL B 219 47.24 26.41 15.05
C VAL B 219 47.12 27.87 14.61
N GLU B 220 45.99 28.52 14.90
CA GLU B 220 45.78 29.88 14.47
C GLU B 220 46.18 30.86 15.56
N PHE B 221 46.58 32.07 15.13
CA PHE B 221 46.98 33.16 15.99
C PHE B 221 46.29 34.42 15.49
N PRO B 222 45.72 35.28 16.37
CA PRO B 222 45.14 36.54 15.88
C PRO B 222 46.25 37.49 15.45
N GLU B 223 45.92 38.46 14.59
CA GLU B 223 46.90 39.37 14.00
C GLU B 223 47.76 40.03 15.07
N MET B 224 47.12 40.53 16.14
CA MET B 224 47.82 41.18 17.24
C MET B 224 49.05 40.36 17.65
N LEU B 225 48.82 39.08 17.99
CA LEU B 225 49.86 38.21 18.52
C LEU B 225 50.84 37.81 17.42
N ALA B 226 50.33 37.55 16.21
CA ALA B 226 51.17 37.13 15.10
C ALA B 226 52.24 38.17 14.84
N GLU B 227 51.82 39.43 14.66
CA GLU B 227 52.73 40.54 14.47
C GLU B 227 53.80 40.54 15.58
N ILE B 228 53.37 40.45 16.85
CA ILE B 228 54.30 40.52 17.96
C ILE B 228 55.24 39.31 17.91
N ILE B 229 54.70 38.11 17.78
CA ILE B 229 55.52 36.91 17.86
C ILE B 229 56.58 36.94 16.75
N SER B 230 56.17 37.27 15.53
CA SER B 230 57.09 37.12 14.41
C SER B 230 58.23 38.14 14.52
N ASN B 231 57.97 39.30 15.14
CA ASN B 231 59.02 40.27 15.37
C ASN B 231 59.92 39.83 16.52
N GLN B 232 59.35 39.14 17.50
CA GLN B 232 60.04 38.83 18.74
C GLN B 232 60.85 37.55 18.56
N LEU B 233 60.59 36.82 17.48
CA LEU B 233 61.10 35.47 17.30
C LEU B 233 62.60 35.48 16.99
N PRO B 234 63.09 36.19 15.94
CA PRO B 234 64.52 36.31 15.70
C PRO B 234 65.32 36.85 16.89
N LYS B 235 64.73 37.79 17.65
CA LYS B 235 65.41 38.39 18.80
C LYS B 235 65.68 37.35 19.89
N PHE B 236 64.83 36.32 19.99
CA PHE B 236 64.96 35.34 21.04
C PHE B 236 65.88 34.20 20.57
N LYS B 237 65.86 33.89 19.26
CA LYS B 237 66.77 32.91 18.69
C LYS B 237 68.21 33.39 18.77
N ALA B 238 68.42 34.71 18.69
CA ALA B 238 69.75 35.30 18.69
C ALA B 238 70.22 35.63 20.11
N GLY B 239 69.48 35.17 21.12
CA GLY B 239 69.76 35.41 22.54
C GLY B 239 70.23 36.82 22.88
N SER B 240 69.53 37.84 22.35
CA SER B 240 69.89 39.24 22.55
C SER B 240 69.02 39.87 23.65
N VAL B 241 68.56 39.01 24.56
CA VAL B 241 67.57 39.34 25.57
C VAL B 241 68.15 39.02 26.94
N LYS B 242 67.98 39.95 27.88
CA LYS B 242 68.64 39.87 29.17
C LYS B 242 67.59 39.95 30.28
N PRO B 243 67.39 38.88 31.08
CA PRO B 243 66.61 38.98 32.33
C PRO B 243 67.28 39.86 33.38
N LEU B 244 66.48 40.64 34.12
CA LEU B 244 66.93 41.33 35.32
C LEU B 244 66.60 40.48 36.54
N LEU B 245 67.64 39.92 37.16
CA LEU B 245 67.41 39.09 38.33
C LEU B 245 67.58 39.91 39.61
N PHE B 246 67.01 39.41 40.70
CA PHE B 246 67.18 39.99 42.02
C PHE B 246 68.27 39.23 42.77
N HIS B 247 68.65 38.05 42.26
CA HIS B 247 69.50 37.12 43.00
C HIS B 247 70.60 36.50 42.12
N GLN B 248 71.41 35.60 42.67
CA GLN B 248 72.51 34.99 41.94
C GLN B 248 72.33 33.47 41.88
N PHE C 1 34.31 -8.88 -28.58
CA PHE C 1 33.71 -8.24 -27.42
C PHE C 1 34.39 -8.72 -26.13
N PRO C 2 34.83 -7.82 -25.21
CA PRO C 2 35.16 -8.18 -23.83
C PRO C 2 33.92 -8.16 -22.91
N THR C 3 33.91 -9.07 -21.92
CA THR C 3 32.76 -9.24 -21.05
C THR C 3 32.62 -8.03 -20.14
N LEU C 4 31.40 -7.82 -19.62
CA LEU C 4 31.11 -6.66 -18.79
C LEU C 4 31.87 -6.77 -17.46
N ILE C 5 31.93 -7.98 -16.90
CA ILE C 5 32.64 -8.16 -15.65
C ILE C 5 34.12 -7.78 -15.84
N SER C 6 34.69 -8.16 -16.99
CA SER C 6 36.13 -7.91 -17.14
C SER C 6 36.38 -6.42 -17.32
N LEU C 7 35.43 -5.67 -17.88
CA LEU C 7 35.55 -4.23 -17.99
C LEU C 7 35.52 -3.59 -16.59
N LEU C 8 34.63 -4.12 -15.73
CA LEU C 8 34.50 -3.57 -14.39
C LEU C 8 35.83 -3.70 -13.66
N GLU C 9 36.53 -4.82 -13.89
CA GLU C 9 37.82 -5.12 -13.30
C GLU C 9 38.86 -4.15 -13.83
N VAL C 10 38.84 -3.85 -15.13
CA VAL C 10 39.92 -3.07 -15.70
C VAL C 10 39.76 -1.60 -15.30
N ILE C 11 38.52 -1.14 -15.04
CA ILE C 11 38.31 0.28 -14.85
C ILE C 11 38.35 0.65 -13.37
N GLU C 12 38.35 -0.37 -12.50
CA GLU C 12 38.39 -0.16 -11.06
C GLU C 12 39.58 0.71 -10.71
N PRO C 13 39.40 1.84 -9.98
CA PRO C 13 40.50 2.72 -9.63
C PRO C 13 41.50 2.03 -8.70
N GLU C 14 42.77 2.36 -8.89
CA GLU C 14 43.85 1.84 -8.06
C GLU C 14 43.80 2.59 -6.72
N VAL C 15 44.15 1.91 -5.65
CA VAL C 15 44.22 2.49 -4.30
C VAL C 15 45.15 3.71 -4.25
N LEU C 16 44.68 4.83 -3.72
CA LEU C 16 45.50 6.03 -3.56
C LEU C 16 46.26 5.99 -2.23
N TYR C 17 47.44 6.62 -2.21
CA TYR C 17 48.21 6.93 -1.00
C TYR C 17 47.78 8.30 -0.48
N SER C 18 47.87 8.50 0.84
CA SER C 18 47.44 9.77 1.39
C SER C 18 48.60 10.75 1.45
N GLY C 19 49.83 10.21 1.53
CA GLY C 19 51.01 11.03 1.74
C GLY C 19 51.02 11.69 3.12
N TYR C 20 50.26 11.13 4.06
CA TYR C 20 50.33 11.45 5.48
C TYR C 20 51.78 11.37 5.95
N ASP C 21 52.17 12.30 6.81
CA ASP C 21 53.50 12.33 7.40
C ASP C 21 53.45 11.64 8.77
N SER C 22 53.95 10.40 8.84
CA SER C 22 53.83 9.60 10.06
C SER C 22 54.88 10.01 11.10
N THR C 23 55.68 11.04 10.78
CA THR C 23 56.69 11.55 11.71
C THR C 23 56.05 12.39 12.81
N LEU C 24 55.04 13.20 12.45
CA LEU C 24 54.37 14.06 13.39
C LEU C 24 53.27 13.28 14.09
N PRO C 25 53.01 13.53 15.40
CA PRO C 25 51.94 12.84 16.11
C PRO C 25 50.54 13.24 15.58
N ASP C 26 49.58 12.35 15.80
CA ASP C 26 48.23 12.51 15.32
C ASP C 26 47.44 13.50 16.16
N THR C 27 46.65 14.33 15.50
CA THR C 27 45.56 15.02 16.20
C THR C 27 44.26 14.79 15.42
N SER C 28 43.12 14.93 16.11
CA SER C 28 41.81 14.86 15.51
C SER C 28 41.70 15.70 14.25
N THR C 29 42.01 17.00 14.36
CA THR C 29 41.85 17.90 13.23
C THR C 29 42.73 17.42 12.07
N ARG C 30 43.98 17.04 12.38
CA ARG C 30 44.92 16.70 11.33
C ARG C 30 44.41 15.47 10.58
N LEU C 31 43.98 14.46 11.35
CA LEU C 31 43.55 13.20 10.79
C LEU C 31 42.33 13.38 9.89
N MET C 32 41.33 14.09 10.42
CA MET C 32 40.10 14.32 9.69
C MET C 32 40.40 15.13 8.41
N SER C 33 41.27 16.12 8.53
CA SER C 33 41.65 16.88 7.35
C SER C 33 42.34 15.98 6.33
N THR C 34 43.19 15.06 6.80
CA THR C 34 43.89 14.20 5.86
C THR C 34 42.88 13.32 5.14
N LEU C 35 41.98 12.71 5.92
CA LEU C 35 40.97 11.85 5.34
C LEU C 35 40.15 12.61 4.31
N ASN C 36 39.80 13.87 4.60
CA ASN C 36 38.98 14.60 3.65
C ASN C 36 39.76 14.88 2.37
N ARG C 37 41.03 15.24 2.50
CA ARG C 37 41.86 15.58 1.36
C ARG C 37 41.98 14.33 0.47
N LEU C 38 42.12 13.15 1.12
CA LEU C 38 42.20 11.88 0.43
C LEU C 38 40.87 11.58 -0.25
N GLY C 39 39.75 11.80 0.46
CA GLY C 39 38.42 11.59 -0.08
C GLY C 39 38.20 12.39 -1.37
N GLY C 40 38.64 13.65 -1.36
CA GLY C 40 38.53 14.49 -2.55
C GLY C 40 39.13 13.78 -3.77
N ARG C 41 40.35 13.27 -3.60
CA ARG C 41 41.07 12.62 -4.69
C ARG C 41 40.36 11.31 -5.06
N GLN C 42 39.87 10.58 -4.06
CA GLN C 42 39.18 9.33 -4.31
C GLN C 42 37.92 9.59 -5.12
N VAL C 43 37.24 10.70 -4.84
CA VAL C 43 36.01 11.05 -5.54
C VAL C 43 36.30 11.38 -7.00
N VAL C 44 37.32 12.20 -7.24
CA VAL C 44 37.73 12.45 -8.61
C VAL C 44 38.01 11.13 -9.34
N SER C 45 38.65 10.18 -8.66
CA SER C 45 38.88 8.88 -9.25
C SER C 45 37.56 8.20 -9.59
N ALA C 46 36.56 8.39 -8.73
CA ALA C 46 35.28 7.71 -8.89
C ALA C 46 34.52 8.33 -10.06
N VAL C 47 34.65 9.66 -10.23
CA VAL C 47 34.01 10.31 -11.35
C VAL C 47 34.60 9.77 -12.65
N LYS C 48 35.94 9.71 -12.75
CA LYS C 48 36.56 9.22 -13.96
C LYS C 48 36.11 7.78 -14.21
N TRP C 49 35.86 7.05 -13.13
CA TRP C 49 35.42 5.66 -13.18
C TRP C 49 34.02 5.59 -13.76
N ALA C 50 33.13 6.43 -13.22
CA ALA C 50 31.75 6.50 -13.69
C ALA C 50 31.72 6.79 -15.19
N LYS C 51 32.51 7.77 -15.65
CA LYS C 51 32.46 8.13 -17.05
C LYS C 51 32.86 6.96 -17.95
N ALA C 52 33.55 5.94 -17.41
CA ALA C 52 33.96 4.82 -18.23
C ALA C 52 33.08 3.61 -17.93
N LEU C 53 32.12 3.78 -17.03
CA LEU C 53 31.21 2.71 -16.68
C LEU C 53 30.25 2.47 -17.84
N PRO C 54 30.21 1.25 -18.40
CA PRO C 54 29.28 0.92 -19.48
C PRO C 54 27.85 1.24 -19.06
N GLY C 55 27.19 2.07 -19.88
CA GLY C 55 25.82 2.48 -19.61
C GLY C 55 25.76 3.93 -19.15
N PHE C 56 26.66 4.28 -18.23
CA PHE C 56 26.48 5.49 -17.45
C PHE C 56 26.39 6.73 -18.33
N ARG C 57 27.15 6.79 -19.43
CA ARG C 57 27.22 8.00 -20.24
C ARG C 57 25.92 8.25 -21.01
N ASN C 58 25.01 7.27 -21.04
CA ASN C 58 23.72 7.41 -21.71
C ASN C 58 22.73 8.20 -20.87
N LEU C 59 22.94 8.32 -19.55
CA LEU C 59 22.03 9.07 -18.72
C LEU C 59 22.11 10.55 -19.09
N HIS C 60 21.07 11.31 -18.78
CA HIS C 60 21.12 12.74 -19.00
C HIS C 60 22.23 13.30 -18.10
N LEU C 61 22.89 14.36 -18.55
CA LEU C 61 23.99 14.92 -17.77
C LEU C 61 23.54 15.21 -16.34
N ASP C 62 22.29 15.65 -16.17
CA ASP C 62 21.82 16.09 -14.87
C ASP C 62 21.56 14.88 -13.97
N ASP C 63 21.31 13.73 -14.59
CA ASP C 63 21.12 12.50 -13.83
C ASP C 63 22.45 11.97 -13.34
N GLN C 64 23.49 12.21 -14.15
CA GLN C 64 24.84 11.83 -13.81
C GLN C 64 25.25 12.61 -12.57
N MET C 65 25.12 13.94 -12.63
CA MET C 65 25.39 14.81 -11.51
C MET C 65 24.62 14.35 -10.27
N THR C 66 23.39 13.92 -10.47
CA THR C 66 22.53 13.63 -9.33
C THR C 66 23.02 12.37 -8.63
N LEU C 67 23.25 11.31 -9.42
CA LEU C 67 23.60 10.02 -8.85
C LEU C 67 24.96 10.09 -8.16
N LEU C 68 25.91 10.83 -8.73
CA LEU C 68 27.22 10.95 -8.10
C LEU C 68 27.13 11.76 -6.82
N GLN C 69 26.38 12.87 -6.82
CA GLN C 69 26.21 13.63 -5.59
C GLN C 69 25.52 12.82 -4.51
N TYR C 70 24.58 11.95 -4.89
CA TYR C 70 23.76 11.32 -3.87
C TYR C 70 24.53 10.12 -3.30
N SER C 71 25.54 9.64 -4.00
CA SER C 71 26.05 8.32 -3.63
C SER C 71 27.57 8.27 -3.42
N TRP C 72 28.26 9.42 -3.51
CA TRP C 72 29.71 9.41 -3.37
C TRP C 72 30.14 8.77 -2.06
N MET C 73 29.49 9.18 -0.96
CA MET C 73 29.85 8.62 0.33
C MET C 73 29.66 7.11 0.33
N SER C 74 28.62 6.57 -0.33
CA SER C 74 28.42 5.12 -0.35
C SER C 74 29.59 4.44 -1.02
N LEU C 75 29.98 4.97 -2.19
CA LEU C 75 31.06 4.40 -2.96
C LEU C 75 32.34 4.38 -2.12
N MET C 76 32.64 5.51 -1.46
CA MET C 76 33.90 5.59 -0.74
C MET C 76 33.91 4.65 0.44
N ALA C 77 32.79 4.62 1.17
CA ALA C 77 32.67 3.80 2.36
C ALA C 77 32.74 2.31 2.00
N PHE C 78 32.15 1.96 0.86
CA PHE C 78 32.10 0.57 0.43
C PHE C 78 33.52 0.12 0.09
N SER C 79 34.26 0.94 -0.68
CA SER C 79 35.64 0.62 -1.04
C SER C 79 36.50 0.47 0.23
N LEU C 80 36.30 1.39 1.17
CA LEU C 80 37.02 1.32 2.43
C LEU C 80 36.74 -0.02 3.08
N GLY C 81 35.47 -0.40 3.14
CA GLY C 81 35.08 -1.68 3.70
C GLY C 81 35.83 -2.82 3.03
N TRP C 82 35.90 -2.78 1.71
CA TRP C 82 36.55 -3.86 0.96
C TRP C 82 38.02 -3.94 1.34
N ARG C 83 38.73 -2.80 1.25
CA ARG C 83 40.14 -2.74 1.58
C ARG C 83 40.37 -3.23 3.01
N SER C 84 39.49 -2.82 3.94
CA SER C 84 39.67 -3.18 5.34
C SER C 84 39.51 -4.68 5.53
N TYR C 85 38.55 -5.26 4.80
CA TYR C 85 38.27 -6.70 4.80
C TYR C 85 39.47 -7.45 4.24
N LYS C 86 40.01 -6.94 3.13
CA LYS C 86 41.07 -7.64 2.43
C LYS C 86 42.37 -7.58 3.24
N GLN C 87 42.69 -6.45 3.88
CA GLN C 87 44.03 -6.26 4.42
C GLN C 87 44.11 -6.65 5.90
N SER C 88 42.99 -6.68 6.62
CA SER C 88 43.06 -6.83 8.07
C SER C 88 41.86 -7.58 8.61
N ASN C 89 41.12 -8.23 7.70
CA ASN C 89 39.94 -8.99 8.04
C ASN C 89 38.99 -8.16 8.91
N GLY C 90 38.87 -6.88 8.58
CA GLY C 90 37.85 -6.06 9.20
C GLY C 90 38.25 -5.49 10.56
N ASN C 91 39.51 -5.69 10.97
CA ASN C 91 39.96 -5.27 12.30
C ASN C 91 40.38 -3.80 12.34
N MET C 92 40.99 -3.31 11.25
CA MET C 92 41.39 -1.92 11.20
C MET C 92 40.81 -1.30 9.92
N LEU C 93 40.71 0.03 9.92
CA LEU C 93 40.27 0.75 8.74
C LEU C 93 41.48 1.07 7.88
N CYS C 94 41.57 0.46 6.68
CA CYS C 94 42.69 0.69 5.79
C CYS C 94 42.32 1.75 4.76
N PHE C 95 42.39 3.03 5.19
CA PHE C 95 42.01 4.12 4.32
C PHE C 95 42.93 4.14 3.12
N ALA C 96 44.24 4.06 3.41
CA ALA C 96 45.28 4.01 2.38
C ALA C 96 46.36 3.08 2.90
N PRO C 97 47.27 2.57 2.02
CA PRO C 97 48.34 1.70 2.47
C PRO C 97 49.25 2.42 3.47
N ASP C 98 49.28 3.75 3.41
CA ASP C 98 50.12 4.56 4.28
C ASP C 98 49.27 5.24 5.37
N LEU C 99 48.04 4.77 5.58
CA LEU C 99 47.16 5.38 6.57
C LEU C 99 46.12 4.40 7.07
N VAL C 100 46.48 3.66 8.12
CA VAL C 100 45.65 2.62 8.71
C VAL C 100 45.28 3.02 10.12
N ILE C 101 43.99 3.13 10.41
CA ILE C 101 43.52 3.52 11.73
C ILE C 101 43.10 2.27 12.49
N ASN C 102 43.82 1.96 13.56
CA ASN C 102 43.51 0.80 14.39
C ASN C 102 42.80 1.26 15.66
N GLU C 103 42.53 0.31 16.56
CA GLU C 103 41.84 0.52 17.81
C GLU C 103 42.48 1.68 18.57
N GLU C 104 43.80 1.72 18.64
CA GLU C 104 44.52 2.75 19.37
C GLU C 104 44.29 4.13 18.78
N ARG C 105 44.43 4.30 17.48
CA ARG C 105 44.35 5.62 16.87
C ARG C 105 42.95 6.23 16.99
N MET C 106 41.94 5.37 17.23
CA MET C 106 40.55 5.80 17.31
C MET C 106 40.24 6.46 18.63
N GLN C 107 41.17 6.43 19.58
CA GLN C 107 41.01 7.02 20.90
C GLN C 107 41.06 8.53 20.86
N LEU C 108 41.36 9.10 19.71
CA LEU C 108 41.36 10.56 19.55
C LEU C 108 39.95 11.10 19.69
N PRO C 109 39.81 12.36 20.16
CA PRO C 109 38.50 13.02 20.18
C PRO C 109 37.80 12.98 18.83
N TYR C 110 36.51 12.65 18.83
CA TYR C 110 35.65 12.61 17.66
C TYR C 110 35.80 11.28 16.93
N MET C 111 37.01 10.65 16.96
CA MET C 111 37.34 9.63 16.00
C MET C 111 36.57 8.33 16.20
N TYR C 112 36.39 7.94 17.47
CA TYR C 112 35.81 6.63 17.76
C TYR C 112 34.41 6.53 17.12
N ASP C 113 33.59 7.57 17.27
CA ASP C 113 32.21 7.53 16.86
C ASP C 113 32.14 7.39 15.34
N GLN C 114 32.88 8.24 14.61
CA GLN C 114 32.80 8.21 13.18
C GLN C 114 33.31 6.87 12.63
N CYS C 115 34.34 6.31 13.25
CA CYS C 115 34.93 5.07 12.78
C CYS C 115 33.97 3.89 12.96
N GLN C 116 33.17 3.92 14.04
CA GLN C 116 32.23 2.87 14.35
C GLN C 116 31.37 2.43 13.18
N GLN C 117 30.81 3.43 12.52
CA GLN C 117 29.93 3.14 11.36
C GLN C 117 30.71 2.48 10.22
N MET C 118 31.91 2.94 9.91
CA MET C 118 32.67 2.43 8.77
C MET C 118 33.19 1.02 9.05
N LEU C 119 33.36 0.69 10.33
CA LEU C 119 33.79 -0.63 10.72
C LEU C 119 32.69 -1.70 10.48
N LYS C 120 31.43 -1.23 10.63
CA LYS C 120 30.28 -2.12 10.46
C LYS C 120 30.29 -2.65 9.04
N ILE C 121 30.47 -1.77 8.06
CA ILE C 121 30.54 -2.13 6.66
C ILE C 121 31.63 -3.19 6.47
N SER C 122 32.77 -3.00 7.12
CA SER C 122 33.88 -3.92 6.90
C SER C 122 33.45 -5.32 7.33
N SER C 123 32.82 -5.44 8.50
CA SER C 123 32.56 -6.75 9.06
C SER C 123 31.44 -7.47 8.29
N GLU C 124 30.60 -6.69 7.62
CA GLU C 124 29.61 -7.24 6.70
C GLU C 124 30.32 -8.05 5.61
N PHE C 125 31.34 -7.47 4.97
CA PHE C 125 32.12 -8.22 4.00
C PHE C 125 32.69 -9.49 4.64
N VAL C 126 33.09 -9.40 5.91
CA VAL C 126 33.71 -10.55 6.57
C VAL C 126 32.66 -11.64 6.77
N ARG C 127 31.49 -11.24 7.29
CA ARG C 127 30.41 -12.17 7.57
C ARG C 127 30.02 -12.92 6.31
N LEU C 128 29.77 -12.20 5.21
CA LEU C 128 29.21 -12.76 3.99
C LEU C 128 30.29 -13.33 3.08
N GLN C 129 31.58 -13.18 3.45
CA GLN C 129 32.68 -13.63 2.61
C GLN C 129 32.50 -13.19 1.15
N VAL C 130 32.30 -11.90 0.92
CA VAL C 130 32.07 -11.35 -0.41
C VAL C 130 33.31 -11.58 -1.30
N SER C 131 33.04 -11.85 -2.58
CA SER C 131 34.08 -12.05 -3.57
C SER C 131 34.30 -10.76 -4.36
N TYR C 132 35.44 -10.69 -5.07
CA TYR C 132 35.80 -9.48 -5.79
C TYR C 132 34.72 -9.12 -6.80
N ASP C 133 34.25 -10.12 -7.57
CA ASP C 133 33.29 -9.83 -8.62
C ASP C 133 31.97 -9.37 -8.01
N GLU C 134 31.56 -10.02 -6.91
CA GLU C 134 30.36 -9.60 -6.21
C GLU C 134 30.49 -8.13 -5.80
N TYR C 135 31.66 -7.80 -5.23
CA TYR C 135 31.95 -6.46 -4.75
C TYR C 135 31.84 -5.45 -5.90
N LEU C 136 32.41 -5.79 -7.06
CA LEU C 136 32.48 -4.84 -8.16
C LEU C 136 31.08 -4.45 -8.64
N CYS C 137 30.18 -5.44 -8.62
CA CYS C 137 28.82 -5.28 -9.12
C CYS C 137 27.97 -4.50 -8.12
N MET C 138 28.07 -4.92 -6.85
CA MET C 138 27.38 -4.23 -5.78
C MET C 138 27.77 -2.76 -5.80
N LYS C 139 29.05 -2.48 -6.08
CA LYS C 139 29.52 -1.10 -6.03
C LYS C 139 28.76 -0.29 -7.08
N VAL C 140 28.55 -0.89 -8.27
CA VAL C 140 27.85 -0.18 -9.32
C VAL C 140 26.42 0.09 -8.88
N LEU C 141 25.81 -0.91 -8.24
CA LEU C 141 24.44 -0.79 -7.78
C LEU C 141 24.30 0.36 -6.80
N LEU C 142 25.32 0.59 -5.95
CA LEU C 142 25.24 1.67 -4.98
C LEU C 142 25.16 3.04 -5.69
N LEU C 143 25.84 3.16 -6.84
CA LEU C 143 25.80 4.39 -7.60
C LEU C 143 24.36 4.66 -8.04
N LEU C 144 23.62 3.55 -8.25
CA LEU C 144 22.28 3.59 -8.81
C LEU C 144 21.23 3.29 -7.74
N SER C 145 21.45 3.71 -6.50
CA SER C 145 20.58 3.23 -5.45
C SER C 145 19.92 4.37 -4.69
N THR C 146 20.15 5.62 -5.13
CA THR C 146 19.58 6.76 -4.45
C THR C 146 19.19 7.79 -5.50
N VAL C 147 17.90 8.11 -5.55
CA VAL C 147 17.34 8.98 -6.57
C VAL C 147 16.57 10.11 -5.88
N PRO C 148 16.29 11.23 -6.60
CA PRO C 148 15.52 12.35 -6.02
C PRO C 148 14.08 11.88 -5.87
N LYS C 149 13.29 12.56 -5.04
CA LYS C 149 12.00 12.02 -4.66
C LYS C 149 11.03 12.01 -5.84
N ASP C 150 11.25 12.93 -6.79
CA ASP C 150 10.43 13.06 -7.97
C ASP C 150 11.18 12.64 -9.22
N GLY C 151 12.03 11.61 -9.10
CA GLY C 151 12.58 10.86 -10.24
C GLY C 151 13.62 11.64 -11.08
N LEU C 152 13.99 11.06 -12.23
CA LEU C 152 15.12 11.51 -13.01
C LEU C 152 14.70 11.94 -14.41
N LYS C 153 15.50 12.80 -15.03
CA LYS C 153 15.25 13.30 -16.38
C LYS C 153 15.24 12.18 -17.43
N SER C 154 15.85 11.03 -17.15
CA SER C 154 15.85 9.96 -18.13
C SER C 154 15.68 8.61 -17.44
N GLN C 155 14.54 8.48 -16.76
CA GLN C 155 14.16 7.28 -16.01
C GLN C 155 14.19 6.06 -16.93
N ALA C 156 13.88 6.28 -18.22
CA ALA C 156 13.96 5.27 -19.25
C ALA C 156 15.25 4.47 -19.11
N VAL C 157 16.38 5.18 -19.36
CA VAL C 157 17.72 4.63 -19.48
C VAL C 157 18.19 4.10 -18.13
N PHE C 158 17.91 4.88 -17.07
CA PHE C 158 18.28 4.51 -15.72
C PHE C 158 17.83 3.10 -15.42
N ASP C 159 16.55 2.79 -15.68
CA ASP C 159 15.97 1.52 -15.27
C ASP C 159 16.65 0.37 -16.02
N GLU C 160 17.05 0.64 -17.27
CA GLU C 160 17.73 -0.36 -18.06
C GLU C 160 19.13 -0.66 -17.49
N ILE C 161 19.90 0.40 -17.23
CA ILE C 161 21.22 0.29 -16.60
C ILE C 161 21.10 -0.53 -15.32
N ARG C 162 20.20 -0.09 -14.43
CA ARG C 162 20.04 -0.74 -13.13
C ARG C 162 19.82 -2.24 -13.32
N MET C 163 19.06 -2.60 -14.36
CA MET C 163 18.68 -3.98 -14.60
C MET C 163 19.89 -4.77 -15.09
N THR C 164 20.68 -4.16 -15.99
CA THR C 164 21.89 -4.80 -16.51
C THR C 164 22.81 -5.20 -15.36
N TYR C 165 23.03 -4.29 -14.42
CA TYR C 165 23.95 -4.56 -13.32
C TYR C 165 23.37 -5.54 -12.30
N ILE C 166 22.04 -5.55 -12.13
CA ILE C 166 21.43 -6.59 -11.31
C ILE C 166 21.70 -7.96 -11.93
N LYS C 167 21.55 -8.05 -13.27
CA LYS C 167 21.81 -9.30 -13.96
C LYS C 167 23.26 -9.70 -13.72
N GLU C 168 24.14 -8.69 -13.77
CA GLU C 168 25.58 -8.88 -13.64
C GLU C 168 25.92 -9.43 -12.26
N LEU C 169 25.32 -8.85 -11.23
CA LEU C 169 25.49 -9.37 -9.89
C LEU C 169 25.11 -10.84 -9.87
N GLY C 170 24.03 -11.18 -10.59
CA GLY C 170 23.59 -12.55 -10.77
C GLY C 170 24.73 -13.47 -11.26
N LYS C 171 25.33 -13.09 -12.40
CA LYS C 171 26.40 -13.89 -12.98
C LYS C 171 27.52 -14.09 -11.97
N ALA C 172 27.84 -13.00 -11.24
CA ALA C 172 28.92 -13.00 -10.28
C ALA C 172 28.66 -14.00 -9.16
N ILE C 173 27.40 -14.09 -8.71
CA ILE C 173 27.04 -15.04 -7.66
C ILE C 173 27.23 -16.46 -8.17
N VAL C 174 26.72 -16.71 -9.39
CA VAL C 174 26.77 -18.02 -10.02
C VAL C 174 28.23 -18.46 -10.15
N LYS C 175 29.09 -17.55 -10.62
CA LYS C 175 30.49 -17.82 -10.86
C LYS C 175 31.19 -18.28 -9.57
N ARG C 176 30.64 -17.92 -8.40
CA ARG C 176 31.28 -18.27 -7.15
C ARG C 176 30.92 -19.71 -6.74
N GLU C 177 29.84 -20.26 -7.32
CA GLU C 177 29.05 -21.26 -6.58
C GLU C 177 28.46 -22.37 -7.46
N GLY C 178 27.99 -21.99 -8.66
CA GLY C 178 27.30 -22.91 -9.56
C GLY C 178 25.82 -22.61 -9.64
N ASN C 179 25.10 -23.34 -10.50
CA ASN C 179 23.65 -23.28 -10.54
C ASN C 179 23.02 -24.21 -9.51
N SER C 180 22.84 -23.74 -8.27
CA SER C 180 22.03 -24.40 -7.23
C SER C 180 20.62 -23.76 -7.18
N SER C 181 19.78 -23.96 -6.17
CA SER C 181 18.87 -22.89 -5.76
C SER C 181 19.37 -22.12 -4.53
N GLN C 182 20.67 -22.24 -4.24
CA GLN C 182 21.37 -21.46 -3.25
C GLN C 182 21.80 -20.15 -3.87
N ASN C 183 21.77 -20.05 -5.22
CA ASN C 183 21.93 -18.83 -5.96
C ASN C 183 21.04 -17.73 -5.40
N TRP C 184 19.77 -18.08 -5.11
CA TRP C 184 18.86 -16.96 -4.85
C TRP C 184 18.97 -16.60 -3.37
N GLN C 185 19.43 -17.49 -2.51
CA GLN C 185 19.62 -17.18 -1.11
C GLN C 185 20.73 -16.14 -0.97
N ARG C 186 21.79 -16.35 -1.75
CA ARG C 186 22.93 -15.42 -1.78
C ARG C 186 22.45 -14.06 -2.28
N PHE C 187 21.72 -14.07 -3.39
CA PHE C 187 21.22 -12.84 -3.98
C PHE C 187 20.42 -12.06 -2.94
N TYR C 188 19.73 -12.77 -2.04
CA TYR C 188 18.92 -12.12 -1.03
C TYR C 188 19.83 -11.41 -0.03
N GLN C 189 20.82 -12.17 0.46
CA GLN C 189 21.78 -11.71 1.43
C GLN C 189 22.50 -10.45 0.92
N LEU C 190 22.97 -10.50 -0.34
CA LEU C 190 23.73 -9.39 -0.89
C LEU C 190 22.83 -8.19 -1.11
N THR C 191 21.56 -8.42 -1.47
CA THR C 191 20.65 -7.31 -1.68
C THR C 191 20.20 -6.78 -0.32
N LYS C 192 20.15 -7.63 0.70
CA LYS C 192 19.87 -7.19 2.05
C LYS C 192 20.97 -6.21 2.52
N LEU C 193 22.23 -6.58 2.22
CA LEU C 193 23.39 -5.76 2.52
C LEU C 193 23.29 -4.40 1.81
N LEU C 194 22.99 -4.41 0.52
CA LEU C 194 22.86 -3.18 -0.25
C LEU C 194 21.81 -2.29 0.41
N ASP C 195 20.79 -2.92 0.99
CA ASP C 195 19.69 -2.17 1.57
C ASP C 195 20.17 -1.51 2.86
N SER C 196 20.87 -2.29 3.68
CA SER C 196 21.35 -1.81 4.97
C SER C 196 22.39 -0.70 4.81
N MET C 197 22.95 -0.57 3.61
CA MET C 197 23.95 0.46 3.34
C MET C 197 23.35 1.85 3.47
N HIS C 198 22.05 2.04 3.19
CA HIS C 198 21.49 3.38 3.26
C HIS C 198 21.58 3.94 4.68
N GLU C 199 21.32 3.08 5.68
CA GLU C 199 21.37 3.48 7.07
C GLU C 199 22.82 3.76 7.46
N MET C 200 23.74 2.80 7.22
CA MET C 200 25.13 2.90 7.63
C MET C 200 25.75 4.16 7.04
N VAL C 201 25.54 4.38 5.73
CA VAL C 201 26.14 5.53 5.05
C VAL C 201 25.49 6.80 5.58
N GLY C 202 24.17 6.77 5.85
CA GLY C 202 23.47 7.92 6.40
C GLY C 202 24.15 8.43 7.66
N GLY C 203 24.61 7.50 8.51
CA GLY C 203 25.40 7.81 9.69
C GLY C 203 26.64 8.61 9.33
N LEU C 204 27.47 8.08 8.43
CA LEU C 204 28.68 8.75 7.96
C LEU C 204 28.33 10.12 7.40
N LEU C 205 27.26 10.19 6.59
CA LEU C 205 26.89 11.43 5.96
C LEU C 205 26.60 12.49 7.03
N GLN C 206 26.04 12.04 8.15
CA GLN C 206 25.68 12.94 9.23
C GLN C 206 26.94 13.49 9.90
N PHE C 207 27.90 12.63 10.20
CA PHE C 207 29.16 13.09 10.78
C PHE C 207 29.85 14.06 9.84
N CYS C 208 29.78 13.76 8.57
CA CYS C 208 30.41 14.60 7.55
C CYS C 208 29.80 16.01 7.59
N PHE C 209 28.47 16.09 7.54
CA PHE C 209 27.78 17.37 7.62
C PHE C 209 28.12 18.09 8.93
N TYR C 210 28.16 17.36 10.02
CA TYR C 210 28.48 17.93 11.33
C TYR C 210 29.87 18.55 11.33
N THR C 211 30.90 17.81 10.89
CA THR C 211 32.25 18.36 10.89
C THR C 211 32.39 19.46 9.85
N PHE C 212 31.53 19.48 8.84
CA PHE C 212 31.61 20.51 7.81
C PHE C 212 31.03 21.83 8.31
N VAL C 213 29.96 21.75 9.09
CA VAL C 213 29.18 22.91 9.51
C VAL C 213 29.81 23.55 10.73
N ASN C 214 30.39 22.74 11.63
CA ASN C 214 31.10 23.19 12.80
C ASN C 214 32.49 23.74 12.51
N LYS C 215 32.58 24.98 12.05
CA LYS C 215 33.78 25.64 11.55
C LYS C 215 34.87 25.74 12.63
N SER C 216 34.47 25.76 13.90
CA SER C 216 35.42 25.94 15.00
C SER C 216 36.40 24.77 15.13
N LEU C 217 36.07 23.60 14.57
CA LEU C 217 36.91 22.43 14.63
C LEU C 217 38.07 22.55 13.66
N SER C 218 37.97 23.46 12.68
CA SER C 218 39.06 23.79 11.76
C SER C 218 39.49 22.57 10.91
N VAL C 219 38.50 21.73 10.61
CA VAL C 219 38.69 20.59 9.74
C VAL C 219 38.65 21.11 8.30
N GLU C 220 39.63 20.70 7.49
CA GLU C 220 39.66 21.16 6.11
C GLU C 220 38.94 20.18 5.19
N PHE C 221 38.35 20.75 4.13
CA PHE C 221 37.70 19.98 3.09
C PHE C 221 38.19 20.52 1.75
N PRO C 222 38.62 19.68 0.79
CA PRO C 222 39.05 20.20 -0.51
C PRO C 222 37.84 20.71 -1.28
N GLU C 223 38.06 21.60 -2.25
CA GLU C 223 36.99 22.29 -2.98
C GLU C 223 35.98 21.30 -3.55
N MET C 224 36.47 20.23 -4.19
CA MET C 224 35.64 19.21 -4.78
C MET C 224 34.52 18.80 -3.81
N LEU C 225 34.91 18.39 -2.60
CA LEU C 225 33.99 17.85 -1.61
C LEU C 225 33.13 18.95 -1.03
N ALA C 226 33.74 20.12 -0.77
CA ALA C 226 33.04 21.23 -0.15
C ALA C 226 31.84 21.62 -1.00
N GLU C 227 32.09 21.86 -2.30
CA GLU C 227 31.03 22.15 -3.27
C GLU C 227 29.93 21.11 -3.18
N ILE C 228 30.29 19.81 -3.21
CA ILE C 228 29.28 18.76 -3.21
C ILE C 228 28.52 18.77 -1.88
N ILE C 229 29.24 18.80 -0.76
CA ILE C 229 28.59 18.72 0.55
C ILE C 229 27.60 19.88 0.73
N SER C 230 28.03 21.10 0.39
CA SER C 230 27.20 22.26 0.69
C SER C 230 25.94 22.26 -0.17
N ASN C 231 26.00 21.67 -1.35
CA ASN C 231 24.83 21.51 -2.20
C ASN C 231 23.93 20.38 -1.68
N GLN C 232 24.52 19.37 -1.07
CA GLN C 232 23.82 18.17 -0.68
C GLN C 232 23.17 18.38 0.69
N LEU C 233 23.56 19.45 1.38
CA LEU C 233 23.17 19.67 2.74
C LEU C 233 21.68 20.06 2.87
N PRO C 234 21.23 21.14 2.21
CA PRO C 234 19.79 21.47 2.12
C PRO C 234 18.91 20.34 1.59
N LYS C 235 19.41 19.54 0.66
CA LYS C 235 18.68 18.39 0.10
C LYS C 235 18.36 17.34 1.17
N PHE C 236 19.23 17.22 2.18
CA PHE C 236 19.05 16.20 3.19
C PHE C 236 18.20 16.77 4.33
N LYS C 237 18.28 18.08 4.59
CA LYS C 237 17.43 18.76 5.57
C LYS C 237 15.97 18.72 5.10
N ALA C 238 15.73 18.74 3.79
CA ALA C 238 14.41 18.77 3.20
C ALA C 238 13.87 17.36 2.96
N GLY C 239 14.58 16.33 3.41
CA GLY C 239 14.25 14.92 3.17
C GLY C 239 13.73 14.60 1.74
N SER C 240 14.39 15.11 0.71
CA SER C 240 13.91 15.07 -0.67
C SER C 240 14.56 13.95 -1.48
N VAL C 241 15.05 12.93 -0.74
CA VAL C 241 15.91 11.91 -1.29
C VAL C 241 15.29 10.55 -1.00
N LYS C 242 15.28 9.66 -2.00
CA LYS C 242 14.54 8.41 -1.92
C LYS C 242 15.48 7.24 -2.18
N PRO C 243 15.71 6.36 -1.18
CA PRO C 243 16.43 5.09 -1.44
C PRO C 243 15.60 4.13 -2.29
N LEU C 244 16.27 3.40 -3.19
CA LEU C 244 15.66 2.26 -3.88
C LEU C 244 16.02 0.99 -3.13
N LEU C 245 15.00 0.39 -2.50
CA LEU C 245 15.24 -0.82 -1.73
C LEU C 245 14.92 -2.04 -2.59
N PHE C 246 15.50 -3.18 -2.22
CA PHE C 246 15.19 -4.44 -2.85
C PHE C 246 14.14 -5.17 -2.01
N HIS C 247 13.92 -4.74 -0.76
CA HIS C 247 13.16 -5.49 0.21
C HIS C 247 12.23 -4.59 1.03
N GLN C 248 11.45 -3.78 0.31
CA GLN C 248 10.42 -2.91 0.84
C GLN C 248 10.31 -3.04 2.36
N PHE D 1 33.25 28.79 -11.31
CA PHE D 1 33.83 28.23 -12.60
C PHE D 1 35.33 27.96 -12.44
N PRO D 2 35.81 26.69 -12.59
CA PRO D 2 37.22 26.36 -12.38
C PRO D 2 38.06 26.52 -13.64
N THR D 3 39.32 26.96 -13.50
CA THR D 3 40.20 27.24 -14.62
C THR D 3 40.59 25.93 -15.30
N LEU D 4 41.00 26.01 -16.56
CA LEU D 4 41.36 24.84 -17.34
C LEU D 4 42.63 24.20 -16.75
N ILE D 5 43.60 25.02 -16.37
CA ILE D 5 44.81 24.48 -15.79
C ILE D 5 44.48 23.69 -14.52
N SER D 6 43.56 24.21 -13.70
CA SER D 6 43.29 23.53 -12.45
C SER D 6 42.57 22.20 -12.68
N LEU D 7 41.79 22.10 -13.77
CA LEU D 7 41.15 20.84 -14.14
C LEU D 7 42.22 19.83 -14.55
N LEU D 8 43.23 20.29 -15.28
CA LEU D 8 44.29 19.41 -15.75
C LEU D 8 44.98 18.78 -14.56
N GLU D 9 45.15 19.58 -13.50
CA GLU D 9 45.79 19.16 -12.26
C GLU D 9 44.91 18.12 -11.57
N VAL D 10 43.60 18.31 -11.54
CA VAL D 10 42.75 17.45 -10.75
C VAL D 10 42.59 16.09 -11.47
N ILE D 11 42.69 16.07 -12.81
CA ILE D 11 42.36 14.86 -13.53
C ILE D 11 43.60 14.02 -13.80
N GLU D 12 44.78 14.59 -13.54
CA GLU D 12 46.04 13.88 -13.75
C GLU D 12 46.01 12.56 -12.99
N PRO D 13 46.30 11.42 -13.66
CA PRO D 13 46.26 10.10 -12.99
C PRO D 13 47.32 9.99 -11.91
N GLU D 14 46.95 9.30 -10.82
CA GLU D 14 47.86 9.06 -9.71
C GLU D 14 48.83 7.96 -10.14
N VAL D 15 50.07 8.06 -9.68
CA VAL D 15 51.12 7.09 -10.01
C VAL D 15 50.72 5.67 -9.59
N LEU D 16 50.83 4.71 -10.50
CA LEU D 16 50.52 3.31 -10.19
C LEU D 16 51.76 2.60 -9.62
N TYR D 17 51.53 1.60 -8.76
CA TYR D 17 52.54 0.67 -8.30
C TYR D 17 52.57 -0.53 -9.25
N SER D 18 53.73 -1.18 -9.38
CA SER D 18 53.84 -2.28 -10.32
C SER D 18 53.53 -3.60 -9.63
N GLY D 19 53.74 -3.65 -8.30
CA GLY D 19 53.61 -4.89 -7.56
C GLY D 19 54.67 -5.92 -7.95
N TYR D 20 55.80 -5.44 -8.53
CA TYR D 20 56.94 -6.26 -8.86
C TYR D 20 57.38 -7.05 -7.63
N ASP D 21 57.77 -8.30 -7.87
CA ASP D 21 58.21 -9.20 -6.83
C ASP D 21 59.74 -9.15 -6.70
N SER D 22 60.24 -8.46 -5.68
CA SER D 22 61.67 -8.29 -5.50
C SER D 22 62.35 -9.54 -4.94
N THR D 23 61.57 -10.60 -4.72
CA THR D 23 62.03 -11.88 -4.23
C THR D 23 62.79 -12.66 -5.30
N LEU D 24 62.26 -12.64 -6.53
CA LEU D 24 62.84 -13.38 -7.63
C LEU D 24 63.91 -12.51 -8.27
N PRO D 25 65.01 -13.09 -8.80
CA PRO D 25 66.07 -12.31 -9.44
C PRO D 25 65.60 -11.65 -10.72
N ASP D 26 66.25 -10.52 -11.10
CA ASP D 26 65.90 -9.80 -12.31
C ASP D 26 66.45 -10.55 -13.53
N THR D 27 65.62 -10.68 -14.57
CA THR D 27 66.07 -11.08 -15.88
C THR D 27 65.43 -10.09 -16.85
N SER D 28 66.06 -9.93 -18.02
CA SER D 28 65.57 -9.07 -19.08
C SER D 28 64.12 -9.39 -19.41
N THR D 29 63.80 -10.66 -19.69
CA THR D 29 62.45 -11.03 -20.04
C THR D 29 61.45 -10.62 -18.95
N ARG D 30 61.83 -10.90 -17.70
CA ARG D 30 60.92 -10.69 -16.59
C ARG D 30 60.64 -9.20 -16.45
N LEU D 31 61.70 -8.40 -16.53
CA LEU D 31 61.61 -6.96 -16.35
C LEU D 31 60.73 -6.34 -17.44
N MET D 32 61.01 -6.70 -18.69
CA MET D 32 60.27 -6.17 -19.83
C MET D 32 58.80 -6.57 -19.71
N SER D 33 58.55 -7.81 -19.32
CA SER D 33 57.17 -8.25 -19.13
C SER D 33 56.49 -7.43 -18.02
N THR D 34 57.23 -7.13 -16.94
CA THR D 34 56.64 -6.38 -15.85
C THR D 34 56.29 -4.98 -16.34
N LEU D 35 57.24 -4.35 -17.03
CA LEU D 35 57.04 -3.01 -17.56
C LEU D 35 55.81 -3.00 -18.47
N ASN D 36 55.64 -4.04 -19.31
CA ASN D 36 54.51 -4.05 -20.21
C ASN D 36 53.20 -4.16 -19.43
N ARG D 37 53.18 -5.00 -18.41
CA ARG D 37 52.00 -5.25 -17.61
C ARG D 37 51.58 -3.93 -16.95
N LEU D 38 52.59 -3.18 -16.48
CA LEU D 38 52.38 -1.88 -15.86
C LEU D 38 51.87 -0.89 -16.90
N GLY D 39 52.48 -0.89 -18.10
CA GLY D 39 52.06 -0.03 -19.19
C GLY D 39 50.57 -0.21 -19.52
N GLY D 40 50.13 -1.47 -19.57
CA GLY D 40 48.73 -1.76 -19.82
C GLY D 40 47.82 -0.95 -18.87
N ARG D 41 48.15 -1.02 -17.58
CA ARG D 41 47.34 -0.37 -16.57
C ARG D 41 47.48 1.15 -16.69
N GLN D 42 48.68 1.63 -17.01
CA GLN D 42 48.92 3.06 -17.18
C GLN D 42 48.08 3.59 -18.34
N VAL D 43 47.94 2.78 -19.39
CA VAL D 43 47.18 3.19 -20.56
C VAL D 43 45.69 3.29 -20.23
N VAL D 44 45.16 2.28 -19.54
CA VAL D 44 43.79 2.38 -19.06
C VAL D 44 43.59 3.66 -18.26
N SER D 45 44.56 4.00 -17.40
CA SER D 45 44.48 5.24 -16.65
C SER D 45 44.41 6.43 -17.60
N ALA D 46 45.16 6.36 -18.72
CA ALA D 46 45.26 7.48 -19.64
C ALA D 46 43.95 7.63 -20.40
N VAL D 47 43.33 6.49 -20.73
CA VAL D 47 42.04 6.55 -21.41
C VAL D 47 41.01 7.24 -20.50
N LYS D 48 40.94 6.83 -19.24
CA LYS D 48 39.98 7.43 -18.31
C LYS D 48 40.28 8.93 -18.20
N TRP D 49 41.56 9.28 -18.33
CA TRP D 49 42.02 10.66 -18.24
C TRP D 49 41.51 11.45 -19.44
N ALA D 50 41.71 10.86 -20.64
CA ALA D 50 41.26 11.47 -21.87
C ALA D 50 39.74 11.75 -21.82
N LYS D 51 38.96 10.77 -21.36
CA LYS D 51 37.52 10.95 -21.33
C LYS D 51 37.11 12.14 -20.45
N ALA D 52 37.99 12.57 -19.54
CA ALA D 52 37.65 13.69 -18.67
C ALA D 52 38.36 14.95 -19.14
N LEU D 53 39.15 14.84 -20.21
CA LEU D 53 39.87 15.98 -20.73
C LEU D 53 38.89 16.94 -21.39
N PRO D 54 38.82 18.21 -20.93
CA PRO D 54 37.96 19.22 -21.55
C PRO D 54 38.26 19.32 -23.05
N GLY D 55 37.22 19.14 -23.85
CA GLY D 55 37.34 19.19 -25.30
C GLY D 55 37.25 17.81 -25.93
N PHE D 56 37.96 16.85 -25.33
CA PHE D 56 38.24 15.60 -25.99
C PHE D 56 36.97 14.87 -26.40
N ARG D 57 35.91 14.94 -25.58
CA ARG D 57 34.70 14.16 -25.82
C ARG D 57 33.93 14.67 -27.04
N ASN D 58 34.27 15.86 -27.54
CA ASN D 58 33.62 16.45 -28.72
C ASN D 58 34.14 15.83 -30.01
N LEU D 59 35.30 15.18 -30.01
CA LEU D 59 35.82 14.56 -31.21
C LEU D 59 34.94 13.38 -31.59
N HIS D 60 34.97 13.00 -32.87
CA HIS D 60 34.24 11.82 -33.28
C HIS D 60 34.85 10.63 -32.54
N LEU D 61 34.04 9.62 -32.22
CA LEU D 61 34.53 8.48 -31.48
C LEU D 61 35.75 7.88 -32.18
N ASP D 62 35.76 7.89 -33.52
CA ASP D 62 36.82 7.22 -34.27
C ASP D 62 38.11 8.04 -34.21
N ASP D 63 37.96 9.35 -33.97
CA ASP D 63 39.13 10.21 -33.83
C ASP D 63 39.76 10.02 -32.45
N GLN D 64 38.90 9.73 -31.47
CA GLN D 64 39.32 9.44 -30.12
C GLN D 64 40.19 8.19 -30.15
N MET D 65 39.63 7.11 -30.71
CA MET D 65 40.36 5.86 -30.88
C MET D 65 41.70 6.10 -31.58
N THR D 66 41.68 6.99 -32.58
CA THR D 66 42.86 7.14 -33.42
C THR D 66 43.96 7.83 -32.63
N LEU D 67 43.62 8.93 -31.95
CA LEU D 67 44.61 9.73 -31.27
C LEU D 67 45.22 8.94 -30.10
N LEU D 68 44.40 8.14 -29.40
CA LEU D 68 44.93 7.36 -28.30
C LEU D 68 45.84 6.24 -28.82
N GLN D 69 45.45 5.55 -29.91
CA GLN D 69 46.31 4.54 -30.48
C GLN D 69 47.62 5.13 -30.99
N TYR D 70 47.59 6.36 -31.52
CA TYR D 70 48.77 6.86 -32.20
C TYR D 70 49.73 7.43 -31.17
N SER D 71 49.25 7.72 -29.95
CA SER D 71 50.07 8.54 -29.08
C SER D 71 50.31 7.92 -27.69
N TRP D 72 49.81 6.70 -27.43
CA TRP D 72 49.92 6.15 -26.10
C TRP D 72 51.38 6.07 -25.65
N MET D 73 52.25 5.59 -26.53
CA MET D 73 53.65 5.51 -26.17
C MET D 73 54.21 6.89 -25.79
N SER D 74 53.79 7.96 -26.49
CA SER D 74 54.31 9.28 -26.17
C SER D 74 53.91 9.68 -24.75
N LEU D 75 52.62 9.46 -24.43
CA LEU D 75 52.09 9.81 -23.13
C LEU D 75 52.86 9.07 -22.05
N MET D 76 53.06 7.76 -22.24
CA MET D 76 53.67 6.97 -21.19
C MET D 76 55.12 7.40 -20.98
N ALA D 77 55.84 7.59 -22.10
CA ALA D 77 57.24 7.94 -22.04
C ALA D 77 57.42 9.32 -21.40
N PHE D 78 56.49 10.23 -21.70
CA PHE D 78 56.58 11.58 -21.21
C PHE D 78 56.39 11.58 -19.70
N SER D 79 55.37 10.85 -19.21
CA SER D 79 55.12 10.75 -17.78
C SER D 79 56.33 10.13 -17.07
N LEU D 80 56.90 9.08 -17.68
CA LEU D 80 58.08 8.46 -17.13
C LEU D 80 59.18 9.50 -16.97
N GLY D 81 59.39 10.29 -18.05
CA GLY D 81 60.36 11.36 -18.01
C GLY D 81 60.12 12.29 -16.83
N TRP D 82 58.86 12.68 -16.63
CA TRP D 82 58.53 13.62 -15.58
C TRP D 82 58.86 13.03 -14.22
N ARG D 83 58.36 11.81 -13.96
CA ARG D 83 58.60 11.14 -12.68
C ARG D 83 60.11 11.01 -12.45
N SER D 84 60.87 10.65 -13.49
CA SER D 84 62.30 10.44 -13.33
C SER D 84 63.00 11.75 -12.97
N TYR D 85 62.56 12.84 -13.60
CA TYR D 85 63.05 14.18 -13.35
C TYR D 85 62.73 14.61 -11.91
N LYS D 86 61.50 14.35 -11.49
CA LYS D 86 61.04 14.79 -10.19
C LYS D 86 61.71 14.00 -9.07
N GLN D 87 61.90 12.69 -9.22
CA GLN D 87 62.30 11.86 -8.09
C GLN D 87 63.82 11.70 -7.99
N SER D 88 64.54 11.88 -9.11
CA SER D 88 65.95 11.52 -9.10
C SER D 88 66.76 12.44 -10.01
N ASN D 89 66.16 13.57 -10.38
CA ASN D 89 66.79 14.55 -11.24
C ASN D 89 67.37 13.89 -12.49
N GLY D 90 66.64 12.91 -13.03
CA GLY D 90 66.99 12.35 -14.33
C GLY D 90 68.07 11.26 -14.25
N ASN D 91 68.46 10.85 -13.03
CA ASN D 91 69.54 9.88 -12.85
C ASN D 91 69.05 8.44 -12.99
N MET D 92 67.82 8.16 -12.53
CA MET D 92 67.26 6.82 -12.62
C MET D 92 65.91 6.90 -13.31
N LEU D 93 65.46 5.78 -13.88
CA LEU D 93 64.11 5.69 -14.44
C LEU D 93 63.15 5.24 -13.34
N CYS D 94 62.23 6.15 -12.95
CA CYS D 94 61.26 5.85 -11.90
C CYS D 94 59.96 5.38 -12.53
N PHE D 95 59.91 4.12 -12.95
CA PHE D 95 58.73 3.58 -13.59
C PHE D 95 57.56 3.64 -12.62
N ALA D 96 57.80 3.16 -11.40
CA ALA D 96 56.84 3.17 -10.32
C ALA D 96 57.61 3.39 -9.03
N PRO D 97 56.94 3.79 -7.92
CA PRO D 97 57.62 3.98 -6.64
C PRO D 97 58.27 2.68 -6.18
N ASP D 98 57.75 1.54 -6.62
CA ASP D 98 58.24 0.23 -6.22
C ASP D 98 59.05 -0.41 -7.37
N LEU D 99 59.45 0.38 -8.37
CA LEU D 99 60.19 -0.17 -9.51
C LEU D 99 61.04 0.92 -10.16
N VAL D 100 62.27 1.06 -9.66
CA VAL D 100 63.22 2.06 -10.09
C VAL D 100 64.41 1.34 -10.72
N ILE D 101 64.70 1.66 -11.99
CA ILE D 101 65.87 1.11 -12.65
C ILE D 101 67.00 2.15 -12.59
N ASN D 102 68.07 1.81 -11.87
CA ASN D 102 69.22 2.70 -11.71
C ASN D 102 70.33 2.25 -12.65
N GLU D 103 71.49 2.92 -12.55
CA GLU D 103 72.66 2.66 -13.39
C GLU D 103 72.97 1.15 -13.41
N GLU D 104 72.97 0.53 -12.23
CA GLU D 104 73.35 -0.87 -12.11
C GLU D 104 72.36 -1.77 -12.85
N ARG D 105 71.06 -1.58 -12.63
CA ARG D 105 70.07 -2.50 -13.18
C ARG D 105 70.01 -2.43 -14.70
N MET D 106 70.55 -1.36 -15.29
CA MET D 106 70.50 -1.14 -16.74
C MET D 106 71.49 -2.04 -17.47
N GLN D 107 72.41 -2.64 -16.71
CA GLN D 107 73.49 -3.44 -17.28
C GLN D 107 72.96 -4.81 -17.69
N LEU D 108 71.67 -5.10 -17.45
CA LEU D 108 71.09 -6.36 -17.91
C LEU D 108 71.09 -6.42 -19.43
N PRO D 109 71.20 -7.63 -20.02
CA PRO D 109 71.17 -7.80 -21.45
C PRO D 109 69.95 -7.14 -22.08
N TYR D 110 70.15 -6.40 -23.18
CA TYR D 110 69.11 -5.74 -23.95
C TYR D 110 68.58 -4.45 -23.32
N MET D 111 68.76 -4.31 -22.00
CA MET D 111 68.17 -3.20 -21.26
C MET D 111 68.88 -1.89 -21.56
N TYR D 112 70.21 -1.91 -21.69
CA TYR D 112 70.97 -0.68 -21.69
C TYR D 112 70.49 0.29 -22.77
N ASP D 113 70.34 -0.21 -24.01
CA ASP D 113 69.98 0.66 -25.12
C ASP D 113 68.60 1.28 -24.91
N GLN D 114 67.62 0.45 -24.57
CA GLN D 114 66.27 0.96 -24.42
C GLN D 114 66.20 1.96 -23.27
N CYS D 115 66.94 1.74 -22.20
CA CYS D 115 66.89 2.64 -21.06
C CYS D 115 67.54 3.99 -21.38
N GLN D 116 68.58 3.97 -22.21
CA GLN D 116 69.28 5.18 -22.62
C GLN D 116 68.31 6.09 -23.36
N GLN D 117 67.47 5.50 -24.21
CA GLN D 117 66.42 6.19 -24.94
C GLN D 117 65.47 6.91 -23.99
N MET D 118 64.97 6.21 -22.95
CA MET D 118 63.95 6.76 -22.08
C MET D 118 64.53 7.86 -21.19
N LEU D 119 65.83 7.77 -20.93
CA LEU D 119 66.51 8.75 -20.12
C LEU D 119 66.68 10.07 -20.88
N LYS D 120 66.70 10.03 -22.21
CA LYS D 120 66.85 11.23 -23.03
C LYS D 120 65.71 12.19 -22.68
N ILE D 121 64.49 11.66 -22.68
CA ILE D 121 63.32 12.44 -22.32
C ILE D 121 63.51 13.07 -20.95
N SER D 122 64.00 12.27 -20.01
CA SER D 122 64.14 12.75 -18.66
C SER D 122 65.06 13.96 -18.61
N SER D 123 66.20 13.88 -19.30
CA SER D 123 67.22 14.92 -19.16
C SER D 123 66.80 16.20 -19.87
N GLU D 124 65.89 16.08 -20.85
CA GLU D 124 65.26 17.24 -21.46
C GLU D 124 64.54 18.06 -20.40
N PHE D 125 63.70 17.40 -19.58
CA PHE D 125 63.06 18.10 -18.48
C PHE D 125 64.10 18.76 -17.58
N VAL D 126 65.24 18.09 -17.37
CA VAL D 126 66.27 18.61 -16.49
C VAL D 126 66.90 19.87 -17.08
N ARG D 127 67.26 19.78 -18.36
CA ARG D 127 67.89 20.88 -19.07
C ARG D 127 67.01 22.12 -19.02
N LEU D 128 65.72 21.98 -19.39
CA LEU D 128 64.81 23.10 -19.56
C LEU D 128 64.14 23.50 -18.24
N GLN D 129 64.39 22.76 -17.16
CA GLN D 129 63.74 23.02 -15.88
C GLN D 129 62.24 23.21 -16.05
N VAL D 130 61.55 22.24 -16.68
CA VAL D 130 60.12 22.30 -16.94
C VAL D 130 59.34 22.34 -15.63
N SER D 131 58.24 23.09 -15.62
CA SER D 131 57.36 23.22 -14.48
C SER D 131 56.17 22.27 -14.65
N TYR D 132 55.47 22.02 -13.54
CA TYR D 132 54.36 21.09 -13.54
C TYR D 132 53.30 21.51 -14.55
N ASP D 133 52.96 22.81 -14.55
CA ASP D 133 51.90 23.30 -15.43
C ASP D 133 52.32 23.17 -16.89
N GLU D 134 53.58 23.50 -17.16
CA GLU D 134 54.11 23.34 -18.51
C GLU D 134 53.96 21.88 -18.95
N TYR D 135 54.35 20.96 -18.05
CA TYR D 135 54.30 19.53 -18.30
C TYR D 135 52.87 19.10 -18.62
N LEU D 136 51.90 19.59 -17.83
CA LEU D 136 50.54 19.10 -17.96
C LEU D 136 49.96 19.45 -19.33
N CYS D 137 50.36 20.63 -19.84
CA CYS D 137 49.85 21.15 -21.10
C CYS D 137 50.51 20.44 -22.27
N MET D 138 51.84 20.34 -22.19
CA MET D 138 52.60 19.62 -23.20
C MET D 138 52.04 18.20 -23.34
N LYS D 139 51.65 17.59 -22.20
CA LYS D 139 51.18 16.22 -22.25
C LYS D 139 49.93 16.15 -23.12
N VAL D 140 49.04 17.15 -22.97
CA VAL D 140 47.80 17.15 -23.73
C VAL D 140 48.14 17.29 -25.21
N LEU D 141 49.11 18.17 -25.50
CA LEU D 141 49.52 18.40 -26.87
C LEU D 141 50.02 17.10 -27.53
N LEU D 142 50.70 16.25 -26.77
CA LEU D 142 51.21 15.00 -27.31
C LEU D 142 50.06 14.11 -27.78
N LEU D 143 48.94 14.14 -27.06
CA LEU D 143 47.77 13.36 -27.42
C LEU D 143 47.29 13.81 -28.80
N LEU D 144 47.51 15.10 -29.09
CA LEU D 144 47.00 15.75 -30.28
C LEU D 144 48.12 16.02 -31.29
N SER D 145 49.12 15.13 -31.37
CA SER D 145 50.30 15.50 -32.14
C SER D 145 50.59 14.49 -33.23
N THR D 146 49.73 13.47 -33.38
CA THR D 146 49.94 12.46 -34.40
C THR D 146 48.60 12.08 -35.00
N VAL D 147 48.45 12.32 -36.31
CA VAL D 147 47.19 12.14 -37.00
C VAL D 147 47.42 11.22 -38.20
N PRO D 148 46.34 10.61 -38.75
CA PRO D 148 46.45 9.74 -39.93
C PRO D 148 46.77 10.64 -41.12
N LYS D 149 47.30 10.06 -42.21
CA LYS D 149 47.86 10.88 -43.28
C LYS D 149 46.77 11.64 -44.02
N ASP D 150 45.55 11.08 -43.99
CA ASP D 150 44.41 11.66 -44.68
C ASP D 150 43.39 12.21 -43.67
N GLY D 151 43.88 12.74 -42.53
CA GLY D 151 43.09 13.55 -41.63
C GLY D 151 42.04 12.78 -40.82
N LEU D 152 41.18 13.54 -40.13
CA LEU D 152 40.28 12.99 -39.13
C LEU D 152 38.83 13.27 -39.51
N LYS D 153 37.91 12.47 -38.97
CA LYS D 153 36.49 12.59 -39.23
C LYS D 153 35.92 13.92 -38.73
N SER D 154 36.59 14.60 -37.81
CA SER D 154 36.07 15.88 -37.33
C SER D 154 37.22 16.86 -37.12
N GLN D 155 37.92 17.14 -38.22
CA GLN D 155 39.06 18.05 -38.26
C GLN D 155 38.66 19.42 -37.70
N ALA D 156 37.40 19.80 -37.92
CA ALA D 156 36.81 21.01 -37.38
C ALA D 156 37.22 21.18 -35.91
N VAL D 157 36.71 20.26 -35.08
CA VAL D 157 36.77 20.29 -33.64
C VAL D 157 38.22 20.10 -33.18
N PHE D 158 38.91 19.15 -33.82
CA PHE D 158 40.30 18.86 -33.51
C PHE D 158 41.12 20.14 -33.49
N ASP D 159 41.01 20.95 -34.55
CA ASP D 159 41.88 22.11 -34.71
C ASP D 159 41.60 23.12 -33.60
N GLU D 160 40.34 23.20 -33.16
CA GLU D 160 39.97 24.11 -32.10
C GLU D 160 40.60 23.66 -30.77
N ILE D 161 40.41 22.37 -30.42
CA ILE D 161 41.00 21.77 -29.24
C ILE D 161 42.51 22.05 -29.21
N ARG D 162 43.19 21.69 -30.31
CA ARG D 162 44.63 21.83 -30.40
C ARG D 162 45.03 23.27 -30.08
N MET D 163 44.23 24.23 -30.54
CA MET D 163 44.54 25.63 -30.39
C MET D 163 44.36 26.05 -28.94
N THR D 164 43.28 25.57 -28.30
CA THR D 164 43.02 25.87 -26.90
C THR D 164 44.22 25.48 -26.04
N TYR D 165 44.74 24.26 -26.26
CA TYR D 165 45.82 23.77 -25.42
C TYR D 165 47.16 24.45 -25.75
N ILE D 166 47.35 24.86 -27.01
CA ILE D 166 48.53 25.68 -27.31
C ILE D 166 48.47 26.99 -26.52
N LYS D 167 47.29 27.61 -26.50
CA LYS D 167 47.09 28.84 -25.76
C LYS D 167 47.42 28.59 -24.29
N GLU D 168 46.97 27.42 -23.80
CA GLU D 168 47.09 27.04 -22.41
C GLU D 168 48.57 26.89 -22.04
N LEU D 169 49.33 26.24 -22.90
CA LEU D 169 50.77 26.14 -22.69
C LEU D 169 51.35 27.55 -22.54
N GLY D 170 50.84 28.47 -23.38
CA GLY D 170 51.20 29.88 -23.31
C GLY D 170 51.02 30.45 -21.91
N LYS D 171 49.80 30.32 -21.36
CA LYS D 171 49.50 30.86 -20.04
C LYS D 171 50.47 30.28 -19.01
N ALA D 172 50.76 28.98 -19.15
CA ALA D 172 51.61 28.27 -18.22
C ALA D 172 53.02 28.85 -18.23
N ILE D 173 53.53 29.20 -19.43
CA ILE D 173 54.85 29.79 -19.54
C ILE D 173 54.86 31.15 -18.86
N VAL D 174 53.84 31.97 -19.15
CA VAL D 174 53.72 33.32 -18.63
C VAL D 174 53.70 33.27 -17.10
N LYS D 175 52.90 32.36 -16.55
CA LYS D 175 52.71 32.23 -15.11
C LYS D 175 54.05 31.93 -14.42
N ARG D 176 55.03 31.38 -15.15
CA ARG D 176 56.31 31.04 -14.56
C ARG D 176 57.21 32.27 -14.43
N GLU D 177 56.91 33.32 -15.23
CA GLU D 177 57.24 34.70 -14.97
C GLU D 177 58.64 35.15 -15.40
N GLY D 178 58.79 36.47 -15.52
CA GLY D 178 59.92 37.05 -16.22
C GLY D 178 59.47 37.66 -17.54
N ASN D 179 60.42 38.27 -18.25
CA ASN D 179 60.14 39.36 -19.17
C ASN D 179 59.51 38.85 -20.46
N SER D 180 59.00 39.81 -21.24
CA SER D 180 58.20 39.60 -22.45
C SER D 180 58.91 38.75 -23.49
N SER D 181 60.23 38.88 -23.58
CA SER D 181 60.95 38.18 -24.63
C SER D 181 61.70 36.95 -24.13
N GLN D 182 61.66 36.64 -22.82
CA GLN D 182 62.06 35.31 -22.38
C GLN D 182 60.88 34.35 -22.55
N ASN D 183 59.69 34.92 -22.50
CA ASN D 183 58.44 34.22 -22.73
C ASN D 183 58.47 33.57 -24.10
N TRP D 184 58.97 34.29 -25.11
CA TRP D 184 58.83 33.79 -26.48
C TRP D 184 59.89 32.73 -26.75
N GLN D 185 61.05 32.93 -26.10
CA GLN D 185 62.17 32.02 -26.27
C GLN D 185 61.79 30.66 -25.70
N ARG D 186 61.13 30.70 -24.53
CA ARG D 186 60.66 29.51 -23.84
C ARG D 186 59.66 28.77 -24.72
N PHE D 187 58.68 29.52 -25.25
CA PHE D 187 57.66 28.91 -26.08
C PHE D 187 58.31 28.14 -27.22
N TYR D 188 59.44 28.66 -27.71
CA TYR D 188 60.11 28.04 -28.84
C TYR D 188 60.72 26.71 -28.39
N GLN D 189 61.46 26.80 -27.27
CA GLN D 189 62.14 25.67 -26.66
C GLN D 189 61.16 24.54 -26.38
N LEU D 190 60.01 24.86 -25.77
CA LEU D 190 59.05 23.84 -25.39
C LEU D 190 58.39 23.24 -26.63
N THR D 191 58.18 24.06 -27.66
CA THR D 191 57.59 23.52 -28.87
C THR D 191 58.64 22.71 -29.65
N LYS D 192 59.91 23.10 -29.51
CA LYS D 192 61.01 22.34 -30.10
C LYS D 192 61.06 20.94 -29.45
N LEU D 193 60.89 20.90 -28.13
CA LEU D 193 60.86 19.66 -27.36
C LEU D 193 59.72 18.77 -27.82
N LEU D 194 58.52 19.34 -27.94
CA LEU D 194 57.38 18.56 -28.41
C LEU D 194 57.69 17.95 -29.77
N ASP D 195 58.47 18.67 -30.57
CA ASP D 195 58.77 18.23 -31.92
C ASP D 195 59.73 17.05 -31.84
N SER D 196 60.77 17.19 -31.02
CA SER D 196 61.81 16.18 -30.89
C SER D 196 61.26 14.89 -30.28
N MET D 197 60.07 14.96 -29.69
CA MET D 197 59.43 13.78 -29.11
C MET D 197 59.11 12.73 -30.17
N HIS D 198 58.83 13.14 -31.41
CA HIS D 198 58.46 12.16 -32.42
C HIS D 198 59.62 11.19 -32.69
N GLU D 199 60.84 11.71 -32.73
CA GLU D 199 62.03 10.92 -32.95
C GLU D 199 62.27 10.01 -31.75
N MET D 200 62.32 10.58 -30.52
CA MET D 200 62.62 9.83 -29.31
C MET D 200 61.63 8.67 -29.14
N VAL D 201 60.34 8.98 -29.30
CA VAL D 201 59.29 7.99 -29.12
C VAL D 201 59.40 6.94 -30.22
N GLY D 202 59.72 7.37 -31.44
CA GLY D 202 59.90 6.46 -32.57
C GLY D 202 60.87 5.35 -32.23
N GLY D 203 61.96 5.71 -31.54
CA GLY D 203 62.94 4.76 -31.01
C GLY D 203 62.27 3.69 -30.14
N LEU D 204 61.56 4.15 -29.10
CA LEU D 204 60.86 3.27 -28.18
C LEU D 204 59.87 2.39 -28.96
N LEU D 205 59.14 3.01 -29.89
CA LEU D 205 58.11 2.31 -30.63
C LEU D 205 58.75 1.14 -31.39
N GLN D 206 60.00 1.34 -31.83
CA GLN D 206 60.69 0.31 -32.58
C GLN D 206 61.01 -0.88 -31.69
N PHE D 207 61.56 -0.62 -30.49
CA PHE D 207 61.85 -1.71 -29.58
C PHE D 207 60.56 -2.47 -29.24
N CYS D 208 59.48 -1.69 -29.05
CA CYS D 208 58.22 -2.26 -28.66
C CYS D 208 57.72 -3.23 -29.73
N PHE D 209 57.72 -2.78 -30.99
CA PHE D 209 57.27 -3.62 -32.10
C PHE D 209 58.16 -4.86 -32.22
N TYR D 210 59.46 -4.66 -32.05
CA TYR D 210 60.40 -5.76 -32.13
C TYR D 210 60.06 -6.84 -31.09
N THR D 211 59.97 -6.44 -29.82
CA THR D 211 59.73 -7.41 -28.76
C THR D 211 58.32 -8.00 -28.87
N PHE D 212 57.41 -7.29 -29.54
CA PHE D 212 56.05 -7.80 -29.68
C PHE D 212 55.99 -8.91 -30.74
N VAL D 213 56.74 -8.72 -31.82
CA VAL D 213 56.64 -9.57 -33.00
C VAL D 213 57.51 -10.81 -32.81
N ASN D 214 58.67 -10.64 -32.17
CA ASN D 214 59.66 -11.69 -31.99
C ASN D 214 59.33 -12.55 -30.79
N LYS D 215 58.45 -13.55 -31.01
CA LYS D 215 57.87 -14.39 -29.97
C LYS D 215 58.94 -15.17 -29.20
N SER D 216 60.10 -15.43 -29.81
CA SER D 216 61.13 -16.25 -29.19
C SER D 216 61.75 -15.60 -27.94
N LEU D 217 61.60 -14.27 -27.80
CA LEU D 217 62.14 -13.56 -26.65
C LEU D 217 61.26 -13.75 -25.42
N SER D 218 60.02 -14.21 -25.63
CA SER D 218 59.09 -14.59 -24.57
C SER D 218 58.70 -13.40 -23.69
N VAL D 219 58.71 -12.18 -24.27
CA VAL D 219 58.26 -10.99 -23.57
C VAL D 219 56.74 -10.98 -23.63
N GLU D 220 56.07 -10.78 -22.49
CA GLU D 220 54.62 -10.81 -22.44
C GLU D 220 54.04 -9.41 -22.54
N PHE D 221 52.82 -9.34 -23.09
CA PHE D 221 52.09 -8.09 -23.23
C PHE D 221 50.66 -8.32 -22.74
N PRO D 222 50.07 -7.42 -21.94
CA PRO D 222 48.68 -7.60 -21.52
C PRO D 222 47.75 -7.36 -22.70
N GLU D 223 46.54 -7.90 -22.65
CA GLU D 223 45.57 -7.81 -23.73
C GLU D 223 45.37 -6.39 -24.23
N MET D 224 45.19 -5.45 -23.29
CA MET D 224 44.98 -4.06 -23.63
C MET D 224 46.01 -3.60 -24.69
N LEU D 225 47.29 -3.78 -24.36
CA LEU D 225 48.39 -3.29 -25.19
C LEU D 225 48.51 -4.13 -26.47
N ALA D 226 48.32 -5.45 -26.34
CA ALA D 226 48.47 -6.35 -27.47
C ALA D 226 47.51 -5.93 -28.58
N GLU D 227 46.22 -5.81 -28.24
CA GLU D 227 45.20 -5.35 -29.16
C GLU D 227 45.65 -4.05 -29.83
N ILE D 228 46.10 -3.06 -29.05
CA ILE D 228 46.46 -1.77 -29.61
C ILE D 228 47.68 -1.94 -30.52
N ILE D 229 48.73 -2.60 -30.03
CA ILE D 229 49.96 -2.69 -30.80
C ILE D 229 49.69 -3.38 -32.14
N SER D 230 48.95 -4.49 -32.12
CA SER D 230 48.83 -5.28 -33.32
C SER D 230 48.01 -4.54 -34.38
N ASN D 231 47.10 -3.67 -33.95
CA ASN D 231 46.34 -2.85 -34.87
C ASN D 231 47.21 -1.70 -35.40
N GLN D 232 48.11 -1.20 -34.56
CA GLN D 232 48.85 0.01 -34.85
C GLN D 232 50.08 -0.34 -35.69
N LEU D 233 50.41 -1.64 -35.76
CA LEU D 233 51.68 -2.10 -36.29
C LEU D 233 51.72 -1.95 -37.82
N PRO D 234 50.77 -2.54 -38.59
CA PRO D 234 50.70 -2.31 -40.04
C PRO D 234 50.62 -0.84 -40.45
N LYS D 235 49.93 -0.01 -39.65
CA LYS D 235 49.78 1.41 -39.94
C LYS D 235 51.13 2.13 -39.89
N PHE D 236 52.06 1.64 -39.06
CA PHE D 236 53.33 2.31 -38.89
C PHE D 236 54.33 1.78 -39.92
N LYS D 237 54.20 0.49 -40.29
CA LYS D 237 55.03 -0.08 -41.34
C LYS D 237 54.72 0.56 -42.69
N ALA D 238 53.47 0.97 -42.90
CA ALA D 238 53.02 1.54 -44.17
C ALA D 238 53.19 3.06 -44.19
N GLY D 239 53.86 3.62 -43.18
CA GLY D 239 54.10 5.05 -43.02
C GLY D 239 52.89 5.93 -43.35
N SER D 240 51.70 5.58 -42.85
CA SER D 240 50.45 6.28 -43.12
C SER D 240 50.08 7.20 -41.95
N VAL D 241 51.13 7.62 -41.23
CA VAL D 241 51.04 8.37 -39.99
C VAL D 241 51.82 9.67 -40.17
N LYS D 242 51.22 10.77 -39.72
CA LYS D 242 51.78 12.10 -39.95
C LYS D 242 51.96 12.82 -38.62
N PRO D 243 53.20 13.12 -38.20
CA PRO D 243 53.43 14.06 -37.09
C PRO D 243 53.00 15.50 -37.44
N LEU D 244 52.41 16.21 -36.47
CA LEU D 244 52.19 17.64 -36.57
C LEU D 244 53.35 18.35 -35.87
N LEU D 245 54.17 19.03 -36.69
CA LEU D 245 55.30 19.75 -36.14
C LEU D 245 54.92 21.22 -35.90
N PHE D 246 55.66 21.87 -35.02
CA PHE D 246 55.51 23.30 -34.79
C PHE D 246 56.56 24.05 -35.60
N HIS D 247 57.58 23.33 -36.12
CA HIS D 247 58.75 23.94 -36.72
C HIS D 247 59.21 23.15 -37.94
N GLN D 248 60.45 23.40 -38.40
CA GLN D 248 61.03 22.82 -39.59
C GLN D 248 62.18 21.89 -39.22
N PHE E 1 -15.90 18.02 48.54
CA PHE E 1 -15.72 17.29 47.22
C PHE E 1 -14.90 18.16 46.25
N PRO E 2 -13.73 17.69 45.74
CA PRO E 2 -12.93 18.48 44.78
C PRO E 2 -13.33 18.20 43.34
N THR E 3 -13.25 19.21 42.47
CA THR E 3 -13.57 19.04 41.05
C THR E 3 -12.53 18.15 40.38
N LEU E 4 -12.91 17.52 39.26
CA LEU E 4 -12.01 16.59 38.58
C LEU E 4 -10.84 17.37 37.97
N ILE E 5 -11.14 18.55 37.39
CA ILE E 5 -10.08 19.35 36.81
C ILE E 5 -9.06 19.72 37.88
N SER E 6 -9.52 20.05 39.09
CA SER E 6 -8.58 20.50 40.09
C SER E 6 -7.70 19.35 40.57
N LEU E 7 -8.23 18.12 40.55
CA LEU E 7 -7.42 16.95 40.89
C LEU E 7 -6.34 16.74 39.83
N LEU E 8 -6.70 16.95 38.57
CA LEU E 8 -5.75 16.75 37.48
C LEU E 8 -4.56 17.67 37.66
N GLU E 9 -4.86 18.90 38.11
CA GLU E 9 -3.86 19.93 38.37
C GLU E 9 -2.96 19.50 39.53
N VAL E 10 -3.54 18.94 40.59
CA VAL E 10 -2.73 18.69 41.76
C VAL E 10 -1.83 17.47 41.54
N ILE E 11 -2.26 16.53 40.67
CA ILE E 11 -1.53 15.28 40.57
C ILE E 11 -0.50 15.34 39.46
N GLU E 12 -0.55 16.39 38.62
CA GLU E 12 0.39 16.56 37.52
C GLU E 12 1.81 16.49 38.07
N PRO E 13 2.68 15.63 37.51
CA PRO E 13 4.06 15.51 38.01
C PRO E 13 4.84 16.79 37.78
N GLU E 14 5.73 17.11 38.73
CA GLU E 14 6.58 18.29 38.64
C GLU E 14 7.69 17.95 37.65
N VAL E 15 8.12 18.96 36.88
CA VAL E 15 9.20 18.82 35.91
C VAL E 15 10.47 18.27 36.55
N LEU E 16 11.06 17.22 35.95
CA LEU E 16 12.30 16.66 36.46
C LEU E 16 13.51 17.40 35.87
N TYR E 17 14.59 17.47 36.65
CA TYR E 17 15.91 17.86 36.19
C TYR E 17 16.64 16.62 35.72
N SER E 18 17.55 16.81 34.75
CA SER E 18 18.30 15.68 34.23
C SER E 18 19.59 15.50 35.04
N GLY E 19 20.08 16.60 35.65
CA GLY E 19 21.37 16.61 36.29
C GLY E 19 22.52 16.43 35.31
N TYR E 20 22.27 16.70 34.04
CA TYR E 20 23.26 16.68 32.98
C TYR E 20 24.39 17.62 33.36
N ASP E 21 25.63 17.21 33.04
CA ASP E 21 26.81 18.04 33.29
C ASP E 21 27.14 18.87 32.05
N SER E 22 26.80 20.16 32.07
CA SER E 22 26.97 21.04 30.92
C SER E 22 28.42 21.49 30.77
N THR E 23 29.31 20.99 31.61
CA THR E 23 30.75 21.21 31.55
C THR E 23 31.38 20.43 30.39
N LEU E 24 30.97 19.19 30.22
CA LEU E 24 31.45 18.27 29.22
C LEU E 24 30.72 18.52 27.92
N PRO E 25 31.39 18.36 26.76
CA PRO E 25 30.74 18.57 25.46
C PRO E 25 29.62 17.53 25.20
N ASP E 26 28.71 17.89 24.31
CA ASP E 26 27.69 16.98 23.80
C ASP E 26 28.28 16.03 22.79
N THR E 27 27.93 14.75 22.86
CA THR E 27 28.04 13.83 21.73
C THR E 27 26.69 13.14 21.55
N SER E 28 26.42 12.63 20.35
CA SER E 28 25.19 11.90 20.05
C SER E 28 24.92 10.81 21.07
N THR E 29 25.92 9.92 21.31
CA THR E 29 25.69 8.82 22.24
C THR E 29 25.35 9.36 23.62
N ARG E 30 26.11 10.37 24.07
CA ARG E 30 25.96 10.87 25.43
C ARG E 30 24.55 11.44 25.58
N LEU E 31 24.14 12.24 24.61
CA LEU E 31 22.87 12.94 24.66
C LEU E 31 21.71 11.97 24.68
N MET E 32 21.74 11.02 23.75
CA MET E 32 20.68 10.03 23.64
C MET E 32 20.60 9.20 24.93
N SER E 33 21.77 8.84 25.47
CA SER E 33 21.77 8.10 26.72
C SER E 33 21.17 8.95 27.84
N THR E 34 21.48 10.25 27.86
CA THR E 34 20.96 11.11 28.91
C THR E 34 19.44 11.18 28.80
N LEU E 35 18.97 11.42 27.58
CA LEU E 35 17.54 11.52 27.34
C LEU E 35 16.85 10.23 27.78
N ASN E 36 17.45 9.07 27.50
CA ASN E 36 16.80 7.83 27.89
C ASN E 36 16.72 7.70 29.41
N ARG E 37 17.83 8.07 30.09
CA ARG E 37 17.90 7.95 31.53
C ARG E 37 16.83 8.86 32.14
N LEU E 38 16.64 10.03 31.55
CA LEU E 38 15.65 11.00 31.99
C LEU E 38 14.25 10.44 31.73
N GLY E 39 14.04 9.86 30.54
CA GLY E 39 12.77 9.24 30.19
C GLY E 39 12.35 8.16 31.19
N GLY E 40 13.31 7.33 31.61
CA GLY E 40 13.05 6.33 32.63
C GLY E 40 12.37 6.94 33.85
N ARG E 41 12.97 8.02 34.35
CA ARG E 41 12.48 8.69 35.55
C ARG E 41 11.13 9.34 35.26
N GLN E 42 10.97 9.92 34.07
CA GLN E 42 9.72 10.56 33.69
C GLN E 42 8.59 9.53 33.67
N VAL E 43 8.92 8.31 33.20
CA VAL E 43 7.92 7.26 33.10
C VAL E 43 7.48 6.80 34.48
N VAL E 44 8.46 6.58 35.38
CA VAL E 44 8.10 6.28 36.76
C VAL E 44 7.17 7.36 37.33
N SER E 45 7.45 8.62 37.03
CA SER E 45 6.58 9.70 37.45
C SER E 45 5.18 9.50 36.90
N ALA E 46 5.10 9.04 35.64
CA ALA E 46 3.83 8.93 34.96
C ALA E 46 3.02 7.77 35.55
N VAL E 47 3.74 6.69 35.93
CA VAL E 47 3.07 5.57 36.55
C VAL E 47 2.44 6.02 37.86
N LYS E 48 3.22 6.72 38.71
CA LYS E 48 2.69 7.17 39.99
C LYS E 48 1.48 8.08 39.75
N TRP E 49 1.52 8.81 38.63
CA TRP E 49 0.47 9.73 38.25
C TRP E 49 -0.78 8.95 37.88
N ALA E 50 -0.61 7.93 37.04
CA ALA E 50 -1.71 7.07 36.62
C ALA E 50 -2.39 6.47 37.83
N LYS E 51 -1.62 5.94 38.80
CA LYS E 51 -2.24 5.30 39.95
C LYS E 51 -3.11 6.27 40.73
N ALA E 52 -2.92 7.57 40.56
CA ALA E 52 -3.73 8.53 41.30
C ALA E 52 -4.77 9.16 40.39
N LEU E 53 -4.78 8.75 39.13
CA LEU E 53 -5.74 9.27 38.17
C LEU E 53 -7.12 8.71 38.50
N PRO E 54 -8.12 9.59 38.77
CA PRO E 54 -9.49 9.16 39.02
C PRO E 54 -9.98 8.27 37.89
N GLY E 55 -10.41 7.06 38.24
CA GLY E 55 -10.91 6.09 37.28
C GLY E 55 -9.90 4.97 37.06
N PHE E 56 -8.64 5.34 36.90
CA PHE E 56 -7.66 4.43 36.32
C PHE E 56 -7.54 3.14 37.15
N ARG E 57 -7.63 3.25 38.49
CA ARG E 57 -7.37 2.10 39.34
C ARG E 57 -8.48 1.04 39.23
N ASN E 58 -9.60 1.39 38.61
CA ASN E 58 -10.71 0.46 38.41
C ASN E 58 -10.43 -0.53 37.27
N LEU E 59 -9.53 -0.21 36.36
CA LEU E 59 -9.24 -1.10 35.24
C LEU E 59 -8.59 -2.36 35.77
N HIS E 60 -8.67 -3.45 34.99
CA HIS E 60 -7.99 -4.66 35.38
C HIS E 60 -6.49 -4.36 35.40
N LEU E 61 -5.75 -5.02 36.28
CA LEU E 61 -4.32 -4.78 36.38
C LEU E 61 -3.66 -4.90 35.01
N ASP E 62 -4.12 -5.85 34.20
CA ASP E 62 -3.45 -6.16 32.94
C ASP E 62 -3.76 -5.08 31.91
N ASP E 63 -4.89 -4.37 32.10
CA ASP E 63 -5.26 -3.29 31.22
C ASP E 63 -4.44 -2.06 31.55
N GLN E 64 -4.10 -1.92 32.84
CA GLN E 64 -3.26 -0.84 33.30
C GLN E 64 -1.88 -0.99 32.66
N MET E 65 -1.29 -2.17 32.82
CA MET E 65 -0.01 -2.50 32.19
C MET E 65 -0.06 -2.21 30.70
N THR E 66 -1.19 -2.53 30.07
CA THR E 66 -1.26 -2.45 28.62
C THR E 66 -1.26 -1.00 28.18
N LEU E 67 -2.13 -0.18 28.81
CA LEU E 67 -2.28 1.20 28.39
C LEU E 67 -1.00 2.00 28.63
N LEU E 68 -0.31 1.71 29.75
CA LEU E 68 0.92 2.43 30.02
C LEU E 68 2.02 2.01 29.03
N GLN E 69 2.14 0.72 28.74
CA GLN E 69 3.12 0.26 27.76
C GLN E 69 2.84 0.85 26.38
N TYR E 70 1.56 1.01 26.02
CA TYR E 70 1.24 1.36 24.65
C TYR E 70 1.40 2.86 24.47
N SER E 71 1.40 3.63 25.56
CA SER E 71 1.22 5.06 25.39
C SER E 71 2.31 5.92 26.06
N TRP E 72 3.31 5.29 26.70
CA TRP E 72 4.30 6.06 27.43
C TRP E 72 4.97 7.10 26.54
N MET E 73 5.38 6.69 25.34
CA MET E 73 6.02 7.63 24.44
C MET E 73 5.09 8.81 24.13
N SER E 74 3.77 8.59 23.99
CA SER E 74 2.87 9.69 23.69
C SER E 74 2.87 10.69 24.83
N LEU E 75 2.77 10.17 26.06
CA LEU E 75 2.72 11.00 27.24
C LEU E 75 3.99 11.86 27.32
N MET E 76 5.16 11.22 27.12
CA MET E 76 6.41 11.93 27.30
C MET E 76 6.56 13.00 26.22
N ALA E 77 6.23 12.64 24.98
CA ALA E 77 6.37 13.56 23.86
C ALA E 77 5.42 14.75 24.01
N PHE E 78 4.23 14.47 24.53
CA PHE E 78 3.22 15.51 24.68
C PHE E 78 3.69 16.51 25.74
N SER E 79 4.18 16.01 26.88
CA SER E 79 4.69 16.87 27.94
C SER E 79 5.86 17.71 27.43
N LEU E 80 6.75 17.08 26.65
CA LEU E 80 7.87 17.79 26.07
C LEU E 80 7.33 18.96 25.24
N GLY E 81 6.33 18.65 24.40
CA GLY E 81 5.72 19.68 23.59
C GLY E 81 5.25 20.85 24.44
N TRP E 82 4.56 20.51 25.54
CA TRP E 82 3.97 21.52 26.40
C TRP E 82 5.08 22.41 26.99
N ARG E 83 6.09 21.78 27.60
CA ARG E 83 7.18 22.50 28.22
C ARG E 83 7.87 23.38 27.18
N SER E 84 8.07 22.86 25.96
CA SER E 84 8.77 23.61 24.94
C SER E 84 7.97 24.85 24.53
N TYR E 85 6.63 24.68 24.45
CA TYR E 85 5.69 25.74 24.13
C TYR E 85 5.72 26.79 25.23
N LYS E 86 5.70 26.35 26.49
CA LYS E 86 5.59 27.25 27.62
C LYS E 86 6.89 28.05 27.78
N GLN E 87 8.06 27.42 27.60
CA GLN E 87 9.29 28.05 28.04
C GLN E 87 9.97 28.82 26.90
N SER E 88 9.67 28.48 25.64
CA SER E 88 10.45 29.03 24.54
C SER E 88 9.58 29.24 23.30
N ASN E 89 8.27 29.18 23.49
CA ASN E 89 7.31 29.35 22.41
C ASN E 89 7.65 28.45 21.23
N GLY E 90 8.09 27.22 21.54
CA GLY E 90 8.27 26.22 20.51
C GLY E 90 9.59 26.33 19.74
N ASN E 91 10.49 27.21 20.19
CA ASN E 91 11.75 27.43 19.50
C ASN E 91 12.83 26.42 19.88
N MET E 92 12.84 25.99 21.14
CA MET E 92 13.80 25.00 21.59
C MET E 92 13.06 23.85 22.25
N LEU E 93 13.70 22.67 22.33
CA LEU E 93 13.16 21.54 23.05
C LEU E 93 13.56 21.64 24.53
N PHE E 95 13.70 19.70 27.35
CA PHE E 95 13.61 18.37 27.94
C PHE E 95 13.54 18.48 29.45
N ALA E 96 14.45 19.28 30.01
CA ALA E 96 14.46 19.61 31.42
C ALA E 96 14.89 21.06 31.55
N PRO E 97 14.67 21.72 32.70
CA PRO E 97 15.12 23.10 32.90
C PRO E 97 16.64 23.22 32.75
N ASP E 98 17.36 22.12 33.00
CA ASP E 98 18.81 22.09 32.92
C ASP E 98 19.27 21.37 31.65
N LEU E 99 18.37 21.17 30.68
CA LEU E 99 18.73 20.50 29.45
C LEU E 99 17.83 20.94 28.30
N VAL E 100 18.26 22.02 27.65
CA VAL E 100 17.47 22.70 26.63
C VAL E 100 18.21 22.61 25.29
N ILE E 101 17.60 21.98 24.30
CA ILE E 101 18.24 21.77 23.01
C ILE E 101 17.64 22.80 22.06
N ASN E 102 18.47 23.73 21.58
CA ASN E 102 18.02 24.70 20.58
C ASN E 102 18.46 24.27 19.18
N GLU E 103 18.19 25.10 18.18
CA GLU E 103 18.50 24.80 16.78
C GLU E 103 19.96 24.35 16.63
N GLU E 104 20.90 25.06 17.28
CA GLU E 104 22.30 24.73 17.13
C GLU E 104 22.63 23.35 17.71
N ARG E 105 22.17 23.06 18.95
CA ARG E 105 22.58 21.84 19.61
C ARG E 105 22.03 20.59 18.90
N MET E 106 20.99 20.77 18.05
CA MET E 106 20.31 19.66 17.42
C MET E 106 21.15 19.10 16.27
N GLN E 107 22.20 19.85 15.84
CA GLN E 107 22.94 19.52 14.66
C GLN E 107 23.85 18.31 14.86
N LEU E 108 23.85 17.73 16.04
CA LEU E 108 24.53 16.47 16.28
C LEU E 108 24.01 15.34 15.40
N PRO E 109 24.91 14.40 14.99
CA PRO E 109 24.48 13.23 14.20
C PRO E 109 23.38 12.46 14.93
N TYR E 110 22.37 12.06 14.18
CA TYR E 110 21.24 11.24 14.66
C TYR E 110 20.20 12.08 15.40
N MET E 111 20.61 13.20 16.00
CA MET E 111 19.73 14.03 16.79
C MET E 111 18.81 14.82 15.85
N TYR E 112 19.34 15.34 14.72
CA TYR E 112 18.62 16.33 13.95
C TYR E 112 17.23 15.85 13.56
N ASP E 113 17.15 14.63 13.02
CA ASP E 113 15.89 14.14 12.50
C ASP E 113 14.88 13.99 13.61
N GLN E 114 15.29 13.33 14.71
CA GLN E 114 14.37 13.06 15.79
C GLN E 114 13.88 14.38 16.39
N CYS E 115 14.76 15.39 16.51
CA CYS E 115 14.36 16.63 17.14
C CYS E 115 13.41 17.44 16.26
N GLN E 116 13.56 17.33 14.94
CA GLN E 116 12.68 18.01 13.99
C GLN E 116 11.24 17.52 14.23
N GLN E 117 11.10 16.19 14.41
CA GLN E 117 9.84 15.54 14.70
C GLN E 117 9.22 16.10 15.98
N MET E 118 9.99 16.20 17.07
CA MET E 118 9.45 16.58 18.36
C MET E 118 9.07 18.06 18.38
N LEU E 119 9.69 18.85 17.52
CA LEU E 119 9.36 20.26 17.41
C LEU E 119 8.00 20.46 16.75
N LYS E 120 7.57 19.50 15.91
CA LYS E 120 6.28 19.58 15.24
C LYS E 120 5.19 19.66 16.30
N ILE E 121 5.25 18.76 17.27
CA ILE E 121 4.31 18.73 18.39
C ILE E 121 4.30 20.09 19.08
N SER E 122 5.48 20.66 19.29
CA SER E 122 5.55 21.90 20.02
C SER E 122 4.78 22.99 19.27
N SER E 123 4.97 23.07 17.95
CA SER E 123 4.41 24.19 17.20
C SER E 123 2.90 24.04 17.05
N GLU E 124 2.41 22.80 17.16
CA GLU E 124 0.96 22.56 17.23
C GLU E 124 0.37 23.31 18.42
N PHE E 125 0.97 23.14 19.61
CA PHE E 125 0.52 23.90 20.77
C PHE E 125 0.57 25.39 20.47
N VAL E 126 1.58 25.85 19.72
CA VAL E 126 1.75 27.27 19.45
C VAL E 126 0.62 27.74 18.54
N ARG E 127 0.38 26.98 17.46
CA ARG E 127 -0.65 27.32 16.48
C ARG E 127 -2.02 27.45 17.16
N LEU E 128 -2.39 26.44 17.96
CA LEU E 128 -3.73 26.34 18.54
C LEU E 128 -3.84 27.11 19.85
N GLN E 129 -2.75 27.69 20.35
CA GLN E 129 -2.73 28.37 21.64
C GLN E 129 -3.43 27.55 22.72
N VAL E 130 -3.00 26.29 22.92
CA VAL E 130 -3.58 25.40 23.92
C VAL E 130 -3.40 25.96 25.33
N SER E 131 -4.41 25.75 26.16
CA SER E 131 -4.41 26.19 27.55
C SER E 131 -4.02 25.02 28.44
N TYR E 132 -3.65 25.36 29.69
CA TYR E 132 -3.16 24.35 30.62
C TYR E 132 -4.22 23.27 30.83
N ASP E 133 -5.48 23.69 31.05
CA ASP E 133 -6.54 22.75 31.35
C ASP E 133 -6.79 21.85 30.15
N GLU E 134 -6.79 22.44 28.94
CA GLU E 134 -6.95 21.67 27.73
C GLU E 134 -5.85 20.60 27.66
N TYR E 135 -4.60 21.03 27.93
CA TYR E 135 -3.45 20.17 27.89
C TYR E 135 -3.62 18.99 28.86
N LEU E 136 -4.08 19.28 30.08
CA LEU E 136 -4.13 18.26 31.12
C LEU E 136 -5.09 17.14 30.74
N CYS E 137 -6.18 17.53 30.07
CA CYS E 137 -7.24 16.61 29.70
C CYS E 137 -6.81 15.77 28.50
N MET E 138 -6.28 16.46 27.49
CA MET E 138 -5.74 15.78 26.32
C MET E 138 -4.72 14.74 26.76
N LYS E 139 -3.91 15.08 27.76
CA LYS E 139 -2.86 14.16 28.18
C LYS E 139 -3.50 12.87 28.68
N VAL E 140 -4.61 12.99 29.42
CA VAL E 140 -5.26 11.80 29.95
C VAL E 140 -5.78 10.96 28.79
N LEU E 141 -6.35 11.66 27.80
CA LEU E 141 -6.90 10.97 26.64
C LEU E 141 -5.83 10.16 25.92
N LEU E 142 -4.59 10.67 25.88
CA LEU E 142 -3.52 9.96 25.20
C LEU E 142 -3.25 8.61 25.88
N LEU E 143 -3.38 8.58 27.21
CA LEU E 143 -3.18 7.35 27.96
C LEU E 143 -4.22 6.31 27.50
N LEU E 144 -5.38 6.82 27.07
CA LEU E 144 -6.53 5.99 26.73
C LEU E 144 -6.76 5.99 25.21
N SER E 145 -5.69 6.03 24.42
CA SER E 145 -5.91 6.27 23.00
C SER E 145 -5.31 5.15 22.15
N THR E 146 -4.74 4.13 22.80
CA THR E 146 -4.13 3.04 22.08
C THR E 146 -4.45 1.75 22.83
N VAL E 147 -5.13 0.83 22.14
CA VAL E 147 -5.63 -0.39 22.75
C VAL E 147 -5.16 -1.57 21.90
N PRO E 148 -5.17 -2.80 22.45
CA PRO E 148 -4.77 -4.00 21.69
C PRO E 148 -5.87 -4.28 20.68
N LYS E 149 -5.58 -5.05 19.63
CA LYS E 149 -6.44 -5.12 18.46
C LYS E 149 -7.76 -5.82 18.83
N ASP E 150 -7.69 -6.72 19.82
CA ASP E 150 -8.83 -7.49 20.25
C ASP E 150 -9.29 -7.06 21.64
N GLY E 151 -9.19 -5.75 21.94
CA GLY E 151 -9.80 -5.13 23.11
C GLY E 151 -9.15 -5.50 24.45
N LEU E 152 -9.86 -5.12 25.52
CA LEU E 152 -9.31 -5.13 26.87
C LEU E 152 -10.13 -6.04 27.77
N LYS E 153 -9.50 -6.51 28.86
CA LYS E 153 -10.13 -7.39 29.84
C LYS E 153 -11.31 -6.72 30.54
N SER E 154 -11.40 -5.38 30.54
CA SER E 154 -12.52 -4.71 31.19
C SER E 154 -12.94 -3.50 30.37
N GLN E 155 -13.37 -3.79 29.14
CA GLN E 155 -13.84 -2.81 28.18
C GLN E 155 -14.96 -1.96 28.79
N ALA E 156 -15.76 -2.60 29.65
CA ALA E 156 -16.81 -1.94 30.42
C ALA E 156 -16.31 -0.60 30.95
N VAL E 157 -15.35 -0.70 31.88
CA VAL E 157 -14.85 0.40 32.69
C VAL E 157 -14.08 1.38 31.80
N PHE E 158 -13.27 0.84 30.90
CA PHE E 158 -12.48 1.64 29.98
C PHE E 158 -13.36 2.68 29.30
N ASP E 159 -14.48 2.22 28.72
CA ASP E 159 -15.30 3.10 27.89
C ASP E 159 -15.88 4.23 28.73
N GLU E 160 -16.18 3.93 30.00
CA GLU E 160 -16.73 4.93 30.90
C GLU E 160 -15.68 6.01 31.20
N ILE E 161 -14.47 5.56 31.60
CA ILE E 161 -13.35 6.44 31.87
C ILE E 161 -13.12 7.37 30.66
N ARG E 162 -12.97 6.75 29.48
CA ARG E 162 -12.68 7.50 28.27
C ARG E 162 -13.71 8.61 28.08
N MET E 163 -14.97 8.30 28.41
CA MET E 163 -16.08 9.22 28.17
C MET E 163 -16.00 10.38 29.16
N THR E 164 -15.70 10.06 30.43
CA THR E 164 -15.55 11.08 31.46
C THR E 164 -14.54 12.13 31.04
N TYR E 165 -13.36 11.67 30.56
CA TYR E 165 -12.30 12.61 30.22
C TYR E 165 -12.61 13.37 28.93
N ILE E 166 -13.34 12.76 27.99
CA ILE E 166 -13.79 13.51 26.83
C ILE E 166 -14.70 14.66 27.28
N LYS E 167 -15.62 14.35 28.20
CA LYS E 167 -16.52 15.36 28.74
C LYS E 167 -15.69 16.48 29.37
N GLU E 168 -14.64 16.06 30.08
CA GLU E 168 -13.77 16.96 30.83
C GLU E 168 -13.05 17.92 29.88
N LEU E 169 -12.52 17.37 28.78
CA LEU E 169 -11.91 18.21 27.77
C LEU E 169 -12.93 19.25 27.32
N GLY E 170 -14.20 18.82 27.18
CA GLY E 170 -15.30 19.71 26.86
C GLY E 170 -15.37 20.92 27.79
N LYS E 171 -15.46 20.63 29.11
CA LYS E 171 -15.57 21.69 30.10
C LYS E 171 -14.40 22.64 29.97
N ALA E 172 -13.20 22.09 29.73
CA ALA E 172 -11.98 22.86 29.66
C ALA E 172 -12.06 23.84 28.49
N ILE E 173 -12.60 23.39 27.35
CA ILE E 173 -12.74 24.27 26.19
C ILE E 173 -13.72 25.40 26.50
N VAL E 174 -14.86 25.04 27.10
CA VAL E 174 -15.92 25.98 27.44
C VAL E 174 -15.37 27.05 28.37
N LYS E 175 -14.61 26.63 29.39
CA LYS E 175 -14.05 27.50 30.40
C LYS E 175 -13.15 28.57 29.76
N ARG E 176 -12.61 28.28 28.57
CA ARG E 176 -11.71 29.21 27.90
C ARG E 176 -12.47 30.33 27.19
N GLU E 177 -13.80 30.19 26.99
CA GLU E 177 -14.69 31.32 26.74
C GLU E 177 -15.62 31.51 27.97
N GLN E 182 -17.92 28.40 18.10
CA GLN E 182 -16.43 28.30 18.02
C GLN E 182 -15.95 27.26 19.01
N ASN E 183 -16.77 27.02 20.04
CA ASN E 183 -16.63 25.91 20.98
C ASN E 183 -16.51 24.59 20.21
N TRP E 184 -17.33 24.41 19.20
CA TRP E 184 -17.42 23.10 18.59
C TRP E 184 -16.26 22.91 17.60
N GLN E 185 -15.87 24.03 16.99
CA GLN E 185 -14.79 24.03 16.04
C GLN E 185 -13.50 23.67 16.75
N ARG E 186 -13.32 24.24 17.94
CA ARG E 186 -12.17 23.98 18.79
C ARG E 186 -12.12 22.51 19.16
N PHE E 187 -13.26 21.97 19.63
CA PHE E 187 -13.31 20.58 20.03
C PHE E 187 -12.83 19.69 18.87
N TYR E 188 -13.12 20.12 17.64
CA TYR E 188 -12.74 19.34 16.47
C TYR E 188 -11.23 19.37 16.30
N GLN E 189 -10.70 20.60 16.34
CA GLN E 189 -9.28 20.88 16.21
C GLN E 189 -8.47 20.10 17.23
N LEU E 190 -8.90 20.11 18.50
CA LEU E 190 -8.14 19.44 19.56
C LEU E 190 -8.25 17.93 19.41
N THR E 191 -9.39 17.43 18.92
CA THR E 191 -9.52 16.00 18.72
C THR E 191 -8.75 15.59 17.46
N LYS E 192 -8.66 16.51 16.49
CA LYS E 192 -7.85 16.27 15.30
C LYS E 192 -6.38 16.13 15.70
N LEU E 193 -5.92 16.99 16.62
CA LEU E 193 -4.58 16.98 17.15
C LEU E 193 -4.30 15.66 17.85
N LEU E 194 -5.21 15.23 18.72
CA LEU E 194 -5.03 13.96 19.41
C LEU E 194 -4.86 12.83 18.39
N ASP E 195 -5.54 12.97 17.27
CA ASP E 195 -5.53 11.92 16.26
C ASP E 195 -4.17 11.91 15.58
N SER E 196 -3.70 13.10 15.21
CA SER E 196 -2.44 13.24 14.48
C SER E 196 -1.26 12.81 15.35
N MET E 197 -1.47 12.70 16.66
CA MET E 197 -0.41 12.25 17.57
C MET E 197 0.01 10.82 17.28
N HIS E 198 -0.88 9.96 16.78
CA HIS E 198 -0.50 8.56 16.54
C HIS E 198 0.59 8.48 15.49
N GLU E 199 0.50 9.29 14.45
CA GLU E 199 1.49 9.33 13.39
C GLU E 199 2.81 9.89 13.94
N MET E 200 2.77 11.08 14.57
CA MET E 200 3.96 11.75 15.09
C MET E 200 4.72 10.84 16.05
N VAL E 201 3.98 10.25 17.00
CA VAL E 201 4.58 9.39 18.01
C VAL E 201 5.11 8.13 17.35
N GLY E 202 4.40 7.60 16.35
CA GLY E 202 4.84 6.42 15.62
C GLY E 202 6.26 6.60 15.09
N GLY E 203 6.53 7.81 14.57
CA GLY E 203 7.87 8.21 14.14
C GLY E 203 8.89 8.03 15.25
N LEU E 204 8.64 8.67 16.40
CA LEU E 204 9.51 8.59 17.56
C LEU E 204 9.67 7.13 17.98
N LEU E 205 8.58 6.38 18.00
CA LEU E 205 8.62 5.00 18.46
C LEU E 205 9.60 4.21 17.58
N GLN E 206 9.64 4.57 16.29
CA GLN E 206 10.50 3.88 15.35
C GLN E 206 11.96 4.18 15.65
N PHE E 207 12.31 5.44 15.87
CA PHE E 207 13.67 5.81 16.22
C PHE E 207 14.08 5.12 17.51
N CYS E 208 13.15 5.03 18.45
CA CYS E 208 13.41 4.42 19.74
C CYS E 208 13.79 2.96 19.56
N PHE E 209 12.97 2.23 18.79
CA PHE E 209 13.23 0.82 18.52
C PHE E 209 14.56 0.65 17.79
N TYR E 210 14.82 1.54 16.83
CA TYR E 210 16.06 1.53 16.05
C TYR E 210 17.24 1.66 17.00
N THR E 211 17.28 2.69 17.86
CA THR E 211 18.45 2.93 18.70
C THR E 211 18.55 1.83 19.77
N PHE E 212 17.43 1.16 20.06
CA PHE E 212 17.48 0.10 21.05
C PHE E 212 18.10 -1.18 20.49
N VAL E 213 17.79 -1.47 19.23
CA VAL E 213 18.16 -2.72 18.57
C VAL E 213 19.60 -2.63 18.04
N ASN E 214 19.96 -1.46 17.50
CA ASN E 214 21.17 -1.25 16.71
C ASN E 214 22.35 -0.98 17.66
N LYS E 215 23.00 -2.08 18.08
CA LYS E 215 24.06 -2.10 19.08
C LYS E 215 25.23 -1.17 18.74
N SER E 216 25.47 -0.91 17.47
CA SER E 216 26.66 -0.15 17.07
C SER E 216 26.60 1.32 17.50
N LEU E 217 25.39 1.83 17.78
CA LEU E 217 25.20 3.22 18.16
C LEU E 217 25.54 3.40 19.63
N SER E 218 25.59 2.29 20.40
CA SER E 218 26.02 2.29 21.79
C SER E 218 25.13 3.14 22.69
N VAL E 219 23.83 3.27 22.35
CA VAL E 219 22.93 4.08 23.15
C VAL E 219 22.46 3.25 24.34
N GLU E 220 22.53 3.81 25.56
CA GLU E 220 22.14 3.09 26.76
C GLU E 220 20.69 3.40 27.11
N PHE E 221 20.05 2.44 27.78
CA PHE E 221 18.65 2.53 28.20
C PHE E 221 18.55 2.12 29.66
N PRO E 222 17.83 2.86 30.52
CA PRO E 222 17.66 2.41 31.92
C PRO E 222 16.73 1.20 31.95
N GLU E 223 16.86 0.37 33.00
CA GLU E 223 16.18 -0.92 33.07
C GLU E 223 14.68 -0.77 32.84
N MET E 224 14.06 0.20 33.51
CA MET E 224 12.63 0.47 33.39
C MET E 224 12.21 0.46 31.93
N LEU E 225 12.86 1.31 31.10
CA LEU E 225 12.49 1.47 29.71
C LEU E 225 12.87 0.24 28.88
N ALA E 226 14.04 -0.34 29.17
CA ALA E 226 14.53 -1.49 28.41
C ALA E 226 13.51 -2.63 28.51
N GLU E 227 13.11 -2.98 29.73
CA GLU E 227 12.09 -3.99 29.97
C GLU E 227 10.84 -3.68 29.14
N ILE E 228 10.35 -2.43 29.21
CA ILE E 228 9.13 -2.08 28.50
C ILE E 228 9.35 -2.19 27.00
N ILE E 229 10.43 -1.59 26.48
CA ILE E 229 10.63 -1.54 25.04
C ILE E 229 10.74 -2.97 24.50
N SER E 230 11.50 -3.84 25.16
CA SER E 230 11.78 -5.13 24.57
C SER E 230 10.53 -6.00 24.55
N ASN E 231 9.61 -5.77 25.49
CA ASN E 231 8.35 -6.47 25.49
C ASN E 231 7.41 -5.90 24.43
N GLN E 232 7.52 -4.59 24.18
CA GLN E 232 6.56 -3.89 23.35
C GLN E 232 6.98 -4.01 21.88
N LEU E 233 8.22 -4.47 21.65
CA LEU E 233 8.84 -4.43 20.34
C LEU E 233 8.21 -5.44 19.38
N PRO E 234 8.19 -6.76 19.70
CA PRO E 234 7.47 -7.74 18.88
C PRO E 234 6.00 -7.40 18.61
N LYS E 235 5.31 -6.81 19.60
CA LYS E 235 3.90 -6.47 19.46
C LYS E 235 3.70 -5.39 18.39
N PHE E 236 4.70 -4.53 18.17
CA PHE E 236 4.56 -3.43 17.23
C PHE E 236 5.01 -3.90 15.84
N LYS E 237 5.99 -4.82 15.79
CA LYS E 237 6.40 -5.42 14.52
C LYS E 237 5.28 -6.26 13.92
N ALA E 238 4.45 -6.87 14.77
CA ALA E 238 3.38 -7.75 14.34
C ALA E 238 2.06 -6.98 14.11
N GLY E 239 2.14 -5.64 14.14
CA GLY E 239 0.99 -4.75 13.96
C GLY E 239 -0.30 -5.19 14.67
N SER E 240 -0.19 -5.57 15.95
CA SER E 240 -1.31 -6.09 16.73
C SER E 240 -1.91 -5.00 17.62
N VAL E 241 -1.74 -3.75 17.20
CA VAL E 241 -2.00 -2.57 17.98
C VAL E 241 -2.96 -1.67 17.21
N LYS E 242 -3.96 -1.13 17.90
CA LYS E 242 -5.04 -0.39 17.27
C LYS E 242 -5.14 1.01 17.88
N PRO E 243 -4.89 2.09 17.12
CA PRO E 243 -5.24 3.45 17.55
C PRO E 243 -6.75 3.67 17.65
N LEU E 244 -7.20 4.39 18.67
CA LEU E 244 -8.58 4.85 18.76
C LEU E 244 -8.65 6.29 18.23
N LEU E 245 -9.28 6.46 17.07
CA LEU E 245 -9.38 7.78 16.48
C LEU E 245 -10.72 8.43 16.86
N PHE E 246 -10.79 9.75 16.74
CA PHE E 246 -12.00 10.51 16.92
C PHE E 246 -12.62 10.79 15.54
N HIS E 247 -11.85 10.60 14.46
CA HIS E 247 -12.22 11.05 13.13
C HIS E 247 -11.81 10.03 12.07
N GLN E 248 -11.73 10.54 10.82
CA GLN E 248 -11.67 9.74 9.61
C GLN E 248 -10.41 10.04 8.80
N PHE F 1 12.66 -10.57 39.01
CA PHE F 1 12.20 -9.82 40.20
C PHE F 1 13.20 -8.72 40.56
N PRO F 2 12.75 -7.44 40.74
CA PRO F 2 13.60 -6.39 41.30
C PRO F 2 13.53 -6.33 42.83
N THR F 3 14.66 -6.00 43.47
CA THR F 3 14.77 -6.01 44.92
C THR F 3 13.92 -4.90 45.52
N LEU F 4 13.55 -5.05 46.80
CA LEU F 4 12.69 -4.10 47.47
C LEU F 4 13.43 -2.76 47.64
N ILE F 5 14.72 -2.82 47.98
CA ILE F 5 15.48 -1.58 48.14
C ILE F 5 15.51 -0.82 46.81
N SER F 6 15.64 -1.54 45.68
CA SER F 6 15.75 -0.82 44.42
C SER F 6 14.42 -0.17 44.05
N LEU F 7 13.29 -0.77 44.46
CA LEU F 7 11.99 -0.16 44.25
C LEU F 7 11.87 1.13 45.06
N LEU F 8 12.39 1.10 46.30
CA LEU F 8 12.28 2.25 47.17
C LEU F 8 13.01 3.43 46.53
N GLU F 9 14.15 3.12 45.87
CA GLU F 9 14.96 4.10 45.18
C GLU F 9 14.21 4.68 44.00
N VAL F 10 13.50 3.83 43.23
CA VAL F 10 12.92 4.33 42.00
C VAL F 10 11.69 5.17 42.32
N ILE F 11 11.01 4.91 43.44
CA ILE F 11 9.73 5.56 43.66
C ILE F 11 9.90 6.84 44.49
N GLU F 12 11.10 7.04 45.06
CA GLU F 12 11.37 8.21 45.87
C GLU F 12 11.03 9.48 45.08
N PRO F 13 10.21 10.39 45.64
CA PRO F 13 9.83 11.61 44.93
C PRO F 13 11.02 12.53 44.66
N GLU F 14 10.98 13.17 43.50
CA GLU F 14 12.03 14.11 43.11
C GLU F 14 11.83 15.40 43.88
N VAL F 15 12.93 16.07 44.25
CA VAL F 15 12.90 17.33 44.99
C VAL F 15 12.09 18.39 44.26
N LEU F 16 11.14 19.03 44.95
CA LEU F 16 10.35 20.12 44.37
C LEU F 16 11.06 21.47 44.54
N TYR F 17 10.83 22.38 43.58
CA TYR F 17 11.19 23.79 43.69
C TYR F 17 10.03 24.57 44.31
N SER F 18 10.32 25.66 45.01
CA SER F 18 9.25 26.39 45.68
C SER F 18 8.72 27.49 44.79
N GLY F 19 9.56 27.97 43.87
CA GLY F 19 9.24 29.15 43.06
C GLY F 19 9.17 30.43 43.88
N TYR F 20 9.77 30.42 45.08
CA TYR F 20 9.87 31.59 45.92
C TYR F 20 10.52 32.74 45.13
N ASP F 21 10.01 33.95 45.33
CA ASP F 21 10.54 35.13 44.68
C ASP F 21 11.54 35.83 45.61
N SER F 22 12.84 35.66 45.37
CA SER F 22 13.87 36.21 46.25
C SER F 22 14.07 37.71 46.04
N THR F 23 13.29 38.30 45.10
CA THR F 23 13.38 39.71 44.80
C THR F 23 12.67 40.55 45.85
N LEU F 24 11.52 40.06 46.35
CA LEU F 24 10.71 40.75 47.33
C LEU F 24 11.25 40.45 48.73
N PRO F 25 11.20 41.43 49.66
CA PRO F 25 11.79 41.25 50.99
C PRO F 25 11.07 40.19 51.82
N ASP F 26 11.81 39.56 52.74
CA ASP F 26 11.30 38.38 53.45
C ASP F 26 10.48 38.87 54.63
N THR F 27 9.31 38.27 54.87
CA THR F 27 8.61 38.47 56.13
C THR F 27 8.24 37.11 56.71
N SER F 28 8.06 37.04 58.03
CA SER F 28 7.62 35.83 58.70
C SER F 28 6.37 35.23 58.04
N THR F 29 5.32 36.05 57.87
CA THR F 29 4.09 35.56 57.28
C THR F 29 4.35 34.98 55.89
N ARG F 30 5.13 35.71 55.08
CA ARG F 30 5.34 35.33 53.70
C ARG F 30 6.07 34.00 53.66
N LEU F 31 7.12 33.87 54.48
CA LEU F 31 7.97 32.70 54.48
C LEU F 31 7.16 31.48 54.89
N MET F 32 6.43 31.60 56.01
CA MET F 32 5.65 30.50 56.54
C MET F 32 4.59 30.08 55.52
N SER F 33 3.96 31.08 54.88
CA SER F 33 2.98 30.75 53.86
C SER F 33 3.65 30.03 52.69
N THR F 34 4.85 30.43 52.31
CA THR F 34 5.53 29.78 51.19
C THR F 34 5.83 28.34 51.56
N LEU F 35 6.39 28.14 52.77
CA LEU F 35 6.72 26.81 53.23
C LEU F 35 5.46 25.94 53.24
N ASN F 36 4.32 26.49 53.67
CA ASN F 36 3.11 25.69 53.70
C ASN F 36 2.67 25.30 52.29
N ARG F 37 2.76 26.24 51.35
CA ARG F 37 2.32 26.00 49.98
C ARG F 37 3.20 24.89 49.40
N LEU F 38 4.50 24.93 49.72
CA LEU F 38 5.45 23.93 49.28
C LEU F 38 5.13 22.58 49.92
N GLY F 39 4.84 22.60 51.24
CA GLY F 39 4.46 21.40 51.97
C GLY F 39 3.25 20.70 51.35
N GLY F 40 2.24 21.48 50.95
CA GLY F 40 1.07 20.94 50.28
C GLY F 40 1.49 20.06 49.10
N ARG F 41 2.37 20.60 48.25
CA ARG F 41 2.80 19.90 47.06
C ARG F 41 3.65 18.70 47.44
N GLN F 42 4.49 18.85 48.47
CA GLN F 42 5.34 17.76 48.92
C GLN F 42 4.49 16.60 49.43
N VAL F 43 3.37 16.93 50.09
CA VAL F 43 2.48 15.92 50.64
C VAL F 43 1.80 15.15 49.51
N VAL F 44 1.28 15.88 48.51
CA VAL F 44 0.74 15.21 47.34
C VAL F 44 1.76 14.24 46.75
N SER F 45 3.03 14.67 46.68
CA SER F 45 4.07 13.80 46.20
C SER F 45 4.16 12.54 47.07
N ALA F 46 3.99 12.73 48.39
CA ALA F 46 4.17 11.63 49.32
C ALA F 46 3.01 10.64 49.21
N VAL F 47 1.80 11.18 48.94
CA VAL F 47 0.65 10.32 48.75
C VAL F 47 0.90 9.42 47.54
N LYS F 48 1.32 10.03 46.41
CA LYS F 48 1.54 9.24 45.20
C LYS F 48 2.61 8.20 45.48
N TRP F 49 3.56 8.55 46.37
CA TRP F 49 4.65 7.67 46.74
C TRP F 49 4.12 6.48 47.51
N ALA F 50 3.28 6.78 48.52
CA ALA F 50 2.67 5.73 49.34
C ALA F 50 1.91 4.74 48.46
N LYS F 51 1.10 5.25 47.51
CA LYS F 51 0.31 4.35 46.69
C LYS F 51 1.19 3.38 45.89
N ALA F 52 2.48 3.70 45.71
CA ALA F 52 3.34 2.80 44.95
C ALA F 52 4.26 2.03 45.89
N LEU F 53 4.11 2.27 47.19
CA LEU F 53 4.94 1.60 48.17
C LEU F 53 4.52 0.14 48.27
N PRO F 54 5.45 -0.82 48.01
CA PRO F 54 5.16 -2.24 48.14
C PRO F 54 4.60 -2.54 49.53
N GLY F 55 3.41 -3.14 49.54
CA GLY F 55 2.74 -3.50 50.79
C GLY F 55 1.58 -2.55 51.10
N PHE F 56 1.80 -1.26 50.89
CA PHE F 56 0.91 -0.25 51.44
C PHE F 56 -0.51 -0.43 50.93
N ARG F 57 -0.70 -0.84 49.68
CA ARG F 57 -2.03 -0.89 49.08
C ARG F 57 -2.88 -2.02 49.69
N ASN F 58 -2.25 -2.94 50.43
CA ASN F 58 -2.95 -4.03 51.08
C ASN F 58 -3.67 -3.58 52.35
N LEU F 59 -3.30 -2.45 52.95
CA LEU F 59 -3.96 -1.97 54.15
C LEU F 59 -5.38 -1.56 53.80
N HIS F 60 -6.26 -1.54 54.80
CA HIS F 60 -7.61 -1.05 54.57
C HIS F 60 -7.49 0.42 54.16
N LEU F 61 -8.42 0.89 53.33
CA LEU F 61 -8.38 2.26 52.87
C LEU F 61 -8.28 3.22 54.07
N ASP F 62 -8.98 2.89 55.17
CA ASP F 62 -9.07 3.80 56.30
C ASP F 62 -7.77 3.80 57.08
N ASP F 63 -7.01 2.72 56.96
CA ASP F 63 -5.70 2.64 57.61
C ASP F 63 -4.68 3.47 56.83
N GLN F 64 -4.86 3.50 55.52
CA GLN F 64 -4.05 4.30 54.63
C GLN F 64 -4.22 5.77 55.00
N MET F 65 -5.48 6.23 55.02
CA MET F 65 -5.82 7.58 55.43
C MET F 65 -5.20 7.89 56.79
N THR F 66 -5.23 6.91 57.70
CA THR F 66 -4.83 7.19 59.07
C THR F 66 -3.33 7.39 59.13
N LEU F 67 -2.57 6.47 58.51
CA LEU F 67 -1.12 6.52 58.61
C LEU F 67 -0.57 7.77 57.93
N LEU F 68 -1.17 8.18 56.81
CA LEU F 68 -0.71 9.37 56.13
C LEU F 68 -1.03 10.62 56.94
N GLN F 69 -2.24 10.71 57.50
CA GLN F 69 -2.58 11.84 58.35
C GLN F 69 -1.69 11.91 59.58
N TYR F 70 -1.30 10.77 60.14
CA TYR F 70 -0.64 10.80 61.43
C TYR F 70 0.84 11.10 61.22
N SER F 71 1.35 10.92 59.99
CA SER F 71 2.79 10.90 59.86
C SER F 71 3.34 11.87 58.80
N TRP F 72 2.46 12.66 58.15
CA TRP F 72 2.94 13.51 57.07
C TRP F 72 4.05 14.45 57.55
N MET F 73 3.84 15.08 58.69
CA MET F 73 4.87 15.98 59.20
C MET F 73 6.20 15.24 59.41
N SER F 74 6.17 13.97 59.87
CA SER F 74 7.42 13.25 60.09
C SER F 74 8.14 13.05 58.76
N LEU F 75 7.39 12.64 57.74
CA LEU F 75 7.94 12.39 56.43
C LEU F 75 8.60 13.66 55.90
N MET F 76 7.89 14.79 56.01
CA MET F 76 8.40 16.01 55.42
C MET F 76 9.66 16.46 56.16
N ALA F 77 9.63 16.40 57.49
CA ALA F 77 10.74 16.84 58.33
C ALA F 77 11.96 15.96 58.09
N PHE F 78 11.72 14.66 57.90
CA PHE F 78 12.80 13.71 57.72
C PHE F 78 13.50 13.99 56.39
N SER F 79 12.71 14.18 55.32
CA SER F 79 13.28 14.50 54.02
C SER F 79 14.06 15.82 54.07
N LEU F 80 13.51 16.80 54.78
CA LEU F 80 14.20 18.07 54.95
C LEU F 80 15.56 17.80 55.58
N GLY F 81 15.57 17.00 56.66
CA GLY F 81 16.81 16.64 57.32
C GLY F 81 17.80 16.05 56.31
N TRP F 82 17.33 15.14 55.48
CA TRP F 82 18.19 14.46 54.54
C TRP F 82 18.80 15.47 53.56
N ARG F 83 17.93 16.29 52.92
CA ARG F 83 18.38 17.29 51.97
C ARG F 83 19.36 18.23 52.64
N SER F 84 19.10 18.64 53.89
CA SER F 84 19.96 19.59 54.56
C SER F 84 21.34 18.99 54.81
N TYR F 85 21.35 17.70 55.16
CA TYR F 85 22.56 16.92 55.39
C TYR F 85 23.34 16.80 54.09
N LYS F 86 22.64 16.48 53.00
CA LYS F 86 23.28 16.22 51.73
C LYS F 86 23.84 17.51 51.13
N GLN F 87 23.14 18.64 51.24
CA GLN F 87 23.51 19.81 50.45
C GLN F 87 24.41 20.77 51.23
N SER F 88 24.39 20.70 52.57
CA SER F 88 25.08 21.72 53.34
C SER F 88 25.66 21.16 54.63
N ASN F 89 25.73 19.82 54.70
CA ASN F 89 26.24 19.12 55.86
C ASN F 89 25.58 19.63 57.14
N GLY F 90 24.28 19.91 57.08
CA GLY F 90 23.51 20.21 58.26
C GLY F 90 23.63 21.66 58.73
N ASN F 91 24.28 22.52 57.93
CA ASN F 91 24.49 23.91 58.30
C ASN F 91 23.29 24.80 58.00
N MET F 92 22.58 24.53 56.90
CA MET F 92 21.41 25.30 56.55
C MET F 92 20.24 24.36 56.32
N LEU F 93 19.01 24.89 56.40
CA LEU F 93 17.83 24.13 56.03
C LEU F 93 17.57 24.28 54.53
N CYS F 94 17.73 23.18 53.77
CA CYS F 94 17.50 23.21 52.33
C CYS F 94 16.08 22.74 52.02
N PHE F 95 15.11 23.63 52.21
CA PHE F 95 13.72 23.29 51.96
C PHE F 95 13.54 22.90 50.50
N ALA F 96 14.09 23.74 49.62
CA ALA F 96 14.13 23.49 48.19
C ALA F 96 15.44 24.03 47.66
N PRO F 97 15.88 23.63 46.45
CA PRO F 97 17.12 24.16 45.87
C PRO F 97 17.05 25.68 45.73
N ASP F 98 15.84 26.22 45.61
CA ASP F 98 15.63 27.66 45.42
C ASP F 98 15.12 28.30 46.71
N LEU F 99 15.24 27.60 47.84
CA LEU F 99 14.74 28.16 49.11
C LEU F 99 15.52 27.55 50.28
N VAL F 100 16.64 28.21 50.61
CA VAL F 100 17.58 27.76 51.62
C VAL F 100 17.60 28.78 52.75
N ILE F 101 17.28 28.35 53.96
CA ILE F 101 17.28 29.22 55.12
C ILE F 101 18.59 29.01 55.88
N ASN F 102 19.43 30.07 55.90
CA ASN F 102 20.71 30.01 56.60
C ASN F 102 20.58 30.71 57.95
N GLU F 103 21.71 30.84 58.66
CA GLU F 103 21.78 31.42 59.99
C GLU F 103 21.07 32.78 60.01
N GLU F 104 21.36 33.63 59.00
CA GLU F 104 20.81 34.96 58.97
C GLU F 104 19.30 34.95 58.82
N ARG F 105 18.77 34.16 57.87
CA ARG F 105 17.34 34.23 57.59
C ARG F 105 16.50 33.71 58.74
N MET F 106 17.11 32.97 59.67
CA MET F 106 16.40 32.34 60.79
C MET F 106 16.04 33.39 61.85
N GLN F 107 16.66 34.57 61.76
CA GLN F 107 16.52 35.60 62.79
C GLN F 107 15.20 36.33 62.62
N LEU F 108 14.40 35.96 61.61
CA LEU F 108 13.07 36.51 61.46
C LEU F 108 12.19 36.15 62.66
N PRO F 109 11.22 37.02 63.02
CA PRO F 109 10.29 36.73 64.11
C PRO F 109 9.62 35.37 63.94
N TYR F 110 9.59 34.59 65.02
CA TYR F 110 8.92 33.29 65.08
C TYR F 110 9.73 32.16 64.46
N MET F 111 10.64 32.51 63.54
CA MET F 111 11.36 31.51 62.77
C MET F 111 12.40 30.77 63.63
N TYR F 112 13.10 31.49 64.50
CA TYR F 112 14.30 30.95 65.12
C TYR F 112 14.04 29.62 65.83
N ASP F 113 12.98 29.59 66.65
CA ASP F 113 12.72 28.41 67.46
C ASP F 113 12.39 27.21 66.57
N GLN F 114 11.46 27.42 65.62
CA GLN F 114 11.05 26.31 64.78
C GLN F 114 12.23 25.79 63.96
N CYS F 115 13.10 26.68 63.48
CA CYS F 115 14.22 26.26 62.64
C CYS F 115 15.25 25.47 63.45
N GLN F 116 15.43 25.83 64.71
CA GLN F 116 16.37 25.16 65.60
C GLN F 116 15.97 23.69 65.73
N GLN F 117 14.67 23.46 65.87
CA GLN F 117 14.07 22.13 65.94
C GLN F 117 14.41 21.32 64.69
N MET F 118 14.20 21.88 63.50
CA MET F 118 14.36 21.13 62.25
C MET F 118 15.83 20.83 61.98
N LEU F 119 16.72 21.67 62.52
CA LEU F 119 18.15 21.46 62.35
C LEU F 119 18.63 20.28 63.17
N LYS F 120 17.93 19.97 64.29
CA LYS F 120 18.31 18.86 65.14
C LYS F 120 18.30 17.58 64.31
N ILE F 121 17.21 17.37 63.56
CA ILE F 121 17.08 16.22 62.70
C ILE F 121 18.26 16.17 61.73
N SER F 122 18.61 17.32 61.17
CA SER F 122 19.65 17.34 60.17
C SER F 122 20.96 16.83 60.78
N SER F 123 21.29 17.30 61.98
CA SER F 123 22.61 17.02 62.54
C SER F 123 22.70 15.57 63.01
N GLU F 124 21.54 14.95 63.29
CA GLU F 124 21.49 13.53 63.55
C GLU F 124 22.04 12.75 62.34
N PHE F 125 21.54 13.07 61.14
CA PHE F 125 22.09 12.43 59.95
C PHE F 125 23.60 12.66 59.88
N VAL F 126 24.06 13.86 60.29
CA VAL F 126 25.47 14.19 60.18
C VAL F 126 26.28 13.33 61.15
N ARG F 127 25.80 13.27 62.40
CA ARG F 127 26.47 12.52 63.46
C ARG F 127 26.63 11.06 63.04
N LEU F 128 25.54 10.43 62.60
CA LEU F 128 25.50 8.99 62.34
C LEU F 128 25.98 8.65 60.94
N GLN F 129 26.28 9.65 60.11
CA GLN F 129 26.66 9.44 58.72
C GLN F 129 25.72 8.44 58.02
N VAL F 130 24.41 8.71 58.06
CA VAL F 130 23.40 7.85 57.47
C VAL F 130 23.61 7.75 55.95
N SER F 131 23.34 6.56 55.42
CA SER F 131 23.45 6.28 54.00
C SER F 131 22.07 6.39 53.35
N TYR F 132 22.06 6.51 52.01
CA TYR F 132 20.83 6.68 51.28
C TYR F 132 19.86 5.53 51.55
N ASP F 133 20.37 4.30 51.51
CA ASP F 133 19.52 3.13 51.68
C ASP F 133 18.95 3.09 53.10
N GLU F 134 19.79 3.41 54.08
CA GLU F 134 19.34 3.49 55.46
C GLU F 134 18.18 4.49 55.55
N TYR F 135 18.39 5.66 54.94
CA TYR F 135 17.42 6.75 54.95
C TYR F 135 16.10 6.28 54.35
N LEU F 136 16.16 5.57 53.21
CA LEU F 136 14.96 5.22 52.48
C LEU F 136 14.08 4.30 53.30
N CYS F 137 14.73 3.42 54.08
CA CYS F 137 14.02 2.41 54.87
C CYS F 137 13.43 3.05 56.11
N MET F 138 14.26 3.85 56.81
CA MET F 138 13.80 4.59 57.96
C MET F 138 12.57 5.42 57.57
N LYS F 139 12.59 6.00 56.37
CA LYS F 139 11.50 6.88 55.97
C LYS F 139 10.21 6.06 55.93
N VAL F 140 10.28 4.82 55.42
CA VAL F 140 9.10 3.97 55.32
C VAL F 140 8.59 3.69 56.73
N LEU F 141 9.55 3.40 57.63
CA LEU F 141 9.20 3.10 59.01
C LEU F 141 8.44 4.26 59.65
N LEU F 142 8.80 5.49 59.32
CA LEU F 142 8.11 6.65 59.88
C LEU F 142 6.65 6.67 59.49
N LEU F 143 6.35 6.24 58.27
CA LEU F 143 4.98 6.18 57.80
C LEU F 143 4.19 5.21 58.68
N LEU F 144 4.90 4.20 59.20
CA LEU F 144 4.31 3.11 59.95
C LEU F 144 4.65 3.22 61.45
N SER F 145 4.76 4.44 61.98
CA SER F 145 5.31 4.54 63.32
C SER F 145 4.35 5.29 64.24
N THR F 146 3.18 5.67 63.72
CA THR F 146 2.18 6.35 64.53
C THR F 146 0.82 5.77 64.18
N VAL F 147 0.20 5.17 65.20
CA VAL F 147 -1.05 4.46 65.02
C VAL F 147 -2.05 5.00 66.03
N PRO F 148 -3.37 4.79 65.80
CA PRO F 148 -4.40 5.24 66.74
C PRO F 148 -4.29 4.35 67.99
N LYS F 149 -4.82 4.83 69.13
CA LYS F 149 -4.54 4.17 70.40
C LYS F 149 -5.22 2.81 70.46
N ASP F 150 -6.30 2.66 69.71
CA ASP F 150 -7.09 1.45 69.68
C ASP F 150 -6.93 0.72 68.34
N GLY F 151 -5.72 0.81 67.74
CA GLY F 151 -5.34 -0.02 66.61
C GLY F 151 -6.04 0.31 65.28
N LEU F 152 -5.82 -0.59 64.31
CA LEU F 152 -6.18 -0.35 62.92
C LEU F 152 -7.16 -1.41 62.44
N LYS F 153 -7.93 -1.07 61.39
CA LYS F 153 -8.90 -1.98 60.79
C LYS F 153 -8.26 -3.24 60.20
N SER F 154 -6.95 -3.23 59.92
CA SER F 154 -6.30 -4.42 59.39
C SER F 154 -4.91 -4.58 59.99
N GLN F 155 -4.91 -4.75 61.32
CA GLN F 155 -3.72 -4.93 62.13
C GLN F 155 -2.91 -6.11 61.61
N ALA F 156 -3.62 -7.11 61.08
CA ALA F 156 -3.01 -8.27 60.43
C ALA F 156 -1.86 -7.83 59.53
N VAL F 157 -2.25 -7.10 58.46
CA VAL F 157 -1.40 -6.72 57.34
C VAL F 157 -0.35 -5.72 57.83
N PHE F 158 -0.79 -4.75 58.64
CA PHE F 158 0.08 -3.73 59.17
C PHE F 158 1.32 -4.36 59.77
N ASP F 159 1.13 -5.34 60.66
CA ASP F 159 2.23 -5.88 61.44
C ASP F 159 3.24 -6.57 60.50
N GLU F 160 2.72 -7.17 59.42
CA GLU F 160 3.58 -7.85 58.47
C GLU F 160 4.43 -6.84 57.70
N ILE F 161 3.78 -5.79 57.16
CA ILE F 161 4.45 -4.69 56.48
C ILE F 161 5.57 -4.14 57.37
N ARG F 162 5.21 -3.76 58.60
CA ARG F 162 6.15 -3.14 59.52
C ARG F 162 7.38 -4.04 59.67
N MET F 163 7.16 -5.37 59.70
CA MET F 163 8.23 -6.31 59.92
C MET F 163 9.13 -6.39 58.70
N THR F 164 8.52 -6.39 57.51
CA THR F 164 9.26 -6.44 56.25
C THR F 164 10.26 -5.28 56.20
N TYR F 165 9.78 -4.06 56.51
CA TYR F 165 10.63 -2.89 56.40
C TYR F 165 11.69 -2.82 57.50
N ILE F 166 11.38 -3.37 58.69
CA ILE F 166 12.42 -3.49 59.70
C ILE F 166 13.54 -4.40 59.19
N LYS F 167 13.15 -5.51 58.58
CA LYS F 167 14.12 -6.46 58.03
C LYS F 167 14.94 -5.73 56.97
N GLU F 168 14.27 -4.89 56.18
CA GLU F 168 14.88 -4.17 55.08
C GLU F 168 15.94 -3.20 55.60
N LEU F 169 15.59 -2.46 56.67
CA LEU F 169 16.57 -1.59 57.30
C LEU F 169 17.79 -2.42 57.68
N GLY F 170 17.54 -3.65 58.18
CA GLY F 170 18.58 -4.60 58.50
C GLY F 170 19.54 -4.83 57.33
N LYS F 171 18.98 -5.22 56.18
CA LYS F 171 19.79 -5.50 54.99
C LYS F 171 20.63 -4.27 54.65
N ALA F 172 20.03 -3.09 54.77
CA ALA F 172 20.68 -1.84 54.41
C ALA F 172 21.91 -1.63 55.30
N ILE F 173 21.77 -1.93 56.60
CA ILE F 173 22.88 -1.77 57.53
C ILE F 173 24.00 -2.75 57.17
N VAL F 174 23.63 -4.01 56.90
CA VAL F 174 24.56 -5.07 56.58
C VAL F 174 25.35 -4.70 55.32
N LYS F 175 24.63 -4.20 54.31
CA LYS F 175 25.22 -3.84 53.02
C LYS F 175 26.29 -2.77 53.19
N ARG F 176 26.23 -2.00 54.29
CA ARG F 176 27.19 -0.92 54.52
C ARG F 176 28.50 -1.47 55.09
N GLU F 177 28.45 -2.67 55.67
CA GLU F 177 29.55 -3.61 55.80
C GLU F 177 30.43 -3.44 57.03
N GLY F 178 31.15 -4.51 57.36
CA GLY F 178 31.88 -4.61 58.62
C GLY F 178 31.21 -5.63 59.53
N ASN F 179 31.78 -5.82 60.72
CA ASN F 179 31.67 -7.06 61.48
C ASN F 179 30.28 -7.19 62.13
N SER F 180 30.02 -8.39 62.63
CA SER F 180 28.73 -8.85 63.14
C SER F 180 28.19 -7.97 64.27
N SER F 181 29.09 -7.42 65.09
CA SER F 181 28.63 -6.65 66.23
C SER F 181 28.79 -5.15 66.05
N GLN F 182 29.29 -4.65 64.90
CA GLN F 182 29.12 -3.24 64.57
C GLN F 182 27.75 -3.07 63.93
N ASN F 183 27.28 -4.15 63.31
CA ASN F 183 25.96 -4.24 62.71
C ASN F 183 24.92 -3.97 63.78
N TRP F 184 25.10 -4.50 64.99
CA TRP F 184 24.07 -4.41 65.97
C TRP F 184 24.05 -3.05 66.63
N GLN F 185 25.26 -2.48 66.74
CA GLN F 185 25.41 -1.18 67.36
C GLN F 185 24.70 -0.14 66.48
N ARG F 186 24.88 -0.29 65.16
CA ARG F 186 24.28 0.59 64.19
C ARG F 186 22.76 0.50 64.28
N PHE F 187 22.25 -0.74 64.29
CA PHE F 187 20.82 -0.96 64.34
C PHE F 187 20.24 -0.23 65.55
N TYR F 188 21.02 -0.17 66.64
CA TYR F 188 20.52 0.44 67.87
C TYR F 188 20.40 1.96 67.65
N GLN F 189 21.51 2.53 67.12
CA GLN F 189 21.63 3.94 66.86
C GLN F 189 20.49 4.43 65.96
N LEU F 190 20.25 3.68 64.85
CA LEU F 190 19.26 4.10 63.88
C LEU F 190 17.85 3.97 64.45
N THR F 191 17.65 2.95 65.30
CA THR F 191 16.33 2.79 65.88
C THR F 191 16.14 3.80 67.00
N LYS F 192 17.24 4.21 67.65
CA LYS F 192 17.19 5.28 68.64
C LYS F 192 16.74 6.58 67.96
N LEU F 193 17.30 6.84 66.77
CA LEU F 193 16.96 8.01 65.98
C LEU F 193 15.48 8.01 65.61
N LEU F 194 14.99 6.87 65.09
CA LEU F 194 13.59 6.77 64.73
C LEU F 194 12.72 7.11 65.93
N ASP F 195 13.20 6.74 67.13
CA ASP F 195 12.42 6.92 68.32
C ASP F 195 12.36 8.39 68.66
N SER F 196 13.53 9.05 68.60
CA SER F 196 13.64 10.44 68.98
C SER F 196 12.85 11.33 68.03
N MET F 197 12.48 10.80 66.85
CA MET F 197 11.71 11.56 65.89
C MET F 197 10.33 11.96 66.43
N HIS F 198 9.74 11.13 67.29
CA HIS F 198 8.39 11.42 67.75
C HIS F 198 8.36 12.71 68.55
N GLU F 199 9.39 12.92 69.38
CA GLU F 199 9.50 14.12 70.19
C GLU F 199 9.73 15.33 69.29
N MET F 200 10.76 15.27 68.42
CA MET F 200 11.14 16.39 67.57
C MET F 200 9.95 16.83 66.72
N VAL F 201 9.29 15.86 66.08
CA VAL F 201 8.16 16.15 65.22
C VAL F 201 7.00 16.72 66.02
N GLY F 202 6.79 16.19 67.24
CA GLY F 202 5.74 16.68 68.12
C GLY F 202 5.84 18.20 68.31
N GLY F 203 7.08 18.67 68.49
CA GLY F 203 7.39 20.09 68.57
C GLY F 203 6.86 20.86 67.34
N LEU F 204 7.28 20.42 66.15
CA LEU F 204 6.87 21.03 64.90
C LEU F 204 5.35 20.99 64.79
N LEU F 205 4.76 19.85 65.15
CA LEU F 205 3.31 19.67 65.02
C LEU F 205 2.58 20.74 65.85
N GLN F 206 3.20 21.09 66.99
CA GLN F 206 2.60 22.08 67.87
C GLN F 206 2.61 23.46 67.22
N PHE F 207 3.76 23.85 66.66
CA PHE F 207 3.83 25.15 65.99
C PHE F 207 2.82 25.18 64.84
N CYS F 208 2.71 24.05 64.13
CA CYS F 208 1.84 23.96 62.98
C CYS F 208 0.40 24.22 63.40
N PHE F 209 -0.05 23.51 64.45
CA PHE F 209 -1.41 23.68 64.94
C PHE F 209 -1.64 25.11 65.41
N TYR F 210 -0.64 25.67 66.09
CA TYR F 210 -0.74 27.05 66.58
C TYR F 210 -0.96 28.01 65.41
N THR F 211 -0.08 27.97 64.40
CA THR F 211 -0.18 28.92 63.30
C THR F 211 -1.43 28.65 62.47
N PHE F 212 -1.98 27.43 62.53
CA PHE F 212 -3.17 27.12 61.77
C PHE F 212 -4.41 27.71 62.43
N VAL F 213 -4.45 27.67 63.77
CA VAL F 213 -5.64 28.02 64.53
C VAL F 213 -5.70 29.54 64.72
N ASN F 214 -4.53 30.14 64.95
CA ASN F 214 -4.41 31.54 65.33
C ASN F 214 -4.42 32.44 64.09
N LYS F 215 -5.65 32.79 63.67
CA LYS F 215 -5.94 33.52 62.43
C LYS F 215 -5.21 34.86 62.33
N SER F 216 -4.89 35.48 63.47
CA SER F 216 -4.32 36.81 63.48
C SER F 216 -2.91 36.86 62.88
N LEU F 217 -2.23 35.71 62.81
CA LEU F 217 -0.88 35.64 62.27
C LEU F 217 -0.90 35.67 60.75
N SER F 218 -2.08 35.40 60.15
CA SER F 218 -2.30 35.53 58.71
C SER F 218 -1.43 34.57 57.89
N VAL F 219 -1.08 33.42 58.48
CA VAL F 219 -0.30 32.41 57.77
C VAL F 219 -1.29 31.61 56.92
N GLU F 220 -0.96 31.42 55.63
CA GLU F 220 -1.85 30.70 54.74
C GLU F 220 -1.46 29.22 54.65
N PHE F 221 -2.45 28.38 54.38
CA PHE F 221 -2.29 26.95 54.22
C PHE F 221 -3.05 26.53 52.96
N PRO F 222 -2.48 25.71 52.07
CA PRO F 222 -3.24 25.23 50.92
C PRO F 222 -4.31 24.24 51.38
N GLU F 223 -5.37 24.08 50.58
CA GLU F 223 -6.52 23.25 50.94
C GLU F 223 -6.09 21.86 51.38
N MET F 224 -5.20 21.23 50.62
CA MET F 224 -4.70 19.90 50.92
C MET F 224 -4.35 19.78 52.41
N LEU F 225 -3.47 20.67 52.89
CA LEU F 225 -2.95 20.63 54.24
C LEU F 225 -4.02 21.05 55.25
N ALA F 226 -4.83 22.06 54.89
CA ALA F 226 -5.86 22.58 55.77
C ALA F 226 -6.82 21.45 56.16
N GLU F 227 -7.36 20.76 55.14
CA GLU F 227 -8.24 19.62 55.34
C GLU F 227 -7.58 18.63 56.29
N ILE F 228 -6.32 18.26 56.04
CA ILE F 228 -5.66 17.25 56.86
C ILE F 228 -5.48 17.77 58.28
N ILE F 229 -4.95 19.00 58.43
CA ILE F 229 -4.65 19.51 59.76
C ILE F 229 -5.93 19.58 60.59
N SER F 230 -7.01 20.11 60.01
CA SER F 230 -8.19 20.37 60.82
C SER F 230 -8.84 19.07 61.28
N ASN F 231 -8.68 18.01 60.49
CA ASN F 231 -9.18 16.70 60.90
C ASN F 231 -8.27 16.07 61.95
N GLN F 232 -6.98 16.36 61.87
CA GLN F 232 -5.98 15.69 62.69
C GLN F 232 -5.87 16.40 64.04
N LEU F 233 -6.44 17.60 64.13
CA LEU F 233 -6.22 18.50 65.25
C LEU F 233 -6.92 18.00 66.52
N PRO F 234 -8.27 17.77 66.52
CA PRO F 234 -8.95 17.17 67.66
C PRO F 234 -8.36 15.84 68.14
N LYS F 235 -7.89 15.00 67.20
CA LYS F 235 -7.33 13.70 67.54
C LYS F 235 -6.04 13.85 68.35
N PHE F 236 -5.30 14.95 68.16
CA PHE F 236 -4.03 15.13 68.84
C PHE F 236 -4.26 15.83 70.18
N LYS F 237 -5.29 16.71 70.25
CA LYS F 237 -5.67 17.35 71.50
C LYS F 237 -6.20 16.32 72.49
N ALA F 238 -6.84 15.25 71.98
CA ALA F 238 -7.46 14.22 72.81
C ALA F 238 -6.47 13.09 73.13
N GLY F 239 -5.18 13.28 72.78
CA GLY F 239 -4.12 12.31 73.01
C GLY F 239 -4.49 10.86 72.68
N SER F 240 -5.13 10.63 71.51
CA SER F 240 -5.61 9.32 71.11
C SER F 240 -4.64 8.67 70.13
N VAL F 241 -3.37 9.07 70.21
CA VAL F 241 -2.35 8.75 69.23
C VAL F 241 -1.18 8.07 69.93
N LYS F 242 -0.67 6.98 69.36
CA LYS F 242 0.30 6.13 70.03
C LYS F 242 1.54 5.95 69.15
N PRO F 243 2.71 6.46 69.56
CA PRO F 243 3.99 6.08 68.95
C PRO F 243 4.38 4.63 69.14
N LEU F 244 4.94 4.00 68.10
CA LEU F 244 5.55 2.69 68.23
C LEU F 244 7.06 2.82 68.47
N LEU F 245 7.53 2.55 69.67
CA LEU F 245 8.95 2.73 69.98
C LEU F 245 9.72 1.43 69.83
N PHE F 246 11.03 1.53 69.64
CA PHE F 246 11.94 0.39 69.59
C PHE F 246 12.63 0.25 70.94
N HIS F 247 12.50 1.24 71.83
CA HIS F 247 13.29 1.32 73.05
C HIS F 247 12.48 1.88 74.20
N GLN F 248 13.18 2.28 75.27
CA GLN F 248 12.61 2.86 76.48
C GLN F 248 12.97 4.34 76.61
N PHE G 1 61.49 -11.47 46.63
CA PHE G 1 60.85 -12.81 46.36
C PHE G 1 60.09 -12.74 45.04
N PRO G 2 60.76 -12.88 43.86
CA PRO G 2 60.07 -12.95 42.57
C PRO G 2 59.71 -14.39 42.20
N THR G 3 58.57 -14.60 41.54
CA THR G 3 58.12 -15.92 41.13
C THR G 3 59.06 -16.45 40.05
N LEU G 4 59.08 -17.79 39.90
CA LEU G 4 59.90 -18.42 38.88
C LEU G 4 59.38 -18.06 37.49
N ILE G 5 58.04 -18.06 37.33
CA ILE G 5 57.48 -17.70 36.04
C ILE G 5 57.89 -16.29 35.66
N SER G 6 57.92 -15.37 36.62
CA SER G 6 58.22 -13.99 36.26
C SER G 6 59.69 -13.85 35.86
N LEU G 7 60.57 -14.67 36.42
CA LEU G 7 61.97 -14.68 36.02
C LEU G 7 62.10 -15.18 34.59
N LEU G 8 61.32 -16.21 34.25
CA LEU G 8 61.38 -16.79 32.91
C LEU G 8 61.02 -15.72 31.88
N GLU G 9 60.06 -14.87 32.24
CA GLU G 9 59.59 -13.78 31.41
C GLU G 9 60.69 -12.75 31.24
N VAL G 10 61.41 -12.42 32.32
CA VAL G 10 62.35 -11.32 32.23
C VAL G 10 63.59 -11.75 31.45
N ILE G 11 63.92 -13.05 31.47
CA ILE G 11 65.20 -13.46 30.91
C ILE G 11 65.04 -13.90 29.46
N GLU G 12 63.79 -14.05 29.01
CA GLU G 12 63.51 -14.47 27.63
C GLU G 12 64.24 -13.55 26.67
N PRO G 13 65.04 -14.08 25.72
CA PRO G 13 65.78 -13.25 24.78
C PRO G 13 64.85 -12.47 23.86
N GLU G 14 65.27 -11.24 23.53
CA GLU G 14 64.52 -10.38 22.63
C GLU G 14 64.76 -10.90 21.21
N VAL G 15 63.74 -10.80 20.35
CA VAL G 15 63.81 -11.21 18.96
C VAL G 15 64.94 -10.48 18.22
N LEU G 16 65.79 -11.21 17.52
CA LEU G 16 66.87 -10.60 16.73
C LEU G 16 66.38 -10.24 15.33
N TYR G 17 66.98 -9.20 14.74
CA TYR G 17 66.87 -8.87 13.33
C TYR G 17 67.96 -9.60 12.54
N SER G 18 67.70 -9.91 11.27
CA SER G 18 68.69 -10.64 10.50
C SER G 18 69.60 -9.68 9.75
N GLY G 19 69.10 -8.48 9.47
CA GLY G 19 69.81 -7.52 8.63
C GLY G 19 69.93 -7.99 7.18
N TYR G 20 69.06 -8.92 6.78
CA TYR G 20 68.94 -9.37 5.41
C TYR G 20 68.75 -8.18 4.49
N ASP G 21 69.37 -8.22 3.30
CA ASP G 21 69.21 -7.18 2.30
C ASP G 21 68.11 -7.57 1.31
N SER G 22 66.91 -6.99 1.47
CA SER G 22 65.76 -7.37 0.65
C SER G 22 65.83 -6.76 -0.76
N THR G 23 66.91 -6.03 -1.04
CA THR G 23 67.20 -5.41 -2.32
C THR G 23 67.58 -6.45 -3.37
N LEU G 24 68.44 -7.41 -2.96
CA LEU G 24 68.95 -8.43 -3.84
C LEU G 24 67.96 -9.58 -3.89
N PRO G 25 67.82 -10.26 -5.04
CA PRO G 25 66.89 -11.38 -5.16
C PRO G 25 67.34 -12.58 -4.32
N ASP G 26 66.35 -13.42 -3.94
CA ASP G 26 66.60 -14.56 -3.07
C ASP G 26 67.18 -15.71 -3.89
N THR G 27 68.17 -16.40 -3.32
CA THR G 27 68.56 -17.70 -3.84
C THR G 27 68.58 -18.68 -2.66
N SER G 28 68.43 -19.98 -2.95
CA SER G 28 68.48 -21.01 -1.92
C SER G 28 69.74 -20.89 -1.06
N THR G 29 70.91 -20.84 -1.69
CA THR G 29 72.15 -20.74 -0.93
C THR G 29 72.15 -19.51 -0.03
N ARG G 30 71.73 -18.37 -0.58
CA ARG G 30 71.81 -17.12 0.14
C ARG G 30 70.90 -17.19 1.36
N LEU G 31 69.69 -17.69 1.15
CA LEU G 31 68.68 -17.73 2.20
C LEU G 31 69.14 -18.63 3.34
N MET G 32 69.59 -19.85 2.99
CA MET G 32 70.03 -20.81 3.98
C MET G 32 71.22 -20.25 4.75
N SER G 33 72.14 -19.60 4.03
CA SER G 33 73.28 -18.99 4.70
C SER G 33 72.81 -17.90 5.66
N THR G 34 71.80 -17.11 5.26
CA THR G 34 71.33 -16.04 6.12
C THR G 34 70.73 -16.63 7.38
N LEU G 35 69.87 -17.65 7.18
CA LEU G 35 69.23 -18.30 8.31
C LEU G 35 70.29 -18.86 9.26
N ASN G 36 71.37 -19.44 8.73
CA ASN G 36 72.38 -20.00 9.61
C ASN G 36 73.08 -18.90 10.40
N ARG G 37 73.39 -17.79 9.74
CA ARG G 37 74.10 -16.69 10.38
C ARG G 37 73.24 -16.16 11.52
N LEU G 38 71.92 -16.09 11.27
CA LEU G 38 70.96 -15.64 12.27
C LEU G 38 70.89 -16.65 13.42
N GLY G 39 70.85 -17.95 13.08
CA GLY G 39 70.83 -19.02 14.07
C GLY G 39 72.02 -18.94 15.02
N GLY G 40 73.22 -18.67 14.47
CA GLY G 40 74.40 -18.51 15.29
C GLY G 40 74.15 -17.50 16.41
N ARG G 41 73.63 -16.33 16.04
CA ARG G 41 73.40 -15.26 16.99
C ARG G 41 72.29 -15.65 17.97
N GLN G 42 71.24 -16.33 17.46
CA GLN G 42 70.15 -16.76 18.30
C GLN G 42 70.66 -17.76 19.36
N VAL G 43 71.62 -18.61 18.97
CA VAL G 43 72.15 -19.61 19.88
C VAL G 43 72.96 -18.94 20.98
N VAL G 44 73.82 -17.99 20.61
CA VAL G 44 74.52 -17.21 21.62
C VAL G 44 73.52 -16.58 22.60
N SER G 45 72.41 -16.07 22.08
CA SER G 45 71.39 -15.52 22.95
C SER G 45 70.86 -16.59 23.90
N ALA G 46 70.73 -17.82 23.38
CA ALA G 46 70.15 -18.91 24.16
C ALA G 46 71.11 -19.35 25.26
N VAL G 47 72.41 -19.32 24.94
CA VAL G 47 73.41 -19.66 25.94
C VAL G 47 73.34 -18.66 27.09
N LYS G 48 73.32 -17.35 26.76
CA LYS G 48 73.26 -16.34 27.81
C LYS G 48 71.99 -16.53 28.63
N TRP G 49 70.94 -17.02 27.97
CA TRP G 49 69.64 -17.26 28.60
C TRP G 49 69.78 -18.41 29.58
N ALA G 50 70.38 -19.51 29.12
CA ALA G 50 70.60 -20.67 29.96
C ALA G 50 71.38 -20.30 31.22
N LYS G 51 72.47 -19.51 31.06
CA LYS G 51 73.27 -19.17 32.23
C LYS G 51 72.46 -18.41 33.27
N ALA G 52 71.33 -17.81 32.89
CA ALA G 52 70.54 -17.07 33.86
C ALA G 52 69.29 -17.86 34.25
N LEU G 53 69.15 -19.06 33.69
CA LEU G 53 68.02 -19.90 34.00
C LEU G 53 68.18 -20.45 35.41
N PRO G 54 67.20 -20.17 36.31
CA PRO G 54 67.23 -20.72 37.67
C PRO G 54 67.38 -22.23 37.63
N GLY G 55 68.41 -22.72 38.31
CA GLY G 55 68.71 -24.15 38.38
C GLY G 55 69.92 -24.50 37.52
N PHE G 56 69.96 -23.95 36.30
CA PHE G 56 70.83 -24.48 35.28
C PHE G 56 72.29 -24.43 35.71
N ARG G 57 72.70 -23.37 36.43
CA ARG G 57 74.11 -23.19 36.76
C ARG G 57 74.61 -24.21 37.77
N ASN G 58 73.71 -24.95 38.40
CA ASN G 58 74.06 -25.99 39.36
C ASN G 58 74.55 -27.28 38.67
N LEU G 59 74.22 -27.48 37.39
CA LEU G 59 74.66 -28.68 36.70
C LEU G 59 76.17 -28.62 36.52
N HIS G 60 76.78 -29.80 36.33
CA HIS G 60 78.20 -29.81 36.05
C HIS G 60 78.43 -29.08 34.73
N LEU G 61 79.58 -28.43 34.58
CA LEU G 61 79.86 -27.71 33.36
C LEU G 61 79.64 -28.59 32.13
N ASP G 62 79.99 -29.88 32.23
CA ASP G 62 79.97 -30.77 31.09
C ASP G 62 78.53 -31.15 30.75
N ASP G 63 77.65 -31.08 31.76
CA ASP G 63 76.24 -31.35 31.52
C ASP G 63 75.57 -30.16 30.83
N GLN G 64 76.08 -28.97 31.15
CA GLN G 64 75.62 -27.74 30.54
C GLN G 64 75.93 -27.81 29.04
N MET G 65 77.21 -28.06 28.73
CA MET G 65 77.65 -28.23 27.36
C MET G 65 76.79 -29.27 26.64
N THR G 66 76.46 -30.35 27.35
CA THR G 66 75.81 -31.46 26.70
C THR G 66 74.37 -31.07 26.33
N LEU G 67 73.65 -30.50 27.29
CA LEU G 67 72.24 -30.19 27.09
C LEU G 67 72.06 -29.12 26.01
N LEU G 68 72.97 -28.13 25.98
CA LEU G 68 72.87 -27.10 24.96
C LEU G 68 73.20 -27.67 23.57
N GLN G 69 74.23 -28.50 23.47
CA GLN G 69 74.56 -29.11 22.19
C GLN G 69 73.41 -30.01 21.70
N TYR G 70 72.73 -30.69 22.63
CA TYR G 70 71.78 -31.71 22.20
C TYR G 70 70.46 -31.04 21.82
N SER G 71 70.24 -29.80 22.26
CA SER G 71 68.88 -29.29 22.19
C SER G 71 68.76 -27.91 21.49
N TRP G 72 69.87 -27.37 20.99
CA TRP G 72 69.82 -26.03 20.42
C TRP G 72 68.79 -25.95 19.30
N MET G 73 68.81 -26.94 18.40
CA MET G 73 67.84 -26.91 17.32
C MET G 73 66.41 -26.92 17.85
N SER G 74 66.12 -27.63 18.94
CA SER G 74 64.76 -27.66 19.47
C SER G 74 64.35 -26.27 19.94
N LEU G 75 65.26 -25.62 20.68
CA LEU G 75 64.99 -24.29 21.20
C LEU G 75 64.69 -23.33 20.05
N MET G 76 65.54 -23.37 19.01
CA MET G 76 65.39 -22.40 17.94
C MET G 76 64.10 -22.65 17.18
N ALA G 77 63.80 -23.92 16.90
CA ALA G 77 62.61 -24.29 16.14
C ALA G 77 61.35 -23.94 16.92
N PHE G 78 61.41 -24.13 18.24
CA PHE G 78 60.26 -23.88 19.08
C PHE G 78 59.96 -22.38 19.08
N SER G 79 61.00 -21.55 19.27
CA SER G 79 60.82 -20.09 19.25
C SER G 79 60.28 -19.64 17.89
N LEU G 80 60.81 -20.22 16.81
CA LEU G 80 60.32 -19.91 15.49
C LEU G 80 58.82 -20.18 15.43
N GLY G 81 58.43 -21.37 15.91
CA GLY G 81 57.03 -21.73 15.97
C GLY G 81 56.21 -20.67 16.68
N TRP G 82 56.71 -20.22 17.84
CA TRP G 82 55.98 -19.27 18.66
C TRP G 82 55.80 -17.96 17.89
N ARG G 83 56.91 -17.41 17.38
CA ARG G 83 56.87 -16.15 16.62
C ARG G 83 55.93 -16.29 15.44
N SER G 84 55.96 -17.43 14.74
CA SER G 84 55.13 -17.60 13.55
C SER G 84 53.65 -17.62 13.93
N TYR G 85 53.34 -18.25 15.07
CA TYR G 85 52.01 -18.33 15.63
C TYR G 85 51.53 -16.93 16.03
N LYS G 86 52.41 -16.18 16.70
CA LYS G 86 52.04 -14.89 17.24
C LYS G 86 51.84 -13.87 16.10
N GLN G 87 52.68 -13.89 15.06
CA GLN G 87 52.68 -12.77 14.11
C GLN G 87 51.80 -13.06 12.90
N SER G 88 51.49 -14.32 12.61
CA SER G 88 50.84 -14.63 11.34
C SER G 88 49.89 -15.83 11.48
N ASN G 89 49.59 -16.19 12.73
CA ASN G 89 48.73 -17.31 13.05
C ASN G 89 49.15 -18.56 12.27
N GLY G 90 50.47 -18.77 12.16
CA GLY G 90 50.99 -20.01 11.62
C GLY G 90 51.02 -20.07 10.10
N ASN G 91 50.72 -18.95 9.43
CA ASN G 91 50.64 -18.93 7.97
C ASN G 91 52.01 -18.73 7.32
N MET G 92 52.87 -17.94 7.94
CA MET G 92 54.21 -17.70 7.41
C MET G 92 55.23 -18.01 8.50
N LEU G 93 56.47 -18.27 8.10
CA LEU G 93 57.56 -18.45 9.03
C LEU G 93 58.20 -17.10 9.33
N CYS G 94 58.05 -16.61 10.58
CA CYS G 94 58.60 -15.31 10.97
C CYS G 94 59.96 -15.50 11.63
N PHE G 95 61.00 -15.73 10.80
CA PHE G 95 62.33 -15.97 11.32
C PHE G 95 62.79 -14.76 12.11
N ALA G 96 62.63 -13.59 11.49
CA ALA G 96 62.91 -12.31 12.12
C ALA G 96 61.87 -11.31 11.62
N PRO G 97 61.70 -10.15 12.29
CA PRO G 97 60.76 -9.12 11.83
C PRO G 97 61.11 -8.65 10.42
N ASP G 98 62.38 -8.76 10.04
CA ASP G 98 62.86 -8.31 8.74
C ASP G 98 63.13 -9.50 7.83
N LEU G 99 62.61 -10.69 8.17
CA LEU G 99 62.84 -11.87 7.34
C LEU G 99 61.71 -12.88 7.52
N VAL G 100 60.67 -12.72 6.69
CA VAL G 100 59.45 -13.51 6.79
C VAL G 100 59.31 -14.33 5.50
N ILE G 101 59.27 -15.65 5.61
CA ILE G 101 59.14 -16.52 4.46
C ILE G 101 57.67 -16.94 4.35
N ASN G 102 57.01 -16.49 3.26
CA ASN G 102 55.60 -16.82 3.04
C ASN G 102 55.51 -17.94 2.01
N GLU G 103 54.27 -18.28 1.63
CA GLU G 103 53.99 -19.36 0.69
C GLU G 103 54.84 -19.22 -0.57
N GLU G 104 54.91 -17.99 -1.12
CA GLU G 104 55.62 -17.77 -2.35
C GLU G 104 57.12 -18.04 -2.21
N ARG G 105 57.75 -17.49 -1.15
CA ARG G 105 59.20 -17.57 -1.03
C ARG G 105 59.66 -19.02 -0.82
N MET G 106 58.75 -19.91 -0.40
CA MET G 106 59.07 -21.29 -0.07
C MET G 106 59.28 -22.13 -1.33
N GLN G 107 58.90 -21.58 -2.49
CA GLN G 107 58.93 -22.30 -3.75
C GLN G 107 60.37 -22.44 -4.26
N LEU G 108 61.34 -21.84 -3.56
CA LEU G 108 62.73 -21.95 -3.97
C LEU G 108 63.21 -23.39 -3.87
N PRO G 109 64.18 -23.81 -4.72
CA PRO G 109 64.78 -25.14 -4.62
C PRO G 109 65.28 -25.43 -3.21
N TYR G 110 64.99 -26.63 -2.71
CA TYR G 110 65.43 -27.12 -1.41
C TYR G 110 64.57 -26.58 -0.26
N MET G 111 63.96 -25.40 -0.45
CA MET G 111 63.31 -24.71 0.66
C MET G 111 61.99 -25.39 1.05
N TYR G 112 61.22 -25.87 0.07
CA TYR G 112 59.85 -26.26 0.33
C TYR G 112 59.76 -27.31 1.44
N ASP G 113 60.59 -28.35 1.35
CA ASP G 113 60.50 -29.47 2.27
C ASP G 113 60.82 -29.01 3.69
N GLN G 114 61.95 -28.30 3.82
CA GLN G 114 62.39 -27.87 5.14
C GLN G 114 61.36 -26.92 5.76
N CYS G 115 60.76 -26.05 4.96
CA CYS G 115 59.81 -25.08 5.50
C CYS G 115 58.51 -25.74 5.95
N GLN G 116 58.11 -26.81 5.26
CA GLN G 116 56.91 -27.56 5.58
C GLN G 116 57.05 -28.12 7.00
N GLN G 117 58.24 -28.64 7.30
CA GLN G 117 58.60 -29.16 8.61
C GLN G 117 58.44 -28.10 9.69
N MET G 118 58.99 -26.90 9.47
CA MET G 118 59.01 -25.87 10.50
C MET G 118 57.60 -25.31 10.75
N LEU G 119 56.76 -25.39 9.72
CA LEU G 119 55.39 -24.91 9.83
C LEU G 119 54.56 -25.85 10.70
N LYS G 120 54.94 -27.13 10.77
CA LYS G 120 54.21 -28.11 11.57
C LYS G 120 54.20 -27.63 13.02
N ILE G 121 55.38 -27.26 13.52
CA ILE G 121 55.53 -26.75 14.87
C ILE G 121 54.59 -25.57 15.08
N SER G 122 54.56 -24.68 14.10
CA SER G 122 53.77 -23.46 14.24
C SER G 122 52.29 -23.82 14.43
N SER G 123 51.79 -24.75 13.62
CA SER G 123 50.36 -25.00 13.61
C SER G 123 49.93 -25.77 14.86
N GLU G 124 50.88 -26.47 15.49
CA GLU G 124 50.65 -27.06 16.80
C GLU G 124 50.26 -25.98 17.81
N PHE G 125 51.05 -24.90 17.88
CA PHE G 125 50.69 -23.79 18.74
C PHE G 125 49.29 -23.28 18.39
N VAL G 126 48.95 -23.26 17.10
CA VAL G 126 47.68 -22.73 16.66
C VAL G 126 46.54 -23.63 17.15
N ARG G 127 46.71 -24.95 16.92
CA ARG G 127 45.71 -25.93 17.29
C ARG G 127 45.41 -25.85 18.78
N LEU G 128 46.46 -25.87 19.61
CA LEU G 128 46.32 -25.97 21.06
C LEU G 128 46.12 -24.61 21.72
N GLN G 129 46.18 -23.52 20.95
CA GLN G 129 46.09 -22.17 21.49
C GLN G 129 46.98 -21.99 22.72
N VAL G 130 48.28 -22.29 22.57
CA VAL G 130 49.25 -22.21 23.66
C VAL G 130 49.37 -20.76 24.14
N SER G 131 49.56 -20.61 25.46
CA SER G 131 49.73 -19.33 26.10
C SER G 131 51.22 -19.06 26.30
N TYR G 132 51.55 -17.79 26.55
CA TYR G 132 52.94 -17.38 26.69
C TYR G 132 53.60 -18.15 27.83
N ASP G 133 52.91 -18.25 28.98
CA ASP G 133 53.51 -18.91 30.14
C ASP G 133 53.72 -20.39 29.86
N GLU G 134 52.74 -21.02 29.21
CA GLU G 134 52.88 -22.41 28.80
C GLU G 134 54.12 -22.57 27.94
N TYR G 135 54.25 -21.67 26.96
CA TYR G 135 55.36 -21.69 26.01
C TYR G 135 56.69 -21.59 26.76
N LEU G 136 56.78 -20.67 27.72
CA LEU G 136 58.05 -20.38 28.37
C LEU G 136 58.55 -21.60 29.13
N CYS G 137 57.61 -22.36 29.71
CA CYS G 137 57.93 -23.51 30.53
C CYS G 137 58.31 -24.69 29.65
N MET G 138 57.48 -24.94 28.63
CA MET G 138 57.78 -25.97 27.66
C MET G 138 59.17 -25.76 27.08
N LYS G 139 59.54 -24.49 26.84
CA LYS G 139 60.81 -24.22 26.22
C LYS G 139 61.93 -24.72 27.14
N VAL G 140 61.76 -24.51 28.46
CA VAL G 140 62.79 -24.93 29.40
C VAL G 140 62.89 -26.45 29.36
N LEU G 141 61.72 -27.10 29.30
CA LEU G 141 61.68 -28.56 29.27
C LEU G 141 62.44 -29.11 28.07
N LEU G 142 62.39 -28.41 26.93
CA LEU G 142 63.08 -28.87 25.74
C LEU G 142 64.59 -28.90 25.97
N LEU G 143 65.10 -27.93 26.74
CA LEU G 143 66.52 -27.88 27.06
C LEU G 143 66.90 -29.14 27.82
N LEU G 144 65.93 -29.67 28.58
CA LEU G 144 66.14 -30.78 29.49
C LEU G 144 65.48 -32.06 28.96
N SER G 145 65.47 -32.25 27.64
CA SER G 145 64.65 -33.33 27.12
C SER G 145 65.47 -34.33 26.30
N THR G 146 66.79 -34.10 26.23
CA THR G 146 67.65 -34.94 25.42
C THR G 146 68.97 -35.13 26.16
N VAL G 147 69.26 -36.38 26.51
CA VAL G 147 70.39 -36.71 27.36
C VAL G 147 71.22 -37.78 26.64
N PRO G 148 72.50 -37.96 27.04
CA PRO G 148 73.36 -38.99 26.44
C PRO G 148 72.84 -40.34 26.94
N LYS G 149 73.19 -41.42 26.23
CA LYS G 149 72.51 -42.69 26.48
C LYS G 149 72.94 -43.26 27.84
N ASP G 150 74.14 -42.88 28.27
CA ASP G 150 74.71 -43.34 29.52
C ASP G 150 74.79 -42.18 30.52
N GLY G 151 73.77 -41.30 30.52
CA GLY G 151 73.49 -40.37 31.61
C GLY G 151 74.48 -39.21 31.73
N LEU G 152 74.33 -38.45 32.82
CA LEU G 152 75.00 -37.18 32.99
C LEU G 152 75.90 -37.21 34.23
N LYS G 153 76.91 -36.34 34.25
CA LYS G 153 77.84 -36.22 35.37
C LYS G 153 77.14 -35.81 36.67
N SER G 154 75.96 -35.20 36.61
CA SER G 154 75.27 -34.78 37.82
C SER G 154 73.78 -35.00 37.67
N GLN G 155 73.42 -36.29 37.47
CA GLN G 155 72.06 -36.75 37.32
C GLN G 155 71.21 -36.31 38.52
N ALA G 156 71.85 -36.24 39.69
CA ALA G 156 71.25 -35.73 40.92
C ALA G 156 70.44 -34.47 40.62
N VAL G 157 71.18 -33.41 40.24
CA VAL G 157 70.69 -32.05 40.10
C VAL G 157 69.72 -31.98 38.92
N PHE G 158 70.11 -32.64 37.81
CA PHE G 158 69.31 -32.66 36.61
C PHE G 158 67.86 -33.04 36.94
N ASP G 159 67.69 -34.15 37.68
CA ASP G 159 66.36 -34.69 37.91
C ASP G 159 65.52 -33.71 38.71
N GLU G 160 66.17 -32.97 39.61
CA GLU G 160 65.48 -31.99 40.44
C GLU G 160 65.00 -30.82 39.57
N ILE G 161 65.91 -30.26 38.76
CA ILE G 161 65.60 -29.18 37.83
C ILE G 161 64.40 -29.59 36.98
N ARG G 162 64.51 -30.75 36.32
CA ARG G 162 63.48 -31.23 35.42
C ARG G 162 62.13 -31.24 36.13
N MET G 163 62.13 -31.62 37.41
CA MET G 163 60.90 -31.77 38.18
C MET G 163 60.31 -30.38 38.47
N THR G 164 61.18 -29.43 38.84
CA THR G 164 60.75 -28.07 39.14
C THR G 164 59.98 -27.50 37.95
N TYR G 165 60.56 -27.65 36.74
CA TYR G 165 59.95 -27.04 35.56
C TYR G 165 58.69 -27.78 35.12
N ILE G 166 58.62 -29.10 35.36
CA ILE G 166 57.37 -29.80 35.11
C ILE G 166 56.27 -29.23 36.01
N LYS G 167 56.61 -29.02 37.28
CA LYS G 167 55.66 -28.44 38.23
C LYS G 167 55.21 -27.08 37.71
N GLU G 168 56.18 -26.33 37.19
CA GLU G 168 55.98 -24.97 36.72
C GLU G 168 55.01 -24.95 35.54
N LEU G 169 55.22 -25.87 34.59
CA LEU G 169 54.29 -26.01 33.48
C LEU G 169 52.88 -26.23 34.04
N GLY G 170 52.81 -27.04 35.11
CA GLY G 170 51.57 -27.29 35.82
C GLY G 170 50.88 -25.99 36.24
N LYS G 171 51.62 -25.14 36.99
CA LYS G 171 51.06 -23.89 37.48
C LYS G 171 50.54 -23.06 36.31
N ALA G 172 51.30 -23.05 35.21
CA ALA G 172 50.97 -22.26 34.04
C ALA G 172 49.63 -22.72 33.45
N ILE G 173 49.42 -24.04 33.41
CA ILE G 173 48.17 -24.57 32.87
C ILE G 173 47.00 -24.16 33.77
N VAL G 174 47.19 -24.32 35.09
CA VAL G 174 46.17 -24.02 36.09
C VAL G 174 45.77 -22.55 35.97
N LYS G 175 46.77 -21.66 35.86
CA LYS G 175 46.57 -20.22 35.80
C LYS G 175 45.70 -19.85 34.61
N ARG G 176 45.65 -20.70 33.58
CA ARG G 176 44.87 -20.41 32.39
C ARG G 176 43.39 -20.74 32.59
N GLU G 177 43.10 -21.58 33.59
CA GLU G 177 41.84 -21.67 34.31
C GLU G 177 40.78 -22.55 33.68
N GLY G 178 39.77 -22.89 34.47
CA GLY G 178 38.79 -23.92 34.11
C GLY G 178 38.98 -25.14 35.00
N ASN G 179 38.13 -26.15 34.82
CA ASN G 179 37.85 -27.15 35.86
C ASN G 179 39.00 -28.13 36.02
N SER G 180 38.94 -28.91 37.10
CA SER G 180 39.97 -29.81 37.59
C SER G 180 40.43 -30.82 36.53
N SER G 181 39.48 -31.27 35.70
CA SER G 181 39.83 -32.33 34.77
C SER G 181 39.99 -31.83 33.33
N GLN G 182 39.82 -30.52 33.06
CA GLN G 182 40.31 -29.97 31.80
C GLN G 182 41.79 -29.65 31.95
N ASN G 183 42.19 -29.38 33.19
CA ASN G 183 43.57 -29.14 33.57
C ASN G 183 44.40 -30.36 33.19
N TRP G 184 43.87 -31.56 33.41
CA TRP G 184 44.72 -32.73 33.25
C TRP G 184 44.79 -33.13 31.78
N GLN G 185 43.70 -32.82 31.07
CA GLN G 185 43.63 -33.12 29.64
C GLN G 185 44.65 -32.26 28.91
N ARG G 186 44.74 -30.99 29.33
CA ARG G 186 45.68 -30.03 28.79
C ARG G 186 47.11 -30.51 29.03
N PHE G 187 47.40 -30.90 30.29
CA PHE G 187 48.72 -31.37 30.63
C PHE G 187 49.13 -32.51 29.70
N TYR G 188 48.15 -33.32 29.30
CA TYR G 188 48.44 -34.47 28.44
C TYR G 188 48.84 -33.99 27.06
N GLN G 189 48.01 -33.08 26.53
CA GLN G 189 48.17 -32.49 25.22
C GLN G 189 49.54 -31.82 25.10
N LEU G 190 49.91 -31.02 26.11
CA LEU G 190 51.15 -30.27 26.07
C LEU G 190 52.34 -31.22 26.21
N THR G 191 52.19 -32.29 26.97
CA THR G 191 53.28 -33.24 27.12
C THR G 191 53.36 -34.10 25.86
N LYS G 192 52.22 -34.32 25.19
CA LYS G 192 52.21 -35.03 23.93
C LYS G 192 52.99 -34.22 22.88
N LEU G 193 52.78 -32.89 22.88
CA LEU G 193 53.46 -31.97 22.01
C LEU G 193 54.96 -32.01 22.25
N LEU G 194 55.38 -31.93 23.52
CA LEU G 194 56.80 -31.98 23.85
C LEU G 194 57.40 -33.26 23.29
N ASP G 195 56.60 -34.33 23.29
CA ASP G 195 57.10 -35.62 22.86
C ASP G 195 57.30 -35.60 21.36
N SER G 196 56.30 -35.09 20.64
CA SER G 196 56.32 -35.06 19.20
C SER G 196 57.42 -34.16 18.66
N MET G 197 57.98 -33.30 19.52
CA MET G 197 59.05 -32.41 19.12
C MET G 197 60.31 -33.19 18.74
N HIS G 198 60.56 -34.35 19.34
CA HIS G 198 61.78 -35.07 19.04
C HIS G 198 61.82 -35.49 17.57
N GLU G 199 60.67 -35.93 17.05
CA GLU G 199 60.57 -36.36 15.67
C GLU G 199 60.73 -35.15 14.74
N MET G 200 59.92 -34.09 14.96
CA MET G 200 59.92 -32.91 14.11
C MET G 200 61.33 -32.31 14.03
N VAL G 201 61.98 -32.15 15.19
CA VAL G 201 63.29 -31.54 15.25
C VAL G 201 64.31 -32.47 14.57
N GLY G 202 64.15 -33.79 14.77
CA GLY G 202 65.04 -34.76 14.16
C GLY G 202 65.12 -34.56 12.64
N GLY G 203 63.95 -34.27 12.03
CA GLY G 203 63.88 -33.91 10.62
C GLY G 203 64.79 -32.73 10.28
N LEU G 204 64.60 -31.61 10.99
CA LEU G 204 65.40 -30.41 10.79
C LEU G 204 66.87 -30.74 10.99
N LEU G 205 67.18 -31.51 12.05
CA LEU G 205 68.56 -31.81 12.36
C LEU G 205 69.22 -32.52 11.19
N GLN G 206 68.42 -33.34 10.50
CA GLN G 206 68.95 -34.11 9.38
C GLN G 206 69.29 -33.20 8.21
N PHE G 207 68.39 -32.27 7.87
CA PHE G 207 68.67 -31.32 6.82
C PHE G 207 69.91 -30.51 7.15
N CYS G 208 70.01 -30.13 8.42
CA CYS G 208 71.13 -29.32 8.89
C CYS G 208 72.44 -30.05 8.66
N PHE G 209 72.52 -31.31 9.11
CA PHE G 209 73.71 -32.12 8.91
C PHE G 209 74.02 -32.29 7.43
N TYR G 210 72.98 -32.50 6.63
CA TYR G 210 73.15 -32.66 5.19
C TYR G 210 73.78 -31.41 4.59
N THR G 211 73.20 -30.23 4.83
CA THR G 211 73.71 -29.01 4.23
C THR G 211 75.08 -28.65 4.81
N PHE G 212 75.40 -29.17 6.00
CA PHE G 212 76.70 -28.87 6.59
C PHE G 212 77.80 -29.70 5.94
N VAL G 213 77.50 -30.95 5.63
CA VAL G 213 78.48 -31.93 5.19
C VAL G 213 78.71 -31.78 3.68
N ASN G 214 77.64 -31.51 2.94
CA ASN G 214 77.63 -31.52 1.50
C ASN G 214 78.11 -30.16 0.96
N LYS G 215 79.44 -30.04 0.83
CA LYS G 215 80.16 -28.84 0.48
C LYS G 215 79.69 -28.21 -0.83
N SER G 216 79.17 -29.03 -1.76
CA SER G 216 78.83 -28.55 -3.09
C SER G 216 77.65 -27.56 -3.08
N LEU G 217 76.85 -27.57 -2.02
CA LEU G 217 75.69 -26.69 -1.92
C LEU G 217 76.12 -25.27 -1.52
N SER G 218 77.35 -25.14 -0.99
CA SER G 218 77.94 -23.84 -0.70
C SER G 218 77.19 -23.06 0.38
N VAL G 219 76.54 -23.78 1.29
CA VAL G 219 75.81 -23.15 2.38
C VAL G 219 76.81 -22.79 3.47
N GLU G 220 76.77 -21.54 3.96
CA GLU G 220 77.73 -21.12 4.99
C GLU G 220 77.13 -21.30 6.38
N PHE G 221 78.02 -21.51 7.35
CA PHE G 221 77.67 -21.64 8.75
C PHE G 221 78.61 -20.77 9.57
N PRO G 222 78.15 -19.99 10.56
CA PRO G 222 79.06 -19.24 11.42
C PRO G 222 79.81 -20.20 12.33
N GLU G 223 80.98 -19.77 12.82
CA GLU G 223 81.86 -20.61 13.64
C GLU G 223 81.11 -21.25 14.80
N MET G 224 80.32 -20.45 15.52
CA MET G 224 79.56 -20.94 16.65
C MET G 224 78.86 -22.25 16.31
N LEU G 225 78.05 -22.24 15.25
CA LEU G 225 77.23 -23.37 14.85
C LEU G 225 78.10 -24.50 14.29
N ALA G 226 79.11 -24.14 13.49
CA ALA G 226 79.97 -25.12 12.85
C ALA G 226 80.62 -26.00 13.91
N GLU G 227 81.26 -25.37 14.90
CA GLU G 227 81.86 -26.08 16.03
C GLU G 227 80.85 -27.03 16.65
N ILE G 228 79.64 -26.54 16.95
CA ILE G 228 78.64 -27.37 17.62
C ILE G 228 78.23 -28.52 16.70
N ILE G 229 77.89 -28.21 15.45
CA ILE G 229 77.36 -29.24 14.56
C ILE G 229 78.41 -30.34 14.37
N SER G 230 79.67 -29.97 14.14
CA SER G 230 80.65 -30.97 13.78
C SER G 230 80.95 -31.89 14.96
N ASN G 231 80.80 -31.38 16.18
CA ASN G 231 80.97 -32.20 17.37
C ASN G 231 79.74 -33.09 17.58
N GLN G 232 78.57 -32.60 17.20
CA GLN G 232 77.32 -33.25 17.50
C GLN G 232 77.01 -34.31 16.45
N LEU G 233 77.75 -34.26 15.34
CA LEU G 233 77.45 -35.06 14.16
C LEU G 233 77.75 -36.55 14.39
N PRO G 234 78.99 -36.93 14.74
CA PRO G 234 79.30 -38.32 15.13
C PRO G 234 78.41 -38.89 16.23
N LYS G 235 78.02 -38.07 17.21
CA LYS G 235 77.17 -38.51 18.31
C LYS G 235 75.78 -38.93 17.81
N PHE G 236 75.32 -38.34 16.72
CA PHE G 236 73.98 -38.62 16.22
C PHE G 236 74.05 -39.80 15.23
N LYS G 237 75.16 -39.93 14.50
CA LYS G 237 75.39 -41.08 13.63
C LYS G 237 75.50 -42.37 14.45
N ALA G 238 76.02 -42.28 15.67
CA ALA G 238 76.25 -43.42 16.54
C ALA G 238 75.03 -43.71 17.41
N GLY G 239 73.91 -43.02 17.17
CA GLY G 239 72.67 -43.13 17.94
C GLY G 239 72.87 -43.25 19.46
N SER G 240 73.74 -42.39 20.04
CA SER G 240 74.10 -42.44 21.44
C SER G 240 73.32 -41.40 22.24
N VAL G 241 72.16 -41.04 21.73
CA VAL G 241 71.35 -39.94 22.21
C VAL G 241 69.96 -40.47 22.56
N LYS G 242 69.44 -40.09 23.73
CA LYS G 242 68.23 -40.66 24.27
C LYS G 242 67.21 -39.55 24.56
N PRO G 243 66.06 -39.52 23.86
CA PRO G 243 64.94 -38.66 24.26
C PRO G 243 64.31 -39.08 25.58
N LEU G 244 63.91 -38.11 26.41
CA LEU G 244 63.07 -38.36 27.57
C LEU G 244 61.61 -38.13 27.20
N LEU G 245 60.83 -39.21 27.11
CA LEU G 245 59.43 -39.07 26.74
C LEU G 245 58.54 -39.01 27.98
N PHE G 246 57.35 -38.44 27.83
CA PHE G 246 56.35 -38.41 28.89
C PHE G 246 55.37 -39.56 28.68
N HIS G 247 55.38 -40.17 27.48
CA HIS G 247 54.33 -41.10 27.08
C HIS G 247 54.90 -42.33 26.35
N GLN G 248 53.98 -43.17 25.89
CA GLN G 248 54.25 -44.41 25.17
C GLN G 248 53.74 -44.25 23.74
N PHE H 1 91.17 -22.22 20.86
CA PHE H 1 90.90 -21.04 21.73
C PHE H 1 90.41 -19.86 20.88
N PRO H 2 89.25 -19.23 21.20
CA PRO H 2 88.87 -17.95 20.58
C PRO H 2 89.44 -16.75 21.35
N THR H 3 89.79 -15.67 20.62
CA THR H 3 90.42 -14.50 21.21
C THR H 3 89.42 -13.77 22.10
N LEU H 4 89.94 -12.98 23.05
CA LEU H 4 89.10 -12.29 24.01
C LEU H 4 88.26 -11.22 23.31
N ILE H 5 88.88 -10.51 22.35
CA ILE H 5 88.14 -9.49 21.63
C ILE H 5 86.97 -10.12 20.89
N SER H 6 87.18 -11.31 20.30
CA SER H 6 86.11 -11.89 19.51
C SER H 6 84.97 -12.35 20.41
N LEU H 7 85.26 -12.75 21.65
CA LEU H 7 84.22 -13.11 22.61
C LEU H 7 83.40 -11.88 22.97
N LEU H 8 84.09 -10.73 23.14
CA LEU H 8 83.40 -9.51 23.52
C LEU H 8 82.38 -9.14 22.45
N GLU H 9 82.75 -9.38 21.18
CA GLU H 9 81.91 -9.12 20.04
C GLU H 9 80.70 -10.05 20.05
N VAL H 10 80.90 -11.33 20.37
CA VAL H 10 79.81 -12.27 20.23
C VAL H 10 78.81 -12.08 21.37
N ILE H 11 79.26 -11.59 22.53
CA ILE H 11 78.37 -11.58 23.68
C ILE H 11 77.66 -10.23 23.81
N GLU H 12 78.10 -9.23 23.02
CA GLU H 12 77.49 -7.91 23.05
C GLU H 12 75.99 -8.05 22.80
N PRO H 13 75.13 -7.47 23.67
CA PRO H 13 73.68 -7.57 23.49
C PRO H 13 73.22 -6.86 22.21
N GLU H 14 72.21 -7.43 21.56
CA GLU H 14 71.62 -6.84 20.38
C GLU H 14 70.74 -5.68 20.83
N VAL H 15 70.67 -4.62 20.01
CA VAL H 15 69.86 -3.44 20.29
C VAL H 15 68.39 -3.80 20.50
N LEU H 16 67.79 -3.33 21.60
CA LEU H 16 66.38 -3.56 21.86
C LEU H 16 65.50 -2.50 21.19
N TYR H 17 64.27 -2.91 20.81
CA TYR H 17 63.21 -2.00 20.38
C TYR H 17 62.38 -1.61 21.61
N SER H 18 61.80 -0.40 21.57
CA SER H 18 61.05 0.06 22.73
C SER H 18 59.58 -0.29 22.57
N GLY H 19 59.11 -0.44 21.34
CA GLY H 19 57.69 -0.59 21.04
C GLY H 19 56.88 0.68 21.36
N TYR H 20 57.55 1.83 21.46
CA TYR H 20 56.91 3.11 21.63
C TYR H 20 55.88 3.33 20.51
N ASP H 21 54.73 3.93 20.85
CA ASP H 21 53.71 4.26 19.87
C ASP H 21 53.89 5.71 19.40
N SER H 22 54.44 5.88 18.19
CA SER H 22 54.74 7.21 17.70
C SER H 22 53.51 7.97 17.19
N THR H 23 52.36 7.33 17.28
CA THR H 23 51.06 7.85 16.88
C THR H 23 50.56 8.92 17.84
N LEU H 24 50.70 8.62 19.13
CA LEU H 24 50.21 9.46 20.20
C LEU H 24 51.25 10.53 20.50
N PRO H 25 50.82 11.75 20.87
CA PRO H 25 51.77 12.84 21.13
C PRO H 25 52.60 12.58 22.38
N ASP H 26 53.79 13.19 22.41
CA ASP H 26 54.74 12.99 23.49
C ASP H 26 54.35 13.85 24.67
N THR H 27 54.49 13.26 25.86
CA THR H 27 54.51 14.05 27.09
C THR H 27 55.76 13.67 27.88
N SER H 28 56.25 14.58 28.73
CA SER H 28 57.38 14.30 29.59
C SER H 28 57.20 13.01 30.37
N THR H 29 56.07 12.88 31.08
CA THR H 29 55.82 11.68 31.87
C THR H 29 55.88 10.42 31.01
N ARG H 30 55.23 10.47 29.84
CA ARG H 30 55.10 9.30 29.01
C ARG H 30 56.49 8.88 28.54
N LEU H 31 57.27 9.87 28.08
CA LEU H 31 58.58 9.61 27.51
C LEU H 31 59.50 9.00 28.56
N MET H 32 59.55 9.63 29.73
CA MET H 32 60.42 9.19 30.81
C MET H 32 60.02 7.77 31.23
N SER H 33 58.71 7.52 31.32
CA SER H 33 58.26 6.19 31.67
C SER H 33 58.69 5.18 30.61
N THR H 34 58.61 5.57 29.33
CA THR H 34 58.98 4.64 28.28
C THR H 34 60.47 4.32 28.38
N LEU H 35 61.28 5.38 28.54
CA LEU H 35 62.71 5.21 28.65
C LEU H 35 63.03 4.30 29.82
N ASN H 36 62.33 4.44 30.95
CA ASN H 36 62.63 3.61 32.10
C ASN H 36 62.29 2.15 31.81
N ARG H 37 61.16 1.92 31.16
CA ARG H 37 60.70 0.57 30.87
C ARG H 37 61.74 -0.10 29.96
N LEU H 38 62.27 0.68 29.00
CA LEU H 38 63.29 0.22 28.08
C LEU H 38 64.59 -0.06 28.84
N GLY H 39 64.95 0.85 29.75
CA GLY H 39 66.15 0.70 30.56
C GLY H 39 66.13 -0.58 31.37
N GLY H 40 64.97 -0.90 31.96
CA GLY H 40 64.80 -2.15 32.69
C GLY H 40 65.27 -3.33 31.85
N ARG H 41 64.78 -3.40 30.62
CA ARG H 41 65.08 -4.52 29.75
C ARG H 41 66.55 -4.47 29.33
N GLN H 42 67.08 -3.26 29.10
CA GLN H 42 68.48 -3.10 28.71
C GLN H 42 69.38 -3.60 29.83
N VAL H 43 68.97 -3.34 31.09
CA VAL H 43 69.77 -3.75 32.23
C VAL H 43 69.78 -5.26 32.36
N VAL H 44 68.61 -5.89 32.25
CA VAL H 44 68.57 -7.35 32.22
C VAL H 44 69.50 -7.89 31.14
N SER H 45 69.52 -7.25 29.98
CA SER H 45 70.44 -7.67 28.94
C SER H 45 71.88 -7.57 29.41
N ALA H 46 72.17 -6.50 30.18
CA ALA H 46 73.53 -6.24 30.61
C ALA H 46 73.95 -7.25 31.67
N VAL H 47 73.00 -7.65 32.52
CA VAL H 47 73.30 -8.66 33.52
C VAL H 47 73.67 -9.97 32.82
N LYS H 48 72.85 -10.40 31.85
CA LYS H 48 73.14 -11.65 31.15
C LYS H 48 74.49 -11.55 30.47
N TRP H 49 74.85 -10.33 30.05
CA TRP H 49 76.10 -10.05 29.37
C TRP H 49 77.25 -10.22 30.35
N ALA H 50 77.11 -9.60 31.53
CA ALA H 50 78.12 -9.69 32.56
C ALA H 50 78.39 -11.16 32.93
N LYS H 51 77.32 -11.95 33.11
CA LYS H 51 77.52 -13.34 33.51
C LYS H 51 78.34 -14.11 32.47
N ALA H 52 78.41 -13.63 31.23
CA ALA H 52 79.17 -14.34 30.21
C ALA H 52 80.49 -13.63 29.94
N LEU H 53 80.74 -12.55 30.67
CA LEU H 53 81.98 -11.79 30.49
C LEU H 53 83.13 -12.60 31.08
N PRO H 54 84.16 -12.94 30.27
CA PRO H 54 85.34 -13.63 30.76
C PRO H 54 85.95 -12.88 31.94
N GLY H 55 86.08 -13.59 33.07
CA GLY H 55 86.63 -13.01 34.28
C GLY H 55 85.54 -12.78 35.32
N PHE H 56 84.43 -12.22 34.88
CA PHE H 56 83.47 -11.63 35.80
C PHE H 56 82.97 -12.66 36.81
N ARG H 57 82.77 -13.92 36.38
CA ARG H 57 82.15 -14.93 37.24
C ARG H 57 83.07 -15.33 38.40
N ASN H 58 84.36 -14.94 38.35
CA ASN H 58 85.31 -15.25 39.41
C ASN H 58 85.15 -14.32 40.61
N LEU H 59 84.52 -13.15 40.44
CA LEU H 59 84.34 -12.24 41.56
C LEU H 59 83.38 -12.86 42.55
N HIS H 60 83.45 -12.40 43.81
CA HIS H 60 82.49 -12.86 44.80
C HIS H 60 81.10 -12.42 44.33
N LEU H 61 80.08 -13.20 44.65
CA LEU H 61 78.73 -12.86 44.25
C LEU H 61 78.39 -11.42 44.65
N ASP H 62 78.86 -11.00 45.84
CA ASP H 62 78.47 -9.71 46.39
C ASP H 62 79.18 -8.59 45.64
N ASP H 63 80.34 -8.91 45.04
CA ASP H 63 81.06 -7.93 44.25
C ASP H 63 80.40 -7.75 42.88
N GLN H 64 79.80 -8.84 42.39
CA GLN H 64 79.05 -8.82 41.16
C GLN H 64 77.87 -7.88 41.33
N MET H 65 77.07 -8.13 42.36
CA MET H 65 75.94 -7.28 42.71
C MET H 65 76.38 -5.82 42.81
N THR H 66 77.56 -5.60 43.41
CA THR H 66 77.98 -4.25 43.72
C THR H 66 78.34 -3.52 42.44
N LEU H 67 79.14 -4.15 41.58
CA LEU H 67 79.62 -3.49 40.38
C LEU H 67 78.47 -3.18 39.42
N LEU H 68 77.50 -4.10 39.33
CA LEU H 68 76.36 -3.86 38.45
C LEU H 68 75.49 -2.72 38.99
N GLN H 69 75.23 -2.72 40.30
CA GLN H 69 74.46 -1.64 40.89
C GLN H 69 75.15 -0.29 40.74
N TYR H 70 76.49 -0.28 40.82
CA TYR H 70 77.18 1.00 40.90
C TYR H 70 77.33 1.56 39.49
N SER H 71 77.19 0.72 38.46
CA SER H 71 77.65 1.17 37.15
C SER H 71 76.60 1.04 36.03
N TRP H 72 75.40 0.58 36.37
CA TRP H 72 74.41 0.33 35.32
C TRP H 72 74.16 1.58 34.49
N MET H 73 73.98 2.72 35.15
CA MET H 73 73.75 3.95 34.42
C MET H 73 74.92 4.25 33.46
N SER H 74 76.16 3.97 33.86
CA SER H 74 77.30 4.25 32.98
C SER H 74 77.20 3.39 31.72
N LEU H 75 76.91 2.09 31.92
CA LEU H 75 76.79 1.16 30.81
C LEU H 75 75.73 1.63 29.84
N MET H 76 74.56 2.01 30.38
CA MET H 76 73.45 2.35 29.50
C MET H 76 73.77 3.63 28.74
N ALA H 77 74.33 4.63 29.44
CA ALA H 77 74.65 5.92 28.83
C ALA H 77 75.71 5.76 27.75
N PHE H 78 76.68 4.87 28.00
CA PHE H 78 77.78 4.66 27.08
C PHE H 78 77.23 4.03 25.79
N SER H 79 76.40 2.99 25.94
CA SER H 79 75.81 2.34 24.78
C SER H 79 74.95 3.33 23.99
N LEU H 80 74.19 4.16 24.70
CA LEU H 80 73.41 5.19 24.05
C LEU H 80 74.31 6.05 23.20
N GLY H 81 75.42 6.50 23.80
CA GLY H 81 76.40 7.30 23.08
C GLY H 81 76.83 6.60 21.78
N TRP H 82 77.14 5.30 21.89
CA TRP H 82 77.63 4.55 20.77
C TRP H 82 76.57 4.51 19.65
N ARG H 83 75.35 4.10 20.02
CA ARG H 83 74.26 4.01 19.06
C ARG H 83 74.01 5.37 18.42
N SER H 84 74.07 6.45 19.21
CA SER H 84 73.78 7.77 18.67
C SER H 84 74.85 8.18 17.65
N TYR H 85 76.11 7.83 17.96
CA TYR H 85 77.25 8.07 17.10
C TYR H 85 77.10 7.28 15.80
N LYS H 86 76.73 6.01 15.93
CA LYS H 86 76.67 5.11 14.79
C LYS H 86 75.51 5.49 13.87
N GLN H 87 74.34 5.87 14.41
CA GLN H 87 73.15 5.97 13.57
C GLN H 87 72.94 7.40 13.07
N SER H 88 73.50 8.40 13.72
CA SER H 88 73.13 9.77 13.39
C SER H 88 74.31 10.73 13.57
N ASN H 89 75.51 10.14 13.70
CA ASN H 89 76.73 10.91 13.87
C ASN H 89 76.59 11.91 15.01
N GLY H 90 75.90 11.50 16.08
CA GLY H 90 75.86 12.30 17.29
C GLY H 90 74.84 13.43 17.26
N ASN H 91 73.99 13.47 16.22
CA ASN H 91 73.02 14.54 16.07
C ASN H 91 71.74 14.28 16.87
N MET H 92 71.32 13.02 16.98
CA MET H 92 70.13 12.68 17.73
C MET H 92 70.48 11.59 18.75
N LEU H 93 69.65 11.46 19.79
CA LEU H 93 69.77 10.36 20.73
C LEU H 93 68.98 9.17 20.23
N CYS H 94 69.68 8.09 19.84
CA CYS H 94 69.03 6.87 19.35
C CYS H 94 68.87 5.87 20.49
N PHE H 95 67.85 6.11 21.32
CA PHE H 95 67.58 5.22 22.43
C PHE H 95 67.29 3.82 21.92
N ALA H 96 66.42 3.74 20.92
CA ALA H 96 66.13 2.51 20.19
C ALA H 96 65.94 2.89 18.72
N PRO H 97 65.98 1.92 17.78
CA PRO H 97 65.74 2.22 16.36
C PRO H 97 64.35 2.82 16.16
N ASP H 98 63.42 2.52 17.07
CA ASP H 98 62.05 2.97 16.98
C ASP H 98 61.79 4.08 18.00
N LEU H 99 62.84 4.68 18.55
CA LEU H 99 62.67 5.76 19.51
C LEU H 99 63.89 6.68 19.49
N VAL H 100 63.81 7.69 18.61
CA VAL H 100 64.90 8.62 18.36
C VAL H 100 64.45 10.01 18.79
N ILE H 101 65.17 10.64 19.71
CA ILE H 101 64.87 11.98 20.16
C ILE H 101 65.78 12.96 19.43
N ASN H 102 65.19 13.82 18.60
CA ASN H 102 65.95 14.82 17.86
C ASN H 102 65.83 16.18 18.56
N GLU H 103 66.42 17.22 17.94
CA GLU H 103 66.43 18.56 18.48
C GLU H 103 65.03 19.00 18.91
N GLU H 104 64.03 18.75 18.06
CA GLU H 104 62.67 19.20 18.32
C GLU H 104 62.10 18.51 19.56
N ARG H 105 62.22 17.17 19.64
CA ARG H 105 61.56 16.43 20.70
C ARG H 105 62.14 16.75 22.08
N MET H 106 63.35 17.34 22.11
CA MET H 106 64.06 17.62 23.35
C MET H 106 63.47 18.85 24.06
N GLN H 107 62.61 19.59 23.36
CA GLN H 107 62.06 20.85 23.86
C GLN H 107 60.99 20.59 24.93
N LEU H 108 60.67 19.32 25.20
CA LEU H 108 59.70 19.00 26.23
C LEU H 108 60.20 19.42 27.61
N PRO H 109 59.29 19.76 28.53
CA PRO H 109 59.65 20.05 29.91
C PRO H 109 60.50 18.95 30.54
N TYR H 110 61.57 19.36 31.22
CA TYR H 110 62.50 18.49 31.93
C TYR H 110 63.51 17.83 31.01
N MET H 111 63.16 17.65 29.73
CA MET H 111 63.94 16.82 28.83
C MET H 111 65.23 17.53 28.41
N TYR H 112 65.18 18.83 28.17
CA TYR H 112 66.27 19.51 27.48
C TYR H 112 67.60 19.31 28.19
N ASP H 113 67.61 19.54 29.52
CA ASP H 113 68.86 19.49 30.26
C ASP H 113 69.44 18.08 30.24
N GLN H 114 68.62 17.09 30.54
CA GLN H 114 69.08 15.72 30.62
C GLN H 114 69.59 15.26 29.25
N CYS H 115 68.92 15.66 28.17
CA CYS H 115 69.32 15.22 26.84
C CYS H 115 70.64 15.85 26.42
N GLN H 116 70.89 17.10 26.84
CA GLN H 116 72.12 17.81 26.53
C GLN H 116 73.30 17.02 27.09
N GLN H 117 73.13 16.52 28.32
CA GLN H 117 74.11 15.70 29.01
C GLN H 117 74.44 14.45 28.20
N MET H 118 73.42 13.72 27.73
CA MET H 118 73.62 12.43 27.07
C MET H 118 74.27 12.62 25.70
N LEU H 119 74.04 13.79 25.11
CA LEU H 119 74.62 14.09 23.81
C LEU H 119 76.11 14.35 23.91
N LYS H 120 76.58 14.80 25.09
CA LYS H 120 78.00 15.06 25.30
C LYS H 120 78.78 13.79 25.04
N ILE H 121 78.33 12.70 25.65
CA ILE H 121 78.94 11.38 25.47
C ILE H 121 78.99 11.05 23.98
N SER H 122 77.89 11.30 23.28
CA SER H 122 77.83 10.94 21.89
C SER H 122 78.91 11.65 21.10
N SER H 123 79.09 12.95 21.34
CA SER H 123 79.97 13.74 20.49
C SER H 123 81.43 13.43 20.80
N GLU H 124 81.70 12.90 22.00
CA GLU H 124 83.01 12.38 22.33
C GLU H 124 83.40 11.27 21.36
N PHE H 125 82.49 10.29 21.18
CA PHE H 125 82.74 9.25 20.19
C PHE H 125 83.00 9.86 18.82
N VAL H 126 82.28 10.95 18.48
CA VAL H 126 82.41 11.56 17.17
C VAL H 126 83.79 12.20 17.03
N ARG H 127 84.17 12.97 18.05
CA ARG H 127 85.46 13.67 18.05
C ARG H 127 86.60 12.68 17.86
N LEU H 128 86.62 11.61 18.67
CA LEU H 128 87.73 10.68 18.74
C LEU H 128 87.64 9.59 17.67
N GLN H 129 86.54 9.55 16.90
CA GLN H 129 86.31 8.51 15.92
C GLN H 129 86.59 7.12 16.51
N VAL H 130 85.95 6.79 17.64
CA VAL H 130 86.13 5.53 18.34
C VAL H 130 85.71 4.37 17.44
N SER H 131 86.44 3.26 17.54
CA SER H 131 86.17 2.05 16.78
C SER H 131 85.38 1.08 17.66
N TYR H 132 84.77 0.08 16.98
CA TYR H 132 83.92 -0.87 17.68
C TYR H 132 84.71 -1.58 18.79
N ASP H 133 85.92 -2.04 18.46
CA ASP H 133 86.72 -2.80 19.40
C ASP H 133 87.11 -1.94 20.60
N GLU H 134 87.49 -0.68 20.31
CA GLU H 134 87.80 0.26 21.38
C GLU H 134 86.60 0.39 22.32
N TYR H 135 85.42 0.57 21.70
CA TYR H 135 84.17 0.75 22.43
C TYR H 135 83.92 -0.45 23.34
N LEU H 136 84.10 -1.67 22.80
CA LEU H 136 83.73 -2.87 23.53
C LEU H 136 84.54 -3.01 24.81
N CYS H 137 85.81 -2.59 24.72
CA CYS H 137 86.76 -2.74 25.82
C CYS H 137 86.49 -1.68 26.88
N MET H 138 86.35 -0.43 26.40
CA MET H 138 86.01 0.67 27.30
C MET H 138 84.74 0.32 28.08
N LYS H 139 83.78 -0.33 27.40
CA LYS H 139 82.52 -0.63 28.07
C LYS H 139 82.79 -1.54 29.25
N VAL H 140 83.69 -2.52 29.07
CA VAL H 140 83.97 -3.46 30.14
C VAL H 140 84.61 -2.69 31.31
N LEU H 141 85.51 -1.76 30.96
CA LEU H 141 86.18 -0.98 31.97
C LEU H 141 85.17 -0.19 32.82
N LEU H 142 84.10 0.30 32.20
CA LEU H 142 83.09 1.05 32.93
C LEU H 142 82.43 0.19 34.02
N LEU H 143 82.25 -1.09 33.72
CA LEU H 143 81.66 -2.02 34.68
C LEU H 143 82.55 -2.08 35.92
N LEU H 144 83.86 -1.89 35.68
CA LEU H 144 84.88 -2.04 36.71
C LEU H 144 85.45 -0.69 37.12
N SER H 145 84.62 0.36 37.16
CA SER H 145 85.19 1.68 37.34
C SER H 145 84.62 2.41 38.54
N THR H 146 83.77 1.73 39.31
CA THR H 146 83.14 2.34 40.47
C THR H 146 83.04 1.29 41.57
N VAL H 147 83.68 1.57 42.71
CA VAL H 147 83.82 0.60 43.79
C VAL H 147 83.28 1.21 45.07
N PRO H 148 82.93 0.38 46.09
CA PRO H 148 82.21 0.85 47.31
C PRO H 148 83.32 1.60 48.06
N LYS H 149 83.28 2.35 49.14
CA LYS H 149 84.38 3.31 49.33
C LYS H 149 85.60 2.62 49.93
N ASP H 150 85.33 1.57 50.68
CA ASP H 150 86.34 0.73 51.33
C ASP H 150 86.42 -0.63 50.65
N GLY H 151 86.22 -0.66 49.31
CA GLY H 151 86.69 -1.80 48.49
C GLY H 151 85.80 -3.05 48.62
N LEU H 152 86.26 -4.15 48.02
CA LEU H 152 85.42 -5.27 47.63
C LEU H 152 85.89 -6.55 48.30
N LYS H 153 84.97 -7.51 48.43
CA LYS H 153 85.21 -8.79 49.10
C LYS H 153 86.28 -9.62 48.39
N SER H 154 86.59 -9.35 47.12
CA SER H 154 87.63 -10.11 46.44
C SER H 154 88.45 -9.20 45.54
N GLN H 155 89.10 -8.23 46.20
CA GLN H 155 89.96 -7.24 45.57
C GLN H 155 91.04 -7.93 44.74
N ALA H 156 91.48 -9.09 45.22
CA ALA H 156 92.43 -9.95 44.53
C ALA H 156 92.09 -10.03 43.04
N VAL H 157 90.93 -10.66 42.79
CA VAL H 157 90.46 -11.05 41.46
C VAL H 157 90.13 -9.81 40.65
N PHE H 158 89.45 -8.85 41.31
CA PHE H 158 89.05 -7.61 40.67
C PHE H 158 90.24 -6.97 39.96
N ASP H 159 91.37 -6.84 40.67
CA ASP H 159 92.50 -6.08 40.15
C ASP H 159 93.07 -6.78 38.92
N GLU H 160 93.00 -8.12 38.92
CA GLU H 160 93.50 -8.91 37.79
C GLU H 160 92.62 -8.68 36.56
N ILE H 161 91.29 -8.82 36.74
CA ILE H 161 90.31 -8.58 35.69
C ILE H 161 90.56 -7.20 35.08
N ARG H 162 90.58 -6.18 35.94
CA ARG H 162 90.72 -4.80 35.50
C ARG H 162 91.95 -4.66 34.61
N MET H 163 93.02 -5.37 34.97
CA MET H 163 94.29 -5.27 34.28
C MET H 163 94.19 -5.92 32.89
N THR H 164 93.54 -7.10 32.85
CA THR H 164 93.34 -7.82 31.60
C THR H 164 92.65 -6.92 30.57
N TYR H 165 91.57 -6.25 31.00
CA TYR H 165 90.80 -5.44 30.06
C TYR H 165 91.52 -4.15 29.68
N ILE H 166 92.36 -3.61 30.58
CA ILE H 166 93.18 -2.48 30.19
C ILE H 166 94.14 -2.91 29.08
N LYS H 167 94.74 -4.10 29.25
CA LYS H 167 95.64 -4.63 28.23
C LYS H 167 94.88 -4.77 26.91
N GLU H 168 93.63 -5.24 27.03
CA GLU H 168 92.79 -5.52 25.88
C GLU H 168 92.49 -4.23 25.11
N LEU H 169 92.16 -3.16 25.84
CA LEU H 169 91.97 -1.88 25.21
C LEU H 169 93.23 -1.52 24.41
N GLY H 170 94.39 -1.84 25.01
CA GLY H 170 95.68 -1.66 24.36
C GLY H 170 95.73 -2.33 22.99
N LYS H 171 95.45 -3.65 22.96
CA LYS H 171 95.50 -4.41 21.72
C LYS H 171 94.58 -3.78 20.69
N ALA H 172 93.40 -3.33 21.13
CA ALA H 172 92.40 -2.75 20.25
C ALA H 172 92.95 -1.49 19.58
N ILE H 173 93.67 -0.67 20.35
CA ILE H 173 94.24 0.55 19.81
C ILE H 173 95.32 0.21 18.77
N VAL H 174 96.18 -0.74 19.12
CA VAL H 174 97.29 -1.18 18.28
C VAL H 174 96.75 -1.69 16.96
N LYS H 175 95.70 -2.52 17.03
CA LYS H 175 95.09 -3.15 15.86
C LYS H 175 94.60 -2.09 14.88
N ARG H 176 94.31 -0.87 15.36
CA ARG H 176 93.80 0.18 14.50
C ARG H 176 94.92 0.84 13.69
N GLU H 177 96.19 0.51 13.98
CA GLU H 177 97.21 0.61 12.94
C GLU H 177 98.36 -0.35 13.26
N SER H 180 103.51 4.23 14.63
CA SER H 180 103.59 5.63 15.15
C SER H 180 103.40 5.63 16.67
N SER H 181 103.77 6.72 17.34
CA SER H 181 103.34 6.94 18.71
C SER H 181 102.04 7.80 18.80
N GLN H 182 101.18 7.49 17.86
CA GLN H 182 99.78 7.93 17.84
C GLN H 182 99.00 7.00 18.77
N ASN H 183 99.48 5.77 18.90
CA ASN H 183 98.97 4.74 19.79
C ASN H 183 98.91 5.29 21.20
N TRP H 184 99.92 6.02 21.65
CA TRP H 184 99.99 6.36 23.07
C TRP H 184 99.10 7.57 23.34
N GLN H 185 99.00 8.44 22.32
CA GLN H 185 98.19 9.64 22.43
C GLN H 185 96.73 9.22 22.55
N ARG H 186 96.35 8.22 21.75
CA ARG H 186 95.01 7.67 21.71
C ARG H 186 94.68 7.08 23.07
N PHE H 187 95.59 6.25 23.60
CA PHE H 187 95.36 5.62 24.89
C PHE H 187 95.04 6.67 25.93
N TYR H 188 95.68 7.85 25.81
CA TYR H 188 95.48 8.90 26.79
C TYR H 188 94.07 9.46 26.67
N GLN H 189 93.71 9.79 25.42
CA GLN H 189 92.43 10.36 25.05
C GLN H 189 91.30 9.46 25.54
N LEU H 190 91.40 8.14 25.26
CA LEU H 190 90.33 7.21 25.59
C LEU H 190 90.24 7.03 27.10
N THR H 191 91.39 7.08 27.78
CA THR H 191 91.36 6.92 29.23
C THR H 191 90.85 8.22 29.87
N LYS H 192 91.14 9.36 29.20
CA LYS H 192 90.60 10.63 29.67
C LYS H 192 89.07 10.62 29.60
N LEU H 193 88.55 10.07 28.50
CA LEU H 193 87.12 9.93 28.27
C LEU H 193 86.49 9.06 29.35
N LEU H 194 87.09 7.89 29.61
CA LEU H 194 86.58 7.01 30.64
C LEU H 194 86.49 7.73 31.98
N ASP H 195 87.45 8.65 32.19
CA ASP H 195 87.50 9.34 33.46
C ASP H 195 86.34 10.33 33.55
N SER H 196 86.15 11.08 32.45
CA SER H 196 85.14 12.12 32.42
C SER H 196 83.73 11.54 32.52
N MET H 197 83.60 10.22 32.28
CA MET H 197 82.31 9.56 32.37
C MET H 197 81.70 9.63 33.76
N HIS H 198 82.56 9.64 34.80
CA HIS H 198 82.01 9.59 36.15
C HIS H 198 81.17 10.83 36.45
N GLU H 199 81.66 11.98 35.98
CA GLU H 199 80.97 13.25 36.18
C GLU H 199 79.67 13.26 35.37
N MET H 200 79.75 12.97 34.05
CA MET H 200 78.60 13.02 33.16
C MET H 200 77.49 12.11 33.68
N VAL H 201 77.86 10.87 34.03
CA VAL H 201 76.90 9.90 34.51
C VAL H 201 76.29 10.35 35.85
N GLY H 202 77.14 10.93 36.71
CA GLY H 202 76.70 11.43 38.00
C GLY H 202 75.50 12.39 37.84
N GLY H 203 75.59 13.26 36.81
CA GLY H 203 74.50 14.14 36.42
C GLY H 203 73.19 13.37 36.19
N LEU H 204 73.25 12.40 35.28
CA LEU H 204 72.10 11.57 34.94
C LEU H 204 71.58 10.86 36.20
N LEU H 205 72.51 10.34 36.99
CA LEU H 205 72.13 9.58 38.17
C LEU H 205 71.30 10.46 39.11
N GLN H 206 71.64 11.76 39.13
CA GLN H 206 70.93 12.69 39.99
C GLN H 206 69.49 12.88 39.52
N PHE H 207 69.30 13.10 38.21
CA PHE H 207 67.95 13.23 37.70
C PHE H 207 67.15 11.96 37.97
N CYS H 208 67.81 10.82 37.82
CA CYS H 208 67.17 9.53 38.02
C CYS H 208 66.63 9.43 39.45
N PHE H 209 67.50 9.71 40.44
CA PHE H 209 67.11 9.67 41.83
C PHE H 209 65.97 10.64 42.12
N TYR H 210 66.07 11.85 41.53
CA TYR H 210 65.06 12.86 41.70
C TYR H 210 63.70 12.35 41.21
N THR H 211 63.63 11.87 39.96
CA THR H 211 62.35 11.46 39.40
C THR H 211 61.85 10.19 40.11
N PHE H 212 62.75 9.42 40.74
CA PHE H 212 62.32 8.22 41.42
C PHE H 212 61.66 8.56 42.76
N VAL H 213 62.21 9.56 43.45
CA VAL H 213 61.82 9.86 44.82
C VAL H 213 60.57 10.74 44.82
N ASN H 214 60.51 11.68 43.86
CA ASN H 214 59.49 12.71 43.81
C ASN H 214 58.24 12.19 43.12
N LYS H 215 57.37 11.54 43.91
CA LYS H 215 56.17 10.82 43.47
C LYS H 215 55.22 11.71 42.66
N SER H 216 55.23 13.02 42.90
CA SER H 216 54.26 13.91 42.27
C SER H 216 54.45 14.01 40.75
N LEU H 217 55.64 13.66 40.25
CA LEU H 217 55.94 13.73 38.83
C LEU H 217 55.33 12.56 38.09
N SER H 218 54.95 11.49 38.82
CA SER H 218 54.23 10.35 38.29
C SER H 218 55.03 9.59 37.23
N VAL H 219 56.36 9.61 37.35
CA VAL H 219 57.24 8.88 36.44
C VAL H 219 57.27 7.43 36.91
N GLU H 220 57.06 6.48 36.00
CA GLU H 220 57.03 5.07 36.36
C GLU H 220 58.40 4.44 36.14
N PHE H 221 58.67 3.39 36.93
CA PHE H 221 59.90 2.62 36.88
C PHE H 221 59.52 1.15 36.92
N PRO H 222 60.13 0.27 36.10
CA PRO H 222 59.85 -1.17 36.23
C PRO H 222 60.49 -1.70 37.51
N GLU H 223 59.96 -2.83 38.02
CA GLU H 223 60.41 -3.39 39.29
C GLU H 223 61.93 -3.58 39.33
N MET H 224 62.49 -4.13 38.26
CA MET H 224 63.93 -4.34 38.14
C MET H 224 64.69 -3.11 38.60
N LEU H 225 64.41 -1.95 37.98
CA LEU H 225 65.12 -0.71 38.24
C LEU H 225 64.76 -0.14 39.62
N ALA H 226 63.49 -0.24 40.00
CA ALA H 226 63.03 0.30 41.27
C ALA H 226 63.82 -0.33 42.42
N GLU H 227 63.85 -1.67 42.44
CA GLU H 227 64.61 -2.41 43.43
C GLU H 227 66.06 -1.90 43.45
N ILE H 228 66.70 -1.80 42.29
CA ILE H 228 68.09 -1.40 42.24
C ILE H 228 68.24 0.03 42.72
N ILE H 229 67.43 0.95 42.21
CA ILE H 229 67.59 2.36 42.54
C ILE H 229 67.44 2.56 44.04
N SER H 230 66.40 1.96 44.63
CA SER H 230 66.10 2.26 46.02
C SER H 230 67.20 1.73 46.95
N ASN H 231 67.86 0.65 46.54
CA ASN H 231 68.98 0.13 47.31
C ASN H 231 70.23 0.97 47.10
N GLN H 232 70.37 1.54 45.90
CA GLN H 232 71.60 2.20 45.49
C GLN H 232 71.55 3.66 45.97
N LEU H 233 70.38 4.12 46.43
CA LEU H 233 70.17 5.52 46.72
C LEU H 233 70.90 5.95 48.00
N PRO H 234 70.66 5.30 49.16
CA PRO H 234 71.45 5.56 50.37
C PRO H 234 72.95 5.40 50.20
N LYS H 235 73.39 4.43 49.38
CA LYS H 235 74.82 4.19 49.13
C LYS H 235 75.47 5.38 48.42
N PHE H 236 74.70 6.14 47.64
CA PHE H 236 75.27 7.26 46.90
C PHE H 236 75.22 8.53 47.75
N LYS H 237 74.20 8.63 48.62
CA LYS H 237 74.11 9.75 49.56
C LYS H 237 75.25 9.67 50.59
N ALA H 238 75.69 8.46 50.93
CA ALA H 238 76.72 8.22 51.94
C ALA H 238 78.12 8.19 51.31
N GLY H 239 78.23 8.57 50.03
CA GLY H 239 79.48 8.61 49.28
C GLY H 239 80.42 7.44 49.52
N SER H 240 79.87 6.21 49.45
CA SER H 240 80.64 4.98 49.64
C SER H 240 81.21 4.35 48.31
N VAL H 241 81.18 5.23 47.33
CA VAL H 241 81.36 4.94 45.92
C VAL H 241 82.50 5.82 45.46
N LYS H 242 83.50 5.12 44.97
CA LYS H 242 84.81 5.70 44.64
C LYS H 242 85.11 5.38 43.18
N PRO H 243 85.19 6.41 42.30
CA PRO H 243 85.73 6.23 40.95
C PRO H 243 87.20 5.88 40.92
N LEU H 244 87.57 4.95 40.02
CA LEU H 244 88.96 4.62 39.77
C LEU H 244 89.43 5.40 38.54
N LEU H 245 90.30 6.39 38.75
CA LEU H 245 90.69 7.24 37.65
C LEU H 245 92.00 6.77 37.04
N PHE H 246 92.24 7.15 35.79
CA PHE H 246 93.47 6.85 35.08
C PHE H 246 94.39 8.06 35.15
N HIS H 247 93.83 9.22 35.54
CA HIS H 247 94.55 10.48 35.56
C HIS H 247 94.12 11.35 36.74
N PHE I 1 -19.13 -4.90 8.46
CA PHE I 1 -19.70 -3.83 9.30
C PHE I 1 -20.39 -2.76 8.45
N PRO I 2 -21.69 -2.43 8.70
CA PRO I 2 -22.38 -1.36 7.98
C PRO I 2 -22.19 0.00 8.66
N THR I 3 -22.14 1.08 7.86
CA THR I 3 -21.92 2.42 8.38
C THR I 3 -23.13 2.88 9.18
N LEU I 4 -22.92 3.85 10.09
CA LEU I 4 -23.99 4.32 10.94
C LEU I 4 -25.04 5.06 10.11
N ILE I 5 -24.59 5.87 9.14
CA ILE I 5 -25.55 6.58 8.30
C ILE I 5 -26.44 5.58 7.56
N SER I 6 -25.87 4.46 7.09
CA SER I 6 -26.67 3.57 6.30
C SER I 6 -27.70 2.84 7.19
N LEU I 7 -27.37 2.62 8.48
CA LEU I 7 -28.33 2.06 9.40
C LEU I 7 -29.48 3.02 9.63
N LEU I 8 -29.16 4.33 9.73
CA LEU I 8 -30.18 5.32 9.99
C LEU I 8 -31.20 5.30 8.85
N GLU I 9 -30.70 5.09 7.63
CA GLU I 9 -31.51 5.03 6.43
C GLU I 9 -32.41 3.79 6.47
N VAL I 10 -31.86 2.65 6.91
CA VAL I 10 -32.64 1.43 6.80
C VAL I 10 -33.73 1.39 7.87
N ILE I 11 -33.49 2.07 9.01
CA ILE I 11 -34.41 1.90 10.13
C ILE I 11 -35.47 3.00 10.13
N GLU I 12 -35.30 4.02 9.28
CA GLU I 12 -36.25 5.10 9.18
C GLU I 12 -37.63 4.53 8.91
N PRO I 13 -38.66 4.89 9.72
CA PRO I 13 -40.01 4.35 9.52
C PRO I 13 -40.60 4.79 8.21
N GLU I 14 -41.35 3.88 7.58
CA GLU I 14 -42.02 4.18 6.32
C GLU I 14 -43.24 5.03 6.65
N VAL I 15 -43.58 5.97 5.77
CA VAL I 15 -44.70 6.88 5.98
C VAL I 15 -46.01 6.11 6.16
N LEU I 16 -46.78 6.45 7.21
CA LEU I 16 -48.06 5.82 7.45
C LEU I 16 -49.19 6.50 6.66
N TYR I 17 -50.21 5.72 6.29
CA TYR I 17 -51.48 6.23 5.78
C TYR I 17 -52.44 6.46 6.94
N SER I 18 -53.34 7.43 6.79
CA SER I 18 -54.25 7.75 7.89
C SER I 18 -55.52 6.93 7.77
N GLY I 19 -55.86 6.53 6.54
CA GLY I 19 -57.14 5.88 6.26
C GLY I 19 -58.32 6.82 6.45
N TYR I 20 -58.06 8.14 6.43
CA TYR I 20 -59.09 9.15 6.43
C TYR I 20 -60.08 8.89 5.32
N ASP I 21 -61.37 9.10 5.60
CA ASP I 21 -62.42 8.89 4.63
C ASP I 21 -62.81 10.24 4.04
N SER I 22 -62.38 10.53 2.81
CA SER I 22 -62.65 11.83 2.20
C SER I 22 -64.09 11.95 1.67
N THR I 23 -64.90 10.92 1.91
CA THR I 23 -66.31 10.86 1.58
C THR I 23 -67.14 11.75 2.49
N LEU I 24 -66.85 11.70 3.78
CA LEU I 24 -67.55 12.44 4.82
C LEU I 24 -66.94 13.84 4.91
N PRO I 25 -67.73 14.88 5.18
CA PRO I 25 -67.23 16.26 5.14
C PRO I 25 -66.24 16.55 6.28
N ASP I 26 -65.34 17.52 6.06
CA ASP I 26 -64.31 17.85 7.04
C ASP I 26 -64.91 18.74 8.13
N THR I 27 -64.59 18.44 9.38
CA THR I 27 -64.84 19.35 10.47
C THR I 27 -63.56 19.45 11.30
N SER I 28 -63.39 20.56 12.00
CA SER I 28 -62.25 20.78 12.88
C SER I 28 -62.07 19.62 13.84
N THR I 29 -63.12 19.24 14.57
CA THR I 29 -63.02 18.14 15.53
C THR I 29 -62.53 16.87 14.86
N ARG I 30 -63.14 16.56 13.71
CA ARG I 30 -62.87 15.29 13.04
C ARG I 30 -61.41 15.27 12.61
N LEU I 31 -60.96 16.37 12.02
CA LEU I 31 -59.61 16.46 11.48
C LEU I 31 -58.57 16.31 12.59
N MET I 32 -58.76 17.09 13.67
CA MET I 32 -57.84 17.06 14.78
C MET I 32 -57.80 15.65 15.40
N SER I 33 -58.97 15.04 15.52
CA SER I 33 -59.03 13.68 16.04
C SER I 33 -58.28 12.73 15.11
N THR I 34 -58.41 12.91 13.79
CA THR I 34 -57.74 12.02 12.86
C THR I 34 -56.24 12.18 13.00
N LEU I 35 -55.78 13.43 13.04
CA LEU I 35 -54.37 13.71 13.18
C LEU I 35 -53.84 13.08 14.48
N ASN I 36 -54.61 13.14 15.56
CA ASN I 36 -54.12 12.55 16.80
C ASN I 36 -54.01 11.03 16.68
N ARG I 37 -55.01 10.41 16.06
CA ARG I 37 -55.05 8.97 15.90
C ARG I 37 -53.82 8.54 15.09
N LEU I 38 -53.50 9.33 14.06
CA LEU I 38 -52.35 9.09 13.21
C LEU I 38 -51.06 9.28 14.00
N GLY I 39 -50.99 10.34 14.81
CA GLY I 39 -49.85 10.60 15.67
C GLY I 39 -49.55 9.42 16.60
N GLY I 40 -50.60 8.85 17.19
CA GLY I 40 -50.45 7.68 18.05
C GLY I 40 -49.64 6.58 17.34
N ARG I 41 -50.05 6.27 16.11
CA ARG I 41 -49.41 5.22 15.34
C ARG I 41 -48.00 5.63 14.95
N GLN I 42 -47.82 6.91 14.61
CA GLN I 42 -46.50 7.42 14.24
C GLN I 42 -45.55 7.29 15.43
N VAL I 43 -46.06 7.51 16.65
CA VAL I 43 -45.25 7.45 17.85
C VAL I 43 -44.81 6.00 18.11
N VAL I 44 -45.77 5.06 18.01
CA VAL I 44 -45.39 3.65 18.10
C VAL I 44 -44.28 3.32 17.10
N SER I 45 -44.39 3.85 15.88
CA SER I 45 -43.36 3.64 14.89
C SER I 45 -42.02 4.20 15.40
N ALA I 46 -42.08 5.35 16.09
CA ALA I 46 -40.88 6.02 16.54
C ALA I 46 -40.23 5.23 17.68
N VAL I 47 -41.06 4.64 18.53
CA VAL I 47 -40.54 3.81 19.61
C VAL I 47 -39.78 2.63 19.02
N LYS I 48 -40.41 1.92 18.05
CA LYS I 48 -39.75 0.77 17.46
C LYS I 48 -38.44 1.21 16.80
N TRP I 49 -38.43 2.45 16.31
CA TRP I 49 -37.27 3.02 15.65
C TRP I 49 -36.17 3.26 16.67
N ALA I 50 -36.54 3.89 17.79
CA ALA I 50 -35.60 4.14 18.87
C ALA I 50 -34.95 2.84 19.34
N LYS I 51 -35.74 1.77 19.54
CA LYS I 51 -35.17 0.53 20.03
C LYS I 51 -34.12 -0.03 19.07
N ALA I 52 -34.14 0.39 17.80
CA ALA I 52 -33.16 -0.12 16.85
C ALA I 52 -32.08 0.93 16.59
N LEU I 53 -32.19 2.08 17.25
CA LEU I 53 -31.22 3.14 17.07
C LEU I 53 -29.92 2.74 17.78
N PRO I 54 -28.79 2.66 17.04
CA PRO I 54 -27.49 2.34 17.65
C PRO I 54 -27.20 3.28 18.80
N GLY I 55 -26.95 2.69 19.97
CA GLY I 55 -26.65 3.43 21.19
C GLY I 55 -27.84 3.40 22.15
N PHE I 56 -29.04 3.60 21.61
CA PHE I 56 -30.17 3.98 22.44
C PHE I 56 -30.44 2.94 23.54
N ARG I 57 -30.28 1.66 23.22
CA ARG I 57 -30.67 0.62 24.17
C ARG I 57 -29.75 0.53 25.38
N ASN I 58 -28.61 1.22 25.32
CA ASN I 58 -27.65 1.28 26.44
C ASN I 58 -28.12 2.20 27.54
N LEU I 59 -29.02 3.16 27.25
CA LEU I 59 -29.50 4.07 28.28
C LEU I 59 -30.30 3.29 29.31
N HIS I 60 -30.42 3.84 30.51
CA HIS I 60 -31.27 3.22 31.52
C HIS I 60 -32.69 3.24 30.98
N LEU I 61 -33.49 2.23 31.36
CA LEU I 61 -34.86 2.17 30.87
C LEU I 61 -35.60 3.48 31.14
N ASP I 62 -35.32 4.10 32.28
CA ASP I 62 -36.08 5.27 32.69
C ASP I 62 -35.65 6.48 31.89
N ASP I 63 -34.43 6.45 31.35
CA ASP I 63 -33.95 7.52 30.51
C ASP I 63 -34.55 7.42 29.12
N GLN I 64 -34.81 6.18 28.70
CA GLN I 64 -35.47 5.91 27.44
C GLN I 64 -36.87 6.49 27.49
N MET I 65 -37.63 6.10 28.52
CA MET I 65 -38.96 6.63 28.76
C MET I 65 -38.94 8.16 28.76
N THR I 66 -37.90 8.73 29.36
CA THR I 66 -37.89 10.17 29.57
C THR I 66 -37.69 10.87 28.23
N LEU I 67 -36.69 10.42 27.46
CA LEU I 67 -36.35 11.09 26.22
C LEU I 67 -37.49 10.98 25.20
N LEU I 68 -38.16 9.82 25.17
CA LEU I 68 -39.28 9.67 24.25
C LEU I 68 -40.46 10.54 24.66
N GLN I 69 -40.78 10.59 25.95
CA GLN I 69 -41.85 11.46 26.42
C GLN I 69 -41.53 12.93 26.15
N TYR I 70 -40.26 13.32 26.26
CA TYR I 70 -39.95 14.74 26.22
C TYR I 70 -39.89 15.19 24.76
N SER I 71 -39.74 14.26 23.83
CA SER I 71 -39.36 14.71 22.49
C SER I 71 -40.26 14.18 21.37
N TRP I 72 -41.32 13.43 21.72
CA TRP I 72 -42.15 12.84 20.68
C TRP I 72 -42.70 13.90 19.73
N MET I 73 -43.22 14.99 20.30
CA MET I 73 -43.75 16.05 19.46
C MET I 73 -42.67 16.59 18.50
N SER I 74 -41.42 16.71 18.96
CA SER I 74 -40.37 17.23 18.08
C SER I 74 -40.17 16.30 16.89
N LEU I 75 -40.09 14.99 17.18
CA LEU I 75 -39.86 13.99 16.17
C LEU I 75 -40.98 14.06 15.13
N MET I 76 -42.23 14.11 15.61
CA MET I 76 -43.34 14.04 14.69
C MET I 76 -43.39 15.28 13.82
N ALA I 77 -43.19 16.44 14.44
CA ALA I 77 -43.25 17.71 13.73
C ALA I 77 -42.13 17.81 12.71
N PHE I 78 -40.96 17.29 13.07
CA PHE I 78 -39.80 17.36 12.19
C PHE I 78 -40.06 16.51 10.96
N SER I 79 -40.55 15.28 11.16
CA SER I 79 -40.87 14.40 10.03
C SER I 79 -41.93 15.04 9.13
N LEU I 80 -42.95 15.64 9.75
CA LEU I 80 -43.98 16.33 9.00
C LEU I 80 -43.33 17.39 8.12
N GLY I 81 -42.44 18.18 8.74
CA GLY I 81 -41.71 19.20 8.00
C GLY I 81 -41.01 18.61 6.79
N TRP I 82 -40.33 17.48 6.99
CA TRP I 82 -39.56 16.87 5.94
C TRP I 82 -40.49 16.46 4.80
N ARG I 83 -41.54 15.68 5.13
CA ARG I 83 -42.49 15.23 4.13
C ARG I 83 -43.09 16.42 3.38
N SER I 84 -43.43 17.49 4.11
CA SER I 84 -44.06 18.64 3.47
C SER I 84 -43.10 19.31 2.49
N TYR I 85 -41.83 19.38 2.87
CA TYR I 85 -40.75 19.93 2.06
C TYR I 85 -40.55 19.07 0.81
N LYS I 86 -40.53 17.75 1.00
CA LYS I 86 -40.24 16.83 -0.08
C LYS I 86 -41.39 16.79 -1.08
N GLN I 87 -42.66 16.82 -0.63
CA GLN I 87 -43.77 16.51 -1.52
C GLN I 87 -44.37 17.77 -2.13
N SER I 88 -44.17 18.93 -1.52
CA SER I 88 -44.91 20.11 -1.95
C SER I 88 -44.09 21.39 -1.77
N ASN I 89 -42.79 21.22 -1.54
CA ASN I 89 -41.88 22.32 -1.33
C ASN I 89 -42.40 23.28 -0.27
N GLY I 90 -43.02 22.73 0.78
CA GLY I 90 -43.40 23.53 1.93
C GLY I 90 -44.72 24.27 1.75
N ASN I 91 -45.45 23.99 0.67
CA ASN I 91 -46.70 24.70 0.38
C ASN I 91 -47.90 24.09 1.11
N MET I 92 -47.92 22.77 1.29
CA MET I 92 -49.00 22.11 1.99
C MET I 92 -48.41 21.24 3.10
N LEU I 93 -49.23 20.92 4.10
CA LEU I 93 -48.84 19.97 5.13
C LEU I 93 -49.18 18.55 4.68
N CYS I 94 -48.15 17.73 4.43
CA CYS I 94 -48.36 16.36 3.99
C CYS I 94 -48.31 15.41 5.18
N PHE I 95 -49.41 15.36 5.95
CA PHE I 95 -49.44 14.51 7.12
C PHE I 95 -49.25 13.06 6.71
N ALA I 96 -50.01 12.66 5.70
CA ALA I 96 -49.96 11.33 5.11
C ALA I 96 -50.25 11.49 3.63
N PRO I 97 -49.91 10.47 2.79
CA PRO I 97 -50.20 10.56 1.36
C PRO I 97 -51.69 10.70 1.09
N ASP I 98 -52.51 10.23 2.03
CA ASP I 98 -53.97 10.28 1.90
C ASP I 98 -54.56 11.36 2.80
N LEU I 99 -53.72 12.29 3.30
CA LEU I 99 -54.22 13.35 4.17
C LEU I 99 -53.30 14.58 4.09
N VAL I 100 -53.63 15.46 3.12
CA VAL I 100 -52.87 16.64 2.81
C VAL I 100 -53.73 17.86 3.13
N ILE I 101 -53.25 18.74 4.01
CA ILE I 101 -53.96 19.97 4.31
C ILE I 101 -53.34 21.10 3.49
N ASN I 102 -54.13 21.64 2.56
CA ASN I 102 -53.68 22.71 1.69
C ASN I 102 -54.28 24.02 2.20
N GLU I 103 -54.05 25.12 1.44
CA GLU I 103 -54.49 26.45 1.80
C GLU I 103 -55.98 26.45 2.14
N GLU I 104 -56.79 25.78 1.31
CA GLU I 104 -58.23 25.78 1.48
C GLU I 104 -58.63 25.09 2.78
N ARG I 105 -58.09 23.91 3.07
CA ARG I 105 -58.54 23.14 4.22
C ARG I 105 -58.19 23.82 5.54
N MET I 106 -57.23 24.75 5.51
CA MET I 106 -56.75 25.42 6.71
C MET I 106 -57.74 26.47 7.21
N GLN I 107 -58.73 26.81 6.37
CA GLN I 107 -59.68 27.87 6.66
C GLN I 107 -60.72 27.38 7.67
N LEU I 108 -60.65 26.11 8.07
CA LEU I 108 -61.58 25.60 9.07
C LEU I 108 -61.34 26.28 10.41
N PRO I 109 -62.40 26.42 11.25
CA PRO I 109 -62.24 26.96 12.59
C PRO I 109 -61.14 26.25 13.38
N TYR I 110 -60.29 27.01 14.05
CA TYR I 110 -59.23 26.51 14.91
C TYR I 110 -57.98 26.08 14.12
N MET I 111 -58.16 25.69 12.86
CA MET I 111 -57.09 25.05 12.10
C MET I 111 -56.00 26.03 11.71
N TYR I 112 -56.39 27.25 11.32
CA TYR I 112 -55.44 28.14 10.66
C TYR I 112 -54.18 28.37 11.49
N ASP I 113 -54.36 28.69 12.77
CA ASP I 113 -53.25 29.04 13.63
C ASP I 113 -52.30 27.86 13.79
N GLN I 114 -52.86 26.69 14.12
CA GLN I 114 -52.03 25.53 14.36
C GLN I 114 -51.27 25.14 13.10
N CYS I 115 -51.91 25.25 11.94
CA CYS I 115 -51.26 24.87 10.69
C CYS I 115 -50.12 25.82 10.32
N GLN I 116 -50.27 27.10 10.65
CA GLN I 116 -49.26 28.11 10.38
C GLN I 116 -47.97 27.74 11.11
N GLN I 117 -48.12 27.29 12.37
CA GLN I 117 -47.03 26.82 13.21
C GLN I 117 -46.28 25.66 12.52
N MET I 118 -47.00 24.65 12.03
CA MET I 118 -46.37 23.45 11.51
C MET I 118 -45.67 23.73 10.18
N LEU I 119 -46.16 24.75 9.47
CA LEU I 119 -45.57 25.15 8.20
C LEU I 119 -44.23 25.82 8.41
N LYS I 120 -44.00 26.44 9.58
CA LYS I 120 -42.75 27.11 9.89
C LYS I 120 -41.60 26.11 9.75
N ILE I 121 -41.79 24.94 10.38
CA ILE I 121 -40.79 23.89 10.30
C ILE I 121 -40.49 23.54 8.84
N SER I 122 -41.57 23.44 8.07
CA SER I 122 -41.40 23.03 6.69
C SER I 122 -40.52 24.01 5.94
N SER I 123 -40.77 25.30 6.12
CA SER I 123 -40.10 26.30 5.29
C SER I 123 -38.64 26.45 5.70
N GLU I 124 -38.32 26.07 6.95
CA GLU I 124 -36.93 25.99 7.38
C GLU I 124 -36.16 25.02 6.50
N PHE I 125 -36.71 23.81 6.30
CA PHE I 125 -36.09 22.86 5.39
C PHE I 125 -35.93 23.48 4.00
N VAL I 126 -36.91 24.28 3.58
CA VAL I 126 -36.88 24.87 2.25
C VAL I 126 -35.74 25.88 2.16
N ARG I 127 -35.67 26.77 3.17
CA ARG I 127 -34.67 27.82 3.20
C ARG I 127 -33.27 27.21 3.14
N LEU I 128 -32.99 26.23 4.01
CA LEU I 128 -31.65 25.69 4.18
C LEU I 128 -31.33 24.59 3.17
N GLN I 129 -32.31 24.19 2.35
CA GLN I 129 -32.14 23.09 1.41
C GLN I 129 -31.49 21.87 2.10
N VAL I 130 -32.09 21.40 3.20
CA VAL I 130 -31.57 20.26 3.96
C VAL I 130 -31.57 19.00 3.10
N SER I 131 -30.57 18.16 3.30
CA SER I 131 -30.43 16.89 2.60
C SER I 131 -30.96 15.76 3.50
N TYR I 132 -31.21 14.60 2.88
CA TYR I 132 -31.77 13.47 3.59
C TYR I 132 -30.87 13.06 4.75
N ASP I 133 -29.57 12.96 4.50
CA ASP I 133 -28.65 12.50 5.53
C ASP I 133 -28.60 13.52 6.68
N GLU I 134 -28.58 14.81 6.33
CA GLU I 134 -28.61 15.85 7.34
C GLU I 134 -29.85 15.68 8.21
N TYR I 135 -31.00 15.47 7.54
CA TYR I 135 -32.28 15.32 8.20
C TYR I 135 -32.24 14.14 9.18
N LEU I 136 -31.67 13.01 8.73
CA LEU I 136 -31.73 11.78 9.52
C LEU I 136 -30.97 11.96 10.84
N CYS I 137 -29.87 12.72 10.78
CA CYS I 137 -28.99 12.91 11.91
C CYS I 137 -29.60 13.92 12.89
N MET I 138 -30.07 15.04 12.32
CA MET I 138 -30.76 16.05 13.12
C MET I 138 -31.91 15.39 13.88
N LYS I 139 -32.60 14.45 13.22
CA LYS I 139 -33.77 13.85 13.86
C LYS I 139 -33.31 13.12 15.11
N VAL I 140 -32.17 12.43 15.03
CA VAL I 140 -31.68 11.68 16.19
C VAL I 140 -31.35 12.67 17.31
N LEU I 141 -30.73 13.79 16.92
CA LEU I 141 -30.34 14.80 17.89
C LEU I 141 -31.57 15.32 18.65
N LEU I 142 -32.71 15.44 17.96
CA LEU I 142 -33.92 15.94 18.61
C LEU I 142 -34.35 15.01 19.72
N LEU I 143 -34.17 13.70 19.54
CA LEU I 143 -34.52 12.73 20.54
C LEU I 143 -33.69 12.99 21.80
N LEU I 144 -32.48 13.52 21.59
CA LEU I 144 -31.49 13.72 22.64
C LEU I 144 -31.35 15.20 22.98
N SER I 145 -32.43 15.98 22.91
CA SER I 145 -32.24 17.41 23.01
C SER I 145 -33.03 18.03 24.15
N THR I 146 -33.74 17.19 24.91
CA THR I 146 -34.54 17.67 26.02
C THR I 146 -34.41 16.69 27.18
N VAL I 147 -33.89 17.19 28.30
CA VAL I 147 -33.59 16.37 29.45
C VAL I 147 -34.28 16.97 30.67
N PRO I 148 -34.45 16.19 31.77
CA PRO I 148 -35.07 16.71 33.00
C PRO I 148 -34.06 17.66 33.64
N LYS I 149 -34.52 18.54 34.53
CA LYS I 149 -33.68 19.66 34.97
C LYS I 149 -32.52 19.15 35.83
N ASP I 150 -32.75 18.00 36.49
CA ASP I 150 -31.76 17.40 37.37
C ASP I 150 -31.24 16.10 36.77
N GLY I 151 -31.06 16.07 35.44
CA GLY I 151 -30.26 15.07 34.74
C GLY I 151 -30.90 13.68 34.67
N LEU I 152 -30.11 12.71 34.20
CA LEU I 152 -30.59 11.40 33.85
C LEU I 152 -29.86 10.34 34.67
N LYS I 153 -30.50 9.16 34.82
CA LYS I 153 -29.96 8.04 35.57
C LYS I 153 -28.66 7.50 34.97
N SER I 154 -28.38 7.77 33.68
CA SER I 154 -27.15 7.29 33.09
C SER I 154 -26.57 8.33 32.15
N GLN I 155 -26.24 9.49 32.76
CA GLN I 155 -25.66 10.63 32.07
C GLN I 155 -24.39 10.22 31.33
N ALA I 156 -23.67 9.25 31.90
CA ALA I 156 -22.51 8.63 31.28
C ALA I 156 -22.76 8.38 29.80
N VAL I 157 -23.69 7.44 29.55
CA VAL I 157 -23.99 6.86 28.25
C VAL I 157 -24.62 7.92 27.35
N PHE I 158 -25.54 8.69 27.93
CA PHE I 158 -26.23 9.73 27.20
C PHE I 158 -25.24 10.63 26.47
N ASP I 159 -24.22 11.11 27.21
CA ASP I 159 -23.30 12.11 26.66
C ASP I 159 -22.51 11.51 25.51
N GLU I 160 -22.22 10.20 25.59
CA GLU I 160 -21.49 9.52 24.54
C GLU I 160 -22.34 9.43 23.27
N ILE I 161 -23.59 8.95 23.42
CA ILE I 161 -24.54 8.87 22.33
C ILE I 161 -24.65 10.23 21.63
N ARG I 162 -24.94 11.26 22.43
CA ARG I 162 -25.14 12.61 21.92
C ARG I 162 -23.95 13.03 21.06
N MET I 163 -22.75 12.64 21.50
CA MET I 163 -21.52 13.04 20.84
C MET I 163 -21.37 12.31 19.51
N THR I 164 -21.69 11.01 19.52
CA THR I 164 -21.61 10.20 18.32
C THR I 164 -22.46 10.82 17.21
N TYR I 165 -23.71 11.20 17.55
CA TYR I 165 -24.62 11.72 16.54
C TYR I 165 -24.25 13.13 16.10
N ILE I 166 -23.65 13.92 17.00
CA ILE I 166 -23.13 15.22 16.56
C ILE I 166 -22.04 15.00 15.51
N LYS I 167 -21.15 14.03 15.78
CA LYS I 167 -20.08 13.72 14.84
C LYS I 167 -20.70 13.31 13.51
N GLU I 168 -21.80 12.52 13.60
CA GLU I 168 -22.47 11.96 12.44
C GLU I 168 -23.06 13.07 11.59
N LEU I 169 -23.71 14.04 12.24
CA LEU I 169 -24.22 15.19 11.52
C LEU I 169 -23.07 15.85 10.76
N GLY I 170 -21.90 15.91 11.42
CA GLY I 170 -20.67 16.42 10.82
C GLY I 170 -20.36 15.74 9.50
N LYS I 171 -20.27 14.39 9.52
CA LYS I 171 -19.95 13.63 8.32
C LYS I 171 -20.95 13.95 7.22
N ALA I 172 -22.23 14.06 7.60
CA ALA I 172 -23.30 14.29 6.66
C ALA I 172 -23.11 15.63 5.95
N ILE I 173 -22.69 16.66 6.72
CA ILE I 173 -22.48 17.98 6.14
C ILE I 173 -21.30 17.93 5.17
N VAL I 174 -20.21 17.27 5.58
CA VAL I 174 -18.99 17.15 4.79
C VAL I 174 -19.30 16.46 3.47
N LYS I 175 -20.07 15.38 3.54
CA LYS I 175 -20.43 14.57 2.38
C LYS I 175 -21.18 15.40 1.35
N ARG I 176 -21.81 16.50 1.77
CA ARG I 176 -22.59 17.33 0.86
C ARG I 176 -21.68 18.28 0.07
N GLU I 177 -20.47 18.51 0.59
CA GLU I 177 -19.29 18.92 -0.16
C GLU I 177 -19.15 20.41 -0.41
N GLY I 178 -17.92 20.82 -0.77
CA GLY I 178 -17.53 22.22 -0.77
C GLY I 178 -16.54 22.48 0.36
N ASN I 179 -16.04 23.73 0.43
CA ASN I 179 -14.77 24.04 1.08
C ASN I 179 -14.88 23.97 2.60
N SER I 180 -13.72 24.01 3.26
CA SER I 180 -13.50 23.80 4.68
C SER I 180 -14.35 24.74 5.54
N SER I 181 -14.55 25.97 5.08
CA SER I 181 -15.24 26.94 5.91
C SER I 181 -16.67 27.20 5.45
N GLN I 182 -17.16 26.55 4.39
CA GLN I 182 -18.60 26.51 4.16
C GLN I 182 -19.20 25.39 4.99
N ASN I 183 -18.36 24.39 5.27
CA ASN I 183 -18.68 23.29 6.16
C ASN I 183 -19.06 23.83 7.52
N TRP I 184 -18.34 24.83 8.01
CA TRP I 184 -18.55 25.27 9.37
C TRP I 184 -19.76 26.18 9.47
N GLN I 185 -19.99 26.91 8.39
CA GLN I 185 -21.12 27.82 8.32
C GLN I 185 -22.41 27.00 8.35
N ARG I 186 -22.40 25.90 7.61
CA ARG I 186 -23.51 24.97 7.54
C ARG I 186 -23.78 24.38 8.92
N PHE I 187 -22.72 23.89 9.57
CA PHE I 187 -22.86 23.30 10.89
C PHE I 187 -23.55 24.29 11.83
N TYR I 188 -23.28 25.58 11.63
CA TYR I 188 -23.85 26.60 12.50
C TYR I 188 -25.35 26.71 12.25
N GLN I 189 -25.68 26.82 10.95
CA GLN I 189 -27.04 26.94 10.48
C GLN I 189 -27.89 25.79 10.97
N LEU I 190 -27.38 24.55 10.82
CA LEU I 190 -28.16 23.38 11.19
C LEU I 190 -28.30 23.28 12.70
N THR I 191 -27.28 23.72 13.43
CA THR I 191 -27.38 23.68 14.88
C THR I 191 -28.27 24.82 15.37
N LYS I 192 -28.29 25.92 14.61
CA LYS I 192 -29.21 27.03 14.91
C LYS I 192 -30.65 26.54 14.76
N LEU I 193 -30.91 25.77 13.69
CA LEU I 193 -32.20 25.18 13.41
C LEU I 193 -32.62 24.26 14.55
N LEU I 194 -31.73 23.36 14.96
CA LEU I 194 -32.04 22.45 16.05
C LEU I 194 -32.44 23.25 17.29
N ASP I 195 -31.82 24.41 17.46
CA ASP I 195 -32.05 25.20 18.65
C ASP I 195 -33.43 25.82 18.56
N SER I 196 -33.75 26.38 17.39
CA SER I 196 -35.02 27.07 17.18
C SER I 196 -36.19 26.09 17.26
N MET I 197 -35.92 24.79 17.19
CA MET I 197 -36.97 23.79 17.30
C MET I 197 -37.64 23.80 18.67
N HIS I 198 -36.93 24.19 19.73
CA HIS I 198 -37.54 24.16 21.06
C HIS I 198 -38.72 25.13 21.13
N GLU I 199 -38.55 26.31 20.52
CA GLU I 199 -39.58 27.33 20.50
C GLU I 199 -40.75 26.86 19.62
N MET I 200 -40.48 26.45 18.37
CA MET I 200 -41.49 26.05 17.41
C MET I 200 -42.34 24.91 18.00
N VAL I 201 -41.68 23.90 18.55
CA VAL I 201 -42.35 22.75 19.11
C VAL I 201 -43.16 23.16 20.33
N GLY I 202 -42.60 24.07 21.15
CA GLY I 202 -43.28 24.60 22.31
C GLY I 202 -44.67 25.14 21.95
N GLY I 203 -44.75 25.84 20.82
CA GLY I 203 -46.00 26.31 20.25
C GLY I 203 -47.01 25.16 20.07
N LEU I 204 -46.59 24.13 19.31
CA LEU I 204 -47.42 22.97 19.05
C LEU I 204 -47.81 22.32 20.37
N LEU I 205 -46.85 22.19 21.30
CA LEU I 205 -47.09 21.51 22.55
C LEU I 205 -48.21 22.23 23.30
N GLN I 206 -48.29 23.56 23.14
CA GLN I 206 -49.31 24.34 23.81
C GLN I 206 -50.69 24.02 23.26
N PHE I 207 -50.81 24.00 21.91
CA PHE I 207 -52.10 23.67 21.32
C PHE I 207 -52.52 22.25 21.77
N CYS I 208 -51.52 21.35 21.81
CA CYS I 208 -51.78 19.97 22.13
C CYS I 208 -52.36 19.86 23.54
N PHE I 209 -51.70 20.51 24.51
CA PHE I 209 -52.15 20.48 25.89
C PHE I 209 -53.54 21.11 26.02
N TYR I 210 -53.75 22.22 25.28
CA TYR I 210 -55.04 22.88 25.31
C TYR I 210 -56.14 21.93 24.84
N THR I 211 -55.98 21.34 23.65
CA THR I 211 -57.03 20.50 23.11
C THR I 211 -57.18 19.21 23.93
N PHE I 212 -56.15 18.83 24.67
CA PHE I 212 -56.22 17.63 25.48
C PHE I 212 -57.05 17.86 26.73
N VAL I 213 -56.88 19.05 27.34
CA VAL I 213 -57.44 19.34 28.65
C VAL I 213 -58.89 19.79 28.50
N ASN I 214 -59.16 20.57 27.44
CA ASN I 214 -60.42 21.24 27.24
C ASN I 214 -61.41 20.30 26.55
N LYS I 215 -62.11 19.51 27.37
CA LYS I 215 -62.95 18.40 26.91
C LYS I 215 -64.11 18.88 26.06
N SER I 216 -64.51 20.16 26.15
CA SER I 216 -65.67 20.66 25.41
C SER I 216 -65.43 20.69 23.90
N LEU I 217 -64.17 20.66 23.46
CA LEU I 217 -63.83 20.70 22.05
C LEU I 217 -64.04 19.32 21.41
N SER I 218 -64.12 18.28 22.25
CA SER I 218 -64.44 16.92 21.83
C SER I 218 -63.36 16.34 20.92
N VAL I 219 -62.11 16.78 21.08
CA VAL I 219 -61.00 16.26 20.30
C VAL I 219 -60.56 14.95 20.96
N GLU I 220 -60.44 13.88 20.17
CA GLU I 220 -60.07 12.59 20.73
C GLU I 220 -58.55 12.36 20.61
N PHE I 221 -58.03 11.56 21.53
CA PHE I 221 -56.64 11.17 21.58
C PHE I 221 -56.57 9.67 21.79
N PRO I 222 -55.72 8.91 21.07
CA PRO I 222 -55.61 7.48 21.33
C PRO I 222 -54.90 7.26 22.66
N GLU I 223 -55.09 6.08 23.27
CA GLU I 223 -54.56 5.79 24.59
C GLU I 223 -53.05 6.05 24.68
N MET I 224 -52.31 5.60 23.68
CA MET I 224 -50.87 5.79 23.63
C MET I 224 -50.51 7.24 23.98
N LEU I 225 -51.09 8.18 23.24
CA LEU I 225 -50.76 9.60 23.37
C LEU I 225 -51.33 10.17 24.66
N ALA I 226 -52.55 9.75 25.03
CA ALA I 226 -53.22 10.24 26.22
C ALA I 226 -52.35 9.98 27.45
N GLU I 227 -51.93 8.72 27.62
CA GLU I 227 -51.05 8.31 28.70
C GLU I 227 -49.82 9.21 28.71
N ILE I 228 -49.17 9.40 27.56
CA ILE I 228 -47.94 10.19 27.52
C ILE I 228 -48.24 11.64 27.86
N ILE I 229 -49.26 12.24 27.22
CA ILE I 229 -49.52 13.65 27.41
C ILE I 229 -49.83 13.92 28.87
N SER I 230 -50.69 13.10 29.48
CA SER I 230 -51.16 13.42 30.81
C SER I 230 -50.03 13.32 31.83
N ASN I 231 -49.06 12.45 31.58
CA ASN I 231 -47.89 12.35 32.44
C ASN I 231 -46.94 13.52 32.20
N GLN I 232 -46.88 13.99 30.96
CA GLN I 232 -45.88 14.96 30.55
C GLN I 232 -46.38 16.38 30.87
N LEU I 233 -47.68 16.50 31.19
CA LEU I 233 -48.34 17.79 31.26
C LEU I 233 -47.92 18.55 32.51
N PRO I 234 -48.08 17.99 33.76
CA PRO I 234 -47.57 18.64 34.96
C PRO I 234 -46.08 18.99 34.91
N LYS I 235 -45.25 18.13 34.28
CA LYS I 235 -43.82 18.33 34.18
C LYS I 235 -43.50 19.59 33.37
N PHE I 236 -44.36 19.94 32.40
CA PHE I 236 -44.09 21.07 31.53
C PHE I 236 -44.66 22.34 32.16
N LYS I 237 -45.76 22.22 32.91
CA LYS I 237 -46.33 23.36 33.64
C LYS I 237 -45.38 23.81 34.76
N ALA I 238 -44.62 22.87 35.33
CA ALA I 238 -43.73 23.14 36.46
C ALA I 238 -42.33 23.52 35.97
N GLY I 239 -42.17 23.73 34.65
CA GLY I 239 -40.91 24.08 34.02
C GLY I 239 -39.69 23.31 34.54
N SER I 240 -39.81 21.98 34.68
CA SER I 240 -38.77 21.12 35.22
C SER I 240 -38.01 20.43 34.08
N VAL I 241 -38.01 21.08 32.91
CA VAL I 241 -37.53 20.55 31.66
C VAL I 241 -36.48 21.51 31.12
N LYS I 242 -35.36 20.96 30.63
CA LYS I 242 -34.21 21.74 30.23
C LYS I 242 -33.85 21.40 28.78
N PRO I 243 -33.97 22.36 27.83
CA PRO I 243 -33.37 22.21 26.51
C PRO I 243 -31.84 22.20 26.54
N LEU I 244 -31.22 21.36 25.71
CA LEU I 244 -29.79 21.42 25.45
C LEU I 244 -29.56 22.25 24.19
N LEU I 245 -29.00 23.45 24.35
CA LEU I 245 -28.76 24.30 23.20
C LEU I 245 -27.33 24.14 22.70
N PHE I 246 -27.11 24.52 21.44
CA PHE I 246 -25.77 24.55 20.86
C PHE I 246 -25.23 25.98 20.93
N HIS I 247 -26.10 26.96 21.21
CA HIS I 247 -25.77 28.36 21.07
C HIS I 247 -26.33 29.20 22.22
N GLN I 248 -26.45 30.53 22.03
CA GLN I 248 -26.59 31.48 23.12
C GLN I 248 -27.89 32.27 22.90
N PHE J 1 -50.39 -2.75 32.36
CA PHE J 1 -51.84 -2.43 32.28
C PHE J 1 -52.47 -2.81 30.94
N PRO J 2 -51.75 -2.82 29.80
CA PRO J 2 -52.33 -3.21 28.52
C PRO J 2 -52.24 -4.71 28.26
N THR J 3 -53.27 -5.30 27.63
CA THR J 3 -53.30 -6.74 27.38
C THR J 3 -52.25 -7.09 26.32
N LEU J 4 -51.84 -8.37 26.30
CA LEU J 4 -50.83 -8.83 25.36
C LEU J 4 -51.36 -8.77 23.94
N ILE J 5 -52.63 -9.15 23.74
CA ILE J 5 -53.20 -9.10 22.41
C ILE J 5 -53.19 -7.66 21.90
N SER J 6 -53.47 -6.69 22.77
CA SER J 6 -53.56 -5.32 22.27
C SER J 6 -52.18 -4.79 21.90
N LEU J 7 -51.13 -5.28 22.58
CA LEU J 7 -49.76 -4.91 22.21
C LEU J 7 -49.43 -5.48 20.83
N LEU J 8 -49.86 -6.72 20.57
CA LEU J 8 -49.57 -7.36 19.32
C LEU J 8 -50.16 -6.55 18.17
N GLU J 9 -51.35 -5.98 18.41
CA GLU J 9 -52.06 -5.15 17.46
C GLU J 9 -51.29 -3.86 17.23
N VAL J 10 -50.76 -3.24 18.29
CA VAL J 10 -50.16 -1.94 18.11
C VAL J 10 -48.79 -2.06 17.43
N ILE J 11 -48.11 -3.20 17.59
CA ILE J 11 -46.75 -3.29 17.12
C ILE J 11 -46.68 -3.89 15.73
N GLU J 12 -47.81 -4.42 15.24
CA GLU J 12 -47.88 -5.02 13.91
C GLU J 12 -47.41 -3.98 12.89
N PRO J 13 -46.44 -4.32 12.01
CA PRO J 13 -45.95 -3.38 11.03
C PRO J 13 -47.03 -2.97 10.03
N GLU J 14 -46.98 -1.69 9.63
CA GLU J 14 -47.88 -1.16 8.63
C GLU J 14 -47.46 -1.67 7.27
N VAL J 15 -48.43 -1.92 6.39
CA VAL J 15 -48.19 -2.39 5.03
C VAL J 15 -47.27 -1.43 4.27
N LEU J 16 -46.19 -1.97 3.66
CA LEU J 16 -45.30 -1.15 2.85
C LEU J 16 -45.79 -1.08 1.41
N TYR J 17 -45.49 0.05 0.74
CA TYR J 17 -45.64 0.20 -0.71
C TYR J 17 -44.34 -0.22 -1.37
N SER J 18 -44.43 -0.70 -2.62
CA SER J 18 -43.25 -1.15 -3.32
C SER J 18 -42.62 -0.02 -4.10
N GLY J 19 -43.41 1.02 -4.44
CA GLY J 19 -42.93 2.10 -5.27
C GLY J 19 -42.66 1.65 -6.70
N TYR J 20 -43.27 0.52 -7.11
CA TYR J 20 -43.10 -0.02 -8.44
C TYR J 20 -43.35 1.05 -9.50
N ASP J 21 -42.54 0.98 -10.55
CA ASP J 21 -42.54 1.98 -11.60
C ASP J 21 -43.32 1.44 -12.78
N SER J 22 -44.54 1.92 -12.99
CA SER J 22 -45.39 1.44 -14.08
C SER J 22 -45.00 2.03 -15.44
N THR J 23 -43.90 2.73 -15.49
CA THR J 23 -43.32 3.31 -16.69
C THR J 23 -42.68 2.25 -17.57
N LEU J 24 -41.92 1.30 -16.95
CA LEU J 24 -41.33 0.24 -17.75
C LEU J 24 -42.32 -0.91 -17.82
N PRO J 25 -42.39 -1.68 -18.92
CA PRO J 25 -43.16 -2.94 -18.94
C PRO J 25 -42.55 -3.99 -17.98
N ASP J 26 -43.39 -4.94 -17.57
CA ASP J 26 -42.99 -6.01 -16.68
C ASP J 26 -42.13 -7.05 -17.39
N THR J 27 -41.07 -7.47 -16.71
CA THR J 27 -40.34 -8.67 -17.07
C THR J 27 -40.19 -9.50 -15.80
N SER J 28 -40.01 -10.81 -15.95
CA SER J 28 -39.77 -11.72 -14.83
C SER J 28 -38.65 -11.21 -13.93
N THR J 29 -37.49 -10.93 -14.49
CA THR J 29 -36.36 -10.44 -13.74
C THR J 29 -36.73 -9.17 -12.94
N ARG J 30 -37.36 -8.24 -13.61
CA ARG J 30 -37.65 -6.94 -13.03
C ARG J 30 -38.60 -7.13 -11.83
N LEU J 31 -39.64 -7.94 -12.06
CA LEU J 31 -40.67 -8.16 -11.05
C LEU J 31 -40.06 -8.83 -9.82
N MET J 32 -39.31 -9.91 -10.03
CA MET J 32 -38.69 -10.65 -8.95
C MET J 32 -37.72 -9.75 -8.20
N SER J 33 -36.96 -8.94 -8.91
CA SER J 33 -36.07 -8.00 -8.25
C SER J 33 -36.87 -7.00 -7.40
N THR J 34 -38.01 -6.54 -7.90
CA THR J 34 -38.81 -5.58 -7.16
C THR J 34 -39.32 -6.25 -5.87
N LEU J 35 -39.86 -7.46 -6.03
CA LEU J 35 -40.35 -8.21 -4.88
C LEU J 35 -39.24 -8.40 -3.85
N ASN J 36 -38.02 -8.69 -4.29
CA ASN J 36 -36.94 -8.91 -3.34
C ASN J 36 -36.60 -7.61 -2.60
N ARG J 37 -36.59 -6.50 -3.33
CA ARG J 37 -36.25 -5.22 -2.75
C ARG J 37 -37.29 -4.87 -1.68
N LEU J 38 -38.55 -5.20 -1.98
CA LEU J 38 -39.66 -5.00 -1.05
C LEU J 38 -39.49 -5.91 0.16
N GLY J 39 -39.14 -7.19 -0.08
CA GLY J 39 -38.91 -8.15 0.98
C GLY J 39 -37.85 -7.66 1.97
N GLY J 40 -36.75 -7.10 1.44
CA GLY J 40 -35.72 -6.53 2.29
C GLY J 40 -36.30 -5.58 3.32
N ARG J 41 -37.12 -4.64 2.84
CA ARG J 41 -37.71 -3.63 3.70
C ARG J 41 -38.71 -4.27 4.66
N GLN J 42 -39.47 -5.26 4.18
CA GLN J 42 -40.44 -5.94 5.01
C GLN J 42 -39.72 -6.66 6.17
N VAL J 43 -38.54 -7.22 5.87
CA VAL J 43 -37.78 -7.94 6.87
C VAL J 43 -37.25 -6.98 7.95
N VAL J 44 -36.69 -5.84 7.51
CA VAL J 44 -36.31 -4.82 8.48
C VAL J 44 -37.48 -4.45 9.37
N SER J 45 -38.68 -4.33 8.79
CA SER J 45 -39.86 -4.05 9.57
C SER J 45 -40.09 -5.16 10.60
N ALA J 46 -39.83 -6.40 10.19
CA ALA J 46 -40.10 -7.55 11.04
C ALA J 46 -39.11 -7.59 12.19
N VAL J 47 -37.86 -7.22 11.92
CA VAL J 47 -36.85 -7.17 12.97
C VAL J 47 -37.29 -6.14 14.02
N LYS J 48 -37.67 -4.93 13.59
CA LYS J 48 -38.07 -3.91 14.53
C LYS J 48 -39.27 -4.41 15.33
N TRP J 49 -40.10 -5.23 14.69
CA TRP J 49 -41.29 -5.79 15.30
C TRP J 49 -40.89 -6.78 16.38
N ALA J 50 -39.97 -7.69 16.04
CA ALA J 50 -39.48 -8.68 16.97
C ALA J 50 -38.90 -7.99 18.22
N LYS J 51 -38.09 -6.94 18.03
CA LYS J 51 -37.47 -6.30 19.18
C LYS J 51 -38.51 -5.73 20.14
N ALA J 52 -39.75 -5.52 19.67
CA ALA J 52 -40.77 -4.97 20.55
C ALA J 52 -41.74 -6.07 20.99
N LEU J 53 -41.50 -7.29 20.52
CA LEU J 53 -42.35 -8.41 20.87
C LEU J 53 -42.11 -8.80 22.33
N PRO J 54 -43.17 -8.75 23.18
CA PRO J 54 -43.05 -9.14 24.58
C PRO J 54 -42.46 -10.54 24.69
N GLY J 55 -41.35 -10.65 25.43
CA GLY J 55 -40.67 -11.92 25.63
C GLY J 55 -39.39 -12.02 24.80
N PHE J 56 -39.45 -11.56 23.56
CA PHE J 56 -38.41 -11.87 22.60
C PHE J 56 -37.05 -11.37 23.08
N ARG J 57 -37.00 -10.21 23.74
CA ARG J 57 -35.72 -9.60 24.11
C ARG J 57 -35.01 -10.39 25.21
N ASN J 58 -35.70 -11.34 25.86
CA ASN J 58 -35.10 -12.17 26.89
C ASN J 58 -34.23 -13.29 26.30
N LEU J 59 -34.42 -13.65 25.02
CA LEU J 59 -33.62 -14.70 24.43
C LEU J 59 -32.17 -14.22 24.32
N HIS J 60 -31.24 -15.16 24.24
CA HIS J 60 -29.85 -14.78 24.00
C HIS J 60 -29.79 -14.09 22.64
N LEU J 61 -28.88 -13.13 22.50
CA LEU J 61 -28.77 -12.42 21.23
C LEU J 61 -28.63 -13.38 20.06
N ASP J 62 -27.92 -14.48 20.26
CA ASP J 62 -27.61 -15.41 19.17
C ASP J 62 -28.86 -16.22 18.82
N ASP J 63 -29.77 -16.36 19.78
CA ASP J 63 -31.01 -17.07 19.52
C ASP J 63 -31.97 -16.18 18.75
N GLN J 64 -31.88 -14.87 19.00
CA GLN J 64 -32.64 -13.87 18.27
C GLN J 64 -32.24 -13.93 16.81
N MET J 65 -30.94 -13.79 16.54
CA MET J 65 -30.39 -13.91 15.20
C MET J 65 -30.87 -15.18 14.53
N THR J 66 -30.90 -16.27 15.31
CA THR J 66 -31.16 -17.58 14.72
C THR J 66 -32.62 -17.67 14.29
N LEU J 67 -33.53 -17.28 15.19
CA LEU J 67 -34.96 -17.42 14.93
C LEU J 67 -35.39 -16.53 13.77
N LEU J 68 -34.82 -15.32 13.69
CA LEU J 68 -35.18 -14.43 12.59
C LEU J 68 -34.65 -14.95 11.27
N GLN J 69 -33.39 -15.44 11.25
CA GLN J 69 -32.86 -16.01 10.02
C GLN J 69 -33.65 -17.24 9.59
N TYR J 70 -34.13 -18.04 10.54
CA TYR J 70 -34.70 -19.32 10.17
C TYR J 70 -36.13 -19.13 9.72
N SER J 71 -36.75 -17.99 10.05
CA SER J 71 -38.19 -17.91 9.88
C SER J 71 -38.67 -16.70 9.05
N TRP J 72 -37.74 -15.88 8.53
CA TRP J 72 -38.17 -14.68 7.84
C TRP J 72 -39.10 -15.01 6.69
N MET J 73 -38.72 -16.00 5.87
CA MET J 73 -39.59 -16.36 4.76
C MET J 73 -40.99 -16.77 5.24
N SER J 74 -41.09 -17.46 6.38
CA SER J 74 -42.42 -17.86 6.87
C SER J 74 -43.26 -16.63 7.19
N LEU J 75 -42.63 -15.68 7.91
CA LEU J 75 -43.32 -14.48 8.32
C LEU J 75 -43.81 -13.73 7.08
N MET J 76 -42.94 -13.57 6.08
CA MET J 76 -43.30 -12.77 4.93
C MET J 76 -44.43 -13.44 4.15
N ALA J 77 -44.32 -14.76 3.96
CA ALA J 77 -45.30 -15.50 3.21
C ALA J 77 -46.67 -15.48 3.91
N PHE J 78 -46.62 -15.55 5.24
CA PHE J 78 -47.83 -15.58 6.04
C PHE J 78 -48.54 -14.24 5.91
N SER J 79 -47.80 -13.14 6.05
CA SER J 79 -48.38 -11.80 5.91
C SER J 79 -48.95 -11.60 4.51
N LEU J 80 -48.24 -12.08 3.50
CA LEU J 80 -48.73 -12.01 2.13
C LEU J 80 -50.07 -12.71 2.07
N GLY J 81 -50.14 -13.93 2.63
CA GLY J 81 -51.39 -14.67 2.67
C GLY J 81 -52.51 -13.82 3.29
N TRP J 82 -52.21 -13.18 4.42
CA TRP J 82 -53.20 -12.41 5.13
C TRP J 82 -53.70 -11.26 4.26
N ARG J 83 -52.77 -10.45 3.72
CA ARG J 83 -53.12 -9.32 2.89
C ARG J 83 -53.94 -9.80 1.69
N SER J 84 -53.55 -10.93 1.09
CA SER J 84 -54.26 -11.40 -0.10
C SER J 84 -55.69 -11.81 0.25
N TYR J 85 -55.86 -12.42 1.42
CA TYR J 85 -57.14 -12.83 1.96
C TYR J 85 -58.00 -11.60 2.25
N LYS J 86 -57.40 -10.60 2.86
CA LYS J 86 -58.14 -9.41 3.29
C LYS J 86 -58.56 -8.59 2.08
N GLN J 87 -57.71 -8.43 1.05
CA GLN J 87 -57.97 -7.44 0.02
C GLN J 87 -58.69 -8.03 -1.18
N SER J 88 -58.62 -9.35 -1.37
CA SER J 88 -59.13 -9.93 -2.62
C SER J 88 -59.70 -11.32 -2.40
N ASN J 89 -59.94 -11.66 -1.14
CA ASN J 89 -60.48 -12.95 -0.75
C ASN J 89 -59.69 -14.08 -1.40
N GLY J 90 -58.37 -13.92 -1.47
CA GLY J 90 -57.49 -15.01 -1.88
C GLY J 90 -57.38 -15.17 -3.38
N ASN J 91 -57.96 -14.24 -4.15
CA ASN J 91 -57.97 -14.35 -5.61
C ASN J 91 -56.68 -13.83 -6.25
N MET J 92 -56.09 -12.78 -5.68
CA MET J 92 -54.85 -12.22 -6.19
C MET J 92 -53.83 -12.14 -5.07
N LEU J 93 -52.55 -12.03 -5.42
CA LEU J 93 -51.49 -11.82 -4.46
C LEU J 93 -51.32 -10.33 -4.20
N PHE J 95 -49.09 -8.14 -2.84
CA PHE J 95 -47.78 -7.94 -2.26
C PHE J 95 -47.72 -6.59 -1.55
N ALA J 96 -48.18 -5.56 -2.26
CA ALA J 96 -48.29 -4.22 -1.75
C ALA J 96 -49.54 -3.60 -2.35
N PRO J 97 -50.08 -2.49 -1.78
CA PRO J 97 -51.26 -1.83 -2.35
C PRO J 97 -50.97 -1.35 -3.77
N ASP J 98 -49.70 -1.11 -4.10
CA ASP J 98 -49.31 -0.64 -5.42
C ASP J 98 -48.69 -1.77 -6.25
N LEU J 99 -48.86 -3.03 -5.82
CA LEU J 99 -48.28 -4.15 -6.55
C LEU J 99 -49.07 -5.43 -6.30
N VAL J 100 -50.08 -5.64 -7.16
CA VAL J 100 -51.02 -6.73 -7.05
C VAL J 100 -50.87 -7.61 -8.28
N ILE J 101 -50.56 -8.89 -8.06
CA ILE J 101 -50.41 -9.83 -9.17
C ILE J 101 -51.70 -10.62 -9.30
N ASN J 102 -52.42 -10.44 -10.40
CA ASN J 102 -53.66 -11.13 -10.68
C ASN J 102 -53.39 -12.32 -11.62
N GLU J 103 -54.46 -13.01 -12.02
CA GLU J 103 -54.36 -14.18 -12.90
C GLU J 103 -53.54 -13.86 -14.14
N GLU J 104 -53.82 -12.72 -14.75
CA GLU J 104 -53.17 -12.31 -15.98
C GLU J 104 -51.68 -12.09 -15.78
N ARG J 105 -51.28 -11.34 -14.75
CA ARG J 105 -49.88 -10.99 -14.59
C ARG J 105 -49.01 -12.19 -14.27
N MET J 106 -49.63 -13.30 -13.82
CA MET J 106 -48.91 -14.50 -13.42
C MET J 106 -48.42 -15.28 -14.63
N GLN J 107 -48.90 -14.92 -15.82
CA GLN J 107 -48.57 -15.63 -17.06
C GLN J 107 -47.17 -15.27 -17.52
N LEU J 108 -46.46 -14.38 -16.82
CA LEU J 108 -45.07 -14.10 -17.09
C LEU J 108 -44.21 -15.35 -16.88
N PRO J 109 -43.12 -15.52 -17.68
CA PRO J 109 -42.28 -16.71 -17.57
C PRO J 109 -41.80 -16.91 -16.13
N TYR J 110 -41.88 -18.16 -15.62
CA TYR J 110 -41.40 -18.55 -14.31
C TYR J 110 -42.28 -18.11 -13.14
N MET J 111 -43.13 -17.11 -13.38
CA MET J 111 -43.96 -16.54 -12.32
C MET J 111 -45.07 -17.50 -11.89
N TYR J 112 -45.69 -18.20 -12.85
CA TYR J 112 -46.93 -18.89 -12.56
C TYR J 112 -46.80 -19.88 -11.40
N ASP J 113 -45.78 -20.69 -11.44
CA ASP J 113 -45.56 -21.75 -10.47
C ASP J 113 -45.35 -21.15 -9.08
N GLN J 114 -44.45 -20.18 -8.97
CA GLN J 114 -44.14 -19.62 -7.67
C GLN J 114 -45.38 -18.93 -7.08
N CYS J 115 -46.17 -18.26 -7.93
CA CYS J 115 -47.34 -17.55 -7.43
C CYS J 115 -48.43 -18.52 -6.94
N GLN J 116 -48.54 -19.68 -7.60
CA GLN J 116 -49.50 -20.71 -7.23
C GLN J 116 -49.23 -21.16 -5.80
N GLN J 117 -47.95 -21.35 -5.50
CA GLN J 117 -47.48 -21.73 -4.17
C GLN J 117 -47.96 -20.72 -3.11
N MET J 118 -47.74 -19.41 -3.37
CA MET J 118 -48.03 -18.39 -2.36
C MET J 118 -49.53 -18.23 -2.16
N LEU J 119 -50.29 -18.54 -3.19
CA LEU J 119 -51.75 -18.46 -3.12
C LEU J 119 -52.33 -19.56 -2.25
N LYS J 120 -51.61 -20.69 -2.11
CA LYS J 120 -52.07 -21.79 -1.28
C LYS J 120 -52.28 -21.27 0.15
N ILE J 121 -51.28 -20.55 0.66
CA ILE J 121 -51.38 -19.96 1.99
C ILE J 121 -52.60 -19.07 2.08
N SER J 122 -52.82 -18.28 1.05
CA SER J 122 -53.93 -17.35 1.10
C SER J 122 -55.25 -18.10 1.26
N SER J 123 -55.44 -19.17 0.49
CA SER J 123 -56.74 -19.83 0.45
C SER J 123 -57.00 -20.60 1.75
N GLU J 124 -55.91 -20.98 2.44
CA GLU J 124 -56.02 -21.54 3.78
C GLU J 124 -56.74 -20.57 4.71
N PHE J 125 -56.30 -19.30 4.73
CA PHE J 125 -57.00 -18.29 5.51
C PHE J 125 -58.46 -18.23 5.10
N VAL J 126 -58.75 -18.38 3.79
CA VAL J 126 -60.10 -18.27 3.29
C VAL J 126 -60.95 -19.44 3.81
N ARG J 127 -60.39 -20.65 3.68
CA ARG J 127 -61.08 -21.86 4.10
C ARG J 127 -61.45 -21.77 5.58
N LEU J 128 -60.48 -21.44 6.44
CA LEU J 128 -60.64 -21.49 7.89
C LEU J 128 -61.26 -20.20 8.44
N GLN J 129 -61.49 -19.21 7.59
CA GLN J 129 -62.01 -17.91 8.03
C GLN J 129 -61.25 -17.37 9.24
N VAL J 130 -59.92 -17.29 9.14
CA VAL J 130 -59.05 -16.83 10.23
C VAL J 130 -59.38 -15.38 10.58
N SER J 131 -59.30 -15.07 11.88
CA SER J 131 -59.54 -13.73 12.40
C SER J 131 -58.20 -13.02 12.60
N TYR J 132 -58.27 -11.69 12.73
CA TYR J 132 -57.06 -10.89 12.87
C TYR J 132 -56.25 -11.34 14.07
N ASP J 133 -56.93 -11.54 15.22
CA ASP J 133 -56.21 -11.90 16.44
C ASP J 133 -55.57 -13.27 16.30
N GLU J 134 -56.31 -14.22 15.69
CA GLU J 134 -55.77 -15.53 15.44
C GLU J 134 -54.49 -15.40 14.60
N TYR J 135 -54.57 -14.59 13.54
CA TYR J 135 -53.47 -14.36 12.63
C TYR J 135 -52.25 -13.81 13.40
N LEU J 136 -52.47 -12.84 14.27
CA LEU J 136 -51.38 -12.15 14.93
C LEU J 136 -50.58 -13.11 15.80
N CYS J 137 -51.30 -14.06 16.42
CA CYS J 137 -50.71 -15.01 17.35
C CYS J 137 -49.97 -16.11 16.59
N MET J 138 -50.63 -16.65 15.57
CA MET J 138 -50.01 -17.62 14.69
C MET J 138 -48.71 -17.06 14.13
N LYS J 139 -48.71 -15.76 13.80
CA LYS J 139 -47.53 -15.18 13.19
C LYS J 139 -46.38 -15.26 14.18
N VAL J 140 -46.67 -15.00 15.46
CA VAL J 140 -45.61 -15.05 16.48
C VAL J 140 -45.09 -16.47 16.58
N LEU J 141 -46.00 -17.44 16.53
CA LEU J 141 -45.63 -18.84 16.63
C LEU J 141 -44.67 -19.23 15.50
N LEU J 142 -44.88 -18.67 14.29
CA LEU J 142 -44.01 -18.98 13.18
C LEU J 142 -42.57 -18.54 13.45
N LEU J 143 -42.42 -17.41 14.15
CA LEU J 143 -41.10 -16.91 14.50
C LEU J 143 -40.39 -17.93 15.38
N LEU J 144 -41.20 -18.68 16.15
CA LEU J 144 -40.72 -19.60 17.16
C LEU J 144 -40.93 -21.05 16.72
N SER J 145 -40.82 -21.33 15.43
CA SER J 145 -41.25 -22.65 14.97
C SER J 145 -40.13 -23.37 14.22
N THR J 146 -38.95 -22.75 14.14
CA THR J 146 -37.85 -23.35 13.40
C THR J 146 -36.56 -23.10 14.15
N VAL J 147 -35.95 -24.18 14.63
CA VAL J 147 -34.82 -24.11 15.54
C VAL J 147 -33.69 -24.96 14.97
N PRO J 148 -32.43 -24.75 15.44
CA PRO J 148 -31.29 -25.54 14.99
C PRO J 148 -31.46 -26.95 15.59
N LYS J 149 -30.80 -27.95 14.99
CA LYS J 149 -31.13 -29.34 15.32
C LYS J 149 -30.66 -29.67 16.73
N ASP J 150 -29.64 -28.95 17.20
CA ASP J 150 -29.07 -29.15 18.52
C ASP J 150 -29.39 -27.97 19.43
N GLY J 151 -30.59 -27.40 19.29
CA GLY J 151 -31.17 -26.48 20.25
C GLY J 151 -30.53 -25.10 20.29
N LEU J 152 -30.93 -24.33 21.32
CA LEU J 152 -30.62 -22.91 21.40
C LEU J 152 -29.82 -22.63 22.68
N LYS J 153 -29.08 -21.51 22.68
CA LYS J 153 -28.29 -21.08 23.82
C LYS J 153 -29.14 -20.80 25.06
N SER J 154 -30.43 -20.55 24.90
CA SER J 154 -31.27 -20.27 26.07
C SER J 154 -32.64 -20.93 25.89
N GLN J 155 -32.61 -22.25 25.78
CA GLN J 155 -33.78 -23.10 25.63
C GLN J 155 -34.77 -22.84 26.77
N ALA J 156 -34.23 -22.53 27.94
CA ALA J 156 -35.02 -22.14 29.11
C ALA J 156 -36.13 -21.18 28.70
N VAL J 157 -35.69 -19.98 28.28
CA VAL J 157 -36.52 -18.80 28.02
C VAL J 157 -37.39 -19.07 26.80
N PHE J 158 -36.79 -19.67 25.77
CA PHE J 158 -37.50 -19.98 24.53
C PHE J 158 -38.78 -20.72 24.85
N ASP J 159 -38.70 -21.78 25.66
CA ASP J 159 -39.85 -22.66 25.89
C ASP J 159 -40.96 -21.89 26.60
N GLU J 160 -40.57 -20.95 27.46
CA GLU J 160 -41.54 -20.13 28.19
C GLU J 160 -42.28 -19.20 27.21
N ILE J 161 -41.51 -18.47 26.37
CA ILE J 161 -42.06 -17.60 25.34
C ILE J 161 -43.06 -18.39 24.49
N ARG J 162 -42.60 -19.53 23.94
CA ARG J 162 -43.41 -20.34 23.05
C ARG J 162 -44.75 -20.66 23.72
N MET J 163 -44.70 -20.93 25.03
CA MET J 163 -45.87 -21.36 25.78
C MET J 163 -46.83 -20.18 25.96
N THR J 164 -46.29 -18.99 26.25
CA THR J 164 -47.08 -17.79 26.41
C THR J 164 -47.93 -17.55 25.16
N TYR J 165 -47.28 -17.65 23.98
CA TYR J 165 -47.99 -17.36 22.74
C TYR J 165 -48.97 -18.46 22.35
N ILE J 166 -48.68 -19.71 22.73
CA ILE J 166 -49.68 -20.76 22.54
C ILE J 166 -50.92 -20.44 23.36
N LYS J 167 -50.72 -20.01 24.63
CA LYS J 167 -51.82 -19.64 25.48
C LYS J 167 -52.61 -18.52 24.81
N GLU J 168 -51.86 -17.58 24.22
CA GLU J 168 -52.42 -16.38 23.61
C GLU J 168 -53.30 -16.75 22.42
N LEU J 169 -52.81 -17.66 21.58
CA LEU J 169 -53.61 -18.17 20.49
C LEU J 169 -54.92 -18.73 21.04
N GLY J 170 -54.83 -19.40 22.19
CA GLY J 170 -55.99 -19.90 22.92
C GLY J 170 -57.04 -18.80 23.17
N LYS J 171 -56.59 -17.71 23.81
CA LYS J 171 -57.50 -16.62 24.13
C LYS J 171 -58.16 -16.09 22.85
N ALA J 172 -57.35 -16.00 21.79
CA ALA J 172 -57.81 -15.45 20.51
C ALA J 172 -58.92 -16.32 19.93
N ILE J 173 -58.79 -17.64 20.06
CA ILE J 173 -59.80 -18.56 19.56
C ILE J 173 -61.10 -18.36 20.35
N VAL J 174 -60.97 -18.30 21.68
CA VAL J 174 -62.09 -18.13 22.58
C VAL J 174 -62.85 -16.85 22.25
N LYS J 175 -62.09 -15.76 22.05
CA LYS J 175 -62.65 -14.44 21.79
C LYS J 175 -63.52 -14.47 20.52
N ARG J 176 -63.27 -15.43 19.61
CA ARG J 176 -64.01 -15.46 18.37
C ARG J 176 -65.36 -16.15 18.56
N GLU J 177 -65.51 -16.93 19.65
CA GLU J 177 -66.40 -18.10 19.58
C GLU J 177 -67.09 -18.45 20.90
N GLY J 178 -66.37 -18.21 22.00
CA GLY J 178 -66.86 -18.39 23.35
C GLY J 178 -66.07 -19.49 24.02
N ASN J 179 -66.25 -19.64 25.34
CA ASN J 179 -66.07 -20.95 26.00
C ASN J 179 -66.96 -22.08 25.42
N SER J 180 -66.36 -23.12 24.75
CA SER J 180 -66.92 -24.46 24.65
C SER J 180 -65.83 -25.55 24.57
N SER J 181 -66.26 -26.75 24.15
CA SER J 181 -65.32 -27.73 23.66
C SER J 181 -65.19 -27.72 22.13
N GLN J 182 -65.73 -26.68 21.45
CA GLN J 182 -65.46 -26.41 20.06
C GLN J 182 -64.16 -25.64 19.94
N ASN J 183 -63.70 -25.03 21.07
CA ASN J 183 -62.44 -24.37 21.19
C ASN J 183 -61.31 -25.27 20.67
N TRP J 184 -61.35 -26.58 21.03
CA TRP J 184 -60.15 -27.35 20.79
C TRP J 184 -60.16 -27.85 19.35
N GLN J 185 -61.32 -27.92 18.67
CA GLN J 185 -61.36 -28.31 17.30
C GLN J 185 -60.62 -27.28 16.43
N ARG J 186 -60.91 -26.01 16.75
CA ARG J 186 -60.31 -24.88 16.08
C ARG J 186 -58.79 -24.89 16.32
N PHE J 187 -58.42 -25.06 17.58
CA PHE J 187 -57.01 -25.08 17.94
C PHE J 187 -56.28 -26.12 17.10
N TYR J 188 -56.96 -27.23 16.77
CA TYR J 188 -56.34 -28.30 16.02
C TYR J 188 -56.09 -27.83 14.58
N GLN J 189 -57.16 -27.26 14.00
CA GLN J 189 -57.17 -26.76 12.64
C GLN J 189 -56.04 -25.74 12.44
N LEU J 190 -55.94 -24.78 13.38
CA LEU J 190 -54.98 -23.70 13.26
C LEU J 190 -53.57 -24.24 13.45
N THR J 191 -53.41 -25.23 14.32
CA THR J 191 -52.09 -25.80 14.54
C THR J 191 -51.72 -26.72 13.38
N LYS J 192 -52.74 -27.31 12.74
CA LYS J 192 -52.50 -28.10 11.53
C LYS J 192 -51.94 -27.20 10.42
N LEU J 193 -52.53 -26.00 10.30
CA LEU J 193 -52.10 -25.00 9.34
C LEU J 193 -50.65 -24.58 9.62
N LEU J 194 -50.34 -24.26 10.88
CA LEU J 194 -48.99 -23.86 11.24
C LEU J 194 -48.01 -24.95 10.82
N ASP J 195 -48.47 -26.21 10.90
CA ASP J 195 -47.58 -27.33 10.62
C ASP J 195 -47.32 -27.37 9.12
N SER J 196 -48.39 -27.23 8.33
CA SER J 196 -48.30 -27.34 6.89
C SER J 196 -47.46 -26.19 6.30
N MET J 197 -47.24 -25.14 7.10
CA MET J 197 -46.44 -24.01 6.64
C MET J 197 -45.00 -24.40 6.33
N HIS J 198 -44.45 -25.39 7.06
CA HIS J 198 -43.04 -25.72 6.86
C HIS J 198 -42.79 -26.23 5.45
N GLU J 199 -43.74 -27.04 4.94
CA GLU J 199 -43.62 -27.59 3.60
C GLU J 199 -43.76 -26.46 2.56
N MET J 200 -44.85 -25.67 2.66
CA MET J 200 -45.14 -24.62 1.69
C MET J 200 -43.96 -23.65 1.60
N VAL J 201 -43.47 -23.21 2.76
CA VAL J 201 -42.37 -22.26 2.81
C VAL J 201 -41.10 -22.88 2.24
N GLY J 202 -40.88 -24.17 2.56
CA GLY J 202 -39.72 -24.89 2.06
C GLY J 202 -39.61 -24.77 0.53
N GLY J 203 -40.77 -24.88 -0.15
CA GLY J 203 -40.86 -24.68 -1.58
C GLY J 203 -40.30 -23.31 -2.01
N LEU J 204 -40.85 -22.25 -1.41
CA LEU J 204 -40.43 -20.89 -1.69
C LEU J 204 -38.93 -20.74 -1.41
N LEU J 205 -38.49 -21.31 -0.28
CA LEU J 205 -37.10 -21.16 0.13
C LEU J 205 -36.18 -21.73 -0.95
N GLN J 206 -36.65 -22.79 -1.62
CA GLN J 206 -35.85 -23.43 -2.65
C GLN J 206 -35.69 -22.51 -3.86
N PHE J 207 -36.81 -21.92 -4.32
CA PHE J 207 -36.72 -20.99 -5.44
C PHE J 207 -35.79 -19.83 -5.09
N CYS J 208 -35.93 -19.37 -3.83
CA CYS J 208 -35.17 -18.22 -3.38
C CYS J 208 -33.67 -18.53 -3.46
N PHE J 209 -33.25 -19.68 -2.91
CA PHE J 209 -31.85 -20.06 -2.93
C PHE J 209 -31.36 -20.21 -4.38
N TYR J 210 -32.21 -20.78 -5.23
CA TYR J 210 -31.85 -20.97 -6.61
C TYR J 210 -31.53 -19.62 -7.28
N THR J 211 -32.50 -18.70 -7.19
CA THR J 211 -32.32 -17.42 -7.87
C THR J 211 -31.21 -16.60 -7.22
N PHE J 212 -30.89 -16.89 -5.95
CA PHE J 212 -29.86 -16.14 -5.27
C PHE J 212 -28.46 -16.58 -5.73
N VAL J 213 -28.31 -17.90 -5.93
CA VAL J 213 -27.00 -18.49 -6.13
C VAL J 213 -26.59 -18.37 -7.59
N ASN J 214 -27.58 -18.52 -8.50
CA ASN J 214 -27.36 -18.40 -9.92
C ASN J 214 -27.34 -16.93 -10.38
N LYS J 215 -26.28 -16.16 -10.09
CA LYS J 215 -26.21 -14.72 -10.20
C LYS J 215 -26.44 -14.26 -11.66
N SER J 216 -26.12 -15.11 -12.64
CA SER J 216 -26.17 -14.75 -14.04
C SER J 216 -27.60 -14.49 -14.53
N LEU J 217 -28.62 -14.95 -13.78
CA LEU J 217 -30.01 -14.76 -14.13
C LEU J 217 -30.46 -13.33 -13.82
N SER J 218 -29.67 -12.60 -12.99
CA SER J 218 -29.82 -11.18 -12.76
C SER J 218 -31.16 -10.89 -12.07
N VAL J 219 -31.61 -11.80 -11.20
CA VAL J 219 -32.52 -11.40 -10.11
C VAL J 219 -31.69 -10.71 -9.03
N GLU J 220 -32.09 -9.51 -8.60
CA GLU J 220 -31.34 -8.75 -7.62
C GLU J 220 -31.90 -8.99 -6.22
N PHE J 221 -31.02 -8.84 -5.22
CA PHE J 221 -31.41 -8.97 -3.83
C PHE J 221 -30.79 -7.79 -3.06
N PRO J 222 -31.52 -7.10 -2.16
CA PRO J 222 -30.91 -6.04 -1.36
C PRO J 222 -29.97 -6.67 -0.33
N GLU J 223 -28.99 -5.87 0.15
CA GLU J 223 -27.96 -6.32 1.06
C GLU J 223 -28.54 -7.06 2.26
N MET J 224 -29.58 -6.48 2.89
CA MET J 224 -30.20 -7.08 4.05
C MET J 224 -30.46 -8.57 3.82
N LEU J 225 -31.16 -8.90 2.74
CA LEU J 225 -31.58 -10.26 2.43
C LEU J 225 -30.39 -11.11 1.99
N ALA J 226 -29.49 -10.51 1.20
CA ALA J 226 -28.32 -11.22 0.69
C ALA J 226 -27.50 -11.78 1.85
N GLU J 227 -27.14 -10.90 2.79
CA GLU J 227 -26.42 -11.29 3.99
C GLU J 227 -27.13 -12.46 4.67
N ILE J 228 -28.44 -12.33 4.89
CA ILE J 228 -29.17 -13.38 5.60
C ILE J 228 -29.17 -14.67 4.79
N ILE J 229 -29.53 -14.58 3.50
CA ILE J 229 -29.65 -15.78 2.68
C ILE J 229 -28.32 -16.52 2.64
N SER J 230 -27.23 -15.81 2.41
CA SER J 230 -25.96 -16.49 2.18
C SER J 230 -25.47 -17.18 3.44
N ASN J 231 -25.83 -16.65 4.61
CA ASN J 231 -25.50 -17.30 5.86
C ASN J 231 -26.41 -18.50 6.11
N GLN J 232 -27.65 -18.40 5.67
CA GLN J 232 -28.68 -19.38 6.00
C GLN J 232 -28.60 -20.56 5.03
N LEU J 233 -27.86 -20.37 3.93
CA LEU J 233 -27.91 -21.29 2.80
C LEU J 233 -27.18 -22.60 3.13
N PRO J 234 -25.89 -22.60 3.55
CA PRO J 234 -25.22 -23.81 3.98
C PRO J 234 -25.94 -24.58 5.10
N LYS J 235 -26.58 -23.86 6.03
CA LYS J 235 -27.28 -24.49 7.15
C LYS J 235 -28.48 -25.30 6.65
N PHE J 236 -29.09 -24.89 5.53
CA PHE J 236 -30.27 -25.57 5.03
C PHE J 236 -29.85 -26.72 4.10
N LYS J 237 -28.73 -26.57 3.39
CA LYS J 237 -28.19 -27.63 2.56
C LYS J 237 -27.72 -28.80 3.42
N ALA J 238 -27.26 -28.52 4.64
CA ALA J 238 -26.71 -29.52 5.55
C ALA J 238 -27.81 -30.12 6.44
N GLY J 239 -29.08 -29.78 6.15
CA GLY J 239 -30.24 -30.25 6.89
C GLY J 239 -30.06 -30.23 8.42
N SER J 240 -29.53 -29.12 8.97
CA SER J 240 -29.28 -28.99 10.39
C SER J 240 -30.39 -28.15 11.04
N VAL J 241 -31.57 -28.18 10.41
CA VAL J 241 -32.69 -27.32 10.76
C VAL J 241 -33.90 -28.19 11.08
N LYS J 242 -34.56 -27.89 12.19
CA LYS J 242 -35.58 -28.75 12.74
C LYS J 242 -36.87 -27.95 12.91
N PRO J 243 -37.97 -28.31 12.19
CA PRO J 243 -39.31 -27.79 12.52
C PRO J 243 -39.83 -28.28 13.86
N LEU J 244 -40.52 -27.41 14.60
CA LEU J 244 -41.31 -27.80 15.75
C LEU J 244 -42.76 -28.01 15.30
N LEU J 245 -43.20 -29.28 15.30
CA LEU J 245 -44.55 -29.57 14.87
C LEU J 245 -45.46 -29.68 16.08
N PHE J 246 -46.76 -29.51 15.85
CA PHE J 246 -47.77 -29.69 16.88
C PHE J 246 -48.36 -31.10 16.76
N HIS J 247 -48.12 -31.78 15.63
CA HIS J 247 -48.83 -33.00 15.29
C HIS J 247 -47.88 -34.10 14.78
N GLN J 248 -48.32 -35.37 14.83
CA GLN J 248 -47.40 -36.51 14.73
C GLN J 248 -47.81 -37.39 13.54
N PHE K 1 -34.01 -75.06 -31.61
CA PHE K 1 -34.80 -74.36 -30.54
C PHE K 1 -33.92 -73.32 -29.82
N PRO K 2 -34.32 -72.02 -29.78
CA PRO K 2 -33.55 -70.99 -29.08
C PRO K 2 -33.95 -70.86 -27.61
N THR K 3 -32.97 -70.57 -26.75
CA THR K 3 -33.19 -70.49 -25.31
C THR K 3 -34.06 -69.27 -24.98
N LEU K 4 -34.73 -69.31 -23.83
CA LEU K 4 -35.62 -68.24 -23.41
C LEU K 4 -34.81 -66.98 -23.12
N ILE K 5 -33.63 -67.12 -22.50
CA ILE K 5 -32.82 -65.95 -22.22
C ILE K 5 -32.43 -65.27 -23.54
N SER K 6 -32.12 -66.05 -24.57
CA SER K 6 -31.65 -65.42 -25.79
C SER K 6 -32.80 -64.70 -26.50
N LEU K 7 -34.04 -65.18 -26.32
CA LEU K 7 -35.20 -64.49 -26.86
C LEU K 7 -35.39 -63.16 -26.14
N LEU K 8 -35.17 -63.15 -24.82
CA LEU K 8 -35.35 -61.94 -24.04
C LEU K 8 -34.40 -60.86 -24.54
N GLU K 9 -33.19 -61.29 -24.92
CA GLU K 9 -32.15 -60.42 -25.44
C GLU K 9 -32.59 -59.87 -26.80
N VAL K 10 -33.17 -60.71 -27.65
CA VAL K 10 -33.44 -60.24 -29.00
C VAL K 10 -34.64 -59.30 -29.01
N ILE K 11 -35.56 -59.45 -28.05
CA ILE K 11 -36.80 -58.69 -28.12
C ILE K 11 -36.71 -57.40 -27.32
N GLU K 12 -35.65 -57.26 -26.52
CA GLU K 12 -35.44 -56.06 -25.72
C GLU K 12 -35.49 -54.84 -26.63
N PRO K 13 -36.33 -53.82 -26.32
CA PRO K 13 -36.44 -52.63 -27.17
C PRO K 13 -35.14 -51.85 -27.21
N GLU K 14 -34.85 -51.29 -28.39
CA GLU K 14 -33.65 -50.48 -28.58
C GLU K 14 -33.90 -49.13 -27.95
N VAL K 15 -32.86 -48.52 -27.38
CA VAL K 15 -32.96 -47.23 -26.70
C VAL K 15 -33.49 -46.16 -27.66
N LEU K 16 -34.53 -45.41 -27.24
CA LEU K 16 -35.06 -44.33 -28.05
C LEU K 16 -34.29 -43.02 -27.80
N TYR K 17 -34.22 -42.16 -28.82
CA TYR K 17 -33.78 -40.78 -28.70
C TYR K 17 -34.99 -39.89 -28.39
N SER K 18 -34.75 -38.78 -27.70
CA SER K 18 -35.86 -37.93 -27.27
C SER K 18 -36.15 -36.87 -28.31
N GLY K 19 -35.13 -36.52 -29.13
CA GLY K 19 -35.26 -35.41 -30.06
C GLY K 19 -35.39 -34.06 -29.35
N TYR K 20 -34.94 -34.01 -28.09
CA TYR K 20 -34.77 -32.79 -27.33
C TYR K 20 -33.95 -31.80 -28.14
N ASP K 21 -34.32 -30.52 -28.04
CA ASP K 21 -33.62 -29.44 -28.69
C ASP K 21 -32.57 -28.84 -27.76
N SER K 22 -31.31 -29.18 -27.97
CA SER K 22 -30.23 -28.78 -27.08
C SER K 22 -29.80 -27.33 -27.34
N THR K 23 -30.50 -26.64 -28.25
CA THR K 23 -30.30 -25.23 -28.57
C THR K 23 -30.79 -24.34 -27.45
N LEU K 24 -31.98 -24.66 -26.90
CA LEU K 24 -32.59 -23.86 -25.87
C LEU K 24 -32.05 -24.32 -24.54
N PRO K 25 -31.86 -23.37 -23.56
CA PRO K 25 -31.52 -23.76 -22.19
C PRO K 25 -32.66 -24.52 -21.51
N ASP K 26 -32.32 -25.25 -20.48
CA ASP K 26 -33.21 -26.16 -19.79
C ASP K 26 -34.16 -25.41 -18.86
N THR K 27 -35.45 -25.76 -18.90
CA THR K 27 -36.38 -25.34 -17.87
C THR K 27 -37.11 -26.58 -17.39
N SER K 28 -37.59 -26.51 -16.14
CA SER K 28 -38.35 -27.59 -15.52
C SER K 28 -39.51 -28.03 -16.42
N THR K 29 -40.35 -27.07 -16.86
CA THR K 29 -41.52 -27.44 -17.65
C THR K 29 -41.09 -28.18 -18.92
N ARG K 30 -40.05 -27.62 -19.57
CA ARG K 30 -39.65 -28.14 -20.86
C ARG K 30 -39.14 -29.57 -20.70
N LEU K 31 -38.31 -29.77 -19.68
CA LEU K 31 -37.67 -31.05 -19.45
C LEU K 31 -38.71 -32.11 -19.13
N MET K 32 -39.62 -31.79 -18.19
CA MET K 32 -40.64 -32.74 -17.78
C MET K 32 -41.54 -33.09 -18.97
N SER K 33 -41.87 -32.08 -19.78
CA SER K 33 -42.67 -32.35 -20.96
C SER K 33 -41.92 -33.28 -21.92
N THR K 34 -40.60 -33.06 -22.07
CA THR K 34 -39.84 -33.88 -22.98
C THR K 34 -39.81 -35.32 -22.48
N LEU K 35 -39.54 -35.48 -21.18
CA LEU K 35 -39.50 -36.79 -20.58
C LEU K 35 -40.84 -37.51 -20.78
N ASN K 36 -41.95 -36.79 -20.64
CA ASN K 36 -43.24 -37.45 -20.79
C ASN K 36 -43.45 -37.91 -22.23
N ARG K 37 -43.06 -37.05 -23.19
CA ARG K 37 -43.25 -37.35 -24.59
C ARG K 37 -42.44 -38.62 -24.93
N LEU K 38 -41.23 -38.69 -24.35
CA LEU K 38 -40.35 -39.83 -24.53
C LEU K 38 -40.97 -41.08 -23.89
N GLY K 39 -41.51 -40.93 -22.67
CA GLY K 39 -42.16 -42.01 -21.97
C GLY K 39 -43.29 -42.64 -22.79
N GLY K 40 -44.10 -41.78 -23.42
CA GLY K 40 -45.16 -42.26 -24.29
C GLY K 40 -44.63 -43.30 -25.29
N ARG K 41 -43.55 -42.90 -25.98
CA ARG K 41 -42.98 -43.73 -27.02
C ARG K 41 -42.35 -44.98 -26.41
N GLN K 42 -41.71 -44.83 -25.24
CA GLN K 42 -41.09 -45.96 -24.57
C GLN K 42 -42.16 -46.99 -24.19
N VAL K 43 -43.34 -46.50 -23.79
CA VAL K 43 -44.42 -47.39 -23.39
C VAL K 43 -44.93 -48.18 -24.60
N VAL K 44 -45.16 -47.48 -25.71
CA VAL K 44 -45.52 -48.19 -26.94
C VAL K 44 -44.50 -49.29 -27.24
N SER K 45 -43.21 -48.97 -27.07
CA SER K 45 -42.18 -49.96 -27.28
C SER K 45 -42.38 -51.14 -26.34
N ALA K 46 -42.80 -50.86 -25.10
CA ALA K 46 -42.93 -51.89 -24.09
C ALA K 46 -44.11 -52.79 -24.40
N VAL K 47 -45.18 -52.19 -24.93
CA VAL K 47 -46.34 -52.98 -25.32
C VAL K 47 -45.94 -53.96 -26.43
N LYS K 48 -45.25 -53.46 -27.47
CA LYS K 48 -44.85 -54.33 -28.55
C LYS K 48 -43.94 -55.44 -28.02
N TRP K 49 -43.18 -55.11 -26.97
CA TRP K 49 -42.26 -56.04 -26.34
C TRP K 49 -43.04 -57.12 -25.62
N ALA K 50 -44.04 -56.70 -24.83
CA ALA K 50 -44.89 -57.63 -24.11
C ALA K 50 -45.55 -58.62 -25.08
N LYS K 51 -46.10 -58.12 -26.21
CA LYS K 51 -46.78 -59.01 -27.12
C LYS K 51 -45.84 -60.10 -27.66
N ALA K 52 -44.51 -59.89 -27.58
CA ALA K 52 -43.60 -60.89 -28.10
C ALA K 52 -42.96 -61.67 -26.95
N LEU K 53 -43.34 -61.32 -25.72
CA LEU K 53 -42.81 -61.98 -24.54
C LEU K 53 -43.39 -63.39 -24.47
N PRO K 54 -42.53 -64.44 -24.48
CA PRO K 54 -43.01 -65.83 -24.38
C PRO K 54 -43.89 -66.00 -23.14
N GLY K 55 -45.12 -66.48 -23.37
CA GLY K 55 -46.07 -66.68 -22.29
C GLY K 55 -47.16 -65.62 -22.27
N PHE K 56 -46.75 -64.36 -22.48
CA PHE K 56 -47.63 -63.25 -22.16
C PHE K 56 -48.94 -63.32 -22.94
N ARG K 57 -48.90 -63.78 -24.20
CA ARG K 57 -50.09 -63.75 -25.04
C ARG K 57 -51.15 -64.76 -24.59
N ASN K 58 -50.80 -65.68 -23.69
CA ASN K 58 -51.72 -66.67 -23.15
C ASN K 58 -52.64 -66.07 -22.09
N LEU K 59 -52.27 -64.94 -21.48
CA LEU K 59 -53.12 -64.33 -20.45
C LEU K 59 -54.39 -63.82 -21.12
N HIS K 60 -55.45 -63.66 -20.31
CA HIS K 60 -56.66 -63.08 -20.84
C HIS K 60 -56.34 -61.65 -21.28
N LEU K 61 -57.02 -61.18 -22.32
CA LEU K 61 -56.75 -59.84 -22.82
C LEU K 61 -56.82 -58.82 -21.69
N ASP K 62 -57.76 -59.00 -20.76
CA ASP K 62 -58.00 -58.01 -19.72
C ASP K 62 -56.89 -58.05 -18.69
N ASP K 63 -56.21 -59.19 -18.57
CA ASP K 63 -55.10 -59.32 -17.66
C ASP K 63 -53.85 -58.64 -18.24
N GLN K 64 -53.76 -58.70 -19.58
CA GLN K 64 -52.70 -58.03 -20.30
C GLN K 64 -52.81 -56.54 -20.06
N MET K 65 -54.00 -55.98 -20.35
CA MET K 65 -54.29 -54.58 -20.11
C MET K 65 -53.94 -54.20 -18.67
N THR K 66 -54.26 -55.10 -17.73
CA THR K 66 -54.14 -54.75 -16.33
C THR K 66 -52.67 -54.65 -15.95
N LEU K 67 -51.89 -55.68 -16.32
CA LEU K 67 -50.49 -55.74 -15.91
C LEU K 67 -49.69 -54.59 -16.53
N LEU K 68 -49.99 -54.24 -17.79
CA LEU K 68 -49.27 -53.16 -18.42
C LEU K 68 -49.64 -51.82 -17.79
N GLN K 69 -50.93 -51.59 -17.52
CA GLN K 69 -51.34 -50.36 -16.85
C GLN K 69 -50.71 -50.24 -15.47
N TYR K 70 -50.57 -51.36 -14.76
CA TYR K 70 -50.20 -51.27 -13.36
C TYR K 70 -48.69 -51.11 -13.26
N SER K 71 -47.95 -51.45 -14.32
CA SER K 71 -46.53 -51.63 -14.11
C SER K 71 -45.65 -50.83 -15.10
N TRP K 72 -46.26 -50.03 -15.98
CA TRP K 72 -45.48 -49.30 -16.97
C TRP K 72 -44.40 -48.44 -16.29
N MET K 73 -44.79 -47.71 -15.24
CA MET K 73 -43.81 -46.88 -14.57
C MET K 73 -42.64 -47.72 -14.04
N SER K 74 -42.90 -48.93 -13.53
CA SER K 74 -41.81 -49.76 -13.02
C SER K 74 -40.84 -50.11 -14.14
N LEU K 75 -41.40 -50.52 -15.28
CA LEU K 75 -40.58 -50.90 -16.42
C LEU K 75 -39.70 -49.74 -16.85
N MET K 76 -40.31 -48.54 -16.96
CA MET K 76 -39.57 -47.41 -17.49
C MET K 76 -38.46 -47.02 -16.51
N ALA K 77 -38.80 -46.98 -15.22
CA ALA K 77 -37.85 -46.57 -14.20
C ALA K 77 -36.70 -47.56 -14.10
N PHE K 78 -37.01 -48.85 -14.27
CA PHE K 78 -36.02 -49.89 -14.15
C PHE K 78 -35.02 -49.75 -15.31
N SER K 79 -35.53 -49.58 -16.53
CA SER K 79 -34.68 -49.41 -17.70
C SER K 79 -33.80 -48.17 -17.54
N LEU K 80 -34.39 -47.08 -17.04
CA LEU K 80 -33.63 -45.88 -16.78
C LEU K 80 -32.47 -46.20 -15.84
N GLY K 81 -32.78 -46.92 -14.76
CA GLY K 81 -31.75 -47.34 -13.82
C GLY K 81 -30.62 -48.07 -14.54
N TRP K 82 -30.99 -49.01 -15.41
CA TRP K 82 -30.01 -49.83 -16.10
C TRP K 82 -29.11 -48.95 -16.95
N ARG K 83 -29.73 -48.12 -17.81
CA ARG K 83 -28.98 -47.25 -18.71
C ARG K 83 -28.05 -46.34 -17.90
N SER K 84 -28.56 -45.81 -16.77
CA SER K 84 -27.77 -44.89 -15.98
C SER K 84 -26.56 -45.60 -15.38
N TYR K 85 -26.76 -46.85 -14.95
CA TYR K 85 -25.72 -47.71 -14.39
C TYR K 85 -24.68 -48.01 -15.46
N LYS K 86 -25.16 -48.36 -16.66
CA LYS K 86 -24.27 -48.78 -17.72
C LYS K 86 -23.43 -47.61 -18.23
N GLN K 87 -24.02 -46.41 -18.38
CA GLN K 87 -23.34 -45.35 -19.12
C GLN K 87 -22.55 -44.44 -18.21
N SER K 88 -22.88 -44.38 -16.91
CA SER K 88 -22.29 -43.35 -16.07
C SER K 88 -22.11 -43.85 -14.63
N ASN K 89 -22.21 -45.16 -14.45
CA ASN K 89 -22.08 -45.80 -13.16
C ASN K 89 -22.97 -45.10 -12.11
N GLY K 90 -24.17 -44.72 -12.53
CA GLY K 90 -25.16 -44.23 -11.59
C GLY K 90 -25.01 -42.75 -11.23
N ASN K 91 -24.10 -42.04 -11.91
CA ASN K 91 -23.82 -40.65 -11.59
C ASN K 91 -24.81 -39.69 -12.26
N MET K 92 -25.25 -40.01 -13.47
CA MET K 92 -26.19 -39.17 -14.20
C MET K 92 -27.37 -40.02 -14.64
N LEU K 93 -28.51 -39.38 -14.89
CA LEU K 93 -29.68 -40.10 -15.40
C LEU K 93 -29.61 -40.15 -16.92
N PHE K 95 -31.46 -40.75 -19.66
CA PHE K 95 -32.81 -40.95 -20.17
C PHE K 95 -32.74 -41.45 -21.61
N ALA K 96 -31.94 -40.75 -22.40
CA ALA K 96 -31.72 -41.05 -23.80
C ALA K 96 -30.28 -40.69 -24.13
N PRO K 97 -29.70 -41.19 -25.24
CA PRO K 97 -28.34 -40.82 -25.63
C PRO K 97 -28.22 -39.31 -25.85
N ASP K 98 -29.34 -38.65 -26.19
CA ASP K 98 -29.35 -37.23 -26.47
C ASP K 98 -29.98 -36.46 -25.30
N LEU K 99 -30.11 -37.09 -24.13
CA LEU K 99 -30.71 -36.43 -22.99
C LEU K 99 -30.20 -37.05 -21.69
N VAL K 100 -29.08 -36.51 -21.21
CA VAL K 100 -28.41 -37.02 -20.01
C VAL K 100 -28.44 -35.93 -18.95
N ILE K 101 -29.07 -36.22 -17.79
CA ILE K 101 -29.17 -35.25 -16.73
C ILE K 101 -28.11 -35.57 -15.70
N ASN K 102 -27.14 -34.66 -15.54
CA ASN K 102 -26.04 -34.83 -14.61
C ASN K 102 -26.33 -33.99 -13.37
N GLU K 103 -25.36 -33.97 -12.44
CA GLU K 103 -25.48 -33.25 -11.18
C GLU K 103 -25.93 -31.82 -11.42
N GLU K 104 -25.32 -31.15 -12.38
CA GLU K 104 -25.60 -29.74 -12.66
C GLU K 104 -27.05 -29.54 -13.10
N ARG K 105 -27.52 -30.33 -14.06
CA ARG K 105 -28.83 -30.10 -14.65
C ARG K 105 -29.97 -30.32 -13.63
N MET K 106 -29.66 -31.07 -12.57
CA MET K 106 -30.66 -31.45 -11.58
C MET K 106 -30.99 -30.31 -10.63
N GLN K 107 -30.17 -29.23 -10.66
CA GLN K 107 -30.28 -28.14 -9.73
C GLN K 107 -31.48 -27.26 -10.02
N LEU K 108 -32.21 -27.54 -11.12
CA LEU K 108 -33.39 -26.75 -11.41
C LEU K 108 -34.46 -26.98 -10.34
N PRO K 109 -35.32 -25.98 -10.05
CA PRO K 109 -36.19 -26.06 -8.91
C PRO K 109 -37.06 -27.24 -8.75
N TYR K 110 -37.88 -27.72 -9.69
CA TYR K 110 -38.74 -28.88 -9.45
C TYR K 110 -37.99 -30.22 -9.63
N MET K 111 -36.86 -30.14 -10.29
CA MET K 111 -36.14 -31.30 -10.79
C MET K 111 -35.46 -32.05 -9.66
N TYR K 112 -34.88 -31.33 -8.67
CA TYR K 112 -34.00 -31.98 -7.73
C TYR K 112 -34.65 -33.17 -7.03
N ASP K 113 -35.87 -32.98 -6.53
CA ASP K 113 -36.52 -34.02 -5.72
C ASP K 113 -36.79 -35.25 -6.59
N GLN K 114 -37.40 -35.01 -7.77
CA GLN K 114 -37.76 -36.14 -8.60
C GLN K 114 -36.52 -36.90 -9.06
N CYS K 115 -35.43 -36.19 -9.34
CA CYS K 115 -34.21 -36.84 -9.83
C CYS K 115 -33.54 -37.66 -8.74
N GLN K 116 -33.64 -37.22 -7.48
CA GLN K 116 -33.07 -37.92 -6.34
C GLN K 116 -33.69 -39.32 -6.26
N GLN K 117 -35.03 -39.36 -6.45
CA GLN K 117 -35.79 -40.59 -6.46
C GLN K 117 -35.26 -41.56 -7.53
N MET K 118 -35.09 -41.07 -8.77
CA MET K 118 -34.75 -41.94 -9.89
C MET K 118 -33.31 -42.46 -9.76
N LEU K 119 -32.47 -41.69 -9.06
CA LEU K 119 -31.10 -42.09 -8.84
C LEU K 119 -31.00 -43.26 -7.87
N LYS K 120 -31.99 -43.41 -6.97
CA LYS K 120 -31.97 -44.50 -6.01
C LYS K 120 -31.92 -45.83 -6.75
N ILE K 121 -32.81 -45.96 -7.76
CA ILE K 121 -32.85 -47.16 -8.56
C ILE K 121 -31.48 -47.43 -9.19
N SER K 122 -30.89 -46.35 -9.71
CA SER K 122 -29.64 -46.51 -10.41
C SER K 122 -28.58 -47.09 -9.48
N SER K 123 -28.48 -46.58 -8.25
CA SER K 123 -27.38 -46.95 -7.38
C SER K 123 -27.55 -48.36 -6.85
N GLU K 124 -28.80 -48.85 -6.83
CA GLU K 124 -29.06 -50.25 -6.54
C GLU K 124 -28.33 -51.15 -7.53
N PHE K 125 -28.48 -50.86 -8.83
CA PHE K 125 -27.74 -51.63 -9.84
C PHE K 125 -26.24 -51.54 -9.56
N VAL K 126 -25.77 -50.36 -9.09
CA VAL K 126 -24.35 -50.16 -8.87
C VAL K 126 -23.88 -51.03 -7.71
N ARG K 127 -24.64 -50.97 -6.61
CA ARG K 127 -24.31 -51.72 -5.40
C ARG K 127 -24.21 -53.20 -5.71
N LEU K 128 -25.23 -53.76 -6.37
CA LEU K 128 -25.35 -55.20 -6.57
C LEU K 128 -24.60 -55.67 -7.82
N GLN K 129 -24.01 -54.75 -8.58
CA GLN K 129 -23.32 -55.09 -9.83
C GLN K 129 -24.15 -56.04 -10.69
N VAL K 130 -25.39 -55.66 -11.00
CA VAL K 130 -26.32 -56.49 -11.77
C VAL K 130 -25.78 -56.72 -13.18
N SER K 131 -26.02 -57.91 -13.71
CA SER K 131 -25.63 -58.29 -15.06
C SER K 131 -26.81 -58.12 -16.01
N TYR K 132 -26.51 -58.09 -17.32
CA TYR K 132 -27.53 -57.86 -18.33
C TYR K 132 -28.64 -58.91 -18.22
N ASP K 133 -28.24 -60.19 -18.11
CA ASP K 133 -29.23 -61.26 -18.08
C ASP K 133 -30.09 -61.16 -16.83
N GLU K 134 -29.45 -60.86 -15.70
CA GLU K 134 -30.20 -60.66 -14.46
C GLU K 134 -31.24 -59.56 -14.68
N TYR K 135 -30.80 -58.45 -15.27
CA TYR K 135 -31.65 -57.30 -15.54
C TYR K 135 -32.85 -57.70 -16.39
N LEU K 136 -32.61 -58.47 -17.45
CA LEU K 136 -33.65 -58.78 -18.41
C LEU K 136 -34.78 -59.57 -17.76
N CYS K 137 -34.40 -60.45 -16.82
CA CYS K 137 -35.33 -61.35 -16.17
C CYS K 137 -36.11 -60.60 -15.10
N MET K 138 -35.38 -59.82 -14.29
CA MET K 138 -36.02 -58.99 -13.28
C MET K 138 -37.06 -58.09 -13.95
N LYS K 139 -36.73 -57.58 -15.15
CA LYS K 139 -37.64 -56.66 -15.81
C LYS K 139 -38.96 -57.38 -16.09
N VAL K 140 -38.88 -58.65 -16.51
CA VAL K 140 -40.10 -59.40 -16.82
C VAL K 140 -40.90 -59.57 -15.54
N LEU K 141 -40.20 -59.86 -14.44
CA LEU K 141 -40.85 -60.06 -13.16
C LEU K 141 -41.62 -58.81 -12.74
N LEU K 142 -41.09 -57.63 -13.04
CA LEU K 142 -41.76 -56.39 -12.68
C LEU K 142 -43.12 -56.29 -13.39
N LEU K 143 -43.19 -56.78 -14.62
CA LEU K 143 -44.44 -56.76 -15.37
C LEU K 143 -45.47 -57.59 -14.62
N LEU K 144 -44.98 -58.61 -13.91
CA LEU K 144 -45.82 -59.59 -13.24
C LEU K 144 -45.80 -59.39 -11.73
N SER K 145 -45.71 -58.15 -11.26
CA SER K 145 -45.45 -57.99 -9.84
C SER K 145 -46.52 -57.14 -9.16
N THR K 146 -47.55 -56.73 -9.91
CA THR K 146 -48.61 -55.91 -9.35
C THR K 146 -49.93 -56.38 -9.95
N VAL K 147 -50.84 -56.84 -9.09
CA VAL K 147 -52.09 -57.42 -9.52
C VAL K 147 -53.23 -56.69 -8.79
N PRO K 148 -54.49 -56.78 -9.29
CA PRO K 148 -55.64 -56.16 -8.64
C PRO K 148 -55.92 -56.96 -7.37
N LYS K 149 -56.64 -56.37 -6.41
CA LYS K 149 -56.67 -56.93 -5.06
C LYS K 149 -57.45 -58.25 -5.05
N ASP K 150 -58.39 -58.37 -6.00
CA ASP K 150 -59.22 -59.56 -6.12
C ASP K 150 -58.88 -60.33 -7.40
N GLY K 151 -57.58 -60.39 -7.71
CA GLY K 151 -57.02 -61.35 -8.67
C GLY K 151 -57.36 -61.07 -10.14
N LEU K 152 -57.01 -62.04 -10.99
CA LEU K 152 -57.04 -61.88 -12.43
C LEU K 152 -57.97 -62.92 -13.06
N LYS K 153 -58.46 -62.60 -14.26
CA LYS K 153 -59.35 -63.47 -15.02
C LYS K 153 -58.71 -64.81 -15.37
N SER K 154 -57.37 -64.91 -15.37
CA SER K 154 -56.75 -66.19 -15.69
C SER K 154 -55.53 -66.42 -14.82
N GLN K 155 -55.80 -66.48 -13.51
CA GLN K 155 -54.82 -66.70 -12.47
C GLN K 155 -54.02 -67.97 -12.76
N ALA K 156 -54.68 -68.96 -13.35
CA ALA K 156 -54.08 -70.20 -13.80
C ALA K 156 -52.74 -69.92 -14.48
N VAL K 157 -52.83 -69.25 -15.64
CA VAL K 157 -51.74 -69.02 -16.57
C VAL K 157 -50.72 -68.07 -15.96
N PHE K 158 -51.23 -67.02 -15.31
CA PHE K 158 -50.38 -66.04 -14.67
C PHE K 158 -49.35 -66.71 -13.78
N ASP K 159 -49.81 -67.62 -12.90
CA ASP K 159 -48.94 -68.19 -11.89
C ASP K 159 -47.83 -69.01 -12.55
N GLU K 160 -48.18 -69.65 -13.68
CA GLU K 160 -47.21 -70.46 -14.40
C GLU K 160 -46.13 -69.58 -15.02
N ILE K 161 -46.55 -68.52 -15.73
CA ILE K 161 -45.66 -67.53 -16.32
C ILE K 161 -44.70 -67.02 -15.26
N ARG K 162 -45.26 -66.51 -14.16
CA ARG K 162 -44.46 -65.92 -13.09
C ARG K 162 -43.38 -66.90 -12.64
N MET K 163 -43.73 -68.19 -12.60
CA MET K 163 -42.83 -69.22 -12.10
C MET K 163 -41.69 -69.46 -13.11
N THR K 164 -42.05 -69.50 -14.40
CA THR K 164 -41.07 -69.67 -15.46
C THR K 164 -39.98 -68.60 -15.36
N TYR K 165 -40.39 -67.33 -15.19
CA TYR K 165 -39.43 -66.24 -15.18
C TYR K 165 -38.63 -66.20 -13.87
N ILE K 166 -39.22 -66.65 -12.75
CA ILE K 166 -38.43 -66.79 -11.54
C ILE K 166 -37.32 -67.82 -11.77
N LYS K 167 -37.68 -68.95 -12.41
CA LYS K 167 -36.70 -69.98 -12.72
C LYS K 167 -35.59 -69.38 -13.58
N GLU K 168 -36.01 -68.54 -14.53
CA GLU K 168 -35.13 -67.93 -15.50
C GLU K 168 -34.13 -67.01 -14.81
N LEU K 169 -34.62 -66.19 -13.87
CA LEU K 169 -33.73 -65.36 -13.08
C LEU K 169 -32.69 -66.25 -12.41
N GLY K 170 -33.15 -67.42 -11.93
CA GLY K 170 -32.27 -68.43 -11.35
C GLY K 170 -31.10 -68.78 -12.28
N LYS K 171 -31.43 -69.20 -13.51
CA LYS K 171 -30.41 -69.60 -14.46
C LYS K 171 -29.41 -68.46 -14.68
N ALA K 172 -29.95 -67.23 -14.74
CA ALA K 172 -29.14 -66.04 -15.01
C ALA K 172 -28.12 -65.84 -13.90
N ILE K 173 -28.55 -66.06 -12.65
CA ILE K 173 -27.64 -65.91 -11.51
C ILE K 173 -26.54 -66.96 -11.59
N VAL K 174 -26.94 -68.20 -11.84
CA VAL K 174 -26.04 -69.35 -11.93
C VAL K 174 -24.98 -69.09 -13.00
N LYS K 175 -25.42 -68.62 -14.17
CA LYS K 175 -24.56 -68.36 -15.31
C LYS K 175 -23.47 -67.35 -14.96
N ARG K 176 -23.71 -66.51 -13.95
CA ARG K 176 -22.73 -65.50 -13.55
C ARG K 176 -21.60 -66.10 -12.69
N GLU K 177 -21.76 -67.33 -12.17
CA GLU K 177 -20.60 -68.19 -11.83
C GLU K 177 -20.55 -69.42 -12.75
N SER K 181 -23.65 -74.47 -9.71
CA SER K 181 -22.89 -73.91 -8.52
C SER K 181 -23.57 -72.64 -7.99
N GLN K 182 -24.83 -72.83 -7.62
CA GLN K 182 -25.83 -71.75 -7.46
C GLN K 182 -25.89 -70.86 -6.20
N ASN K 183 -25.96 -69.56 -6.51
CA ASN K 183 -25.85 -68.46 -5.55
C ASN K 183 -27.19 -67.98 -4.92
N TRP K 184 -27.39 -68.50 -3.72
CA TRP K 184 -28.70 -68.36 -3.09
C TRP K 184 -28.80 -67.00 -2.41
N GLN K 185 -27.65 -66.52 -1.96
CA GLN K 185 -27.58 -65.21 -1.31
C GLN K 185 -27.96 -64.13 -2.32
N ARG K 186 -27.42 -64.29 -3.55
CA ARG K 186 -27.68 -63.38 -4.64
C ARG K 186 -29.16 -63.39 -4.98
N PHE K 187 -29.74 -64.59 -5.12
CA PHE K 187 -31.16 -64.71 -5.45
C PHE K 187 -31.99 -63.92 -4.44
N TYR K 188 -31.52 -63.89 -3.19
CA TYR K 188 -32.27 -63.21 -2.14
C TYR K 188 -32.19 -61.70 -2.36
N GLN K 189 -30.97 -61.24 -2.57
CA GLN K 189 -30.64 -59.84 -2.82
C GLN K 189 -31.45 -59.30 -3.99
N LEU K 190 -31.48 -60.04 -5.10
CA LEU K 190 -32.17 -59.58 -6.30
C LEU K 190 -33.68 -59.59 -6.09
N THR K 191 -34.17 -60.55 -5.32
CA THR K 191 -35.61 -60.58 -5.04
C THR K 191 -35.96 -59.50 -4.01
N LYS K 192 -35.00 -59.18 -3.14
CA LYS K 192 -35.18 -58.08 -2.20
C LYS K 192 -35.31 -56.76 -2.97
N LEU K 193 -34.47 -56.60 -3.99
CA LEU K 193 -34.48 -55.43 -4.86
C LEU K 193 -35.83 -55.31 -5.58
N LEU K 194 -36.30 -56.41 -6.16
CA LEU K 194 -37.59 -56.40 -6.84
C LEU K 194 -38.68 -55.93 -5.87
N ASP K 195 -38.52 -56.29 -4.60
CA ASP K 195 -39.53 -55.97 -3.62
C ASP K 195 -39.49 -54.48 -3.32
N SER K 196 -38.28 -53.95 -3.13
CA SER K 196 -38.09 -52.56 -2.78
C SER K 196 -38.53 -51.63 -3.91
N MET K 197 -38.69 -52.19 -5.12
CA MET K 197 -39.12 -51.41 -6.27
C MET K 197 -40.54 -50.85 -6.07
N HIS K 198 -41.40 -51.54 -5.32
CA HIS K 198 -42.77 -51.05 -5.17
C HIS K 198 -42.79 -49.69 -4.48
N GLU K 199 -41.93 -49.52 -3.47
CA GLU K 199 -41.83 -48.28 -2.72
C GLU K 199 -41.24 -47.19 -3.63
N MET K 200 -40.07 -47.47 -4.23
CA MET K 200 -39.37 -46.49 -5.07
C MET K 200 -40.28 -45.99 -6.19
N VAL K 201 -40.94 -46.91 -6.88
CA VAL K 201 -41.81 -46.58 -7.98
C VAL K 201 -43.02 -45.80 -7.47
N GLY K 202 -43.54 -46.18 -6.30
CA GLY K 202 -44.65 -45.48 -5.67
C GLY K 202 -44.37 -43.98 -5.57
N GLY K 203 -43.13 -43.64 -5.19
CA GLY K 203 -42.65 -42.26 -5.16
C GLY K 203 -42.83 -41.58 -6.52
N LEU K 204 -42.26 -42.18 -7.57
CA LEU K 204 -42.37 -41.65 -8.92
C LEU K 204 -43.84 -41.52 -9.32
N LEU K 205 -44.64 -42.55 -9.00
CA LEU K 205 -46.04 -42.56 -9.40
C LEU K 205 -46.74 -41.36 -8.80
N GLN K 206 -46.31 -40.96 -7.60
CA GLN K 206 -46.93 -39.82 -6.92
C GLN K 206 -46.62 -38.53 -7.65
N PHE K 207 -45.34 -38.31 -8.02
CA PHE K 207 -45.00 -37.11 -8.77
C PHE K 207 -45.78 -37.08 -10.08
N CYS K 208 -45.89 -38.26 -10.71
CA CYS K 208 -46.54 -38.37 -12.00
C CYS K 208 -48.01 -37.93 -11.88
N PHE K 209 -48.72 -38.48 -10.89
CA PHE K 209 -50.12 -38.13 -10.69
C PHE K 209 -50.26 -36.65 -10.37
N TYR K 210 -49.34 -36.13 -9.55
CA TYR K 210 -49.36 -34.73 -9.19
C TYR K 210 -49.25 -33.85 -10.44
N THR K 211 -48.22 -34.07 -11.25
CA THR K 211 -48.00 -33.21 -12.42
C THR K 211 -49.09 -33.43 -13.46
N PHE K 212 -49.78 -34.58 -13.41
CA PHE K 212 -50.83 -34.85 -14.37
C PHE K 212 -52.10 -34.08 -14.03
N VAL K 213 -52.39 -34.00 -12.72
CA VAL K 213 -53.66 -33.44 -12.24
C VAL K 213 -53.56 -31.92 -12.17
N ASN K 214 -52.39 -31.42 -11.75
CA ASN K 214 -52.15 -30.01 -11.50
C ASN K 214 -51.75 -29.31 -12.80
N LYS K 215 -52.78 -28.92 -13.57
CA LYS K 215 -52.62 -28.37 -14.91
C LYS K 215 -51.81 -27.08 -14.92
N SER K 216 -51.76 -26.36 -13.80
CA SER K 216 -51.06 -25.08 -13.71
C SER K 216 -49.55 -25.19 -13.93
N LEU K 217 -48.97 -26.41 -13.78
CA LEU K 217 -47.55 -26.63 -13.97
C LEU K 217 -47.21 -26.66 -15.47
N SER K 218 -48.23 -26.89 -16.30
CA SER K 218 -48.11 -26.85 -17.76
C SER K 218 -47.22 -27.97 -18.29
N VAL K 219 -47.15 -29.08 -17.57
CA VAL K 219 -46.42 -30.25 -18.01
C VAL K 219 -47.33 -31.02 -18.98
N GLU K 220 -46.79 -31.37 -20.16
CA GLU K 220 -47.59 -32.04 -21.17
C GLU K 220 -47.42 -33.56 -21.06
N PHE K 221 -48.46 -34.27 -21.51
CA PHE K 221 -48.47 -35.73 -21.53
C PHE K 221 -48.99 -36.18 -22.88
N PRO K 222 -48.37 -37.17 -23.56
CA PRO K 222 -48.92 -37.66 -24.82
C PRO K 222 -50.19 -38.46 -24.55
N GLU K 223 -51.07 -38.58 -25.55
CA GLU K 223 -52.36 -39.25 -25.41
C GLU K 223 -52.19 -40.65 -24.80
N MET K 224 -51.23 -41.42 -25.29
CA MET K 224 -50.96 -42.76 -24.82
C MET K 224 -50.95 -42.78 -23.28
N LEU K 225 -50.08 -41.95 -22.69
CA LEU K 225 -49.89 -41.93 -21.25
C LEU K 225 -51.09 -41.32 -20.53
N ALA K 226 -51.67 -40.27 -21.11
CA ALA K 226 -52.81 -39.58 -20.50
C ALA K 226 -53.95 -40.58 -20.27
N GLU K 227 -54.34 -41.29 -21.33
CA GLU K 227 -55.36 -42.32 -21.25
C GLU K 227 -55.03 -43.30 -20.11
N ILE K 228 -53.79 -43.81 -20.08
CA ILE K 228 -53.43 -44.79 -19.08
C ILE K 228 -53.48 -44.17 -17.69
N ILE K 229 -52.85 -43.00 -17.51
CA ILE K 229 -52.75 -42.41 -16.19
C ILE K 229 -54.15 -42.15 -15.64
N SER K 230 -55.03 -41.57 -16.46
CA SER K 230 -56.31 -41.12 -15.93
C SER K 230 -57.18 -42.31 -15.54
N ASN K 231 -56.99 -43.45 -16.20
CA ASN K 231 -57.71 -44.67 -15.83
C ASN K 231 -57.10 -45.27 -14.56
N GLN K 232 -55.78 -45.12 -14.40
CA GLN K 232 -55.05 -45.83 -13.36
C GLN K 232 -55.13 -45.01 -12.07
N LEU K 233 -55.56 -43.75 -12.16
CA LEU K 233 -55.46 -42.79 -11.08
C LEU K 233 -56.45 -43.10 -9.96
N PRO K 234 -57.78 -43.19 -10.24
CA PRO K 234 -58.74 -43.61 -9.22
C PRO K 234 -58.43 -44.96 -8.56
N LYS K 235 -57.90 -45.92 -9.34
CA LYS K 235 -57.57 -47.24 -8.84
C LYS K 235 -56.47 -47.18 -7.78
N PHE K 236 -55.58 -46.19 -7.87
CA PHE K 236 -54.46 -46.10 -6.94
C PHE K 236 -54.87 -45.29 -5.71
N LYS K 237 -55.76 -44.30 -5.90
CA LYS K 237 -56.30 -43.52 -4.80
C LYS K 237 -57.16 -44.41 -3.88
N ALA K 238 -57.82 -45.41 -4.46
CA ALA K 238 -58.72 -46.29 -3.73
C ALA K 238 -58.00 -47.52 -3.17
N GLY K 239 -56.66 -47.52 -3.26
CA GLY K 239 -55.80 -48.61 -2.79
C GLY K 239 -56.32 -50.02 -3.11
N SER K 240 -56.75 -50.24 -4.36
CA SER K 240 -57.33 -51.51 -4.81
C SER K 240 -56.29 -52.35 -5.55
N VAL K 241 -55.02 -52.10 -5.22
CA VAL K 241 -53.87 -52.63 -5.93
C VAL K 241 -52.99 -53.37 -4.93
N LYS K 242 -52.53 -54.56 -5.32
CA LYS K 242 -51.80 -55.45 -4.43
C LYS K 242 -50.44 -55.79 -5.04
N PRO K 243 -49.33 -55.38 -4.40
CA PRO K 243 -47.99 -55.89 -4.77
C PRO K 243 -47.83 -57.38 -4.47
N LEU K 244 -47.14 -58.10 -5.37
CA LEU K 244 -46.67 -59.45 -5.09
C LEU K 244 -45.23 -59.40 -4.58
N LEU K 245 -45.06 -59.71 -3.30
CA LEU K 245 -43.73 -59.68 -2.72
C LEU K 245 -43.11 -61.08 -2.75
N PHE K 246 -41.79 -61.14 -2.65
CA PHE K 246 -41.06 -62.38 -2.53
C PHE K 246 -40.75 -62.63 -1.05
N HIS K 247 -40.89 -61.59 -0.20
CA HIS K 247 -40.42 -61.63 1.17
C HIS K 247 -41.40 -60.96 2.13
N GLN K 248 -40.92 -60.70 3.36
CA GLN K 248 -41.75 -60.12 4.41
C GLN K 248 -41.24 -58.72 4.78
N PHE L 1 -62.25 -44.38 -29.82
CA PHE L 1 -61.70 -45.31 -30.88
C PHE L 1 -60.69 -44.58 -31.77
N PRO L 2 -59.42 -45.06 -31.86
CA PRO L 2 -58.41 -44.42 -32.71
C PRO L 2 -58.43 -44.94 -34.15
N THR L 3 -58.14 -44.07 -35.12
CA THR L 3 -58.19 -44.42 -36.54
C THR L 3 -57.07 -45.39 -36.87
N LEU L 4 -57.23 -46.12 -37.97
CA LEU L 4 -56.25 -47.11 -38.40
C LEU L 4 -54.95 -46.42 -38.81
N ILE L 5 -55.06 -45.28 -39.52
CA ILE L 5 -53.86 -44.57 -39.91
C ILE L 5 -53.06 -44.15 -38.68
N SER L 6 -53.76 -43.70 -37.63
CA SER L 6 -53.02 -43.20 -36.49
C SER L 6 -52.34 -44.35 -35.74
N LEU L 7 -52.91 -45.56 -35.78
CA LEU L 7 -52.27 -46.72 -35.21
C LEU L 7 -51.00 -47.06 -35.98
N LEU L 8 -51.06 -46.94 -37.31
CA LEU L 8 -49.91 -47.26 -38.14
C LEU L 8 -48.75 -46.36 -37.77
N GLU L 9 -49.06 -45.10 -37.46
CA GLU L 9 -48.09 -44.09 -37.05
C GLU L 9 -47.49 -44.46 -35.70
N VAL L 10 -48.32 -44.93 -34.76
CA VAL L 10 -47.81 -45.14 -33.42
C VAL L 10 -46.93 -46.40 -33.37
N ILE L 11 -47.21 -47.38 -34.26
CA ILE L 11 -46.53 -48.66 -34.12
C ILE L 11 -45.29 -48.71 -34.99
N GLU L 12 -45.12 -47.73 -35.88
CA GLU L 12 -43.96 -47.64 -36.75
C GLU L 12 -42.70 -47.70 -35.91
N PRO L 13 -41.76 -48.62 -36.21
CA PRO L 13 -40.53 -48.74 -35.41
C PRO L 13 -39.67 -47.49 -35.54
N GLU L 14 -39.00 -47.12 -34.45
CA GLU L 14 -38.07 -46.00 -34.45
C GLU L 14 -36.79 -46.46 -35.14
N VAL L 15 -36.14 -45.54 -35.87
CA VAL L 15 -34.90 -45.83 -36.58
C VAL L 15 -33.82 -46.32 -35.62
N LEU L 16 -33.16 -47.45 -35.96
CA LEU L 16 -32.09 -47.97 -35.14
C LEU L 16 -30.74 -47.35 -35.51
N TYR L 17 -29.83 -47.27 -34.52
CA TYR L 17 -28.43 -46.95 -34.74
C TYR L 17 -27.64 -48.23 -35.00
N SER L 18 -26.55 -48.13 -35.78
CA SER L 18 -25.80 -49.33 -36.10
C SER L 18 -24.70 -49.56 -35.07
N GLY L 19 -24.25 -48.47 -34.42
CA GLY L 19 -23.10 -48.53 -33.53
C GLY L 19 -21.81 -48.84 -34.26
N TYR L 20 -21.79 -48.60 -35.58
CA TYR L 20 -20.59 -48.67 -36.39
C TYR L 20 -19.49 -47.81 -35.78
N ASP L 21 -18.25 -48.30 -35.82
CA ASP L 21 -17.11 -47.57 -35.32
C ASP L 21 -16.43 -46.83 -36.47
N SER L 22 -16.65 -45.51 -36.57
CA SER L 22 -16.13 -44.73 -37.68
C SER L 22 -14.64 -44.43 -37.54
N THR L 23 -14.03 -44.93 -36.47
CA THR L 23 -12.61 -44.79 -36.17
C THR L 23 -11.75 -45.66 -37.08
N LEU L 24 -12.20 -46.90 -37.28
CA LEU L 24 -11.49 -47.91 -38.04
C LEU L 24 -11.83 -47.73 -39.52
N PRO L 25 -10.88 -48.00 -40.44
CA PRO L 25 -11.11 -47.75 -41.87
C PRO L 25 -12.16 -48.69 -42.46
N ASP L 26 -12.85 -48.23 -43.52
CA ASP L 26 -13.94 -48.97 -44.12
C ASP L 26 -13.39 -50.06 -45.04
N THR L 27 -13.95 -51.25 -44.97
CA THR L 27 -13.72 -52.27 -45.98
C THR L 27 -15.08 -52.81 -46.38
N SER L 28 -15.16 -53.34 -47.60
CA SER L 28 -16.36 -53.98 -48.12
C SER L 28 -16.90 -55.03 -47.15
N THR L 29 -16.05 -55.97 -46.72
CA THR L 29 -16.51 -57.02 -45.82
C THR L 29 -17.11 -56.42 -44.55
N ARG L 30 -16.40 -55.44 -43.98
CA ARG L 30 -16.80 -54.90 -42.70
C ARG L 30 -18.15 -54.22 -42.84
N LEU L 31 -18.29 -53.42 -43.90
CA LEU L 31 -19.50 -52.65 -44.12
C LEU L 31 -20.70 -53.56 -44.32
N MET L 32 -20.55 -54.56 -45.20
CA MET L 32 -21.63 -55.48 -45.49
C MET L 32 -22.01 -56.24 -44.22
N SER L 33 -21.01 -56.65 -43.44
CA SER L 33 -21.30 -57.32 -42.18
C SER L 33 -22.07 -56.39 -41.25
N THR L 34 -21.69 -55.11 -41.21
CA THR L 34 -22.35 -54.19 -40.31
C THR L 34 -23.82 -54.03 -40.74
N LEU L 35 -24.03 -53.83 -42.05
CA LEU L 35 -25.35 -53.69 -42.58
C LEU L 35 -26.19 -54.93 -42.24
N ASN L 36 -25.61 -56.12 -42.34
CA ASN L 36 -26.39 -57.32 -42.04
C ASN L 36 -26.76 -57.37 -40.57
N ARG L 37 -25.83 -57.01 -39.70
CA ARG L 37 -26.05 -57.05 -38.26
C ARG L 37 -27.20 -56.09 -37.93
N LEU L 38 -27.21 -54.93 -38.59
CA LEU L 38 -28.23 -53.92 -38.42
C LEU L 38 -29.56 -54.46 -38.95
N GLY L 39 -29.53 -55.10 -40.14
CA GLY L 39 -30.72 -55.68 -40.74
C GLY L 39 -31.38 -56.70 -39.81
N GLY L 40 -30.58 -57.54 -39.16
CA GLY L 40 -31.11 -58.49 -38.20
C GLY L 40 -32.00 -57.80 -37.17
N ARG L 41 -31.48 -56.71 -36.58
CA ARG L 41 -32.20 -56.00 -35.55
C ARG L 41 -33.42 -55.31 -36.15
N GLN L 42 -33.29 -54.77 -37.36
CA GLN L 42 -34.40 -54.11 -38.02
C GLN L 42 -35.52 -55.12 -38.28
N VAL L 43 -35.16 -56.36 -38.61
CA VAL L 43 -36.15 -57.39 -38.88
C VAL L 43 -36.90 -57.77 -37.60
N VAL L 44 -36.16 -57.96 -36.50
CA VAL L 44 -36.82 -58.17 -35.23
C VAL L 44 -37.80 -57.03 -34.93
N SER L 45 -37.41 -55.80 -35.22
CA SER L 45 -38.31 -54.68 -35.05
C SER L 45 -39.55 -54.85 -35.90
N ALA L 46 -39.37 -55.38 -37.11
CA ALA L 46 -40.47 -55.51 -38.06
C ALA L 46 -41.43 -56.61 -37.60
N VAL L 47 -40.87 -57.68 -37.01
CA VAL L 47 -41.71 -58.73 -36.48
C VAL L 47 -42.60 -58.17 -35.37
N LYS L 48 -41.99 -57.44 -34.42
CA LYS L 48 -42.76 -56.89 -33.31
C LYS L 48 -43.83 -55.95 -33.87
N TRP L 49 -43.51 -55.30 -34.99
CA TRP L 49 -44.41 -54.36 -35.65
C TRP L 49 -45.59 -55.12 -36.24
N ALA L 50 -45.29 -56.21 -36.96
CA ALA L 50 -46.32 -57.05 -37.55
C ALA L 50 -47.28 -57.56 -36.47
N LYS L 51 -46.75 -58.04 -35.34
CA LYS L 51 -47.62 -58.57 -34.32
C LYS L 51 -48.60 -57.52 -33.80
N ALA L 52 -48.32 -56.24 -33.99
CA ALA L 52 -49.23 -55.21 -33.50
C ALA L 52 -50.01 -54.61 -34.65
N LEU L 53 -49.78 -55.11 -35.87
CA LEU L 53 -50.49 -54.61 -37.03
C LEU L 53 -51.94 -55.11 -36.97
N PRO L 54 -52.92 -54.18 -36.97
CA PRO L 54 -54.34 -54.56 -37.00
C PRO L 54 -54.61 -55.50 -38.15
N GLY L 55 -55.17 -56.68 -37.82
CA GLY L 55 -55.50 -57.68 -38.83
C GLY L 55 -54.53 -58.85 -38.75
N PHE L 56 -53.23 -58.54 -38.64
CA PHE L 56 -52.22 -59.53 -38.95
C PHE L 56 -52.35 -60.77 -38.07
N ARG L 57 -52.73 -60.60 -36.79
CA ARG L 57 -52.75 -61.72 -35.86
C ARG L 57 -53.85 -62.73 -36.17
N ASN L 58 -54.79 -62.37 -37.05
CA ASN L 58 -55.86 -63.27 -37.46
C ASN L 58 -55.39 -64.32 -38.47
N LEU L 59 -54.27 -64.07 -39.17
CA LEU L 59 -53.79 -65.05 -40.14
C LEU L 59 -53.33 -66.31 -39.40
N HIS L 60 -53.30 -67.43 -40.12
CA HIS L 60 -52.77 -68.65 -39.54
C HIS L 60 -51.30 -68.39 -39.20
N LEU L 61 -50.81 -69.03 -38.13
CA LEU L 61 -49.43 -68.81 -37.73
C LEU L 61 -48.48 -69.04 -38.91
N ASP L 62 -48.79 -70.03 -39.76
CA ASP L 62 -47.88 -70.42 -40.82
C ASP L 62 -47.91 -69.39 -41.94
N ASP L 63 -49.00 -68.65 -42.04
CA ASP L 63 -49.12 -67.60 -43.04
C ASP L 63 -48.33 -66.37 -42.60
N GLN L 64 -48.29 -66.18 -41.28
CA GLN L 64 -47.52 -65.10 -40.67
C GLN L 64 -46.05 -65.34 -41.00
N MET L 65 -45.56 -66.54 -40.65
CA MET L 65 -44.20 -66.94 -40.95
C MET L 65 -43.89 -66.74 -42.43
N THR L 66 -44.87 -67.06 -43.29
CA THR L 66 -44.61 -67.08 -44.71
C THR L 66 -44.44 -65.65 -45.21
N LEU L 67 -45.38 -64.77 -44.84
CA LEU L 67 -45.39 -63.41 -45.35
C LEU L 67 -44.15 -62.65 -44.87
N LEU L 68 -43.73 -62.88 -43.62
CA LEU L 68 -42.55 -62.20 -43.12
C LEU L 68 -41.29 -62.70 -43.80
N GLN L 69 -41.17 -64.02 -44.00
CA GLN L 69 -40.02 -64.56 -44.71
C GLN L 69 -39.96 -64.06 -46.15
N TYR L 70 -41.12 -63.89 -46.79
CA TYR L 70 -41.11 -63.63 -48.21
C TYR L 70 -40.87 -62.14 -48.44
N SER L 71 -41.08 -61.30 -47.42
CA SER L 71 -41.14 -59.88 -47.71
C SER L 71 -40.20 -59.02 -46.86
N TRP L 72 -39.38 -59.64 -46.00
CA TRP L 72 -38.54 -58.85 -45.11
C TRP L 72 -37.65 -57.89 -45.91
N MET L 73 -37.02 -58.40 -46.97
CA MET L 73 -36.18 -57.54 -47.77
C MET L 73 -36.96 -56.35 -48.33
N SER L 74 -38.22 -56.54 -48.73
CA SER L 74 -39.00 -55.43 -49.27
C SER L 74 -39.20 -54.36 -48.21
N LEU L 75 -39.59 -54.81 -47.00
CA LEU L 75 -39.83 -53.90 -45.91
C LEU L 75 -38.58 -53.08 -45.61
N MET L 76 -37.43 -53.77 -45.54
CA MET L 76 -36.22 -53.08 -45.13
C MET L 76 -35.81 -52.08 -46.21
N ALA L 77 -35.88 -52.51 -47.47
CA ALA L 77 -35.46 -51.68 -48.59
C ALA L 77 -36.36 -50.46 -48.70
N PHE L 78 -37.65 -50.65 -48.45
CA PHE L 78 -38.63 -49.59 -48.58
C PHE L 78 -38.35 -48.53 -47.51
N SER L 79 -38.14 -48.97 -46.26
CA SER L 79 -37.83 -48.04 -45.17
C SER L 79 -36.53 -47.27 -45.46
N LEU L 80 -35.54 -48.00 -45.99
CA LEU L 80 -34.30 -47.36 -46.36
C LEU L 80 -34.58 -46.25 -47.36
N GLY L 81 -35.38 -46.58 -48.38
CA GLY L 81 -35.77 -45.61 -49.38
C GLY L 81 -36.37 -44.37 -48.72
N TRP L 82 -37.28 -44.59 -47.78
CA TRP L 82 -37.98 -43.49 -47.13
C TRP L 82 -36.97 -42.60 -46.40
N ARG L 83 -36.15 -43.21 -45.54
CA ARG L 83 -35.16 -42.47 -44.77
C ARG L 83 -34.22 -41.70 -45.72
N SER L 84 -33.82 -42.34 -46.82
CA SER L 84 -32.88 -41.70 -47.74
C SER L 84 -33.52 -40.49 -48.40
N TYR L 85 -34.81 -40.62 -48.74
CA TYR L 85 -35.61 -39.56 -49.32
C TYR L 85 -35.76 -38.41 -48.34
N LYS L 86 -36.05 -38.74 -47.08
CA LYS L 86 -36.33 -37.73 -46.08
C LYS L 86 -35.06 -36.98 -45.71
N GLN L 87 -33.91 -37.66 -45.60
CA GLN L 87 -32.74 -37.03 -44.98
C GLN L 87 -31.81 -36.41 -46.01
N SER L 88 -31.88 -36.84 -47.27
CA SER L 88 -30.86 -36.42 -48.23
C SER L 88 -31.45 -36.31 -49.63
N ASN L 89 -32.77 -36.30 -49.72
CA ASN L 89 -33.49 -36.19 -50.97
C ASN L 89 -32.97 -37.22 -51.98
N GLY L 90 -32.66 -38.42 -51.49
CA GLY L 90 -32.34 -39.52 -52.38
C GLY L 90 -30.89 -39.55 -52.84
N ASN L 91 -30.04 -38.66 -52.30
CA ASN L 91 -28.66 -38.54 -52.75
C ASN L 91 -27.73 -39.55 -52.07
N MET L 92 -27.99 -39.87 -50.80
CA MET L 92 -27.19 -40.83 -50.08
C MET L 92 -28.11 -41.88 -49.47
N LEU L 93 -27.56 -43.06 -49.18
CA LEU L 93 -28.31 -44.09 -48.50
C LEU L 93 -28.15 -43.90 -46.98
N CYS L 94 -29.26 -43.55 -46.30
CA CYS L 94 -29.23 -43.32 -44.86
C CYS L 94 -29.67 -44.59 -44.11
N PHE L 95 -28.75 -45.55 -44.01
CA PHE L 95 -29.08 -46.81 -43.37
C PHE L 95 -29.46 -46.57 -41.92
N ALA L 96 -28.62 -45.79 -41.25
CA ALA L 96 -28.82 -45.38 -39.87
C ALA L 96 -28.29 -43.97 -39.73
N PRO L 97 -28.69 -43.21 -38.67
CA PRO L 97 -28.18 -41.85 -38.48
C PRO L 97 -26.66 -41.85 -38.33
N ASP L 98 -26.10 -42.98 -37.88
CA ASP L 98 -24.67 -43.10 -37.66
C ASP L 98 -24.02 -43.93 -38.77
N LEU L 99 -24.73 -44.14 -39.90
CA LEU L 99 -24.18 -44.97 -40.98
C LEU L 99 -24.81 -44.57 -42.31
N VAL L 100 -24.18 -43.59 -42.96
CA VAL L 100 -24.67 -43.01 -44.20
C VAL L 100 -23.65 -43.32 -45.30
N ILE L 101 -24.07 -43.99 -46.36
CA ILE L 101 -23.19 -44.29 -47.48
C ILE L 101 -23.44 -43.25 -48.58
N ASN L 102 -22.42 -42.41 -48.85
CA ASN L 102 -22.52 -41.37 -49.85
C ASN L 102 -21.78 -41.82 -51.10
N GLU L 103 -21.70 -40.91 -52.10
CA GLU L 103 -21.08 -41.16 -53.38
C GLU L 103 -19.68 -41.76 -53.16
N GLU L 104 -18.89 -41.18 -52.26
CA GLU L 104 -17.52 -41.59 -52.06
C GLU L 104 -17.46 -43.00 -51.51
N ARG L 105 -18.24 -43.33 -50.48
CA ARG L 105 -18.12 -44.63 -49.84
C ARG L 105 -18.55 -45.77 -50.74
N MET L 106 -19.30 -45.46 -51.81
CA MET L 106 -19.81 -46.47 -52.74
C MET L 106 -18.72 -46.98 -53.67
N GLN L 107 -17.57 -46.31 -53.69
CA GLN L 107 -16.47 -46.64 -54.59
C GLN L 107 -15.73 -47.86 -54.07
N LEU L 108 -16.10 -48.38 -52.90
CA LEU L 108 -15.48 -49.59 -52.37
C LEU L 108 -15.81 -50.78 -53.28
N PRO L 109 -14.91 -51.79 -53.35
CA PRO L 109 -15.19 -53.00 -54.10
C PRO L 109 -16.52 -53.62 -53.73
N TYR L 110 -17.30 -54.01 -54.75
CA TYR L 110 -18.58 -54.69 -54.62
C TYR L 110 -19.73 -53.74 -54.25
N MET L 111 -19.43 -52.58 -53.65
CA MET L 111 -20.46 -51.74 -53.07
C MET L 111 -21.32 -51.04 -54.14
N TYR L 112 -20.65 -50.58 -55.21
CA TYR L 112 -21.32 -49.67 -56.14
C TYR L 112 -22.61 -50.31 -56.71
N ASP L 113 -22.55 -51.56 -57.14
CA ASP L 113 -23.65 -52.20 -57.81
C ASP L 113 -24.84 -52.34 -56.86
N GLN L 114 -24.57 -52.86 -55.65
CA GLN L 114 -25.65 -53.11 -54.71
C GLN L 114 -26.31 -51.78 -54.31
N CYS L 115 -25.49 -50.73 -54.15
CA CYS L 115 -26.03 -49.45 -53.71
C CYS L 115 -26.89 -48.80 -54.79
N GLN L 116 -26.53 -49.01 -56.07
CA GLN L 116 -27.27 -48.48 -57.20
C GLN L 116 -28.70 -48.96 -57.15
N GLN L 117 -28.86 -50.26 -56.85
CA GLN L 117 -30.19 -50.84 -56.70
C GLN L 117 -31.03 -50.13 -55.64
N MET L 118 -30.44 -49.92 -54.46
CA MET L 118 -31.21 -49.38 -53.33
C MET L 118 -31.54 -47.91 -53.55
N LEU L 119 -30.73 -47.22 -54.35
CA LEU L 119 -30.94 -45.83 -54.64
C LEU L 119 -32.15 -45.63 -55.56
N LYS L 120 -32.45 -46.67 -56.40
CA LYS L 120 -33.58 -46.57 -57.31
C LYS L 120 -34.85 -46.34 -56.50
N ILE L 121 -35.03 -47.16 -55.47
CA ILE L 121 -36.18 -47.05 -54.58
C ILE L 121 -36.25 -45.64 -54.02
N SER L 122 -35.11 -45.11 -53.60
CA SER L 122 -35.11 -43.81 -52.97
C SER L 122 -35.67 -42.76 -53.93
N SER L 123 -35.21 -42.79 -55.19
CA SER L 123 -35.53 -41.72 -56.11
C SER L 123 -36.99 -41.82 -56.57
N GLU L 124 -37.57 -43.02 -56.47
CA GLU L 124 -39.00 -43.20 -56.68
C GLU L 124 -39.79 -42.34 -55.70
N PHE L 125 -39.46 -42.42 -54.41
CA PHE L 125 -40.09 -41.55 -53.43
C PHE L 125 -39.91 -40.08 -53.82
N VAL L 126 -38.74 -39.74 -54.37
CA VAL L 126 -38.45 -38.36 -54.72
C VAL L 126 -39.34 -37.93 -55.87
N ARG L 127 -39.41 -38.77 -56.91
CA ARG L 127 -40.17 -38.47 -58.11
C ARG L 127 -41.63 -38.23 -57.74
N LEU L 128 -42.23 -39.15 -56.97
CA LEU L 128 -43.66 -39.15 -56.69
C LEU L 128 -44.01 -38.27 -55.50
N GLN L 129 -43.01 -37.70 -54.82
CA GLN L 129 -43.24 -36.90 -53.62
C GLN L 129 -44.20 -37.60 -52.66
N VAL L 130 -43.88 -38.85 -52.28
CA VAL L 130 -44.73 -39.65 -51.40
C VAL L 130 -44.83 -38.99 -50.02
N SER L 131 -46.03 -39.11 -49.42
CA SER L 131 -46.29 -38.59 -48.09
C SER L 131 -46.14 -39.70 -47.06
N TYR L 132 -46.02 -39.29 -45.79
CA TYR L 132 -45.80 -40.24 -44.71
C TYR L 132 -46.92 -41.27 -44.66
N ASP L 133 -48.18 -40.80 -44.75
CA ASP L 133 -49.32 -41.69 -44.64
C ASP L 133 -49.35 -42.66 -45.82
N GLU L 134 -49.06 -42.14 -47.02
CA GLU L 134 -48.99 -43.00 -48.19
C GLU L 134 -47.96 -44.10 -47.95
N TYR L 135 -46.78 -43.69 -47.45
CA TYR L 135 -45.67 -44.59 -47.19
C TYR L 135 -46.10 -45.68 -46.21
N LEU L 136 -46.79 -45.30 -45.13
CA LEU L 136 -47.10 -46.24 -44.07
C LEU L 136 -48.01 -47.36 -44.59
N CYS L 137 -48.91 -47.00 -45.50
CA CYS L 137 -49.90 -47.91 -46.03
C CYS L 137 -49.26 -48.84 -47.07
N MET L 138 -48.49 -48.23 -47.98
CA MET L 138 -47.74 -48.98 -48.98
C MET L 138 -46.88 -50.02 -48.27
N LYS L 139 -46.29 -49.65 -47.13
CA LYS L 139 -45.40 -50.55 -46.45
C LYS L 139 -46.17 -51.80 -46.03
N VAL L 140 -47.42 -51.61 -45.55
CA VAL L 140 -48.21 -52.74 -45.11
C VAL L 140 -48.51 -53.63 -46.31
N LEU L 141 -48.82 -52.99 -47.45
CA LEU L 141 -49.12 -53.72 -48.66
C LEU L 141 -47.96 -54.61 -49.08
N LEU L 142 -46.72 -54.14 -48.88
CA LEU L 142 -45.55 -54.94 -49.25
C LEU L 142 -45.49 -56.23 -48.45
N LEU L 143 -45.91 -56.17 -47.18
CA LEU L 143 -45.92 -57.34 -46.33
C LEU L 143 -46.86 -58.38 -46.94
N LEU L 144 -47.89 -57.89 -47.64
CA LEU L 144 -48.98 -58.70 -48.17
C LEU L 144 -48.86 -58.82 -49.69
N SER L 145 -47.65 -58.85 -50.24
CA SER L 145 -47.54 -58.72 -51.68
C SER L 145 -46.78 -59.90 -52.29
N THR L 146 -46.39 -60.87 -51.46
CA THR L 146 -45.66 -62.02 -51.96
C THR L 146 -46.16 -63.26 -51.23
N VAL L 147 -46.72 -64.20 -52.00
CA VAL L 147 -47.38 -65.37 -51.45
C VAL L 147 -46.77 -66.60 -52.13
N PRO L 148 -46.95 -67.81 -51.53
CA PRO L 148 -46.44 -69.05 -52.13
C PRO L 148 -47.32 -69.36 -53.34
N LYS L 149 -46.82 -70.19 -54.27
CA LYS L 149 -47.46 -70.28 -55.58
C LYS L 149 -48.84 -70.95 -55.47
N ASP L 150 -49.00 -71.80 -54.46
CA ASP L 150 -50.23 -72.51 -54.22
C ASP L 150 -50.90 -72.01 -52.94
N GLY L 151 -50.84 -70.71 -52.70
CA GLY L 151 -51.70 -70.01 -51.73
C GLY L 151 -51.39 -70.28 -50.27
N LEU L 152 -52.28 -69.81 -49.40
CA LEU L 152 -52.03 -69.75 -47.96
C LEU L 152 -53.09 -70.56 -47.21
N LYS L 153 -52.74 -70.97 -45.97
CA LYS L 153 -53.63 -71.74 -45.12
C LYS L 153 -54.90 -70.98 -44.75
N SER L 154 -54.92 -69.66 -44.85
CA SER L 154 -56.14 -68.92 -44.50
C SER L 154 -56.35 -67.76 -45.47
N GLN L 155 -56.49 -68.12 -46.74
CA GLN L 155 -56.71 -67.21 -47.85
C GLN L 155 -57.91 -66.30 -47.57
N ALA L 156 -58.90 -66.86 -46.86
CA ALA L 156 -60.07 -66.13 -46.40
C ALA L 156 -59.66 -64.77 -45.83
N VAL L 157 -58.94 -64.83 -44.71
CA VAL L 157 -58.58 -63.71 -43.86
C VAL L 157 -57.60 -62.81 -44.60
N PHE L 158 -56.62 -63.43 -45.25
CA PHE L 158 -55.61 -62.71 -46.02
C PHE L 158 -56.28 -61.69 -46.94
N ASP L 159 -57.26 -62.14 -47.73
CA ASP L 159 -57.84 -61.31 -48.77
C ASP L 159 -58.57 -60.13 -48.13
N GLU L 160 -59.14 -60.33 -46.95
CA GLU L 160 -59.83 -59.27 -46.24
C GLU L 160 -58.84 -58.20 -45.77
N ILE L 161 -57.76 -58.65 -45.10
CA ILE L 161 -56.68 -57.77 -44.66
C ILE L 161 -56.18 -56.93 -45.85
N ARG L 162 -55.80 -57.63 -46.92
CA ARG L 162 -55.24 -56.97 -48.10
C ARG L 162 -56.18 -55.85 -48.58
N MET L 163 -57.50 -56.11 -48.50
CA MET L 163 -58.49 -55.19 -49.00
C MET L 163 -58.57 -53.97 -48.08
N THR L 164 -58.53 -54.21 -46.76
CA THR L 164 -58.58 -53.14 -45.78
C THR L 164 -57.45 -52.13 -46.05
N TYR L 165 -56.23 -52.64 -46.26
CA TYR L 165 -55.09 -51.77 -46.43
C TYR L 165 -55.08 -51.08 -47.79
N ILE L 166 -55.64 -51.72 -48.83
CA ILE L 166 -55.82 -51.04 -50.09
C ILE L 166 -56.74 -49.85 -49.90
N LYS L 167 -57.85 -50.07 -49.17
CA LYS L 167 -58.80 -49.00 -48.89
C LYS L 167 -58.06 -47.88 -48.15
N GLU L 168 -57.20 -48.27 -47.22
CA GLU L 168 -56.48 -47.35 -46.36
C GLU L 168 -55.55 -46.46 -47.19
N LEU L 169 -54.82 -47.09 -48.13
CA LEU L 169 -53.99 -46.33 -49.03
C LEU L 169 -54.84 -45.29 -49.75
N GLY L 170 -56.07 -45.72 -50.13
CA GLY L 170 -57.06 -44.84 -50.73
C GLY L 170 -57.30 -43.59 -49.90
N LYS L 171 -57.66 -43.77 -48.62
CA LYS L 171 -57.96 -42.66 -47.74
C LYS L 171 -56.77 -41.71 -47.68
N ALA L 172 -55.56 -42.29 -47.63
CA ALA L 172 -54.34 -41.52 -47.52
C ALA L 172 -54.15 -40.62 -48.74
N ILE L 173 -54.46 -41.16 -49.92
CA ILE L 173 -54.33 -40.38 -51.14
C ILE L 173 -55.34 -39.23 -51.14
N VAL L 174 -56.60 -39.54 -50.77
CA VAL L 174 -57.69 -38.59 -50.73
C VAL L 174 -57.34 -37.44 -49.79
N LYS L 175 -56.82 -37.79 -48.60
CA LYS L 175 -56.49 -36.82 -47.57
C LYS L 175 -55.45 -35.82 -48.08
N ARG L 176 -54.68 -36.19 -49.09
CA ARG L 176 -53.63 -35.33 -49.61
C ARG L 176 -54.20 -34.27 -50.55
N GLU L 177 -55.40 -34.54 -51.10
CA GLU L 177 -56.36 -33.56 -51.61
C GLU L 177 -56.12 -33.07 -53.03
N GLY L 178 -57.15 -32.46 -53.61
CA GLY L 178 -57.23 -32.23 -55.05
C GLY L 178 -58.29 -33.13 -55.67
N ASN L 179 -58.53 -32.97 -56.98
CA ASN L 179 -59.79 -33.34 -57.60
C ASN L 179 -59.93 -34.84 -57.76
N SER L 180 -61.14 -35.28 -58.09
CA SER L 180 -61.59 -36.67 -58.15
C SER L 180 -60.71 -37.54 -59.05
N SER L 181 -60.21 -36.96 -60.15
CA SER L 181 -59.48 -37.78 -61.10
C SER L 181 -57.97 -37.54 -61.03
N GLN L 182 -57.47 -36.67 -60.14
CA GLN L 182 -56.04 -36.70 -59.82
C GLN L 182 -55.81 -37.78 -58.76
N ASN L 183 -56.85 -38.03 -57.98
CA ASN L 183 -56.88 -39.08 -56.97
C ASN L 183 -56.63 -40.42 -57.65
N TRP L 184 -57.20 -40.64 -58.82
CA TRP L 184 -57.12 -41.97 -59.40
C TRP L 184 -55.79 -42.16 -60.10
N GLN L 185 -55.26 -41.06 -60.62
CA GLN L 185 -53.98 -41.06 -61.30
C GLN L 185 -52.89 -41.42 -60.30
N ARG L 186 -52.99 -40.83 -59.10
CA ARG L 186 -52.09 -41.07 -58.01
C ARG L 186 -52.12 -42.55 -57.61
N PHE L 187 -53.35 -43.06 -57.41
CA PHE L 187 -53.51 -44.45 -57.01
C PHE L 187 -52.80 -45.35 -58.00
N TYR L 188 -52.78 -44.95 -59.29
CA TYR L 188 -52.18 -45.79 -60.31
C TYR L 188 -50.67 -45.79 -60.13
N GLN L 189 -50.12 -44.56 -59.99
CA GLN L 189 -48.70 -44.32 -59.82
C GLN L 189 -48.17 -45.10 -58.63
N LEU L 190 -48.88 -45.02 -57.48
CA LEU L 190 -48.41 -45.66 -56.26
C LEU L 190 -48.51 -47.18 -56.40
N THR L 191 -49.53 -47.66 -57.10
CA THR L 191 -49.67 -49.10 -57.25
C THR L 191 -48.67 -49.59 -58.31
N LYS L 192 -48.32 -48.73 -59.27
CA LYS L 192 -47.27 -49.05 -60.23
C LYS L 192 -45.94 -49.23 -59.51
N LEU L 193 -45.67 -48.33 -58.55
CA LEU L 193 -44.48 -48.38 -57.71
C LEU L 193 -44.43 -49.68 -56.93
N LEU L 194 -45.54 -50.03 -56.26
CA LEU L 194 -45.59 -51.27 -55.49
C LEU L 194 -45.26 -52.44 -56.39
N ASP L 195 -45.65 -52.35 -57.65
CA ASP L 195 -45.46 -53.45 -58.59
C ASP L 195 -43.97 -53.56 -58.93
N SER L 196 -43.36 -52.40 -59.23
CA SER L 196 -41.98 -52.35 -59.65
C SER L 196 -41.04 -52.78 -58.52
N MET L 197 -41.56 -52.81 -57.27
CA MET L 197 -40.76 -53.22 -56.13
C MET L 197 -40.30 -54.67 -56.25
N HIS L 198 -41.08 -55.54 -56.91
CA HIS L 198 -40.72 -56.94 -56.95
C HIS L 198 -39.39 -57.14 -57.68
N GLU L 199 -39.20 -56.38 -58.77
CA GLU L 199 -37.99 -56.47 -59.57
C GLU L 199 -36.83 -55.89 -58.76
N MET L 200 -36.97 -54.66 -58.24
CA MET L 200 -35.90 -53.98 -57.52
C MET L 200 -35.42 -54.83 -56.34
N VAL L 201 -36.37 -55.35 -55.56
CA VAL L 201 -36.06 -56.16 -54.39
C VAL L 201 -35.39 -57.46 -54.82
N GLY L 202 -35.88 -58.05 -55.93
CA GLY L 202 -35.29 -59.26 -56.47
C GLY L 202 -33.79 -59.11 -56.68
N GLY L 203 -33.37 -57.94 -57.19
CA GLY L 203 -31.98 -57.57 -57.32
C GLY L 203 -31.22 -57.68 -56.00
N LEU L 204 -31.72 -56.98 -54.97
CA LEU L 204 -31.12 -57.00 -53.65
C LEU L 204 -31.06 -58.43 -53.13
N LEU L 205 -32.16 -59.18 -53.32
CA LEU L 205 -32.24 -60.54 -52.80
C LEU L 205 -31.13 -61.37 -53.41
N GLN L 206 -30.77 -61.08 -54.65
CA GLN L 206 -29.74 -61.83 -55.35
C GLN L 206 -28.37 -61.58 -54.70
N PHE L 207 -28.04 -60.29 -54.45
CA PHE L 207 -26.78 -60.00 -53.80
C PHE L 207 -26.72 -60.66 -52.43
N CYS L 208 -27.86 -60.62 -51.74
CA CYS L 208 -27.95 -61.16 -50.40
C CYS L 208 -27.62 -62.66 -50.41
N PHE L 209 -28.28 -63.41 -51.31
CA PHE L 209 -28.05 -64.83 -51.43
C PHE L 209 -26.59 -65.13 -51.80
N TYR L 210 -26.05 -64.30 -52.71
CA TYR L 210 -24.67 -64.47 -53.11
C TYR L 210 -23.74 -64.34 -51.91
N THR L 211 -23.83 -63.23 -51.18
CA THR L 211 -22.91 -62.98 -50.07
C THR L 211 -23.17 -63.98 -48.94
N PHE L 212 -24.36 -64.56 -48.89
CA PHE L 212 -24.66 -65.53 -47.83
C PHE L 212 -24.00 -66.87 -48.11
N VAL L 213 -23.98 -67.28 -49.38
CA VAL L 213 -23.54 -68.60 -49.77
C VAL L 213 -22.01 -68.62 -49.89
N ASN L 214 -21.44 -67.54 -50.41
CA ASN L 214 -20.04 -67.43 -50.77
C ASN L 214 -19.18 -67.10 -49.56
N LYS L 215 -18.76 -68.18 -48.89
CA LYS L 215 -17.92 -68.20 -47.69
C LYS L 215 -16.63 -67.39 -47.85
N SER L 216 -16.08 -67.30 -49.08
CA SER L 216 -14.76 -66.71 -49.23
C SER L 216 -14.75 -65.20 -48.98
N LEU L 217 -15.94 -64.56 -49.10
CA LEU L 217 -16.04 -63.11 -48.91
C LEU L 217 -16.05 -62.77 -47.44
N SER L 218 -16.32 -63.76 -46.58
CA SER L 218 -16.26 -63.61 -45.13
C SER L 218 -17.29 -62.61 -44.59
N VAL L 219 -18.42 -62.46 -45.29
CA VAL L 219 -19.48 -61.56 -44.86
C VAL L 219 -20.29 -62.26 -43.78
N GLU L 220 -20.52 -61.58 -42.65
CA GLU L 220 -21.23 -62.19 -41.54
C GLU L 220 -22.73 -61.86 -41.59
N PHE L 221 -23.52 -62.77 -41.03
CA PHE L 221 -24.96 -62.61 -40.92
C PHE L 221 -25.39 -62.99 -39.50
N PRO L 222 -26.26 -62.22 -38.82
CA PRO L 222 -26.73 -62.63 -37.50
C PRO L 222 -27.68 -63.81 -37.64
N GLU L 223 -27.83 -64.60 -36.57
CA GLU L 223 -28.61 -65.82 -36.56
C GLU L 223 -30.01 -65.60 -37.13
N MET L 224 -30.68 -64.54 -36.66
CA MET L 224 -32.02 -64.21 -37.10
C MET L 224 -32.12 -64.30 -38.63
N LEU L 225 -31.26 -63.55 -39.33
CA LEU L 225 -31.30 -63.45 -40.78
C LEU L 225 -30.83 -64.76 -41.42
N ALA L 226 -29.79 -65.39 -40.85
CA ALA L 226 -29.24 -66.61 -41.41
C ALA L 226 -30.32 -67.68 -41.50
N GLU L 227 -31.01 -67.93 -40.38
CA GLU L 227 -32.12 -68.87 -40.33
C GLU L 227 -33.11 -68.55 -41.45
N ILE L 228 -33.53 -67.28 -41.55
CA ILE L 228 -34.53 -66.91 -42.54
C ILE L 228 -33.99 -67.13 -43.95
N ILE L 229 -32.79 -66.61 -44.22
CA ILE L 229 -32.26 -66.67 -45.58
C ILE L 229 -32.12 -68.12 -46.03
N SER L 230 -31.57 -68.97 -45.16
CA SER L 230 -31.25 -70.33 -45.60
C SER L 230 -32.52 -71.12 -45.88
N ASN L 231 -33.62 -70.79 -45.18
CA ASN L 231 -34.89 -71.44 -45.45
C ASN L 231 -35.51 -70.87 -46.74
N GLN L 232 -35.27 -69.59 -47.01
CA GLN L 232 -35.95 -68.88 -48.07
C GLN L 232 -35.22 -69.11 -49.39
N LEU L 233 -34.00 -69.64 -49.31
CA LEU L 233 -33.09 -69.70 -50.45
C LEU L 233 -33.55 -70.75 -51.47
N PRO L 234 -33.71 -72.05 -51.08
CA PRO L 234 -34.28 -73.04 -51.99
C PRO L 234 -35.63 -72.67 -52.61
N LYS L 235 -36.49 -71.98 -51.82
CA LYS L 235 -37.81 -71.58 -52.27
C LYS L 235 -37.73 -70.59 -53.44
N PHE L 236 -36.65 -69.77 -53.47
CA PHE L 236 -36.53 -68.75 -54.49
C PHE L 236 -35.82 -69.33 -55.72
N LYS L 237 -34.91 -70.29 -55.51
CA LYS L 237 -34.26 -70.98 -56.61
C LYS L 237 -35.26 -71.83 -57.39
N ALA L 238 -36.29 -72.35 -56.70
CA ALA L 238 -37.29 -73.23 -57.30
C ALA L 238 -38.47 -72.43 -57.86
N GLY L 239 -38.35 -71.10 -57.90
CA GLY L 239 -39.39 -70.18 -58.36
C GLY L 239 -40.82 -70.55 -57.91
N SER L 240 -41.00 -70.87 -56.62
CA SER L 240 -42.28 -71.29 -56.07
C SER L 240 -42.97 -70.13 -55.36
N VAL L 241 -42.63 -68.91 -55.79
CA VAL L 241 -43.01 -67.68 -55.15
C VAL L 241 -43.74 -66.81 -56.18
N LYS L 242 -44.85 -66.22 -55.75
CA LYS L 242 -45.74 -65.51 -56.67
C LYS L 242 -45.96 -64.08 -56.18
N PRO L 243 -45.51 -63.06 -56.93
CA PRO L 243 -45.94 -61.68 -56.68
C PRO L 243 -47.42 -61.43 -56.94
N LEU L 244 -48.06 -60.63 -56.09
CA LEU L 244 -49.40 -60.11 -56.36
C LEU L 244 -49.29 -58.74 -57.00
N LEU L 245 -49.65 -58.66 -58.29
CA LEU L 245 -49.55 -57.38 -58.98
C LEU L 245 -50.89 -56.65 -58.96
N PHE L 246 -50.84 -55.33 -59.15
CA PHE L 246 -52.03 -54.52 -59.28
C PHE L 246 -52.32 -54.30 -60.76
N HIS L 247 -51.35 -54.61 -61.64
CA HIS L 247 -51.42 -54.23 -63.04
C HIS L 247 -50.98 -55.35 -63.97
N GLN L 248 -50.96 -55.03 -65.27
CA GLN L 248 -50.45 -55.88 -66.34
C GLN L 248 -49.19 -55.25 -66.93
N PHE M 1 -6.87 6.08 -19.46
CA PHE M 1 -5.75 5.15 -19.83
C PHE M 1 -6.07 3.75 -19.28
N PRO M 2 -6.05 2.66 -20.12
CA PRO M 2 -6.07 1.29 -19.61
C PRO M 2 -4.68 0.75 -19.29
N THR M 3 -4.58 -0.12 -18.26
CA THR M 3 -3.29 -0.64 -17.82
C THR M 3 -2.73 -1.59 -18.88
N LEU M 4 -1.41 -1.79 -18.86
CA LEU M 4 -0.76 -2.60 -19.88
C LEU M 4 -1.16 -4.07 -19.71
N ILE M 5 -1.25 -4.53 -18.45
CA ILE M 5 -1.66 -5.91 -18.23
C ILE M 5 -3.06 -6.13 -18.79
N SER M 6 -3.96 -5.16 -18.63
CA SER M 6 -5.33 -5.40 -19.06
C SER M 6 -5.40 -5.43 -20.59
N LEU M 7 -4.51 -4.68 -21.28
CA LEU M 7 -4.45 -4.74 -22.73
C LEU M 7 -3.98 -6.12 -23.18
N LEU M 8 -3.00 -6.67 -22.45
CA LEU M 8 -2.46 -7.96 -22.83
C LEU M 8 -3.56 -9.01 -22.78
N GLU M 9 -4.44 -8.88 -21.78
CA GLU M 9 -5.58 -9.76 -21.58
C GLU M 9 -6.56 -9.62 -22.73
N VAL M 10 -6.83 -8.38 -23.17
CA VAL M 10 -7.89 -8.20 -24.15
C VAL M 10 -7.41 -8.66 -25.53
N ILE M 11 -6.10 -8.60 -25.80
CA ILE M 11 -5.65 -8.84 -27.16
C ILE M 11 -5.24 -10.30 -27.33
N GLU M 12 -5.15 -11.06 -26.23
CA GLU M 12 -4.80 -12.47 -26.29
C GLU M 12 -5.74 -13.18 -27.24
N PRO M 13 -5.22 -13.92 -28.25
CA PRO M 13 -6.10 -14.60 -29.22
C PRO M 13 -6.93 -15.69 -28.54
N GLU M 14 -8.16 -15.86 -29.03
CA GLU M 14 -9.04 -16.91 -28.54
C GLU M 14 -8.54 -18.23 -29.16
N VAL M 15 -8.68 -19.32 -28.41
CA VAL M 15 -8.27 -20.66 -28.84
C VAL M 15 -8.99 -21.05 -30.14
N LEU M 16 -8.23 -21.52 -31.13
CA LEU M 16 -8.80 -21.97 -32.38
C LEU M 16 -9.20 -23.45 -32.31
N TYR M 17 -10.25 -23.81 -33.08
CA TYR M 17 -10.63 -25.18 -33.33
C TYR M 17 -9.88 -25.70 -34.56
N SER M 18 -9.63 -27.02 -34.61
CA SER M 18 -8.91 -27.56 -35.76
C SER M 18 -9.89 -27.97 -36.85
N GLY M 19 -11.13 -28.30 -36.46
CA GLY M 19 -12.10 -28.87 -37.37
C GLY M 19 -11.70 -30.26 -37.88
N TYR M 20 -10.83 -30.93 -37.13
CA TYR M 20 -10.32 -32.24 -37.53
C TYR M 20 -11.47 -33.20 -37.70
N ASP M 21 -11.31 -34.07 -38.69
CA ASP M 21 -12.28 -35.08 -39.09
C ASP M 21 -12.02 -36.40 -38.34
N SER M 22 -12.88 -36.65 -37.33
CA SER M 22 -12.71 -37.81 -36.46
C SER M 22 -13.20 -39.10 -37.14
N THR M 23 -13.67 -38.99 -38.38
CA THR M 23 -14.06 -40.16 -39.15
C THR M 23 -13.08 -39.99 -40.26
N LEU M 24 -11.84 -40.30 -40.08
CA LEU M 24 -10.85 -40.74 -41.08
C LEU M 24 -10.07 -41.39 -39.96
N PRO M 25 -9.39 -42.54 -40.19
CA PRO M 25 -8.51 -43.10 -39.16
C PRO M 25 -7.29 -42.22 -38.90
N ASP M 26 -6.71 -42.32 -37.70
CA ASP M 26 -5.50 -41.55 -37.38
C ASP M 26 -4.29 -42.21 -37.97
N THR M 27 -3.41 -41.45 -38.61
CA THR M 27 -2.10 -41.90 -39.01
C THR M 27 -1.14 -40.77 -38.62
N SER M 28 0.15 -41.11 -38.45
CA SER M 28 1.19 -40.16 -38.14
C SER M 28 1.18 -39.00 -39.12
N THR M 29 1.23 -39.29 -40.43
CA THR M 29 1.24 -38.24 -41.44
C THR M 29 0.02 -37.34 -41.31
N ARG M 30 -1.14 -37.93 -41.12
CA ARG M 30 -2.39 -37.18 -41.10
C ARG M 30 -2.38 -36.24 -39.90
N LEU M 31 -1.98 -36.76 -38.75
CA LEU M 31 -1.99 -36.01 -37.50
C LEU M 31 -1.02 -34.82 -37.61
N MET M 32 0.20 -35.10 -38.05
CA MET M 32 1.22 -34.06 -38.17
C MET M 32 0.76 -33.00 -39.17
N SER M 33 0.16 -33.43 -40.27
CA SER M 33 -0.36 -32.48 -41.23
C SER M 33 -1.47 -31.63 -40.60
N THR M 34 -2.33 -32.24 -39.78
CA THR M 34 -3.41 -31.49 -39.17
C THR M 34 -2.82 -30.44 -38.22
N LEU M 35 -1.88 -30.88 -37.40
CA LEU M 35 -1.22 -29.98 -36.47
C LEU M 35 -0.58 -28.81 -37.21
N ASN M 36 0.04 -29.08 -38.35
CA ASN M 36 0.69 -28.00 -39.08
C ASN M 36 -0.35 -27.01 -39.62
N ARG M 37 -1.46 -27.54 -40.13
CA ARG M 37 -2.51 -26.72 -40.71
C ARG M 37 -3.06 -25.80 -39.62
N LEU M 38 -3.20 -26.36 -38.41
CA LEU M 38 -3.68 -25.61 -37.26
C LEU M 38 -2.65 -24.54 -36.87
N GLY M 39 -1.37 -24.93 -36.84
CA GLY M 39 -0.27 -24.02 -36.55
C GLY M 39 -0.27 -22.80 -37.48
N GLY M 40 -0.49 -23.04 -38.77
CA GLY M 40 -0.59 -21.95 -39.73
C GLY M 40 -1.56 -20.88 -39.26
N ARG M 41 -2.77 -21.33 -38.89
CA ARG M 41 -3.83 -20.42 -38.48
C ARG M 41 -3.46 -19.76 -37.14
N GLN M 42 -2.84 -20.53 -36.24
CA GLN M 42 -2.44 -19.99 -34.96
C GLN M 42 -1.40 -18.88 -35.14
N VAL M 43 -0.52 -19.05 -36.14
CA VAL M 43 0.52 -18.07 -36.40
C VAL M 43 -0.10 -16.78 -36.93
N VAL M 44 -1.02 -16.90 -37.90
CA VAL M 44 -1.75 -15.73 -38.36
C VAL M 44 -2.39 -15.00 -37.17
N SER M 45 -2.96 -15.76 -36.24
CA SER M 45 -3.53 -15.15 -35.06
C SER M 45 -2.46 -14.38 -34.28
N ALA M 46 -1.26 -14.95 -34.23
CA ALA M 46 -0.18 -14.38 -33.44
C ALA M 46 0.33 -13.09 -34.09
N VAL M 47 0.35 -13.07 -35.43
CA VAL M 47 0.75 -11.88 -36.15
C VAL M 47 -0.22 -10.74 -35.82
N LYS M 48 -1.54 -11.02 -35.93
CA LYS M 48 -2.53 -9.99 -35.66
C LYS M 48 -2.37 -9.51 -34.21
N TRP M 49 -1.94 -10.42 -33.33
CA TRP M 49 -1.74 -10.13 -31.93
C TRP M 49 -0.56 -9.18 -31.76
N ALA M 50 0.55 -9.52 -32.43
CA ALA M 50 1.75 -8.71 -32.39
C ALA M 50 1.44 -7.28 -32.85
N LYS M 51 0.70 -7.14 -33.96
CA LYS M 51 0.43 -5.80 -34.48
C LYS M 51 -0.35 -4.96 -33.45
N ALA M 52 -1.00 -5.59 -32.48
CA ALA M 52 -1.76 -4.82 -31.49
C ALA M 52 -1.00 -4.76 -30.16
N LEU M 53 0.17 -5.38 -30.13
CA LEU M 53 0.98 -5.39 -28.93
C LEU M 53 1.57 -3.99 -28.71
N PRO M 54 1.28 -3.35 -27.55
CA PRO M 54 1.83 -2.03 -27.23
C PRO M 54 3.35 -2.07 -27.34
N GLY M 55 3.89 -1.18 -28.16
CA GLY M 55 5.33 -1.09 -28.37
C GLY M 55 5.74 -1.67 -29.72
N PHE M 56 5.16 -2.81 -30.07
CA PHE M 56 5.70 -3.62 -31.15
C PHE M 56 5.73 -2.83 -32.47
N ARG M 57 4.73 -1.99 -32.72
CA ARG M 57 4.62 -1.33 -34.02
C ARG M 57 5.70 -0.27 -34.21
N ASN M 58 6.41 0.11 -33.14
CA ASN M 58 7.49 1.08 -33.20
C ASN M 58 8.76 0.49 -33.77
N LEU M 59 8.92 -0.85 -33.77
CA LEU M 59 10.13 -1.46 -34.30
C LEU M 59 10.15 -1.26 -35.81
N HIS M 60 11.35 -1.33 -36.39
CA HIS M 60 11.45 -1.26 -37.84
C HIS M 60 10.69 -2.45 -38.42
N LEU M 61 10.10 -2.29 -39.60
CA LEU M 61 9.37 -3.37 -40.22
C LEU M 61 10.19 -4.65 -40.26
N ASP M 62 11.50 -4.51 -40.52
CA ASP M 62 12.37 -5.66 -40.74
C ASP M 62 12.66 -6.35 -39.42
N ASP M 63 12.56 -5.60 -38.32
CA ASP M 63 12.76 -6.17 -36.99
C ASP M 63 11.53 -6.96 -36.57
N GLN M 64 10.36 -6.48 -37.03
CA GLN M 64 9.09 -7.16 -36.80
C GLN M 64 9.15 -8.52 -37.47
N MET M 65 9.45 -8.53 -38.78
CA MET M 65 9.62 -9.75 -39.54
C MET M 65 10.59 -10.69 -38.83
N THR M 66 11.67 -10.13 -38.28
CA THR M 66 12.73 -10.95 -37.75
C THR M 66 12.26 -11.64 -36.48
N LEU M 67 11.67 -10.87 -35.56
CA LEU M 67 11.28 -11.39 -34.26
C LEU M 67 10.19 -12.45 -34.42
N LEU M 68 9.25 -12.23 -35.34
CA LEU M 68 8.19 -13.20 -35.55
C LEU M 68 8.74 -14.48 -36.18
N GLN M 69 9.62 -14.36 -37.17
CA GLN M 69 10.24 -15.55 -37.75
C GLN M 69 11.05 -16.33 -36.73
N TYR M 70 11.71 -15.62 -35.81
CA TYR M 70 12.67 -16.30 -34.95
C TYR M 70 11.93 -16.96 -33.79
N SER M 71 10.70 -16.53 -33.53
CA SER M 71 10.10 -16.92 -32.26
C SER M 71 8.71 -17.57 -32.39
N TRP M 72 8.21 -17.76 -33.62
CA TRP M 72 6.86 -18.30 -33.76
C TRP M 72 6.71 -19.63 -33.05
N MET M 73 7.68 -20.54 -33.24
CA MET M 73 7.60 -21.82 -32.58
C MET M 73 7.55 -21.65 -31.07
N SER M 74 8.29 -20.69 -30.50
CA SER M 74 8.27 -20.51 -29.05
C SER M 74 6.86 -20.12 -28.60
N LEU M 75 6.27 -19.16 -29.31
CA LEU M 75 4.95 -18.67 -28.98
C LEU M 75 3.94 -19.83 -29.02
N MET M 76 3.99 -20.63 -30.08
CA MET M 76 3.00 -21.66 -30.25
C MET M 76 3.16 -22.73 -29.18
N ALA M 77 4.41 -23.12 -28.92
CA ALA M 77 4.70 -24.16 -27.95
C ALA M 77 4.33 -23.70 -26.55
N PHE M 78 4.54 -22.42 -26.27
CA PHE M 78 4.27 -21.88 -24.94
C PHE M 78 2.77 -21.91 -24.71
N SER M 79 1.98 -21.44 -25.70
CA SER M 79 0.54 -21.45 -25.58
C SER M 79 0.02 -22.87 -25.41
N LEU M 80 0.58 -23.80 -26.18
CA LEU M 80 0.21 -25.20 -26.05
C LEU M 80 0.44 -25.64 -24.61
N GLY M 81 1.61 -25.32 -24.09
CA GLY M 81 1.94 -25.64 -22.70
C GLY M 81 0.87 -25.12 -21.77
N TRP M 82 0.47 -23.86 -21.96
CA TRP M 82 -0.48 -23.21 -21.07
C TRP M 82 -1.81 -23.98 -21.12
N ARG M 83 -2.34 -24.17 -22.35
CA ARG M 83 -3.61 -24.85 -22.53
C ARG M 83 -3.53 -26.24 -21.92
N SER M 84 -2.41 -26.95 -22.10
CA SER M 84 -2.31 -28.31 -21.60
C SER M 84 -2.33 -28.32 -20.08
N TYR M 85 -1.67 -27.33 -19.47
CA TYR M 85 -1.61 -27.13 -18.03
C TYR M 85 -3.01 -26.82 -17.51
N LYS M 86 -3.71 -25.92 -18.19
CA LYS M 86 -5.00 -25.46 -17.73
C LYS M 86 -6.05 -26.57 -17.85
N GLN M 87 -6.04 -27.36 -18.94
CA GLN M 87 -7.18 -28.22 -19.22
C GLN M 87 -6.98 -29.63 -18.67
N SER M 88 -5.73 -30.03 -18.42
CA SER M 88 -5.48 -31.44 -18.10
C SER M 88 -4.31 -31.59 -17.13
N ASN M 89 -3.92 -30.47 -16.51
CA ASN M 89 -2.82 -30.44 -15.57
C ASN M 89 -1.58 -31.12 -16.14
N GLY M 90 -1.34 -30.91 -17.44
CA GLY M 90 -0.09 -31.34 -18.05
C GLY M 90 -0.09 -32.80 -18.47
N ASN M 91 -1.24 -33.48 -18.38
CA ASN M 91 -1.32 -34.91 -18.69
C ASN M 91 -1.49 -35.17 -20.18
N MET M 92 -2.22 -34.32 -20.89
CA MET M 92 -2.43 -34.48 -22.32
C MET M 92 -2.07 -33.18 -23.02
N LEU M 93 -1.78 -33.26 -24.32
CA LEU M 93 -1.52 -32.08 -25.12
C LEU M 93 -2.83 -31.57 -25.70
N CYS M 94 -3.29 -30.39 -25.23
CA CYS M 94 -4.55 -29.82 -25.69
C CYS M 94 -4.30 -28.82 -26.83
N PHE M 95 -4.08 -29.35 -28.04
CA PHE M 95 -3.78 -28.51 -29.17
C PHE M 95 -4.96 -27.57 -29.43
N ALA M 96 -6.15 -28.16 -29.46
CA ALA M 96 -7.40 -27.46 -29.65
C ALA M 96 -8.45 -28.16 -28.81
N PRO M 97 -9.61 -27.51 -28.51
CA PRO M 97 -10.66 -28.17 -27.75
C PRO M 97 -11.17 -29.42 -28.47
N ASP M 98 -11.02 -29.47 -29.80
CA ASP M 98 -11.48 -30.58 -30.61
C ASP M 98 -10.31 -31.44 -31.07
N LEU M 99 -9.13 -31.28 -30.43
CA LEU M 99 -7.96 -32.06 -30.85
C LEU M 99 -6.98 -32.20 -29.68
N VAL M 100 -7.18 -33.27 -28.90
CA VAL M 100 -6.40 -33.56 -27.71
C VAL M 100 -5.63 -34.85 -27.96
N ILE M 101 -4.30 -34.79 -27.82
CA ILE M 101 -3.48 -36.00 -27.91
C ILE M 101 -3.20 -36.51 -26.49
N ASN M 102 -3.75 -37.69 -26.16
CA ASN M 102 -3.55 -38.26 -24.84
C ASN M 102 -2.51 -39.36 -24.91
N GLU M 103 -2.29 -40.05 -23.79
CA GLU M 103 -1.28 -41.10 -23.68
C GLU M 103 -1.44 -42.11 -24.82
N GLU M 104 -2.69 -42.53 -25.09
CA GLU M 104 -2.93 -43.55 -26.10
C GLU M 104 -2.55 -43.06 -27.49
N ARG M 105 -2.97 -41.86 -27.87
CA ARG M 105 -2.76 -41.39 -29.24
C ARG M 105 -1.28 -41.17 -29.56
N MET M 106 -0.45 -41.06 -28.52
CA MET M 106 0.97 -40.76 -28.67
C MET M 106 1.74 -42.00 -29.12
N GLN M 107 1.09 -43.18 -29.05
CA GLN M 107 1.71 -44.45 -29.36
C GLN M 107 1.84 -44.63 -30.87
N LEU M 108 1.36 -43.67 -31.66
CA LEU M 108 1.50 -43.73 -33.10
C LEU M 108 2.98 -43.61 -33.47
N PRO M 109 3.41 -44.25 -34.59
CA PRO M 109 4.80 -44.14 -35.04
C PRO M 109 5.24 -42.68 -35.17
N TYR M 110 6.43 -42.35 -34.68
CA TYR M 110 7.04 -41.03 -34.78
C TYR M 110 6.48 -40.03 -33.77
N MET M 111 5.26 -40.26 -33.28
CA MET M 111 4.58 -39.30 -32.42
C MET M 111 5.20 -39.23 -31.03
N TYR M 112 5.59 -40.38 -30.48
CA TYR M 112 5.94 -40.44 -29.08
C TYR M 112 7.03 -39.43 -28.70
N ASP M 113 8.11 -39.39 -29.48
CA ASP M 113 9.25 -38.55 -29.15
C ASP M 113 8.86 -37.08 -29.19
N GLN M 114 8.21 -36.67 -30.28
CA GLN M 114 7.86 -35.26 -30.42
C GLN M 114 6.89 -34.83 -29.32
N CYS M 115 5.97 -35.70 -28.94
CA CYS M 115 5.00 -35.35 -27.91
C CYS M 115 5.63 -35.21 -26.54
N GLN M 116 6.65 -36.03 -26.26
CA GLN M 116 7.38 -36.01 -25.00
C GLN M 116 8.01 -34.63 -24.82
N GLN M 117 8.58 -34.10 -25.91
CA GLN M 117 9.18 -32.78 -25.95
C GLN M 117 8.17 -31.71 -25.55
N MET M 118 6.97 -31.72 -26.16
CA MET M 118 6.00 -30.65 -25.94
C MET M 118 5.42 -30.71 -24.54
N LEU M 119 5.42 -31.92 -23.96
CA LEU M 119 4.89 -32.11 -22.62
C LEU M 119 5.83 -31.50 -21.57
N LYS M 120 7.13 -31.40 -21.90
CA LYS M 120 8.10 -30.83 -20.98
C LYS M 120 7.68 -29.41 -20.61
N ILE M 121 7.35 -28.62 -21.64
CA ILE M 121 6.88 -27.25 -21.43
C ILE M 121 5.68 -27.25 -20.49
N SER M 122 4.76 -28.19 -20.75
CA SER M 122 3.54 -28.20 -19.98
C SER M 122 3.85 -28.39 -18.48
N SER M 123 4.74 -29.34 -18.18
CA SER M 123 4.95 -29.72 -16.79
C SER M 123 5.72 -28.64 -16.03
N GLU M 124 6.48 -27.81 -16.79
CA GLU M 124 7.10 -26.63 -16.21
C GLU M 124 6.04 -25.72 -15.60
N PHE M 125 4.97 -25.42 -16.38
CA PHE M 125 3.89 -24.63 -15.84
C PHE M 125 3.30 -25.31 -14.60
N VAL M 126 3.25 -26.65 -14.60
CA VAL M 126 2.65 -27.37 -13.48
C VAL M 126 3.52 -27.21 -12.24
N ARG M 127 4.84 -27.43 -12.43
CA ARG M 127 5.80 -27.34 -11.33
C ARG M 127 5.73 -25.96 -10.67
N LEU M 128 5.79 -24.90 -11.47
CA LEU M 128 5.92 -23.53 -10.97
C LEU M 128 4.56 -22.90 -10.65
N GLN M 129 3.46 -23.62 -10.93
CA GLN M 129 2.12 -23.08 -10.74
C GLN M 129 1.99 -21.65 -11.30
N VAL M 130 2.33 -21.46 -12.58
CA VAL M 130 2.28 -20.15 -13.23
C VAL M 130 0.85 -19.61 -13.27
N SER M 131 0.73 -18.30 -13.11
CA SER M 131 -0.56 -17.60 -13.16
C SER M 131 -0.76 -17.01 -14.56
N TYR M 132 -2.03 -16.64 -14.85
CA TYR M 132 -2.38 -16.14 -16.16
C TYR M 132 -1.54 -14.90 -16.49
N ASP M 133 -1.45 -13.96 -15.54
CA ASP M 133 -0.75 -12.71 -15.82
C ASP M 133 0.74 -12.97 -16.03
N GLU M 134 1.30 -13.86 -15.22
CA GLU M 134 2.70 -14.26 -15.41
C GLU M 134 2.90 -14.79 -16.83
N TYR M 135 1.98 -15.68 -17.24
CA TYR M 135 2.03 -16.32 -18.54
C TYR M 135 1.99 -15.26 -19.65
N LEU M 136 1.10 -14.27 -19.51
CA LEU M 136 0.88 -13.31 -20.59
C LEU M 136 2.13 -12.49 -20.85
N CYS M 137 2.86 -12.19 -19.76
CA CYS M 137 4.04 -11.35 -19.83
C CYS M 137 5.22 -12.14 -20.37
N MET M 138 5.41 -13.34 -19.82
CA MET M 138 6.44 -14.25 -20.31
C MET M 138 6.26 -14.45 -21.81
N LYS M 139 5.01 -14.55 -22.27
CA LYS M 139 4.78 -14.83 -23.68
C LYS M 139 5.34 -13.68 -24.51
N VAL M 140 5.15 -12.44 -24.03
CA VAL M 140 5.64 -11.29 -24.77
C VAL M 140 7.16 -11.35 -24.83
N LEU M 141 7.76 -11.71 -23.68
CA LEU M 141 9.21 -11.80 -23.59
C LEU M 141 9.77 -12.80 -24.61
N LEU M 142 9.05 -13.89 -24.85
CA LEU M 142 9.52 -14.89 -25.81
C LEU M 142 9.62 -14.30 -27.21
N LEU M 143 8.70 -13.39 -27.55
CA LEU M 143 8.71 -12.74 -28.84
C LEU M 143 10.02 -11.95 -28.98
N LEU M 144 10.51 -11.47 -27.83
CA LEU M 144 11.66 -10.57 -27.76
C LEU M 144 12.88 -11.29 -27.20
N SER M 145 13.04 -12.58 -27.51
CA SER M 145 14.07 -13.33 -26.79
C SER M 145 15.06 -13.97 -27.75
N THR M 146 14.87 -13.74 -29.05
CA THR M 146 15.77 -14.31 -30.05
C THR M 146 16.01 -13.25 -31.12
N VAL M 147 17.27 -12.87 -31.26
CA VAL M 147 17.68 -11.79 -32.14
C VAL M 147 18.78 -12.31 -33.06
N PRO M 148 19.03 -11.63 -34.21
CA PRO M 148 20.08 -12.04 -35.14
C PRO M 148 21.42 -11.73 -34.46
N LYS M 149 22.52 -12.36 -34.92
CA LYS M 149 23.75 -12.32 -34.14
C LYS M 149 24.36 -10.93 -34.15
N ASP M 150 24.08 -10.18 -35.21
CA ASP M 150 24.59 -8.84 -35.40
C ASP M 150 23.47 -7.80 -35.26
N GLY M 151 22.52 -8.05 -34.35
CA GLY M 151 21.57 -7.05 -33.87
C GLY M 151 20.49 -6.62 -34.88
N LEU M 152 19.76 -5.57 -34.52
CA LEU M 152 18.53 -5.19 -35.20
C LEU M 152 18.64 -3.77 -35.74
N LYS M 153 17.83 -3.46 -36.76
CA LYS M 153 17.79 -2.14 -37.38
C LYS M 153 17.35 -1.04 -36.40
N SER M 154 16.68 -1.38 -35.30
CA SER M 154 16.27 -0.35 -34.36
C SER M 154 16.42 -0.86 -32.93
N GLN M 155 17.68 -1.17 -32.59
CA GLN M 155 18.07 -1.67 -31.29
C GLN M 155 17.63 -0.71 -30.20
N ALA M 156 17.61 0.58 -30.53
CA ALA M 156 17.11 1.64 -29.66
C ALA M 156 15.80 1.20 -28.99
N VAL M 157 14.77 1.06 -29.84
CA VAL M 157 13.39 0.84 -29.46
C VAL M 157 13.24 -0.54 -28.82
N PHE M 158 13.89 -1.54 -29.44
CA PHE M 158 13.84 -2.90 -28.97
C PHE M 158 14.16 -2.95 -27.48
N ASP M 159 15.26 -2.32 -27.08
CA ASP M 159 15.76 -2.45 -25.71
C ASP M 159 14.76 -1.85 -24.73
N GLU M 160 14.07 -0.78 -25.17
CA GLU M 160 13.09 -0.14 -24.32
C GLU M 160 11.87 -1.05 -24.12
N ILE M 161 11.33 -1.58 -25.24
CA ILE M 161 10.23 -2.53 -25.22
C ILE M 161 10.56 -3.67 -24.26
N ARG M 162 11.71 -4.31 -24.49
CA ARG M 162 12.10 -5.48 -23.71
C ARG M 162 12.07 -5.14 -22.22
N MET M 163 12.49 -3.90 -21.88
CA MET M 163 12.59 -3.49 -20.49
C MET M 163 11.19 -3.30 -19.90
N THR M 164 10.29 -2.69 -20.68
CA THR M 164 8.93 -2.46 -20.24
C THR M 164 8.28 -3.79 -19.84
N TYR M 165 8.43 -4.82 -20.69
CA TYR M 165 7.77 -6.09 -20.42
C TYR M 165 8.44 -6.86 -19.28
N ILE M 166 9.76 -6.68 -19.09
CA ILE M 166 10.39 -7.26 -17.93
C ILE M 166 9.80 -6.65 -16.66
N LYS M 167 9.62 -5.32 -16.68
CA LYS M 167 9.03 -4.62 -15.54
C LYS M 167 7.64 -5.18 -15.30
N GLU M 168 6.92 -5.42 -16.39
CA GLU M 168 5.53 -5.89 -16.36
C GLU M 168 5.46 -7.27 -15.71
N LEU M 169 6.36 -8.17 -16.11
CA LEU M 169 6.45 -9.47 -15.47
C LEU M 169 6.62 -9.28 -13.96
N GLY M 170 7.44 -8.27 -13.59
CA GLY M 170 7.65 -7.89 -12.21
C GLY M 170 6.34 -7.61 -11.49
N LYS M 171 5.53 -6.69 -12.05
CA LYS M 171 4.27 -6.32 -11.44
C LYS M 171 3.39 -7.55 -11.25
N ALA M 172 3.41 -8.43 -12.26
CA ALA M 172 2.58 -9.62 -12.26
C ALA M 172 2.96 -10.52 -11.09
N ILE M 173 4.27 -10.66 -10.84
CA ILE M 173 4.73 -11.50 -9.74
C ILE M 173 4.28 -10.90 -8.41
N VAL M 174 4.47 -9.58 -8.27
CA VAL M 174 4.14 -8.85 -7.04
C VAL M 174 2.66 -9.00 -6.74
N LYS M 175 1.83 -8.84 -7.78
CA LYS M 175 0.38 -8.90 -7.66
C LYS M 175 -0.07 -10.26 -7.12
N ARG M 176 0.75 -11.30 -7.28
CA ARG M 176 0.40 -12.64 -6.83
C ARG M 176 0.63 -12.79 -5.32
N GLU M 177 1.48 -11.92 -4.76
CA GLU M 177 1.48 -11.52 -3.36
C GLU M 177 2.26 -12.41 -2.41
N GLY M 178 2.58 -11.85 -1.24
CA GLY M 178 3.54 -12.46 -0.32
C GLY M 178 4.82 -11.64 -0.30
N ASN M 179 5.78 -12.10 0.52
CA ASN M 179 6.80 -11.23 1.09
C ASN M 179 7.86 -10.85 0.06
N SER M 180 8.68 -9.86 0.43
CA SER M 180 9.66 -9.18 -0.39
C SER M 180 10.66 -10.14 -1.05
N SER M 181 11.02 -11.21 -0.32
CA SER M 181 12.05 -12.09 -0.82
C SER M 181 11.50 -13.40 -1.37
N GLN M 182 10.18 -13.64 -1.35
CA GLN M 182 9.61 -14.70 -2.17
C GLN M 182 9.41 -14.16 -3.60
N ASN M 183 9.21 -12.84 -3.67
CA ASN M 183 9.09 -12.12 -4.92
C ASN M 183 10.35 -12.34 -5.74
N TRP M 184 11.52 -12.32 -5.11
CA TRP M 184 12.74 -12.35 -5.90
C TRP M 184 13.06 -13.77 -6.34
N GLN M 185 12.66 -14.72 -5.49
CA GLN M 185 12.90 -16.12 -5.76
C GLN M 185 12.08 -16.52 -6.99
N ARG M 186 10.83 -16.03 -7.03
CA ARG M 186 9.92 -16.27 -8.11
C ARG M 186 10.48 -15.69 -9.41
N PHE M 187 10.93 -14.43 -9.35
CA PHE M 187 11.48 -13.77 -10.52
C PHE M 187 12.61 -14.61 -11.09
N TYR M 188 13.35 -15.29 -10.22
CA TYR M 188 14.51 -16.07 -10.66
C TYR M 188 14.00 -17.29 -11.43
N GLN M 189 13.04 -17.99 -10.79
CA GLN M 189 12.43 -19.19 -11.32
C GLN M 189 11.84 -18.93 -12.69
N LEU M 190 11.06 -17.84 -12.82
CA LEU M 190 10.38 -17.56 -14.07
C LEU M 190 11.36 -17.15 -15.14
N THR M 191 12.44 -16.47 -14.75
CA THR M 191 13.44 -16.09 -15.74
C THR M 191 14.29 -17.30 -16.12
N LYS M 192 14.44 -18.22 -15.17
CA LYS M 192 15.12 -19.48 -15.45
C LYS M 192 14.33 -20.28 -16.49
N LEU M 193 13.00 -20.30 -16.33
CA LEU M 193 12.08 -20.95 -17.25
C LEU M 193 12.20 -20.35 -18.64
N LEU M 194 12.16 -19.01 -18.73
CA LEU M 194 12.29 -18.35 -20.02
C LEU M 194 13.58 -18.78 -20.69
N ASP M 195 14.62 -19.02 -19.88
CA ASP M 195 15.91 -19.35 -20.42
C ASP M 195 15.88 -20.76 -20.98
N SER M 196 15.30 -21.68 -20.20
CA SER M 196 15.26 -23.08 -20.57
C SER M 196 14.39 -23.30 -21.81
N MET M 197 13.57 -22.30 -22.17
CA MET M 197 12.73 -22.40 -23.35
C MET M 197 13.56 -22.51 -24.63
N HIS M 198 14.76 -21.92 -24.68
CA HIS M 198 15.53 -21.97 -25.91
C HIS M 198 15.90 -23.40 -26.28
N GLU M 199 16.26 -24.19 -25.27
CA GLU M 199 16.62 -25.59 -25.47
C GLU M 199 15.38 -26.38 -25.89
N MET M 200 14.29 -26.29 -25.11
CA MET M 200 13.07 -27.06 -25.35
C MET M 200 12.55 -26.79 -26.77
N VAL M 201 12.48 -25.50 -27.14
CA VAL M 201 11.98 -25.11 -28.44
C VAL M 201 12.92 -25.60 -29.54
N GLY M 202 14.24 -25.52 -29.27
CA GLY M 202 15.24 -26.00 -30.21
C GLY M 202 14.95 -27.45 -30.65
N GLY M 203 14.56 -28.28 -29.68
CA GLY M 203 14.12 -29.64 -29.93
C GLY M 203 12.99 -29.70 -30.96
N LEU M 204 11.90 -28.97 -30.67
CA LEU M 204 10.74 -28.91 -31.54
C LEU M 204 11.17 -28.41 -32.93
N LEU M 205 12.01 -27.37 -32.94
CA LEU M 205 12.42 -26.75 -34.19
C LEU M 205 13.11 -27.79 -35.06
N GLN M 206 13.83 -28.72 -34.41
CA GLN M 206 14.56 -29.75 -35.13
C GLN M 206 13.59 -30.72 -35.80
N PHE M 207 12.58 -31.20 -35.06
CA PHE M 207 11.60 -32.08 -35.66
C PHE M 207 10.91 -31.40 -36.83
N CYS M 208 10.61 -30.10 -36.63
CA CYS M 208 9.90 -29.34 -37.62
C CYS M 208 10.70 -29.29 -38.92
N PHE M 209 11.99 -28.93 -38.81
CA PHE M 209 12.84 -28.84 -39.98
C PHE M 209 12.99 -30.20 -40.65
N TYR M 210 13.10 -31.26 -39.83
CA TYR M 210 13.22 -32.60 -40.35
C TYR M 210 11.99 -32.95 -41.20
N THR M 211 10.78 -32.80 -40.63
CA THR M 211 9.58 -33.22 -41.34
C THR M 211 9.33 -32.29 -42.53
N PHE M 212 9.89 -31.07 -42.51
CA PHE M 212 9.68 -30.15 -43.61
C PHE M 212 10.56 -30.52 -44.80
N VAL M 213 11.79 -30.96 -44.53
CA VAL M 213 12.80 -31.16 -45.55
C VAL M 213 12.62 -32.54 -46.19
N ASN M 214 12.28 -33.53 -45.36
CA ASN M 214 12.27 -34.93 -45.74
C ASN M 214 10.94 -35.27 -46.41
N LYS M 215 10.89 -35.05 -47.73
CA LYS M 215 9.72 -35.17 -48.58
C LYS M 215 9.04 -36.54 -48.49
N SER M 216 9.81 -37.59 -48.19
CA SER M 216 9.29 -38.94 -48.23
C SER M 216 8.24 -39.20 -47.14
N LEU M 217 8.24 -38.39 -46.08
CA LEU M 217 7.30 -38.55 -44.98
C LEU M 217 5.92 -38.02 -45.35
N SER M 218 5.86 -37.17 -46.38
CA SER M 218 4.61 -36.66 -46.94
C SER M 218 3.80 -35.82 -45.96
N VAL M 219 4.49 -35.16 -45.02
CA VAL M 219 3.83 -34.28 -44.06
C VAL M 219 3.59 -32.95 -44.75
N GLU M 220 2.36 -32.43 -44.67
CA GLU M 220 2.02 -31.19 -45.35
C GLU M 220 2.17 -30.00 -44.41
N PHE M 221 2.44 -28.84 -45.01
CA PHE M 221 2.59 -27.58 -44.32
C PHE M 221 1.77 -26.53 -45.08
N PRO M 222 0.98 -25.66 -44.41
CA PRO M 222 0.28 -24.60 -45.13
C PRO M 222 1.30 -23.55 -45.61
N GLU M 223 0.93 -22.79 -46.64
CA GLU M 223 1.83 -21.83 -47.27
C GLU M 223 2.47 -20.89 -46.26
N MET M 224 1.65 -20.34 -45.36
CA MET M 224 2.11 -19.43 -44.34
C MET M 224 3.39 -19.96 -43.67
N LEU M 225 3.31 -21.18 -43.13
CA LEU M 225 4.39 -21.78 -42.38
C LEU M 225 5.55 -22.17 -43.30
N ALA M 226 5.22 -22.70 -44.49
CA ALA M 226 6.22 -23.16 -45.44
C ALA M 226 7.17 -22.01 -45.78
N GLU M 227 6.59 -20.87 -46.20
CA GLU M 227 7.35 -19.68 -46.49
C GLU M 227 8.27 -19.33 -45.33
N ILE M 228 7.72 -19.30 -44.10
CA ILE M 228 8.52 -18.91 -42.95
C ILE M 228 9.62 -19.93 -42.70
N ILE M 229 9.27 -21.22 -42.67
CA ILE M 229 10.24 -22.24 -42.32
C ILE M 229 11.40 -22.22 -43.32
N SER M 230 11.08 -22.15 -44.61
CA SER M 230 12.12 -22.31 -45.61
C SER M 230 13.10 -21.13 -45.58
N ASN M 231 12.62 -19.96 -45.17
CA ASN M 231 13.48 -18.80 -45.03
C ASN M 231 14.32 -18.92 -43.74
N GLN M 232 13.74 -19.54 -42.72
CA GLN M 232 14.32 -19.53 -41.39
C GLN M 232 15.32 -20.70 -41.28
N LEU M 233 15.29 -21.61 -42.25
CA LEU M 233 16.00 -22.88 -42.16
C LEU M 233 17.51 -22.66 -42.32
N PRO M 234 18.00 -22.06 -43.44
CA PRO M 234 19.42 -21.72 -43.57
C PRO M 234 19.99 -20.88 -42.43
N LYS M 235 19.18 -19.95 -41.88
CA LYS M 235 19.62 -19.08 -40.80
C LYS M 235 19.92 -19.88 -39.53
N PHE M 236 19.24 -21.02 -39.33
CA PHE M 236 19.41 -21.79 -38.12
C PHE M 236 20.53 -22.80 -38.32
N LYS M 237 20.71 -23.30 -39.55
CA LYS M 237 21.83 -24.18 -39.87
C LYS M 237 23.17 -23.44 -39.75
N ALA M 238 23.17 -22.14 -40.02
CA ALA M 238 24.37 -21.33 -40.02
C ALA M 238 24.62 -20.70 -38.63
N GLY M 239 23.84 -21.12 -37.62
CA GLY M 239 23.92 -20.62 -36.26
C GLY M 239 24.12 -19.11 -36.13
N SER M 240 23.32 -18.32 -36.87
CA SER M 240 23.44 -16.87 -36.91
C SER M 240 22.41 -16.20 -36.01
N VAL M 241 21.99 -16.95 -34.99
CA VAL M 241 20.86 -16.63 -34.15
C VAL M 241 21.32 -16.64 -32.70
N LYS M 242 20.91 -15.63 -31.93
CA LYS M 242 21.45 -15.40 -30.59
C LYS M 242 20.30 -15.33 -29.59
N PRO M 243 20.20 -16.30 -28.64
CA PRO M 243 19.33 -16.14 -27.49
C PRO M 243 19.74 -15.03 -26.53
N LEU M 244 18.76 -14.31 -26.00
CA LEU M 244 18.99 -13.38 -24.89
C LEU M 244 18.71 -14.05 -23.55
N LEU M 245 19.74 -14.34 -22.78
CA LEU M 245 19.53 -15.06 -21.53
C LEU M 245 19.45 -14.10 -20.35
N PHE M 246 18.83 -14.55 -19.26
CA PHE M 246 18.74 -13.81 -18.02
C PHE M 246 19.79 -14.33 -17.04
N HIS M 247 20.42 -15.48 -17.37
CA HIS M 247 21.31 -16.18 -16.46
C HIS M 247 22.56 -16.69 -17.18
N GLN M 248 23.29 -17.58 -16.50
CA GLN M 248 24.53 -18.19 -16.96
C GLN M 248 24.32 -19.69 -17.23
N PHE N 1 3.97 -13.15 -54.62
CA PHE N 1 2.94 -12.15 -54.15
C PHE N 1 1.57 -12.82 -54.00
N PRO N 2 0.93 -12.77 -52.80
CA PRO N 2 -0.39 -13.38 -52.59
C PRO N 2 -1.53 -12.42 -52.91
N THR N 3 -2.64 -12.96 -53.46
CA THR N 3 -3.74 -12.15 -53.93
C THR N 3 -4.47 -11.51 -52.76
N LEU N 4 -5.19 -10.42 -53.04
CA LEU N 4 -5.90 -9.68 -52.01
C LEU N 4 -7.03 -10.53 -51.43
N ILE N 5 -7.75 -11.26 -52.30
CA ILE N 5 -8.82 -12.10 -51.80
C ILE N 5 -8.26 -13.14 -50.83
N SER N 6 -7.09 -13.71 -51.14
CA SER N 6 -6.59 -14.77 -50.28
C SER N 6 -6.14 -14.22 -48.92
N LEU N 7 -5.69 -12.95 -48.89
CA LEU N 7 -5.36 -12.32 -47.63
C LEU N 7 -6.62 -12.12 -46.79
N LEU N 8 -7.71 -11.73 -47.46
CA LEU N 8 -8.96 -11.49 -46.75
C LEU N 8 -9.41 -12.76 -46.05
N GLU N 9 -9.19 -13.90 -46.72
CA GLU N 9 -9.53 -15.22 -46.22
C GLU N 9 -8.68 -15.55 -45.00
N VAL N 10 -7.37 -15.24 -45.06
CA VAL N 10 -6.50 -15.69 -43.99
C VAL N 10 -6.72 -14.84 -42.73
N ILE N 11 -7.15 -13.58 -42.90
CA ILE N 11 -7.19 -12.68 -41.76
C ILE N 11 -8.57 -12.68 -41.11
N GLU N 12 -9.56 -13.30 -41.77
CA GLU N 12 -10.92 -13.37 -41.25
C GLU N 12 -10.90 -13.95 -39.85
N PRO N 13 -11.51 -13.27 -38.85
CA PRO N 13 -11.49 -13.74 -37.47
C PRO N 13 -12.24 -15.06 -37.31
N GLU N 14 -11.72 -15.91 -36.43
CA GLU N 14 -12.32 -17.18 -36.14
C GLU N 14 -13.54 -16.94 -35.25
N VAL N 15 -14.58 -17.76 -35.43
CA VAL N 15 -15.80 -17.68 -34.63
C VAL N 15 -15.51 -17.82 -33.14
N LEU N 16 -16.01 -16.88 -32.32
CA LEU N 16 -15.85 -16.98 -30.87
C LEU N 16 -16.96 -17.81 -30.23
N TYR N 17 -16.64 -18.49 -29.12
CA TYR N 17 -17.61 -19.11 -28.23
C TYR N 17 -18.03 -18.10 -27.17
N SER N 18 -19.27 -18.21 -26.70
CA SER N 18 -19.73 -17.28 -25.66
C SER N 18 -19.45 -17.87 -24.28
N GLY N 19 -19.34 -19.19 -24.20
CA GLY N 19 -19.22 -19.90 -22.93
C GLY N 19 -20.50 -19.81 -22.09
N TYR N 20 -21.63 -19.49 -22.75
CA TYR N 20 -22.92 -19.39 -22.09
C TYR N 20 -23.24 -20.70 -21.40
N ASP N 21 -23.87 -20.61 -20.21
CA ASP N 21 -24.25 -21.78 -19.44
C ASP N 21 -25.69 -22.18 -19.77
N SER N 22 -25.86 -23.24 -20.58
CA SER N 22 -27.18 -23.65 -21.05
C SER N 22 -27.93 -24.44 -19.99
N THR N 23 -27.35 -24.58 -18.80
CA THR N 23 -27.96 -25.22 -17.64
C THR N 23 -29.06 -24.34 -17.05
N LEU N 24 -28.78 -23.04 -16.94
CA LEU N 24 -29.70 -22.08 -16.35
C LEU N 24 -30.65 -21.60 -17.44
N PRO N 25 -31.94 -21.34 -17.11
CA PRO N 25 -32.89 -20.83 -18.10
C PRO N 25 -32.53 -19.40 -18.54
N ASP N 26 -32.99 -19.02 -19.73
CA ASP N 26 -32.78 -17.71 -20.28
C ASP N 26 -33.67 -16.68 -19.60
N THR N 27 -33.09 -15.51 -19.35
CA THR N 27 -33.89 -14.30 -19.15
C THR N 27 -33.41 -13.22 -20.10
N SER N 28 -34.28 -12.25 -20.40
CA SER N 28 -33.95 -11.15 -21.28
C SER N 28 -32.67 -10.44 -20.82
N THR N 29 -32.59 -10.06 -19.54
CA THR N 29 -31.41 -9.35 -19.07
C THR N 29 -30.16 -10.20 -19.27
N ARG N 30 -30.26 -11.49 -18.92
CA ARG N 30 -29.09 -12.35 -18.95
C ARG N 30 -28.60 -12.47 -20.40
N LEU N 31 -29.54 -12.70 -21.31
CA LEU N 31 -29.22 -12.93 -22.70
C LEU N 31 -28.57 -11.70 -23.31
N MET N 32 -29.19 -10.54 -23.11
CA MET N 32 -28.69 -9.30 -23.68
C MET N 32 -27.30 -9.00 -23.10
N SER N 33 -27.13 -9.24 -21.80
CA SER N 33 -25.82 -9.05 -21.21
C SER N 33 -24.79 -9.99 -21.82
N THR N 34 -25.19 -11.24 -22.09
CA THR N 34 -24.26 -12.20 -22.66
C THR N 34 -23.86 -11.74 -24.05
N LEU N 35 -24.86 -11.37 -24.84
CA LEU N 35 -24.60 -10.91 -26.20
C LEU N 35 -23.66 -9.72 -26.18
N ASN N 36 -23.83 -8.80 -25.23
CA ASN N 36 -22.95 -7.64 -25.21
C ASN N 36 -21.52 -8.06 -24.88
N ARG N 37 -21.37 -8.97 -23.90
CA ARG N 37 -20.05 -9.41 -23.47
C ARG N 37 -19.35 -10.06 -24.68
N LEU N 38 -20.13 -10.83 -25.46
CA LEU N 38 -19.62 -11.51 -26.64
C LEU N 38 -19.25 -10.48 -27.70
N GLY N 39 -20.12 -9.48 -27.90
CA GLY N 39 -19.87 -8.40 -28.86
C GLY N 39 -18.56 -7.68 -28.58
N GLY N 40 -18.30 -7.41 -27.29
CA GLY N 40 -17.05 -6.78 -26.91
C GLY N 40 -15.86 -7.53 -27.51
N ARG N 41 -15.85 -8.85 -27.30
CA ARG N 41 -14.75 -9.68 -27.76
C ARG N 41 -14.72 -9.73 -29.29
N GLN N 42 -15.90 -9.79 -29.91
CA GLN N 42 -15.99 -9.83 -31.36
C GLN N 42 -15.40 -8.54 -31.95
N VAL N 43 -15.64 -7.42 -31.27
CA VAL N 43 -15.17 -6.12 -31.74
C VAL N 43 -13.65 -6.05 -31.65
N VAL N 44 -13.10 -6.49 -30.51
CA VAL N 44 -11.65 -6.57 -30.41
C VAL N 44 -11.07 -7.40 -31.56
N SER N 45 -11.74 -8.51 -31.88
CA SER N 45 -11.31 -9.32 -33.00
C SER N 45 -11.33 -8.49 -34.29
N ALA N 46 -12.35 -7.64 -34.43
CA ALA N 46 -12.53 -6.88 -35.66
C ALA N 46 -11.46 -5.80 -35.77
N VAL N 47 -11.09 -5.21 -34.63
CA VAL N 47 -10.03 -4.22 -34.62
C VAL N 47 -8.73 -4.86 -35.10
N LYS N 48 -8.38 -6.02 -34.51
CA LYS N 48 -7.15 -6.68 -34.91
C LYS N 48 -7.19 -7.01 -36.40
N TRP N 49 -8.40 -7.28 -36.89
CA TRP N 49 -8.62 -7.62 -38.29
C TRP N 49 -8.37 -6.40 -39.16
N ALA N 50 -8.95 -5.27 -38.77
CA ALA N 50 -8.77 -4.02 -39.48
C ALA N 50 -7.28 -3.68 -39.59
N LYS N 51 -6.54 -3.79 -38.48
CA LYS N 51 -5.14 -3.42 -38.52
C LYS N 51 -4.35 -4.26 -39.53
N ALA N 52 -4.89 -5.43 -39.92
CA ALA N 52 -4.17 -6.27 -40.88
C ALA N 52 -4.81 -6.17 -42.25
N LEU N 53 -5.85 -5.37 -42.37
CA LEU N 53 -6.54 -5.20 -43.63
C LEU N 53 -5.66 -4.38 -44.57
N PRO N 54 -5.29 -4.94 -45.75
CA PRO N 54 -4.46 -4.22 -46.71
C PRO N 54 -5.11 -2.88 -47.05
N GLY N 55 -4.35 -1.80 -46.85
CA GLY N 55 -4.83 -0.46 -47.14
C GLY N 55 -5.18 0.30 -45.88
N PHE N 56 -5.82 -0.37 -44.93
CA PHE N 56 -6.45 0.33 -43.82
C PHE N 56 -5.43 1.15 -43.03
N ARG N 57 -4.19 0.65 -42.88
CA ARG N 57 -3.20 1.31 -42.04
C ARG N 57 -2.72 2.64 -42.64
N ASN N 58 -3.04 2.90 -43.91
CA ASN N 58 -2.67 4.14 -44.58
C ASN N 58 -3.58 5.30 -44.17
N LEU N 59 -4.78 5.03 -43.65
CA LEU N 59 -5.67 6.11 -43.24
C LEU N 59 -5.08 6.84 -42.05
N HIS N 60 -5.49 8.07 -41.83
CA HIS N 60 -5.04 8.78 -40.64
C HIS N 60 -5.57 8.02 -39.43
N LEU N 61 -4.83 8.05 -38.32
CA LEU N 61 -5.25 7.35 -37.12
C LEU N 61 -6.69 7.72 -36.75
N ASP N 62 -7.06 8.99 -36.95
CA ASP N 62 -8.36 9.48 -36.50
C ASP N 62 -9.47 8.96 -37.41
N ASP N 63 -9.10 8.65 -38.66
CA ASP N 63 -10.06 8.10 -39.60
C ASP N 63 -10.30 6.63 -39.30
N GLN N 64 -9.26 5.96 -38.80
CA GLN N 64 -9.35 4.58 -38.36
C GLN N 64 -10.35 4.49 -37.21
N MET N 65 -10.11 5.29 -36.18
CA MET N 65 -11.01 5.38 -35.04
C MET N 65 -12.44 5.64 -35.50
N THR N 66 -12.59 6.51 -36.51
CA THR N 66 -13.90 6.96 -36.89
C THR N 66 -14.64 5.82 -37.59
N LEU N 67 -14.00 5.18 -38.55
CA LEU N 67 -14.65 4.15 -39.35
C LEU N 67 -15.04 2.96 -38.48
N LEU N 68 -14.19 2.59 -37.52
CA LEU N 68 -14.50 1.47 -36.66
C LEU N 68 -15.66 1.81 -35.73
N GLN N 69 -15.65 3.03 -35.15
CA GLN N 69 -16.75 3.43 -34.30
C GLN N 69 -18.07 3.50 -35.08
N TYR N 70 -18.01 3.91 -36.34
CA TYR N 70 -19.25 4.19 -37.04
C TYR N 70 -19.83 2.89 -37.56
N SER N 71 -19.03 1.83 -37.66
CA SER N 71 -19.48 0.69 -38.44
C SER N 71 -19.43 -0.65 -37.70
N TRP N 72 -19.03 -0.66 -36.42
CA TRP N 72 -18.87 -1.91 -35.71
C TRP N 72 -20.16 -2.72 -35.73
N MET N 73 -21.29 -2.08 -35.44
CA MET N 73 -22.55 -2.79 -35.46
C MET N 73 -22.82 -3.44 -36.82
N SER N 74 -22.46 -2.76 -37.93
CA SER N 74 -22.69 -3.34 -39.25
C SER N 74 -21.89 -4.62 -39.41
N LEU N 75 -20.61 -4.54 -39.04
CA LEU N 75 -19.71 -5.67 -39.17
C LEU N 75 -20.25 -6.85 -38.37
N MET N 76 -20.66 -6.60 -37.13
CA MET N 76 -21.07 -7.70 -36.27
C MET N 76 -22.35 -8.33 -36.81
N ALA N 77 -23.30 -7.48 -37.22
CA ALA N 77 -24.58 -7.96 -37.71
C ALA N 77 -24.40 -8.77 -39.01
N PHE N 78 -23.47 -8.31 -39.85
CA PHE N 78 -23.23 -8.94 -41.13
C PHE N 78 -22.64 -10.33 -40.90
N SER N 79 -21.64 -10.44 -40.00
CA SER N 79 -21.04 -11.72 -39.66
C SER N 79 -22.08 -12.67 -39.09
N LEU N 80 -22.94 -12.14 -38.21
CA LEU N 80 -24.02 -12.94 -37.65
C LEU N 80 -24.85 -13.51 -38.79
N GLY N 81 -25.23 -12.64 -39.74
CA GLY N 81 -25.99 -13.08 -40.89
C GLY N 81 -25.29 -14.24 -41.60
N TRP N 82 -23.98 -14.09 -41.81
CA TRP N 82 -23.23 -15.09 -42.55
C TRP N 82 -23.27 -16.42 -41.80
N ARG N 83 -22.90 -16.40 -40.51
CA ARG N 83 -22.89 -17.60 -39.69
C ARG N 83 -24.28 -18.24 -39.69
N SER N 84 -25.34 -17.44 -39.59
CA SER N 84 -26.68 -17.97 -39.51
C SER N 84 -27.06 -18.68 -40.82
N TYR N 85 -26.63 -18.09 -41.94
CA TYR N 85 -26.81 -18.62 -43.28
C TYR N 85 -26.06 -19.94 -43.43
N LYS N 86 -24.81 -19.94 -42.97
CA LYS N 86 -23.94 -21.10 -43.14
C LYS N 86 -24.42 -22.26 -42.27
N GLN N 87 -24.86 -22.03 -41.03
CA GLN N 87 -25.04 -23.12 -40.09
C GLN N 87 -26.49 -23.62 -40.08
N SER N 88 -27.44 -22.82 -40.53
CA SER N 88 -28.84 -23.18 -40.33
C SER N 88 -29.71 -22.68 -41.47
N ASN N 89 -29.05 -22.28 -42.57
CA ASN N 89 -29.74 -21.77 -43.74
C ASN N 89 -30.72 -20.68 -43.38
N GLY N 90 -30.34 -19.82 -42.42
CA GLY N 90 -31.12 -18.64 -42.12
C GLY N 90 -32.30 -18.89 -41.18
N ASN N 91 -32.41 -20.11 -40.64
CA ASN N 91 -33.55 -20.46 -39.79
C ASN N 91 -33.36 -20.02 -38.34
N MET N 92 -32.13 -20.06 -37.83
CA MET N 92 -31.85 -19.64 -36.48
C MET N 92 -30.72 -18.61 -36.51
N LEU N 93 -30.61 -17.81 -35.44
CA LEU N 93 -29.47 -16.92 -35.27
C LEU N 93 -28.31 -17.69 -34.61
N PHE N 95 -25.30 -16.80 -32.98
CA PHE N 95 -24.43 -15.83 -32.36
C PHE N 95 -23.06 -16.44 -32.11
N ALA N 96 -23.08 -17.63 -31.50
CA ALA N 96 -21.90 -18.45 -31.31
C ALA N 96 -22.30 -19.90 -31.50
N PRO N 97 -21.34 -20.84 -31.71
CA PRO N 97 -21.68 -22.26 -31.84
C PRO N 97 -22.39 -22.77 -30.60
N ASP N 98 -22.15 -22.14 -29.44
CA ASP N 98 -22.73 -22.55 -28.19
C ASP N 98 -23.85 -21.58 -27.76
N LEU N 99 -24.35 -20.77 -28.70
CA LEU N 99 -25.43 -19.84 -28.39
C LEU N 99 -26.26 -19.52 -29.64
N VAL N 100 -27.28 -20.33 -29.86
CA VAL N 100 -28.09 -20.33 -31.08
C VAL N 100 -29.52 -19.97 -30.71
N ILE N 101 -30.03 -18.87 -31.28
CA ILE N 101 -31.38 -18.44 -30.96
C ILE N 101 -32.31 -18.86 -32.08
N ASN N 102 -33.22 -19.81 -31.85
CA ASN N 102 -34.19 -20.21 -32.86
C ASN N 102 -35.53 -19.55 -32.57
N GLU N 103 -36.56 -19.90 -33.36
CA GLU N 103 -37.89 -19.32 -33.24
C GLU N 103 -38.40 -19.37 -31.81
N GLU N 104 -38.22 -20.53 -31.15
CA GLU N 104 -38.73 -20.71 -29.80
C GLU N 104 -38.03 -19.79 -28.81
N ARG N 105 -36.69 -19.72 -28.85
CA ARG N 105 -35.96 -18.97 -27.83
C ARG N 105 -36.22 -17.47 -27.92
N MET N 106 -36.73 -17.02 -29.09
CA MET N 106 -36.94 -15.60 -29.35
C MET N 106 -38.18 -15.10 -28.64
N GLN N 107 -38.98 -15.99 -28.05
CA GLN N 107 -40.23 -15.64 -27.40
C GLN N 107 -39.99 -14.89 -26.07
N LEU N 108 -38.74 -14.74 -25.68
CA LEU N 108 -38.39 -13.93 -24.52
C LEU N 108 -38.76 -12.46 -24.72
N PRO N 109 -39.14 -11.75 -23.64
CA PRO N 109 -39.44 -10.32 -23.72
C PRO N 109 -38.30 -9.53 -24.34
N TYR N 110 -38.60 -8.62 -25.26
CA TYR N 110 -37.67 -7.74 -25.93
C TYR N 110 -36.93 -8.45 -27.09
N MET N 111 -36.80 -9.78 -27.01
CA MET N 111 -35.93 -10.50 -27.93
C MET N 111 -36.55 -10.58 -29.34
N TYR N 112 -37.87 -10.79 -29.40
CA TYR N 112 -38.50 -11.20 -30.65
C TYR N 112 -38.23 -10.18 -31.75
N ASP N 113 -38.45 -8.89 -31.44
CA ASP N 113 -38.37 -7.87 -32.46
C ASP N 113 -36.95 -7.75 -32.98
N GLN N 114 -35.99 -7.65 -32.05
CA GLN N 114 -34.61 -7.47 -32.46
C GLN N 114 -34.14 -8.65 -33.30
N CYS N 115 -34.54 -9.87 -32.92
CA CYS N 115 -34.06 -11.04 -33.64
C CYS N 115 -34.67 -11.14 -35.03
N GLN N 116 -35.91 -10.67 -35.20
CA GLN N 116 -36.58 -10.66 -36.50
C GLN N 116 -35.77 -9.83 -37.48
N GLN N 117 -35.28 -8.67 -37.00
CA GLN N 117 -34.43 -7.77 -37.75
C GLN N 117 -33.16 -8.47 -38.23
N MET N 118 -32.46 -9.18 -37.34
CA MET N 118 -31.17 -9.76 -37.67
C MET N 118 -31.33 -10.95 -38.61
N LEU N 119 -32.50 -11.57 -38.58
CA LEU N 119 -32.79 -12.69 -39.47
C LEU N 119 -32.98 -12.21 -40.91
N LYS N 120 -33.39 -10.95 -41.09
CA LYS N 120 -33.60 -10.38 -42.42
C LYS N 120 -32.28 -10.48 -43.19
N ILE N 121 -31.18 -10.04 -42.54
CA ILE N 121 -29.87 -10.12 -43.15
C ILE N 121 -29.57 -11.55 -43.55
N SER N 122 -29.89 -12.50 -42.67
CA SER N 122 -29.55 -13.88 -42.96
C SER N 122 -30.24 -14.34 -44.24
N SER N 123 -31.53 -14.02 -44.37
CA SER N 123 -32.30 -14.60 -45.47
C SER N 123 -31.93 -13.94 -46.80
N GLU N 124 -31.37 -12.72 -46.73
CA GLU N 124 -30.79 -12.09 -47.91
C GLU N 124 -29.68 -12.96 -48.48
N PHE N 125 -28.75 -13.41 -47.63
CA PHE N 125 -27.71 -14.32 -48.09
C PHE N 125 -28.35 -15.57 -48.70
N VAL N 126 -29.46 -16.04 -48.12
CA VAL N 126 -30.10 -17.26 -48.60
C VAL N 126 -30.68 -17.03 -50.00
N ARG N 127 -31.41 -15.91 -50.14
CA ARG N 127 -32.07 -15.58 -51.40
C ARG N 127 -31.03 -15.49 -52.52
N LEU N 128 -29.95 -14.72 -52.29
CA LEU N 128 -28.97 -14.39 -53.32
C LEU N 128 -27.89 -15.46 -53.45
N GLN N 129 -27.92 -16.48 -52.59
CA GLN N 129 -26.88 -17.51 -52.57
C GLN N 129 -25.48 -16.89 -52.61
N VAL N 130 -25.19 -15.96 -51.68
CA VAL N 130 -23.92 -15.28 -51.58
C VAL N 130 -22.80 -16.28 -51.32
N SER N 131 -21.64 -16.02 -51.94
CA SER N 131 -20.46 -16.86 -51.80
C SER N 131 -19.53 -16.25 -50.76
N TYR N 132 -18.60 -17.08 -50.27
CA TYR N 132 -17.69 -16.64 -49.21
C TYR N 132 -16.91 -15.42 -49.66
N ASP N 133 -16.38 -15.45 -50.90
CA ASP N 133 -15.55 -14.36 -51.39
C ASP N 133 -16.37 -13.08 -51.51
N GLU N 134 -17.60 -13.22 -52.02
CA GLU N 134 -18.50 -12.08 -52.11
C GLU N 134 -18.69 -11.47 -50.72
N TYR N 135 -18.95 -12.35 -49.74
CA TYR N 135 -19.19 -11.95 -48.36
C TYR N 135 -17.97 -11.18 -47.83
N LEU N 136 -16.76 -11.69 -48.08
CA LEU N 136 -15.57 -11.12 -47.47
C LEU N 136 -15.35 -9.69 -47.95
N CYS N 137 -15.69 -9.45 -49.22
CA CYS N 137 -15.47 -8.16 -49.86
C CYS N 137 -16.53 -7.16 -49.40
N MET N 138 -17.79 -7.60 -49.44
CA MET N 138 -18.88 -6.79 -48.94
C MET N 138 -18.59 -6.35 -47.50
N LYS N 139 -18.00 -7.26 -46.70
CA LYS N 139 -17.75 -6.94 -45.31
C LYS N 139 -16.79 -5.76 -45.24
N VAL N 140 -15.77 -5.76 -46.10
CA VAL N 140 -14.78 -4.69 -46.08
C VAL N 140 -15.48 -3.38 -46.45
N LEU N 141 -16.37 -3.46 -47.45
CA LEU N 141 -17.09 -2.29 -47.90
C LEU N 141 -17.91 -1.67 -46.77
N LEU N 142 -18.48 -2.51 -45.89
CA LEU N 142 -19.27 -2.00 -44.77
C LEU N 142 -18.41 -1.15 -43.84
N LEU N 143 -17.15 -1.54 -43.65
CA LEU N 143 -16.23 -0.80 -42.82
C LEU N 143 -16.06 0.61 -43.40
N LEU N 144 -16.18 0.69 -44.73
CA LEU N 144 -15.91 1.91 -45.47
C LEU N 144 -17.21 2.54 -45.98
N SER N 145 -18.30 2.42 -45.24
CA SER N 145 -19.59 2.80 -45.82
C SER N 145 -20.28 3.85 -44.95
N THR N 146 -19.64 4.27 -43.86
CA THR N 146 -20.27 5.25 -42.99
C THR N 146 -19.21 6.24 -42.53
N VAL N 147 -19.39 7.50 -42.93
CA VAL N 147 -18.40 8.53 -42.75
C VAL N 147 -19.07 9.72 -42.06
N PRO N 148 -18.28 10.64 -41.46
CA PRO N 148 -18.83 11.84 -40.80
C PRO N 148 -19.34 12.76 -41.92
N LYS N 149 -20.24 13.70 -41.58
CA LYS N 149 -20.98 14.38 -42.64
C LYS N 149 -20.07 15.33 -43.41
N ASP N 150 -19.01 15.79 -42.73
CA ASP N 150 -18.04 16.71 -43.31
C ASP N 150 -16.70 16.01 -43.50
N GLY N 151 -16.73 14.73 -43.91
CA GLY N 151 -15.58 14.02 -44.45
C GLY N 151 -14.50 13.66 -43.44
N LEU N 152 -13.37 13.18 -43.99
CA LEU N 152 -12.31 12.56 -43.20
C LEU N 152 -11.00 13.32 -43.38
N LYS N 153 -10.10 13.18 -42.40
CA LYS N 153 -8.79 13.80 -42.40
C LYS N 153 -7.93 13.36 -43.58
N SER N 154 -8.22 12.22 -44.21
CA SER N 154 -7.41 11.77 -45.34
C SER N 154 -8.30 11.13 -46.39
N GLN N 155 -9.21 11.96 -46.92
CA GLN N 155 -10.18 11.57 -47.94
C GLN N 155 -9.44 11.02 -49.16
N ALA N 156 -8.25 11.55 -49.42
CA ALA N 156 -7.35 11.07 -50.46
C ALA N 156 -7.32 9.53 -50.47
N VAL N 157 -6.77 8.98 -49.38
CA VAL N 157 -6.43 7.57 -49.22
C VAL N 157 -7.72 6.75 -49.15
N PHE N 158 -8.69 7.28 -48.38
CA PHE N 158 -9.98 6.62 -48.21
C PHE N 158 -10.57 6.23 -49.56
N ASP N 159 -10.62 7.19 -50.49
CA ASP N 159 -11.31 6.98 -51.75
C ASP N 159 -10.62 5.89 -52.56
N GLU N 160 -9.28 5.82 -52.43
CA GLU N 160 -8.51 4.83 -53.15
C GLU N 160 -8.82 3.43 -52.60
N ILE N 161 -8.74 3.27 -51.27
CA ILE N 161 -9.08 2.04 -50.58
C ILE N 161 -10.47 1.57 -51.04
N ARG N 162 -11.46 2.45 -50.90
CA ARG N 162 -12.84 2.12 -51.20
C ARG N 162 -12.92 1.55 -52.63
N MET N 163 -12.14 2.14 -53.54
CA MET N 163 -12.20 1.76 -54.94
C MET N 163 -11.57 0.38 -55.14
N THR N 164 -10.45 0.13 -54.47
CA THR N 164 -9.78 -1.16 -54.54
C THR N 164 -10.74 -2.28 -54.17
N TYR N 165 -11.47 -2.11 -53.06
CA TYR N 165 -12.35 -3.16 -52.58
C TYR N 165 -13.60 -3.30 -53.44
N ILE N 166 -14.07 -2.20 -54.05
CA ILE N 166 -15.15 -2.32 -55.02
C ILE N 166 -14.70 -3.20 -56.19
N LYS N 167 -13.47 -2.94 -56.67
CA LYS N 167 -12.90 -3.71 -57.76
C LYS N 167 -12.85 -5.18 -57.34
N GLU N 168 -12.47 -5.40 -56.07
CA GLU N 168 -12.27 -6.73 -55.50
C GLU N 168 -13.60 -7.48 -55.48
N LEU N 169 -14.66 -6.80 -55.04
CA LEU N 169 -15.99 -7.39 -55.09
C LEU N 169 -16.29 -7.84 -56.51
N GLY N 170 -15.88 -7.01 -57.48
CA GLY N 170 -15.99 -7.32 -58.89
C GLY N 170 -15.37 -8.67 -59.23
N LYS N 171 -14.08 -8.84 -58.89
CA LYS N 171 -13.37 -10.08 -59.18
C LYS N 171 -14.11 -11.26 -58.58
N ALA N 172 -14.61 -11.07 -57.35
CA ALA N 172 -15.30 -12.13 -56.62
C ALA N 172 -16.55 -12.57 -57.35
N ILE N 173 -17.28 -11.61 -57.92
CA ILE N 173 -18.49 -11.92 -58.67
C ILE N 173 -18.13 -12.71 -59.93
N VAL N 174 -17.10 -12.24 -60.64
CA VAL N 174 -16.63 -12.84 -61.88
C VAL N 174 -16.22 -14.29 -61.62
N LYS N 175 -15.47 -14.51 -60.53
CA LYS N 175 -14.96 -15.81 -60.16
C LYS N 175 -16.09 -16.81 -59.95
N ARG N 176 -17.29 -16.33 -59.65
CA ARG N 176 -18.43 -17.21 -59.40
C ARG N 176 -19.07 -17.69 -60.71
N GLU N 177 -18.76 -17.02 -61.85
CA GLU N 177 -19.20 -17.39 -63.18
C GLU N 177 -17.96 -17.71 -64.03
N SER N 181 -19.66 -12.81 -68.19
CA SER N 181 -19.24 -11.41 -67.81
C SER N 181 -20.32 -10.37 -68.16
N GLN N 182 -21.52 -10.74 -67.71
CA GLN N 182 -22.69 -9.86 -67.73
C GLN N 182 -23.36 -10.03 -66.36
N ASN N 183 -22.47 -10.13 -65.33
CA ASN N 183 -22.83 -10.18 -63.94
C ASN N 183 -22.83 -8.79 -63.28
N TRP N 184 -23.34 -7.83 -64.08
CA TRP N 184 -23.63 -6.52 -63.52
C TRP N 184 -24.99 -6.59 -62.83
N GLN N 185 -25.87 -7.55 -63.16
CA GLN N 185 -27.11 -7.70 -62.46
C GLN N 185 -26.86 -8.06 -60.99
N ARG N 186 -25.91 -8.99 -60.82
CA ARG N 186 -25.48 -9.47 -59.51
C ARG N 186 -24.88 -8.29 -58.73
N PHE N 187 -23.97 -7.56 -59.37
CA PHE N 187 -23.33 -6.43 -58.74
C PHE N 187 -24.38 -5.46 -58.20
N TYR N 188 -25.52 -5.35 -58.91
CA TYR N 188 -26.57 -4.43 -58.50
C TYR N 188 -27.22 -4.95 -57.22
N GLN N 189 -27.58 -6.23 -57.26
CA GLN N 189 -28.23 -6.94 -56.17
C GLN N 189 -27.40 -6.82 -54.89
N LEU N 190 -26.09 -7.08 -55.00
CA LEU N 190 -25.22 -7.09 -53.85
C LEU N 190 -25.02 -5.66 -53.33
N THR N 191 -24.99 -4.69 -54.23
CA THR N 191 -24.83 -3.31 -53.79
C THR N 191 -26.16 -2.80 -53.23
N LYS N 192 -27.28 -3.33 -53.72
CA LYS N 192 -28.58 -3.01 -53.16
C LYS N 192 -28.64 -3.48 -51.69
N LEU N 193 -28.12 -4.70 -51.45
CA LEU N 193 -28.04 -5.29 -50.13
C LEU N 193 -27.19 -4.42 -49.21
N LEU N 194 -26.00 -4.03 -49.67
CA LEU N 194 -25.12 -3.18 -48.87
C LEU N 194 -25.86 -1.90 -48.49
N ASP N 195 -26.72 -1.44 -49.38
CA ASP N 195 -27.42 -0.18 -49.15
C ASP N 195 -28.45 -0.38 -48.06
N SER N 196 -29.22 -1.48 -48.17
CA SER N 196 -30.29 -1.77 -47.24
C SER N 196 -29.76 -2.02 -45.83
N MET N 197 -28.46 -2.29 -45.72
CA MET N 197 -27.84 -2.53 -44.42
C MET N 197 -27.94 -1.30 -43.51
N HIS N 198 -27.90 -0.09 -44.08
CA HIS N 198 -27.88 1.10 -43.25
C HIS N 198 -29.17 1.21 -42.43
N GLU N 199 -30.31 0.87 -43.06
CA GLU N 199 -31.60 0.92 -42.40
C GLU N 199 -31.64 -0.15 -41.30
N MET N 200 -31.35 -1.43 -41.66
CA MET N 200 -31.46 -2.54 -40.73
C MET N 200 -30.59 -2.28 -39.50
N VAL N 201 -29.34 -1.88 -39.74
CA VAL N 201 -28.39 -1.65 -38.66
C VAL N 201 -28.85 -0.47 -37.80
N GLY N 202 -29.38 0.58 -38.46
CA GLY N 202 -29.86 1.74 -37.74
C GLY N 202 -30.86 1.36 -36.65
N GLY N 203 -31.74 0.40 -36.99
CA GLY N 203 -32.68 -0.17 -36.04
C GLY N 203 -31.96 -0.73 -34.80
N LEU N 204 -31.02 -1.64 -35.04
CA LEU N 204 -30.25 -2.27 -33.99
C LEU N 204 -29.52 -1.20 -33.17
N LEU N 205 -28.94 -0.21 -33.86
CA LEU N 205 -28.16 0.81 -33.20
C LEU N 205 -29.04 1.55 -32.19
N GLN N 206 -30.33 1.71 -32.56
CA GLN N 206 -31.26 2.40 -31.69
C GLN N 206 -31.52 1.61 -30.41
N PHE N 207 -31.79 0.31 -30.54
CA PHE N 207 -31.99 -0.52 -29.36
C PHE N 207 -30.75 -0.50 -28.49
N CYS N 208 -29.59 -0.53 -29.13
CA CYS N 208 -28.32 -0.56 -28.42
C CYS N 208 -28.19 0.70 -27.56
N PHE N 209 -28.41 1.86 -28.16
CA PHE N 209 -28.32 3.12 -27.44
C PHE N 209 -29.34 3.18 -26.30
N TYR N 210 -30.56 2.68 -26.57
CA TYR N 210 -31.61 2.66 -25.58
C TYR N 210 -31.16 1.83 -24.37
N THR N 211 -30.73 0.58 -24.59
CA THR N 211 -30.40 -0.29 -23.47
C THR N 211 -29.14 0.21 -22.78
N PHE N 212 -28.31 1.00 -23.48
CA PHE N 212 -27.09 1.51 -22.86
C PHE N 212 -27.41 2.66 -21.90
N VAL N 213 -28.35 3.51 -22.29
CA VAL N 213 -28.60 4.77 -21.60
C VAL N 213 -29.54 4.51 -20.42
N ASN N 214 -30.53 3.64 -20.63
CA ASN N 214 -31.61 3.40 -19.69
C ASN N 214 -31.18 2.37 -18.66
N LYS N 215 -30.53 2.85 -17.60
CA LYS N 215 -29.91 2.08 -16.53
C LYS N 215 -30.90 1.11 -15.86
N SER N 216 -32.20 1.44 -15.85
CA SER N 216 -33.17 0.63 -15.11
C SER N 216 -33.37 -0.77 -15.70
N LEU N 217 -32.96 -0.97 -16.98
CA LEU N 217 -33.08 -2.26 -17.62
C LEU N 217 -31.99 -3.24 -17.14
N SER N 218 -30.93 -2.68 -16.55
CA SER N 218 -29.86 -3.46 -15.92
C SER N 218 -29.09 -4.30 -16.92
N VAL N 219 -29.05 -3.90 -18.20
CA VAL N 219 -28.28 -4.60 -19.20
C VAL N 219 -26.83 -4.16 -19.06
N GLU N 220 -25.90 -5.14 -19.02
CA GLU N 220 -24.49 -4.82 -18.84
C GLU N 220 -23.78 -4.71 -20.18
N PHE N 221 -22.70 -3.91 -20.19
CA PHE N 221 -21.87 -3.71 -21.37
C PHE N 221 -20.41 -3.82 -20.94
N PRO N 222 -19.54 -4.53 -21.68
CA PRO N 222 -18.11 -4.52 -21.34
C PRO N 222 -17.52 -3.14 -21.66
N GLU N 223 -16.40 -2.82 -20.98
CA GLU N 223 -15.74 -1.53 -21.11
C GLU N 223 -15.49 -1.16 -22.57
N MET N 224 -14.96 -2.10 -23.34
CA MET N 224 -14.66 -1.88 -24.74
C MET N 224 -15.84 -1.20 -25.44
N LEU N 225 -17.02 -1.82 -25.35
CA LEU N 225 -18.21 -1.34 -26.05
C LEU N 225 -18.74 -0.06 -25.42
N ALA N 226 -18.72 0.01 -24.08
CA ALA N 226 -19.24 1.16 -23.36
C ALA N 226 -18.52 2.43 -23.83
N GLU N 227 -17.17 2.40 -23.79
CA GLU N 227 -16.36 3.51 -24.26
C GLU N 227 -16.77 3.90 -25.68
N ILE N 228 -16.89 2.92 -26.58
CA ILE N 228 -17.20 3.23 -27.97
C ILE N 228 -18.61 3.81 -28.06
N ILE N 229 -19.60 3.15 -27.44
CA ILE N 229 -20.98 3.58 -27.57
C ILE N 229 -21.12 5.02 -27.06
N SER N 230 -20.55 5.32 -25.88
CA SER N 230 -20.82 6.60 -25.27
C SER N 230 -20.19 7.73 -26.07
N ASN N 231 -19.10 7.45 -26.78
CA ASN N 231 -18.49 8.44 -27.65
C ASN N 231 -19.30 8.59 -28.94
N GLN N 232 -19.90 7.50 -29.40
CA GLN N 232 -20.53 7.46 -30.71
C GLN N 232 -21.97 7.99 -30.60
N LEU N 233 -22.46 8.12 -29.35
CA LEU N 233 -23.88 8.37 -29.10
C LEU N 233 -24.26 9.79 -29.46
N PRO N 234 -23.62 10.85 -28.91
CA PRO N 234 -23.89 12.22 -29.34
C PRO N 234 -23.76 12.46 -30.84
N LYS N 235 -22.79 11.81 -31.49
CA LYS N 235 -22.57 11.99 -32.93
C LYS N 235 -23.76 11.48 -33.74
N PHE N 236 -24.48 10.48 -33.21
CA PHE N 236 -25.59 9.88 -33.96
C PHE N 236 -26.89 10.64 -33.64
N LYS N 237 -27.00 11.18 -32.42
CA LYS N 237 -28.14 12.02 -32.05
C LYS N 237 -28.14 13.33 -32.83
N ALA N 238 -26.95 13.82 -33.18
CA ALA N 238 -26.78 15.09 -33.88
C ALA N 238 -26.80 14.90 -35.39
N GLY N 239 -27.14 13.68 -35.86
CA GLY N 239 -27.22 13.33 -37.27
C GLY N 239 -26.06 13.87 -38.11
N SER N 240 -24.81 13.71 -37.61
CA SER N 240 -23.62 14.20 -38.30
C SER N 240 -22.92 13.06 -39.04
N VAL N 241 -23.72 12.04 -39.39
CA VAL N 241 -23.23 10.80 -39.95
C VAL N 241 -23.93 10.57 -41.28
N LYS N 242 -23.14 10.19 -42.30
CA LYS N 242 -23.61 10.12 -43.67
C LYS N 242 -23.33 8.73 -44.22
N PRO N 243 -24.37 7.94 -44.57
CA PRO N 243 -24.18 6.72 -45.37
C PRO N 243 -23.72 7.01 -46.79
N LEU N 244 -22.80 6.18 -47.31
CA LEU N 244 -22.43 6.21 -48.72
C LEU N 244 -23.26 5.15 -49.46
N LEU N 245 -24.19 5.60 -50.29
CA LEU N 245 -25.05 4.66 -51.00
C LEU N 245 -24.51 4.39 -52.39
N PHE N 246 -24.91 3.27 -52.97
CA PHE N 246 -24.57 2.92 -54.34
C PHE N 246 -25.74 3.29 -55.25
N HIS N 247 -26.91 3.58 -54.67
CA HIS N 247 -28.15 3.73 -55.40
C HIS N 247 -28.99 4.89 -54.86
N GLN N 248 -30.28 4.92 -55.21
CA GLN N 248 -31.08 6.13 -55.03
C GLN N 248 -31.87 6.10 -53.71
N PHE O 1 -79.49 29.14 -33.90
CA PHE O 1 -79.53 29.98 -32.64
C PHE O 1 -78.43 29.60 -31.64
N PRO O 2 -77.87 28.37 -31.68
CA PRO O 2 -76.55 28.08 -31.08
C PRO O 2 -75.40 28.39 -32.03
N THR O 3 -74.28 28.88 -31.50
CA THR O 3 -73.15 29.31 -32.29
C THR O 3 -72.48 28.10 -32.93
N LEU O 4 -71.73 28.34 -34.01
CA LEU O 4 -71.08 27.27 -34.75
C LEU O 4 -69.98 26.64 -33.90
N ILE O 5 -69.22 27.48 -33.16
CA ILE O 5 -68.17 26.94 -32.31
C ILE O 5 -68.78 26.01 -31.26
N SER O 6 -69.94 26.37 -30.71
CA SER O 6 -70.49 25.56 -29.64
C SER O 6 -71.00 24.22 -30.19
N LEU O 7 -71.44 24.19 -31.45
CA LEU O 7 -71.83 22.94 -32.08
C LEU O 7 -70.61 22.04 -32.25
N LEU O 8 -69.48 22.64 -32.63
CA LEU O 8 -68.27 21.86 -32.86
C LEU O 8 -67.87 21.16 -31.56
N GLU O 9 -68.06 21.86 -30.44
CA GLU O 9 -67.76 21.37 -29.12
C GLU O 9 -68.69 20.22 -28.77
N VAL O 10 -69.98 20.33 -29.10
CA VAL O 10 -70.92 19.33 -28.63
C VAL O 10 -70.76 18.04 -29.46
N ILE O 11 -70.30 18.15 -30.71
CA ILE O 11 -70.32 16.98 -31.57
C ILE O 11 -68.98 16.26 -31.54
N GLU O 12 -67.96 16.89 -30.93
CA GLU O 12 -66.64 16.29 -30.81
C GLU O 12 -66.74 14.90 -30.19
N PRO O 13 -66.19 13.86 -30.83
CA PRO O 13 -66.29 12.49 -30.31
C PRO O 13 -65.54 12.34 -28.98
N GLU O 14 -66.11 11.52 -28.10
CA GLU O 14 -65.51 11.23 -26.81
C GLU O 14 -64.35 10.26 -27.06
N VAL O 15 -63.29 10.39 -26.26
CA VAL O 15 -62.10 9.54 -26.34
C VAL O 15 -62.47 8.07 -26.18
N LEU O 16 -62.01 7.20 -27.08
CA LEU O 16 -62.24 5.77 -26.96
C LEU O 16 -61.19 5.08 -26.12
N TYR O 17 -61.58 4.01 -25.41
CA TYR O 17 -60.66 3.09 -24.76
C TYR O 17 -60.28 1.96 -25.71
N SER O 18 -59.05 1.47 -25.61
CA SER O 18 -58.65 0.32 -26.43
C SER O 18 -58.76 -0.94 -25.58
N GLY O 19 -58.70 -0.82 -24.26
CA GLY O 19 -58.59 -1.97 -23.37
C GLY O 19 -57.26 -2.70 -23.49
N TYR O 20 -56.24 -2.03 -24.03
CA TYR O 20 -54.86 -2.51 -24.01
C TYR O 20 -54.45 -2.86 -22.58
N ASP O 21 -53.68 -3.92 -22.41
CA ASP O 21 -53.00 -4.24 -21.16
C ASP O 21 -51.57 -3.69 -21.20
N SER O 22 -51.34 -2.53 -20.56
CA SER O 22 -50.03 -1.90 -20.64
C SER O 22 -48.98 -2.57 -19.76
N THR O 23 -49.38 -3.62 -19.06
CA THR O 23 -48.56 -4.37 -18.13
C THR O 23 -47.54 -5.23 -18.86
N LEU O 24 -47.99 -5.89 -19.96
CA LEU O 24 -47.10 -6.79 -20.68
C LEU O 24 -46.34 -5.97 -21.71
N PRO O 25 -45.06 -6.33 -22.02
CA PRO O 25 -44.34 -5.69 -23.11
C PRO O 25 -44.97 -6.04 -24.46
N ASP O 26 -44.75 -5.16 -25.46
CA ASP O 26 -45.33 -5.26 -26.77
C ASP O 26 -44.44 -6.21 -27.61
N THR O 27 -45.02 -6.54 -28.76
CA THR O 27 -44.27 -6.79 -30.00
C THR O 27 -44.81 -5.84 -31.08
N SER O 28 -43.96 -5.55 -32.07
CA SER O 28 -44.33 -4.67 -33.17
C SER O 28 -45.65 -5.09 -33.80
N THR O 29 -45.76 -6.38 -34.21
CA THR O 29 -46.98 -6.81 -34.89
C THR O 29 -48.20 -6.60 -33.98
N ARG O 30 -48.05 -6.98 -32.70
CA ARG O 30 -49.18 -6.94 -31.80
C ARG O 30 -49.66 -5.50 -31.62
N LEU O 31 -48.69 -4.60 -31.41
CA LEU O 31 -48.97 -3.21 -31.12
C LEU O 31 -49.68 -2.58 -32.34
N MET O 32 -49.09 -2.77 -33.54
CA MET O 32 -49.63 -2.18 -34.73
C MET O 32 -51.03 -2.71 -34.98
N SER O 33 -51.24 -4.01 -34.76
CA SER O 33 -52.57 -4.57 -34.93
C SER O 33 -53.55 -3.92 -33.94
N THR O 34 -53.10 -3.70 -32.70
CA THR O 34 -53.99 -3.11 -31.72
C THR O 34 -54.36 -1.69 -32.13
N LEU O 35 -53.34 -0.92 -32.52
CA LEU O 35 -53.54 0.44 -32.95
C LEU O 35 -54.50 0.48 -34.13
N ASN O 36 -54.38 -0.46 -35.07
CA ASN O 36 -55.27 -0.44 -36.22
C ASN O 36 -56.70 -0.72 -35.78
N ARG O 37 -56.89 -1.67 -34.88
CA ARG O 37 -58.21 -2.05 -34.41
C ARG O 37 -58.87 -0.83 -33.75
N LEU O 38 -58.05 -0.08 -32.99
CA LEU O 38 -58.49 1.13 -32.33
C LEU O 38 -58.84 2.21 -33.37
N GLY O 39 -57.96 2.36 -34.37
CA GLY O 39 -58.16 3.31 -35.46
C GLY O 39 -59.48 3.08 -36.19
N GLY O 40 -59.81 1.81 -36.45
CA GLY O 40 -61.07 1.47 -37.08
C GLY O 40 -62.23 2.12 -36.34
N ARG O 41 -62.25 1.95 -35.02
CA ARG O 41 -63.34 2.47 -34.19
C ARG O 41 -63.29 3.99 -34.18
N GLN O 42 -62.07 4.57 -34.13
CA GLN O 42 -61.92 6.01 -34.12
C GLN O 42 -62.47 6.61 -35.42
N VAL O 43 -62.26 5.90 -36.54
CA VAL O 43 -62.70 6.38 -37.83
C VAL O 43 -64.23 6.36 -37.91
N VAL O 44 -64.85 5.25 -37.47
CA VAL O 44 -66.30 5.23 -37.38
C VAL O 44 -66.81 6.42 -36.57
N SER O 45 -66.13 6.74 -35.46
CA SER O 45 -66.51 7.90 -34.67
C SER O 45 -66.44 9.16 -35.52
N ALA O 46 -65.41 9.24 -36.38
CA ALA O 46 -65.17 10.44 -37.15
C ALA O 46 -66.23 10.58 -38.24
N VAL O 47 -66.64 9.45 -38.80
CA VAL O 47 -67.69 9.48 -39.81
C VAL O 47 -68.98 10.02 -39.19
N LYS O 48 -69.36 9.49 -38.01
CA LYS O 48 -70.58 9.95 -37.37
C LYS O 48 -70.46 11.44 -37.07
N TRP O 49 -69.23 11.89 -36.81
CA TRP O 49 -68.95 13.27 -36.50
C TRP O 49 -69.16 14.13 -37.74
N ALA O 50 -68.59 13.68 -38.86
CA ALA O 50 -68.72 14.37 -40.13
C ALA O 50 -70.20 14.55 -40.48
N LYS O 51 -71.00 13.47 -40.35
CA LYS O 51 -72.40 13.57 -40.72
C LYS O 51 -73.13 14.63 -39.91
N ALA O 52 -72.59 15.04 -38.76
CA ALA O 52 -73.27 16.06 -37.95
C ALA O 52 -72.56 17.40 -38.08
N LEU O 53 -71.50 17.44 -38.88
CA LEU O 53 -70.75 18.65 -39.08
C LEU O 53 -71.57 19.63 -39.92
N PRO O 54 -71.87 20.83 -39.38
CA PRO O 54 -72.61 21.85 -40.13
C PRO O 54 -71.91 22.12 -41.47
N GLY O 55 -72.68 21.98 -42.54
CA GLY O 55 -72.17 22.19 -43.90
C GLY O 55 -71.99 20.86 -44.62
N PHE O 56 -71.39 19.89 -43.93
CA PHE O 56 -70.84 18.73 -44.60
C PHE O 56 -71.91 17.97 -45.38
N ARG O 57 -73.14 17.90 -44.85
CA ARG O 57 -74.16 17.06 -45.49
C ARG O 57 -74.65 17.64 -46.82
N ASN O 58 -74.30 18.89 -47.10
CA ASN O 58 -74.67 19.55 -48.36
C ASN O 58 -73.79 19.09 -49.52
N LEU O 59 -72.60 18.54 -49.26
CA LEU O 59 -71.73 18.06 -50.33
C LEU O 59 -72.38 16.88 -51.02
N HIS O 60 -71.98 16.61 -52.26
CA HIS O 60 -72.46 15.42 -52.94
C HIS O 60 -71.99 14.21 -52.15
N LEU O 61 -72.77 13.13 -52.15
CA LEU O 61 -72.39 11.93 -51.44
C LEU O 61 -70.98 11.50 -51.79
N ASP O 62 -70.60 11.65 -53.06
CA ASP O 62 -69.32 11.14 -53.56
C ASP O 62 -68.18 12.02 -53.07
N ASP O 63 -68.50 13.28 -52.76
CA ASP O 63 -67.51 14.20 -52.24
C ASP O 63 -67.27 13.91 -50.76
N GLN O 64 -68.32 13.46 -50.09
CA GLN O 64 -68.24 13.05 -48.69
C GLN O 64 -67.29 11.87 -48.60
N MET O 65 -67.57 10.83 -49.37
CA MET O 65 -66.73 9.65 -49.45
C MET O 65 -65.29 10.05 -49.73
N THR O 66 -65.11 11.03 -50.61
CA THR O 66 -63.77 11.37 -51.07
C THR O 66 -62.99 12.03 -49.96
N LEU O 67 -63.60 13.03 -49.31
CA LEU O 67 -62.91 13.81 -48.30
C LEU O 67 -62.57 12.95 -47.08
N LEU O 68 -63.46 12.02 -46.71
CA LEU O 68 -63.18 11.16 -45.59
C LEU O 68 -62.06 10.17 -45.93
N GLN O 69 -62.09 9.58 -47.12
CA GLN O 69 -61.02 8.68 -47.53
C GLN O 69 -59.68 9.42 -47.60
N TYR O 70 -59.68 10.68 -48.01
CA TYR O 70 -58.42 11.34 -48.30
C TYR O 70 -57.82 11.85 -46.99
N SER O 71 -58.63 11.97 -45.95
CA SER O 71 -58.15 12.74 -44.80
C SER O 71 -58.25 12.00 -43.46
N TRP O 72 -58.69 10.73 -43.46
CA TRP O 72 -58.88 10.04 -42.20
C TRP O 72 -57.59 10.01 -41.38
N MET O 73 -56.48 9.66 -42.03
CA MET O 73 -55.22 9.64 -41.31
C MET O 73 -54.89 11.00 -40.70
N SER O 74 -55.20 12.10 -41.39
CA SER O 74 -54.90 13.42 -40.84
C SER O 74 -55.70 13.65 -39.56
N LEU O 75 -56.99 13.32 -39.62
CA LEU O 75 -57.88 13.50 -38.49
C LEU O 75 -57.36 12.70 -37.30
N MET O 76 -57.01 11.43 -37.53
CA MET O 76 -56.61 10.59 -36.42
C MET O 76 -55.31 11.08 -35.81
N ALA O 77 -54.34 11.44 -36.67
CA ALA O 77 -53.05 11.89 -36.21
C ALA O 77 -53.17 13.21 -35.44
N PHE O 78 -54.07 14.08 -35.91
CA PHE O 78 -54.23 15.38 -35.31
C PHE O 78 -54.82 15.20 -33.91
N SER O 79 -55.87 14.37 -33.78
CA SER O 79 -56.48 14.10 -32.48
C SER O 79 -55.45 13.49 -31.53
N LEU O 80 -54.65 12.56 -32.03
CA LEU O 80 -53.60 11.95 -31.24
C LEU O 80 -52.69 13.05 -30.70
N GLY O 81 -52.28 13.96 -31.59
CA GLY O 81 -51.46 15.09 -31.19
C GLY O 81 -52.10 15.86 -30.04
N TRP O 82 -53.39 16.14 -30.18
CA TRP O 82 -54.11 16.93 -29.20
C TRP O 82 -54.10 16.21 -27.85
N ARG O 83 -54.52 14.94 -27.85
CA ARG O 83 -54.59 14.15 -26.63
C ARG O 83 -53.20 14.08 -26.00
N SER O 84 -52.14 13.90 -26.80
CA SER O 84 -50.81 13.76 -26.27
C SER O 84 -50.37 15.06 -25.59
N TYR O 85 -50.73 16.19 -26.21
CA TYR O 85 -50.46 17.52 -25.69
C TYR O 85 -51.20 17.74 -24.38
N LYS O 86 -52.48 17.35 -24.36
CA LYS O 86 -53.33 17.61 -23.22
C LYS O 86 -52.92 16.74 -22.03
N GLN O 87 -52.55 15.47 -22.24
CA GLN O 87 -52.44 14.54 -21.12
C GLN O 87 -51.00 14.45 -20.63
N SER O 88 -50.00 14.81 -21.45
CA SER O 88 -48.63 14.54 -21.08
C SER O 88 -47.69 15.61 -21.60
N ASN O 89 -48.26 16.74 -22.02
CA ASN O 89 -47.50 17.86 -22.56
C ASN O 89 -46.54 17.38 -23.65
N GLY O 90 -46.99 16.44 -24.47
CA GLY O 90 -46.24 16.05 -25.67
C GLY O 90 -45.14 15.04 -25.39
N ASN O 91 -45.06 14.51 -24.16
CA ASN O 91 -43.99 13.61 -23.79
C ASN O 91 -44.27 12.16 -24.19
N MET O 92 -45.54 11.74 -24.14
CA MET O 92 -45.92 10.39 -24.53
C MET O 92 -47.05 10.48 -25.55
N LEU O 93 -47.24 9.40 -26.31
CA LEU O 93 -48.33 9.30 -27.26
C LEU O 93 -49.58 8.76 -26.56
N PHE O 95 -52.66 7.40 -27.21
CA PHE O 95 -53.56 6.81 -28.18
C PHE O 95 -54.95 6.66 -27.58
N ALA O 96 -55.00 6.10 -26.38
CA ALA O 96 -56.21 6.04 -25.56
C ALA O 96 -55.80 6.28 -24.11
N PRO O 97 -56.74 6.58 -23.19
CA PRO O 97 -56.41 6.76 -21.78
C PRO O 97 -55.80 5.49 -21.20
N ASP O 98 -56.12 4.33 -21.79
CA ASP O 98 -55.64 3.05 -21.32
C ASP O 98 -54.57 2.49 -22.26
N LEU O 99 -54.00 3.34 -23.12
CA LEU O 99 -52.95 2.90 -24.04
C LEU O 99 -52.03 4.07 -24.38
N VAL O 100 -51.00 4.23 -23.56
CA VAL O 100 -50.09 5.35 -23.61
C VAL O 100 -48.70 4.78 -23.90
N ILE O 101 -48.10 5.22 -25.00
CA ILE O 101 -46.78 4.78 -25.41
C ILE O 101 -45.80 5.87 -25.00
N ASN O 102 -44.90 5.53 -24.07
CA ASN O 102 -43.87 6.45 -23.62
C ASN O 102 -42.55 6.11 -24.34
N GLU O 103 -41.48 6.81 -23.95
CA GLU O 103 -40.17 6.67 -24.60
C GLU O 103 -39.76 5.20 -24.65
N GLU O 104 -39.96 4.49 -23.53
CA GLU O 104 -39.52 3.09 -23.45
C GLU O 104 -40.28 2.20 -24.44
N ARG O 105 -41.61 2.32 -24.45
CA ARG O 105 -42.42 1.41 -25.25
C ARG O 105 -42.18 1.59 -26.76
N MET O 106 -41.61 2.74 -27.15
CA MET O 106 -41.42 3.09 -28.56
C MET O 106 -40.27 2.30 -29.18
N GLN O 107 -39.46 1.63 -28.33
CA GLN O 107 -38.22 1.03 -28.78
C GLN O 107 -38.30 -0.11 -29.78
N LEU O 108 -39.48 -0.54 -30.11
CA LEU O 108 -39.68 -1.68 -31.01
C LEU O 108 -39.18 -1.34 -32.42
N PRO O 109 -38.66 -2.34 -33.17
CA PRO O 109 -38.38 -2.17 -34.60
C PRO O 109 -39.59 -1.65 -35.36
N TYR O 110 -39.36 -0.67 -36.23
CA TYR O 110 -40.33 -0.04 -37.10
C TYR O 110 -41.18 0.99 -36.35
N MET O 111 -41.43 0.75 -35.03
CA MET O 111 -42.26 1.66 -34.27
C MET O 111 -41.49 2.91 -33.92
N TYR O 112 -40.17 2.85 -33.66
CA TYR O 112 -39.45 4.03 -33.24
C TYR O 112 -39.62 5.19 -34.20
N ASP O 113 -39.42 4.92 -35.48
CA ASP O 113 -39.45 5.96 -36.50
C ASP O 113 -40.85 6.58 -36.59
N GLN O 114 -41.86 5.74 -36.68
CA GLN O 114 -43.22 6.22 -36.84
C GLN O 114 -43.64 7.02 -35.61
N CYS O 115 -43.23 6.62 -34.42
CA CYS O 115 -43.62 7.33 -33.20
C CYS O 115 -42.95 8.68 -33.11
N GLN O 116 -41.71 8.79 -33.60
CA GLN O 116 -40.96 10.05 -33.59
C GLN O 116 -41.74 11.08 -34.41
N GLN O 117 -42.27 10.63 -35.57
CA GLN O 117 -43.10 11.41 -36.45
C GLN O 117 -44.34 11.95 -35.74
N MET O 118 -45.07 11.09 -35.03
CA MET O 118 -46.35 11.46 -34.42
C MET O 118 -46.12 12.41 -33.25
N LEU O 119 -44.94 12.34 -32.63
CA LEU O 119 -44.61 13.21 -31.53
C LEU O 119 -44.36 14.64 -32.02
N LYS O 120 -43.93 14.79 -33.29
CA LYS O 120 -43.68 16.10 -33.86
C LYS O 120 -44.96 16.92 -33.81
N ILE O 121 -46.06 16.32 -34.25
CA ILE O 121 -47.37 16.96 -34.20
C ILE O 121 -47.68 17.41 -32.79
N SER O 122 -47.41 16.54 -31.82
CA SER O 122 -47.75 16.87 -30.45
C SER O 122 -47.01 18.12 -30.02
N SER O 123 -45.71 18.21 -30.32
CA SER O 123 -44.91 19.29 -29.78
C SER O 123 -45.23 20.62 -30.47
N GLU O 124 -45.78 20.53 -31.70
CA GLU O 124 -46.32 21.72 -32.36
C GLU O 124 -47.41 22.35 -31.50
N PHE O 125 -48.37 21.55 -31.05
CA PHE O 125 -49.39 22.07 -30.15
C PHE O 125 -48.73 22.69 -28.92
N VAL O 126 -47.64 22.08 -28.42
CA VAL O 126 -46.99 22.56 -27.22
C VAL O 126 -46.35 23.93 -27.48
N ARG O 127 -45.61 24.01 -28.60
CA ARG O 127 -44.92 25.24 -28.98
C ARG O 127 -45.90 26.40 -29.09
N LEU O 128 -46.99 26.19 -29.84
CA LEU O 128 -47.94 27.25 -30.17
C LEU O 128 -48.99 27.46 -29.08
N GLN O 129 -48.98 26.62 -28.04
CA GLN O 129 -50.01 26.67 -26.99
C GLN O 129 -51.41 26.78 -27.58
N VAL O 130 -51.77 25.84 -28.48
CA VAL O 130 -53.07 25.82 -29.14
C VAL O 130 -54.18 25.66 -28.12
N SER O 131 -55.30 26.34 -28.38
CA SER O 131 -56.48 26.29 -27.54
C SER O 131 -57.48 25.29 -28.12
N TYR O 132 -58.43 24.88 -27.28
CA TYR O 132 -59.41 23.87 -27.69
C TYR O 132 -60.17 24.33 -28.93
N ASP O 133 -60.63 25.59 -28.91
CA ASP O 133 -61.43 26.09 -30.01
C ASP O 133 -60.60 26.15 -31.29
N GLU O 134 -59.35 26.59 -31.17
CA GLU O 134 -58.45 26.62 -32.31
C GLU O 134 -58.34 25.20 -32.89
N TYR O 135 -58.12 24.23 -32.00
CA TYR O 135 -57.96 22.84 -32.37
C TYR O 135 -59.20 22.35 -33.14
N LEU O 136 -60.39 22.67 -32.62
CA LEU O 136 -61.62 22.11 -33.18
C LEU O 136 -61.82 22.57 -34.61
N CYS O 137 -61.42 23.83 -34.88
CA CYS O 137 -61.61 24.45 -36.19
C CYS O 137 -60.58 23.92 -37.17
N MET O 138 -59.32 23.89 -36.73
CA MET O 138 -58.25 23.33 -37.53
C MET O 138 -58.62 21.91 -37.94
N LYS O 139 -59.23 21.16 -37.02
CA LYS O 139 -59.54 19.77 -37.32
C LYS O 139 -60.50 19.71 -38.50
N VAL O 140 -61.48 20.63 -38.53
CA VAL O 140 -62.46 20.63 -39.60
C VAL O 140 -61.74 20.94 -40.92
N LEU O 141 -60.80 21.90 -40.85
CA LEU O 141 -60.06 22.30 -42.03
C LEU O 141 -59.28 21.11 -42.62
N LEU O 142 -58.76 20.23 -41.76
CA LEU O 142 -58.03 19.07 -42.24
C LEU O 142 -58.91 18.16 -43.08
N LEU O 143 -60.19 18.06 -42.70
CA LEU O 143 -61.13 17.23 -43.44
C LEU O 143 -61.27 17.80 -44.86
N LEU O 144 -61.09 19.12 -44.96
CA LEU O 144 -61.30 19.86 -46.20
C LEU O 144 -59.97 20.29 -46.82
N SER O 145 -58.92 19.48 -46.68
CA SER O 145 -57.62 19.98 -47.06
C SER O 145 -56.95 19.09 -48.08
N THR O 146 -57.64 18.02 -48.51
CA THR O 146 -57.06 17.15 -49.52
C THR O 146 -58.17 16.72 -50.48
N VAL O 147 -58.00 17.09 -51.75
CA VAL O 147 -59.01 16.93 -52.78
C VAL O 147 -58.40 16.18 -53.95
N PRO O 148 -59.22 15.58 -54.85
CA PRO O 148 -58.72 14.88 -56.03
C PRO O 148 -58.17 15.94 -56.99
N LYS O 149 -57.30 15.54 -57.93
CA LYS O 149 -56.50 16.52 -58.67
C LYS O 149 -57.39 17.33 -59.60
N ASP O 150 -58.50 16.72 -60.03
CA ASP O 150 -59.43 17.33 -60.96
C ASP O 150 -60.75 17.65 -60.25
N GLY O 151 -60.68 18.06 -58.98
CA GLY O 151 -61.77 18.69 -58.26
C GLY O 151 -62.92 17.75 -57.87
N LEU O 152 -64.01 18.37 -57.39
CA LEU O 152 -65.10 17.66 -56.74
C LEU O 152 -66.41 17.89 -57.49
N LYS O 153 -67.36 16.98 -57.31
CA LYS O 153 -68.67 17.04 -57.92
C LYS O 153 -69.46 18.28 -57.50
N SER O 154 -69.12 18.91 -56.37
CA SER O 154 -69.87 20.10 -55.96
C SER O 154 -68.91 21.13 -55.35
N GLN O 155 -67.96 21.55 -56.18
CA GLN O 155 -66.94 22.53 -55.83
C GLN O 155 -67.59 23.82 -55.31
N ALA O 156 -68.78 24.13 -55.84
CA ALA O 156 -69.60 25.23 -55.39
C ALA O 156 -69.62 25.29 -53.86
N VAL O 157 -70.25 24.25 -53.27
CA VAL O 157 -70.58 24.14 -51.87
C VAL O 157 -69.30 24.00 -51.05
N PHE O 158 -68.38 23.17 -51.54
CA PHE O 158 -67.11 22.92 -50.89
C PHE O 158 -66.44 24.25 -50.53
N ASP O 159 -66.33 25.15 -51.51
CA ASP O 159 -65.56 26.37 -51.33
C ASP O 159 -66.20 27.23 -50.25
N GLU O 160 -67.54 27.20 -50.18
CA GLU O 160 -68.27 27.97 -49.19
C GLU O 160 -67.99 27.43 -47.79
N ILE O 161 -68.14 26.10 -47.62
CA ILE O 161 -67.85 25.41 -46.37
C ILE O 161 -66.45 25.78 -45.89
N ARG O 162 -65.46 25.57 -46.78
CA ARG O 162 -64.07 25.80 -46.45
C ARG O 162 -63.90 27.22 -45.90
N MET O 163 -64.62 28.17 -46.49
CA MET O 163 -64.49 29.58 -46.15
C MET O 163 -65.11 29.84 -44.77
N THR O 164 -66.27 29.23 -44.51
CA THR O 164 -66.93 29.36 -43.22
C THR O 164 -65.99 28.96 -42.09
N TYR O 165 -65.32 27.80 -42.25
CA TYR O 165 -64.48 27.29 -41.18
C TYR O 165 -63.17 28.08 -41.06
N ILE O 166 -62.68 28.64 -42.17
CA ILE O 166 -61.53 29.54 -42.06
C ILE O 166 -61.92 30.75 -41.22
N LYS O 167 -63.11 31.30 -41.48
CA LYS O 167 -63.61 32.44 -40.72
C LYS O 167 -63.67 32.05 -39.25
N GLU O 168 -64.15 30.82 -39.01
CA GLU O 168 -64.36 30.30 -37.67
C GLU O 168 -63.04 30.21 -36.90
N LEU O 169 -62.02 29.67 -37.58
CA LEU O 169 -60.69 29.63 -36.98
C LEU O 169 -60.30 31.05 -36.57
N GLY O 170 -60.63 32.02 -37.45
CA GLY O 170 -60.41 33.44 -37.17
C GLY O 170 -61.00 33.86 -35.84
N LYS O 171 -62.31 33.62 -35.64
CA LYS O 171 -62.98 34.01 -34.42
C LYS O 171 -62.28 33.41 -33.22
N ALA O 172 -61.87 32.14 -33.36
CA ALA O 172 -61.23 31.40 -32.28
C ALA O 172 -59.92 32.08 -31.88
N ILE O 173 -59.16 32.54 -32.88
CA ILE O 173 -57.89 33.21 -32.61
C ILE O 173 -58.14 34.53 -31.89
N VAL O 174 -59.11 35.30 -32.38
CA VAL O 174 -59.47 36.60 -31.85
C VAL O 174 -59.89 36.45 -30.39
N LYS O 175 -60.71 35.44 -30.10
CA LYS O 175 -61.23 35.19 -28.75
C LYS O 175 -60.07 34.96 -27.76
N ARG O 176 -58.92 34.53 -28.26
CA ARG O 176 -57.78 34.26 -27.40
C ARG O 176 -57.01 35.56 -26.98
N GLU O 177 -57.19 36.88 -27.35
CA GLU O 177 -56.06 37.83 -27.58
C GLU O 177 -56.42 39.31 -27.39
N GLN O 182 -57.85 41.22 -34.79
CA GLN O 182 -57.34 39.86 -35.15
C GLN O 182 -55.90 39.72 -34.66
N ASN O 183 -55.44 38.47 -34.50
CA ASN O 183 -54.04 38.16 -34.25
C ASN O 183 -53.44 37.55 -35.53
N TRP O 184 -52.72 38.36 -36.29
CA TRP O 184 -52.50 38.01 -37.69
C TRP O 184 -51.33 37.03 -37.78
N GLN O 185 -50.38 37.23 -36.86
CA GLN O 185 -49.19 36.40 -36.81
C GLN O 185 -49.62 34.97 -36.45
N ARG O 186 -50.55 34.87 -35.50
CA ARG O 186 -51.09 33.61 -35.03
C ARG O 186 -51.77 32.90 -36.20
N PHE O 187 -52.64 33.62 -36.91
CA PHE O 187 -53.36 33.02 -38.02
C PHE O 187 -52.37 32.40 -39.01
N TYR O 188 -51.21 33.03 -39.15
CA TYR O 188 -50.22 32.56 -40.09
C TYR O 188 -49.63 31.24 -39.60
N GLN O 189 -49.22 31.26 -38.32
CA GLN O 189 -48.63 30.13 -37.63
C GLN O 189 -49.53 28.91 -37.71
N LEU O 190 -50.82 29.11 -37.42
CA LEU O 190 -51.76 27.99 -37.38
C LEU O 190 -52.02 27.46 -38.80
N THR O 191 -52.01 28.37 -39.79
CA THR O 191 -52.23 27.92 -41.15
C THR O 191 -50.94 27.26 -41.68
N LYS O 192 -49.78 27.72 -41.17
CA LYS O 192 -48.52 27.08 -41.51
C LYS O 192 -48.52 25.63 -40.99
N LEU O 193 -49.02 25.44 -39.77
CA LEU O 193 -49.14 24.13 -39.14
C LEU O 193 -50.04 23.23 -39.98
N LEU O 194 -51.22 23.74 -40.37
CA LEU O 194 -52.12 22.95 -41.18
C LEU O 194 -51.42 22.49 -42.46
N ASP O 195 -50.52 23.35 -42.96
CA ASP O 195 -49.86 23.06 -44.22
C ASP O 195 -48.86 21.94 -44.00
N SER O 196 -48.08 22.07 -42.92
CA SER O 196 -47.02 21.10 -42.63
C SER O 196 -47.59 19.72 -42.34
N MET O 197 -48.90 19.65 -42.04
CA MET O 197 -49.55 18.38 -41.77
C MET O 197 -49.52 17.45 -42.98
N HIS O 198 -49.55 17.99 -44.20
CA HIS O 198 -49.59 17.12 -45.37
C HIS O 198 -48.34 16.27 -45.47
N GLU O 199 -47.19 16.86 -45.15
CA GLU O 199 -45.92 16.15 -45.18
C GLU O 199 -45.89 15.10 -44.08
N MET O 200 -46.16 15.51 -42.82
CA MET O 200 -46.10 14.62 -41.67
C MET O 200 -47.00 13.41 -41.88
N VAL O 201 -48.24 13.67 -42.30
CA VAL O 201 -49.23 12.63 -42.51
C VAL O 201 -48.79 11.72 -43.66
N GLY O 202 -48.22 12.33 -44.71
CA GLY O 202 -47.74 11.57 -45.87
C GLY O 202 -46.80 10.46 -45.43
N GLY O 203 -45.90 10.79 -44.47
CA GLY O 203 -45.02 9.81 -43.84
C GLY O 203 -45.79 8.63 -43.27
N LEU O 204 -46.74 8.92 -42.38
CA LEU O 204 -47.57 7.91 -41.76
C LEU O 204 -48.29 7.10 -42.82
N LEU O 205 -48.84 7.78 -43.84
CA LEU O 205 -49.62 7.11 -44.86
C LEU O 205 -48.74 6.07 -45.56
N GLN O 206 -47.45 6.39 -45.70
CA GLN O 206 -46.54 5.49 -46.36
C GLN O 206 -46.32 4.22 -45.55
N PHE O 207 -46.07 4.37 -44.23
CA PHE O 207 -45.91 3.20 -43.39
C PHE O 207 -47.17 2.36 -43.41
N CYS O 208 -48.32 3.04 -43.40
CA CYS O 208 -49.60 2.37 -43.38
C CYS O 208 -49.75 1.48 -44.61
N PHE O 209 -49.51 2.07 -45.80
CA PHE O 209 -49.61 1.32 -47.04
C PHE O 209 -48.62 0.16 -47.06
N TYR O 210 -47.40 0.41 -46.56
CA TYR O 210 -46.39 -0.63 -46.49
C TYR O 210 -46.88 -1.81 -45.67
N THR O 211 -47.32 -1.55 -44.43
CA THR O 211 -47.71 -2.64 -43.55
C THR O 211 -48.99 -3.31 -44.06
N PHE O 212 -49.77 -2.59 -44.87
CA PHE O 212 -51.01 -3.16 -45.39
C PHE O 212 -50.73 -4.13 -46.52
N VAL O 213 -49.76 -3.80 -47.37
CA VAL O 213 -49.51 -4.52 -48.61
C VAL O 213 -48.62 -5.74 -48.32
N ASN O 214 -47.66 -5.55 -47.43
CA ASN O 214 -46.59 -6.51 -47.21
C ASN O 214 -47.03 -7.57 -46.20
N LYS O 215 -47.67 -8.62 -46.73
CA LYS O 215 -48.30 -9.69 -45.97
C LYS O 215 -47.36 -10.38 -44.98
N SER O 216 -46.06 -10.39 -45.25
CA SER O 216 -45.12 -11.12 -44.40
C SER O 216 -44.99 -10.53 -42.99
N LEU O 217 -45.38 -9.27 -42.81
CA LEU O 217 -45.29 -8.61 -41.51
C LEU O 217 -46.45 -9.06 -40.60
N SER O 218 -47.49 -9.63 -41.20
CA SER O 218 -48.62 -10.21 -40.48
C SER O 218 -49.39 -9.18 -39.65
N VAL O 219 -49.39 -7.92 -40.09
CA VAL O 219 -50.10 -6.87 -39.38
C VAL O 219 -51.57 -6.94 -39.78
N GLU O 220 -52.49 -6.94 -38.80
CA GLU O 220 -53.90 -7.04 -39.09
C GLU O 220 -54.55 -5.66 -39.18
N PHE O 221 -55.62 -5.59 -39.96
CA PHE O 221 -56.39 -4.37 -40.16
C PHE O 221 -57.87 -4.71 -40.03
N PRO O 222 -58.69 -3.92 -39.33
CA PRO O 222 -60.13 -4.20 -39.31
C PRO O 222 -60.74 -3.87 -40.67
N GLU O 223 -61.90 -4.49 -40.97
CA GLU O 223 -62.55 -4.36 -42.26
C GLU O 223 -62.72 -2.89 -42.67
N MET O 224 -63.21 -2.06 -41.74
CA MET O 224 -63.43 -0.66 -41.99
C MET O 224 -62.22 -0.03 -42.69
N LEU O 225 -61.03 -0.17 -42.06
CA LEU O 225 -59.82 0.44 -42.57
C LEU O 225 -59.33 -0.25 -43.84
N ALA O 226 -59.43 -1.58 -43.88
CA ALA O 226 -58.96 -2.36 -45.03
C ALA O 226 -59.65 -1.87 -46.29
N GLU O 227 -61.00 -1.84 -46.27
CA GLU O 227 -61.79 -1.33 -47.37
C GLU O 227 -61.29 0.05 -47.80
N ILE O 228 -61.12 0.96 -46.83
CA ILE O 228 -60.72 2.33 -47.16
C ILE O 228 -59.32 2.32 -47.75
N ILE O 229 -58.37 1.67 -47.09
CA ILE O 229 -56.98 1.72 -47.52
C ILE O 229 -56.87 1.17 -48.94
N SER O 230 -57.49 0.02 -49.20
CA SER O 230 -57.26 -0.65 -50.47
C SER O 230 -57.84 0.16 -51.62
N ASN O 231 -58.90 0.94 -51.36
CA ASN O 231 -59.46 1.80 -52.38
C ASN O 231 -58.57 3.04 -52.57
N GLN O 232 -57.96 3.49 -51.48
CA GLN O 232 -57.26 4.77 -51.48
C GLN O 232 -55.83 4.56 -51.99
N LEU O 233 -55.40 3.31 -52.09
CA LEU O 233 -54.00 2.97 -52.32
C LEU O 233 -53.59 3.27 -53.76
N PRO O 234 -54.27 2.73 -54.80
CA PRO O 234 -54.00 3.10 -56.19
C PRO O 234 -54.07 4.60 -56.48
N LYS O 235 -55.01 5.31 -55.82
CA LYS O 235 -55.19 6.74 -56.01
C LYS O 235 -53.97 7.52 -55.55
N PHE O 236 -53.23 7.00 -54.55
CA PHE O 236 -52.09 7.71 -54.00
C PHE O 236 -50.83 7.33 -54.79
N LYS O 237 -50.76 6.09 -55.29
CA LYS O 237 -49.65 5.66 -56.14
C LYS O 237 -49.66 6.42 -57.46
N ALA O 238 -50.85 6.80 -57.95
CA ALA O 238 -51.02 7.47 -59.23
C ALA O 238 -50.95 9.00 -59.07
N GLY O 239 -50.58 9.48 -57.88
CA GLY O 239 -50.49 10.89 -57.55
C GLY O 239 -51.62 11.76 -58.10
N SER O 240 -52.88 11.30 -57.92
CA SER O 240 -54.07 12.00 -58.41
C SER O 240 -54.73 12.77 -57.27
N VAL O 241 -53.90 13.15 -56.28
CA VAL O 241 -54.34 13.75 -55.04
C VAL O 241 -53.63 15.08 -54.88
N LYS O 242 -54.39 16.11 -54.51
CA LYS O 242 -53.88 17.47 -54.46
C LYS O 242 -54.11 18.05 -53.06
N PRO O 243 -53.05 18.35 -52.28
CA PRO O 243 -53.19 19.15 -51.06
C PRO O 243 -53.63 20.59 -51.33
N LEU O 244 -54.53 21.12 -50.48
CA LEU O 244 -54.88 22.53 -50.51
C LEU O 244 -54.03 23.27 -49.48
N LEU O 245 -53.09 24.09 -49.96
CA LEU O 245 -52.22 24.81 -49.06
C LEU O 245 -52.76 26.21 -48.82
N PHE O 246 -52.33 26.82 -47.72
CA PHE O 246 -52.65 28.21 -47.41
C PHE O 246 -51.48 29.09 -47.85
N HIS O 247 -50.31 28.48 -48.13
CA HIS O 247 -49.06 29.20 -48.34
C HIS O 247 -48.24 28.49 -49.40
N GLN O 248 -46.91 28.69 -49.42
CA GLN O 248 -45.95 27.62 -49.67
C GLN O 248 -44.61 27.92 -48.97
N PHE P 1 -70.95 -5.86 -49.67
CA PHE P 1 -72.15 -5.32 -48.93
C PHE P 1 -72.16 -5.85 -47.49
N PRO P 2 -72.17 -4.96 -46.45
CA PRO P 2 -72.18 -5.41 -45.05
C PRO P 2 -73.61 -5.60 -44.52
N THR P 3 -73.78 -6.59 -43.62
CA THR P 3 -75.10 -6.93 -43.09
C THR P 3 -75.60 -5.80 -42.19
N LEU P 4 -76.93 -5.73 -42.02
CA LEU P 4 -77.53 -4.67 -41.23
C LEU P 4 -77.15 -4.83 -39.75
N ILE P 5 -77.13 -6.08 -39.27
CA ILE P 5 -76.76 -6.31 -37.88
C ILE P 5 -75.33 -5.81 -37.65
N SER P 6 -74.43 -6.04 -38.61
CA SER P 6 -73.05 -5.67 -38.37
C SER P 6 -72.89 -4.15 -38.36
N LEU P 7 -73.73 -3.44 -39.12
CA LEU P 7 -73.72 -1.98 -39.09
C LEU P 7 -74.19 -1.48 -37.72
N LEU P 8 -75.20 -2.14 -37.18
CA LEU P 8 -75.74 -1.73 -35.89
C LEU P 8 -74.66 -1.81 -34.82
N GLU P 9 -73.82 -2.85 -34.94
CA GLU P 9 -72.70 -3.08 -34.04
C GLU P 9 -71.66 -1.99 -34.20
N VAL P 10 -71.37 -1.59 -35.44
CA VAL P 10 -70.27 -0.66 -35.64
C VAL P 10 -70.68 0.75 -35.21
N ILE P 11 -71.97 1.07 -35.27
CA ILE P 11 -72.37 2.46 -35.06
C ILE P 11 -72.78 2.69 -33.61
N GLU P 12 -72.90 1.60 -32.83
CA GLU P 12 -73.26 1.70 -31.43
C GLU P 12 -72.31 2.65 -30.72
N PRO P 13 -72.81 3.67 -30.00
CA PRO P 13 -71.94 4.62 -29.31
C PRO P 13 -71.15 3.95 -28.19
N GLU P 14 -69.90 4.40 -28.01
CA GLU P 14 -69.04 3.92 -26.95
C GLU P 14 -69.50 4.52 -25.64
N VAL P 15 -69.39 3.77 -24.54
CA VAL P 15 -69.79 4.20 -23.21
C VAL P 15 -69.07 5.48 -22.80
N LEU P 16 -69.80 6.49 -22.34
CA LEU P 16 -69.22 7.74 -21.87
C LEU P 16 -68.85 7.65 -20.39
N TYR P 17 -67.80 8.39 -19.98
CA TYR P 17 -67.47 8.63 -18.58
C TYR P 17 -68.20 9.88 -18.09
N SER P 18 -68.50 9.93 -16.79
CA SER P 18 -69.28 11.06 -16.28
C SER P 18 -68.33 12.15 -15.78
N GLY P 19 -67.11 11.76 -15.39
CA GLY P 19 -66.18 12.69 -14.76
C GLY P 19 -66.66 13.12 -13.36
N TYR P 20 -67.57 12.36 -12.77
CA TYR P 20 -67.91 12.46 -11.36
C TYR P 20 -66.66 12.34 -10.51
N ASP P 21 -66.56 13.16 -9.47
CA ASP P 21 -65.44 13.10 -8.54
C ASP P 21 -65.83 12.25 -7.32
N SER P 22 -65.37 11.01 -7.25
CA SER P 22 -65.78 10.09 -6.19
C SER P 22 -65.11 10.39 -4.85
N THR P 23 -64.22 11.41 -4.85
CA THR P 23 -63.51 11.81 -3.64
C THR P 23 -64.41 12.60 -2.69
N LEU P 24 -65.27 13.46 -3.23
CA LEU P 24 -66.13 14.34 -2.48
C LEU P 24 -67.40 13.58 -2.10
N PRO P 25 -67.97 13.87 -0.92
CA PRO P 25 -69.15 13.14 -0.45
C PRO P 25 -70.41 13.39 -1.30
N ASP P 26 -71.28 12.40 -1.30
CA ASP P 26 -72.39 12.34 -2.24
C ASP P 26 -73.54 13.18 -1.73
N THR P 27 -74.17 13.96 -2.61
CA THR P 27 -75.46 14.53 -2.27
C THR P 27 -76.45 14.23 -3.39
N SER P 28 -77.74 14.17 -3.05
CA SER P 28 -78.80 14.01 -4.02
C SER P 28 -78.69 15.02 -5.15
N THR P 29 -78.59 16.31 -4.82
CA THR P 29 -78.52 17.34 -5.85
C THR P 29 -77.34 17.08 -6.78
N ARG P 30 -76.18 16.77 -6.19
CA ARG P 30 -74.96 16.66 -6.97
C ARG P 30 -75.10 15.48 -7.93
N LEU P 31 -75.59 14.36 -7.40
CA LEU P 31 -75.70 13.13 -8.17
C LEU P 31 -76.66 13.32 -9.35
N MET P 32 -77.85 13.87 -9.06
CA MET P 32 -78.86 14.05 -10.08
C MET P 32 -78.34 15.02 -11.14
N SER P 33 -77.65 16.09 -10.70
CA SER P 33 -77.07 17.01 -11.66
C SER P 33 -76.04 16.30 -12.53
N THR P 34 -75.24 15.42 -11.93
CA THR P 34 -74.22 14.73 -12.70
C THR P 34 -74.87 13.83 -13.74
N LEU P 35 -75.87 13.07 -13.29
CA LEU P 35 -76.59 12.18 -14.18
C LEU P 35 -77.19 12.97 -15.35
N ASN P 36 -77.74 14.16 -15.07
CA ASN P 36 -78.36 14.92 -16.15
C ASN P 36 -77.29 15.40 -17.14
N ARG P 37 -76.14 15.84 -16.62
CA ARG P 37 -75.08 16.36 -17.46
C ARG P 37 -74.61 15.23 -18.37
N LEU P 38 -74.53 14.02 -17.81
CA LEU P 38 -74.13 12.83 -18.56
C LEU P 38 -75.19 12.50 -19.60
N GLY P 39 -76.47 12.56 -19.21
CA GLY P 39 -77.58 12.31 -20.12
C GLY P 39 -77.52 13.22 -21.36
N GLY P 40 -77.24 14.50 -21.12
CA GLY P 40 -77.09 15.45 -22.22
C GLY P 40 -76.12 14.90 -23.29
N ARG P 41 -74.95 14.48 -22.83
CA ARG P 41 -73.91 14.00 -23.71
C ARG P 41 -74.33 12.68 -24.35
N GLN P 42 -74.99 11.82 -23.58
CA GLN P 42 -75.46 10.54 -24.10
C GLN P 42 -76.47 10.77 -25.22
N VAL P 43 -77.30 11.80 -25.07
CA VAL P 43 -78.32 12.10 -26.07
C VAL P 43 -77.67 12.59 -27.37
N VAL P 44 -76.71 13.50 -27.25
CA VAL P 44 -75.95 13.92 -28.42
C VAL P 44 -75.35 12.70 -29.11
N SER P 45 -74.82 11.74 -28.34
CA SER P 45 -74.30 10.52 -28.92
C SER P 45 -75.39 9.78 -29.68
N ALA P 46 -76.61 9.80 -29.14
CA ALA P 46 -77.71 9.04 -29.71
C ALA P 46 -78.17 9.70 -31.01
N VAL P 47 -78.14 11.03 -31.04
CA VAL P 47 -78.49 11.75 -32.25
C VAL P 47 -77.50 11.38 -33.36
N LYS P 48 -76.18 11.42 -33.06
CA LYS P 48 -75.20 11.09 -34.07
C LYS P 48 -75.42 9.66 -34.54
N TRP P 49 -75.89 8.81 -33.63
CA TRP P 49 -76.14 7.41 -33.90
C TRP P 49 -77.31 7.29 -34.86
N ALA P 50 -78.40 7.99 -34.54
CA ALA P 50 -79.59 8.00 -35.38
C ALA P 50 -79.25 8.43 -36.81
N LYS P 51 -78.46 9.51 -36.96
CA LYS P 51 -78.13 9.99 -38.28
C LYS P 51 -77.40 8.93 -39.11
N ALA P 52 -76.80 7.93 -38.46
CA ALA P 52 -76.08 6.91 -39.20
C ALA P 52 -76.88 5.61 -39.24
N LEU P 53 -78.07 5.64 -38.65
CA LEU P 53 -78.93 4.47 -38.62
C LEU P 53 -79.52 4.25 -40.02
N PRO P 54 -79.26 3.07 -40.64
CA PRO P 54 -79.85 2.76 -41.95
C PRO P 54 -81.36 2.93 -41.91
N GLY P 55 -81.86 3.76 -42.82
CA GLY P 55 -83.29 4.03 -42.92
C GLY P 55 -83.62 5.42 -42.39
N PHE P 56 -83.04 5.77 -41.24
CA PHE P 56 -83.54 6.89 -40.47
C PHE P 56 -83.52 8.19 -41.28
N ARG P 57 -82.48 8.38 -42.11
CA ARG P 57 -82.32 9.65 -42.80
C ARG P 57 -83.39 9.88 -43.88
N ASN P 58 -84.16 8.83 -44.22
CA ASN P 58 -85.21 8.93 -45.21
C ASN P 58 -86.47 9.59 -44.62
N LEU P 59 -86.63 9.61 -43.30
CA LEU P 59 -87.81 10.22 -42.69
C LEU P 59 -87.77 11.73 -42.94
N HIS P 60 -88.93 12.37 -42.87
CA HIS P 60 -88.96 13.81 -42.97
C HIS P 60 -88.19 14.37 -41.76
N LEU P 61 -87.54 15.51 -41.94
CA LEU P 61 -86.77 16.11 -40.87
C LEU P 61 -87.61 16.23 -39.60
N ASP P 62 -88.91 16.55 -39.75
CA ASP P 62 -89.76 16.83 -38.60
C ASP P 62 -90.12 15.52 -37.89
N ASP P 63 -90.07 14.41 -38.63
CA ASP P 63 -90.34 13.11 -38.04
C ASP P 63 -89.13 12.64 -37.24
N GLN P 64 -87.94 13.04 -37.71
CA GLN P 64 -86.70 12.76 -37.04
C GLN P 64 -86.73 13.44 -35.68
N MET P 65 -86.96 14.76 -35.69
CA MET P 65 -87.09 15.54 -34.47
C MET P 65 -88.11 14.90 -33.53
N THR P 66 -89.20 14.40 -34.10
CA THR P 66 -90.29 13.94 -33.27
C THR P 66 -89.90 12.65 -32.56
N LEU P 67 -89.35 11.69 -33.32
CA LEU P 67 -89.04 10.39 -32.77
C LEU P 67 -87.93 10.49 -31.71
N LEU P 68 -86.96 11.37 -31.94
CA LEU P 68 -85.88 11.54 -30.96
C LEU P 68 -86.41 12.20 -29.69
N GLN P 69 -87.24 13.23 -29.83
CA GLN P 69 -87.83 13.86 -28.65
C GLN P 69 -88.71 12.89 -27.88
N TYR P 70 -89.41 11.99 -28.57
CA TYR P 70 -90.42 11.19 -27.89
C TYR P 70 -89.74 10.02 -27.21
N SER P 71 -88.51 9.68 -27.62
CA SER P 71 -88.00 8.38 -27.21
C SER P 71 -86.62 8.44 -26.53
N TRP P 72 -86.05 9.64 -26.34
CA TRP P 72 -84.71 9.72 -25.80
C TRP P 72 -84.60 9.02 -24.45
N MET P 73 -85.57 9.27 -23.56
CA MET P 73 -85.54 8.61 -22.27
C MET P 73 -85.55 7.09 -22.42
N SER P 74 -86.30 6.54 -23.39
CA SER P 74 -86.34 5.09 -23.56
C SER P 74 -84.96 4.57 -23.92
N LEU P 75 -84.32 5.25 -24.88
CA LEU P 75 -83.00 4.85 -25.35
C LEU P 75 -82.02 4.85 -24.18
N MET P 76 -82.04 5.93 -23.38
CA MET P 76 -81.04 6.05 -22.33
C MET P 76 -81.27 4.99 -21.26
N ALA P 77 -82.54 4.79 -20.89
CA ALA P 77 -82.89 3.83 -19.85
C ALA P 77 -82.55 2.41 -20.29
N PHE P 78 -82.77 2.13 -21.57
CA PHE P 78 -82.54 0.80 -22.09
C PHE P 78 -81.05 0.49 -22.04
N SER P 79 -80.22 1.45 -22.51
CA SER P 79 -78.77 1.27 -22.47
C SER P 79 -78.28 1.09 -21.04
N LEU P 80 -78.84 1.89 -20.12
CA LEU P 80 -78.49 1.75 -18.72
C LEU P 80 -78.77 0.33 -18.28
N GLY P 81 -79.97 -0.17 -18.61
CA GLY P 81 -80.34 -1.53 -18.28
C GLY P 81 -79.28 -2.52 -18.78
N TRP P 82 -78.87 -2.34 -20.04
CA TRP P 82 -77.92 -3.26 -20.66
C TRP P 82 -76.60 -3.24 -19.89
N ARG P 83 -76.04 -2.03 -19.69
CA ARG P 83 -74.77 -1.88 -18.99
C ARG P 83 -74.88 -2.48 -17.59
N SER P 84 -76.01 -2.26 -16.90
CA SER P 84 -76.15 -2.76 -15.54
C SER P 84 -76.16 -4.28 -15.52
N TYR P 85 -76.82 -4.87 -16.52
CA TYR P 85 -76.90 -6.31 -16.71
C TYR P 85 -75.52 -6.88 -17.00
N LYS P 86 -74.79 -6.21 -17.89
CA LYS P 86 -73.50 -6.70 -18.34
C LYS P 86 -72.46 -6.59 -17.22
N GLN P 87 -72.46 -5.51 -16.44
CA GLN P 87 -71.32 -5.25 -15.55
C GLN P 87 -71.56 -5.78 -14.15
N SER P 88 -72.81 -6.01 -13.76
CA SER P 88 -73.08 -6.33 -12.36
C SER P 88 -74.25 -7.27 -12.22
N ASN P 89 -74.64 -7.89 -13.34
CA ASN P 89 -75.77 -8.81 -13.38
C ASN P 89 -77.00 -8.20 -12.71
N GLY P 90 -77.22 -6.90 -12.94
CA GLY P 90 -78.45 -6.25 -12.52
C GLY P 90 -78.47 -5.85 -11.05
N ASN P 91 -77.33 -5.97 -10.36
CA ASN P 91 -77.27 -5.66 -8.93
C ASN P 91 -77.07 -4.17 -8.67
N MET P 92 -76.31 -3.48 -9.53
CA MET P 92 -76.11 -2.06 -9.38
C MET P 92 -76.46 -1.37 -10.69
N LEU P 93 -76.72 -0.06 -10.62
CA LEU P 93 -76.93 0.75 -11.81
C LEU P 93 -75.59 1.29 -12.30
N CYS P 94 -75.12 0.82 -13.46
CA CYS P 94 -73.85 1.22 -14.02
C CYS P 94 -74.05 2.36 -15.02
N PHE P 95 -74.24 3.58 -14.50
CA PHE P 95 -74.48 4.74 -15.35
C PHE P 95 -73.29 4.95 -16.25
N ALA P 96 -72.10 4.94 -15.64
CA ALA P 96 -70.84 5.07 -16.34
C ALA P 96 -69.82 4.19 -15.61
N PRO P 97 -68.67 3.87 -16.22
CA PRO P 97 -67.62 3.10 -15.56
C PRO P 97 -67.13 3.81 -14.30
N ASP P 98 -67.26 5.13 -14.26
CA ASP P 98 -66.79 5.93 -13.13
C ASP P 98 -67.98 6.43 -12.30
N LEU P 99 -69.17 5.82 -12.48
CA LEU P 99 -70.33 6.24 -11.72
C LEU P 99 -71.33 5.09 -11.59
N VAL P 100 -71.18 4.30 -10.53
CA VAL P 100 -71.99 3.13 -10.27
C VAL P 100 -72.78 3.36 -8.97
N ILE P 101 -74.10 3.30 -9.04
CA ILE P 101 -74.94 3.44 -7.87
C ILE P 101 -75.33 2.06 -7.33
N ASN P 102 -74.84 1.72 -6.14
CA ASN P 102 -75.13 0.43 -5.53
C ASN P 102 -76.23 0.60 -4.48
N GLU P 103 -76.53 -0.49 -3.76
CA GLU P 103 -77.57 -0.52 -2.74
C GLU P 103 -77.42 0.65 -1.78
N GLU P 104 -76.19 0.89 -1.31
CA GLU P 104 -75.95 1.94 -0.32
C GLU P 104 -76.26 3.32 -0.89
N ARG P 105 -75.76 3.63 -2.07
CA ARG P 105 -75.90 4.98 -2.62
C ARG P 105 -77.36 5.32 -2.92
N MET P 106 -78.22 4.33 -3.02
CA MET P 106 -79.64 4.51 -3.37
C MET P 106 -80.43 5.04 -2.18
N GLN P 107 -79.85 5.00 -0.99
CA GLN P 107 -80.51 5.38 0.25
C GLN P 107 -80.57 6.92 0.35
N LEU P 108 -79.96 7.63 -0.62
CA LEU P 108 -79.96 9.08 -0.59
C LEU P 108 -81.38 9.59 -0.78
N PRO P 109 -81.71 10.78 -0.23
CA PRO P 109 -83.01 11.41 -0.44
C PRO P 109 -83.38 11.49 -1.92
N TYR P 110 -84.62 11.10 -2.24
CA TYR P 110 -85.17 11.17 -3.59
C TYR P 110 -84.72 10.00 -4.48
N MET P 111 -83.57 9.41 -4.17
CA MET P 111 -82.94 8.46 -5.07
C MET P 111 -83.68 7.12 -5.06
N TYR P 112 -84.15 6.66 -3.90
CA TYR P 112 -84.57 5.27 -3.79
C TYR P 112 -85.64 4.90 -4.82
N ASP P 113 -86.67 5.76 -4.94
CA ASP P 113 -87.80 5.41 -5.80
C ASP P 113 -87.36 5.36 -7.25
N GLN P 114 -86.64 6.41 -7.69
CA GLN P 114 -86.23 6.47 -9.08
C GLN P 114 -85.32 5.30 -9.42
N CYS P 115 -84.43 4.91 -8.51
CA CYS P 115 -83.48 3.84 -8.79
C CYS P 115 -84.17 2.49 -8.87
N GLN P 116 -85.22 2.30 -8.07
CA GLN P 116 -85.99 1.06 -8.07
C GLN P 116 -86.57 0.82 -9.47
N GLN P 117 -87.09 1.90 -10.05
CA GLN P 117 -87.65 1.90 -11.38
C GLN P 117 -86.61 1.44 -12.41
N MET P 118 -85.40 2.03 -12.38
CA MET P 118 -84.39 1.77 -13.40
C MET P 118 -83.84 0.36 -13.28
N LEU P 119 -83.90 -0.19 -12.06
CA LEU P 119 -83.41 -1.54 -11.82
C LEU P 119 -84.36 -2.57 -12.43
N LYS P 120 -85.64 -2.22 -12.57
CA LYS P 120 -86.62 -3.15 -13.13
C LYS P 120 -86.18 -3.53 -14.54
N ILE P 121 -85.83 -2.51 -15.33
CA ILE P 121 -85.35 -2.73 -16.70
C ILE P 121 -84.16 -3.67 -16.67
N SER P 122 -83.24 -3.43 -15.73
CA SER P 122 -82.04 -4.23 -15.70
C SER P 122 -82.38 -5.70 -15.50
N SER P 123 -83.28 -5.99 -14.57
CA SER P 123 -83.51 -7.37 -14.18
C SER P 123 -84.28 -8.12 -15.26
N GLU P 124 -85.01 -7.36 -16.10
CA GLU P 124 -85.64 -7.93 -17.28
C GLU P 124 -84.57 -8.55 -18.19
N PHE P 125 -83.50 -7.80 -18.48
CA PHE P 125 -82.40 -8.36 -19.25
C PHE P 125 -81.86 -9.60 -18.57
N VAL P 126 -81.81 -9.61 -17.23
CA VAL P 126 -81.26 -10.73 -16.50
C VAL P 126 -82.16 -11.95 -16.65
N ARG P 127 -83.47 -11.74 -16.45
CA ARG P 127 -84.44 -12.81 -16.53
C ARG P 127 -84.38 -13.48 -17.90
N LEU P 128 -84.43 -12.67 -18.98
CA LEU P 128 -84.57 -13.16 -20.33
C LEU P 128 -83.22 -13.52 -20.96
N GLN P 129 -82.11 -13.27 -20.24
CA GLN P 129 -80.77 -13.49 -20.77
C GLN P 129 -80.63 -12.93 -22.19
N VAL P 130 -80.93 -11.64 -22.38
CA VAL P 130 -80.87 -10.98 -23.68
C VAL P 130 -79.44 -11.00 -24.22
N SER P 131 -79.32 -11.16 -25.54
CA SER P 131 -78.04 -11.16 -26.23
C SER P 131 -77.79 -9.78 -26.82
N TYR P 132 -76.52 -9.53 -27.17
CA TYR P 132 -76.12 -8.23 -27.68
C TYR P 132 -76.93 -7.87 -28.93
N ASP P 133 -77.05 -8.81 -29.85
CA ASP P 133 -77.72 -8.54 -31.12
C ASP P 133 -79.21 -8.26 -30.86
N GLU P 134 -79.82 -9.04 -29.97
CA GLU P 134 -81.20 -8.80 -29.59
C GLU P 134 -81.35 -7.37 -29.07
N TYR P 135 -80.43 -6.99 -28.17
CA TYR P 135 -80.42 -5.69 -27.54
C TYR P 135 -80.34 -4.59 -28.61
N LEU P 136 -79.45 -4.76 -29.59
CA LEU P 136 -79.19 -3.69 -30.55
C LEU P 136 -80.43 -3.40 -31.39
N CYS P 137 -81.19 -4.46 -31.68
CA CYS P 137 -82.37 -4.37 -32.54
C CYS P 137 -83.52 -3.76 -31.77
N MET P 138 -83.74 -4.29 -30.55
CA MET P 138 -84.76 -3.75 -29.67
C MET P 138 -84.53 -2.26 -29.48
N LYS P 139 -83.26 -1.84 -29.38
CA LYS P 139 -82.97 -0.44 -29.13
C LYS P 139 -83.50 0.39 -30.28
N VAL P 140 -83.32 -0.11 -31.52
CA VAL P 140 -83.76 0.64 -32.68
C VAL P 140 -85.29 0.76 -32.63
N LEU P 141 -85.94 -0.36 -32.26
CA LEU P 141 -87.39 -0.38 -32.18
C LEU P 141 -87.90 0.68 -31.22
N LEU P 142 -87.18 0.91 -30.11
CA LEU P 142 -87.61 1.90 -29.14
C LEU P 142 -87.65 3.30 -29.75
N LEU P 143 -86.70 3.58 -30.64
CA LEU P 143 -86.66 4.87 -31.32
C LEU P 143 -87.94 5.05 -32.13
N LEU P 144 -88.48 3.92 -32.60
CA LEU P 144 -89.63 3.89 -33.50
C LEU P 144 -90.89 3.41 -32.79
N SER P 145 -91.04 3.75 -31.50
CA SER P 145 -92.11 3.10 -30.76
C SER P 145 -93.11 4.10 -30.17
N THR P 146 -92.89 5.39 -30.43
CA THR P 146 -93.74 6.42 -29.89
C THR P 146 -93.93 7.51 -30.93
N VAL P 147 -95.19 7.71 -31.33
CA VAL P 147 -95.53 8.60 -32.42
C VAL P 147 -96.59 9.59 -31.91
N PRO P 148 -96.80 10.73 -32.61
CA PRO P 148 -97.81 11.71 -32.22
C PRO P 148 -99.17 11.10 -32.54
N LYS P 149 -100.25 11.61 -31.93
CA LYS P 149 -101.52 10.91 -31.96
C LYS P 149 -102.11 10.91 -33.36
N ASP P 150 -101.75 11.94 -34.15
CA ASP P 150 -102.25 12.12 -35.49
C ASP P 150 -101.13 11.90 -36.51
N GLY P 151 -100.23 10.95 -36.22
CA GLY P 151 -99.29 10.42 -37.20
C GLY P 151 -98.16 11.37 -37.61
N LEU P 152 -97.42 10.95 -38.65
CA LEU P 152 -96.17 11.58 -39.04
C LEU P 152 -96.25 12.09 -40.47
N LYS P 153 -95.40 13.08 -40.80
CA LYS P 153 -95.32 13.66 -42.13
C LYS P 153 -94.94 12.65 -43.20
N SER P 154 -94.32 11.53 -42.84
CA SER P 154 -93.94 10.55 -43.85
C SER P 154 -94.15 9.13 -43.30
N GLN P 155 -95.43 8.85 -42.98
CA GLN P 155 -95.88 7.57 -42.46
C GLN P 155 -95.46 6.45 -43.40
N ALA P 156 -95.43 6.74 -44.70
CA ALA P 156 -94.97 5.84 -45.73
C ALA P 156 -93.69 5.13 -45.27
N VAL P 157 -92.62 5.93 -45.15
CA VAL P 157 -91.25 5.50 -44.91
C VAL P 157 -91.14 4.89 -43.52
N PHE P 158 -91.77 5.55 -42.54
CA PHE P 158 -91.74 5.10 -41.17
C PHE P 158 -92.12 3.62 -41.08
N ASP P 159 -93.25 3.25 -41.72
CA ASP P 159 -93.80 1.92 -41.56
C ASP P 159 -92.83 0.88 -42.14
N GLU P 160 -92.13 1.27 -43.21
CA GLU P 160 -91.18 0.38 -43.85
C GLU P 160 -89.98 0.14 -42.92
N ILE P 161 -89.39 1.24 -42.40
CA ILE P 161 -88.30 1.17 -41.45
C ILE P 161 -88.67 0.25 -40.30
N ARG P 162 -89.82 0.54 -39.66
CA ARG P 162 -90.26 -0.21 -38.49
C ARG P 162 -90.28 -1.70 -38.81
N MET P 163 -90.70 -2.03 -40.04
CA MET P 163 -90.86 -3.42 -40.44
C MET P 163 -89.51 -4.09 -40.62
N THR P 164 -88.56 -3.34 -41.24
CA THR P 164 -87.22 -3.85 -41.45
C THR P 164 -86.60 -4.27 -40.12
N TYR P 165 -86.72 -3.41 -39.10
CA TYR P 165 -86.08 -3.68 -37.83
C TYR P 165 -86.79 -4.78 -37.05
N ILE P 166 -88.12 -4.92 -37.23
CA ILE P 166 -88.81 -6.05 -36.65
C ILE P 166 -88.26 -7.35 -37.23
N LYS P 167 -88.08 -7.36 -38.56
CA LYS P 167 -87.53 -8.52 -39.24
C LYS P 167 -86.15 -8.82 -38.66
N GLU P 168 -85.38 -7.74 -38.43
CA GLU P 168 -84.01 -7.82 -37.96
C GLU P 168 -83.96 -8.45 -36.57
N LEU P 169 -84.85 -8.01 -35.69
CA LEU P 169 -84.95 -8.63 -34.38
C LEU P 169 -85.18 -10.13 -34.54
N GLY P 170 -86.02 -10.48 -35.54
CA GLY P 170 -86.26 -11.87 -35.90
C GLY P 170 -84.96 -12.63 -36.15
N LYS P 171 -84.14 -12.11 -37.09
CA LYS P 171 -82.89 -12.77 -37.45
C LYS P 171 -82.02 -12.95 -36.21
N ALA P 172 -82.00 -11.93 -35.35
CA ALA P 172 -81.18 -11.92 -34.15
C ALA P 172 -81.59 -13.05 -33.22
N ILE P 173 -82.91 -13.28 -33.08
CA ILE P 173 -83.39 -14.35 -32.23
C ILE P 173 -82.97 -15.70 -32.79
N VAL P 174 -83.16 -15.87 -34.11
CA VAL P 174 -82.85 -17.11 -34.81
C VAL P 174 -81.36 -17.44 -34.63
N LYS P 175 -80.50 -16.41 -34.81
CA LYS P 175 -79.06 -16.55 -34.75
C LYS P 175 -78.64 -17.09 -33.38
N ARG P 176 -79.47 -16.89 -32.33
CA ARG P 176 -79.11 -17.31 -31.00
C ARG P 176 -79.38 -18.80 -30.80
N GLU P 177 -80.06 -19.44 -31.77
CA GLU P 177 -80.46 -20.81 -31.53
C GLU P 177 -79.55 -21.79 -32.26
N GLN P 182 -87.64 -21.94 -27.85
CA GLN P 182 -88.55 -21.60 -29.01
C GLN P 182 -88.57 -20.14 -29.51
N ASN P 183 -88.33 -20.10 -30.83
CA ASN P 183 -88.08 -18.86 -31.55
C ASN P 183 -89.29 -17.96 -31.42
N TRP P 184 -90.49 -18.51 -31.51
CA TRP P 184 -91.66 -17.64 -31.58
C TRP P 184 -92.05 -17.16 -30.20
N GLN P 185 -91.77 -18.03 -29.21
CA GLN P 185 -92.10 -17.69 -27.83
C GLN P 185 -91.23 -16.51 -27.40
N ARG P 186 -89.95 -16.57 -27.80
CA ARG P 186 -88.97 -15.54 -27.51
C ARG P 186 -89.41 -14.24 -28.15
N PHE P 187 -89.77 -14.28 -29.43
CA PHE P 187 -90.19 -13.08 -30.13
C PHE P 187 -91.34 -12.41 -29.37
N TYR P 188 -92.18 -13.22 -28.72
CA TYR P 188 -93.31 -12.67 -28.00
C TYR P 188 -92.82 -11.93 -26.75
N GLN P 189 -91.98 -12.63 -26.00
CA GLN P 189 -91.36 -12.15 -24.77
C GLN P 189 -90.62 -10.84 -25.01
N LEU P 190 -89.82 -10.75 -26.08
CA LEU P 190 -89.06 -9.55 -26.36
C LEU P 190 -90.00 -8.42 -26.80
N THR P 191 -91.07 -8.76 -27.51
CA THR P 191 -92.01 -7.73 -27.92
C THR P 191 -92.88 -7.33 -26.74
N LYS P 192 -93.10 -8.27 -25.81
CA LYS P 192 -93.81 -7.95 -24.56
C LYS P 192 -93.00 -6.94 -23.76
N LEU P 193 -91.68 -7.15 -23.69
CA LEU P 193 -90.75 -6.27 -23.02
C LEU P 193 -90.79 -4.88 -23.64
N LEU P 194 -90.70 -4.80 -24.97
CA LEU P 194 -90.76 -3.51 -25.64
C LEU P 194 -92.03 -2.77 -25.25
N ASP P 195 -93.10 -3.54 -25.05
CA ASP P 195 -94.39 -2.95 -24.76
C ASP P 195 -94.37 -2.38 -23.35
N SER P 196 -93.86 -3.19 -22.42
CA SER P 196 -93.84 -2.80 -21.01
C SER P 196 -92.92 -1.60 -20.77
N MET P 197 -92.05 -1.29 -21.75
CA MET P 197 -91.15 -0.16 -21.63
C MET P 197 -91.93 1.16 -21.59
N HIS P 198 -93.10 1.25 -22.22
CA HIS P 198 -93.81 2.53 -22.23
C HIS P 198 -94.22 2.93 -20.81
N GLU P 199 -94.66 1.94 -20.02
CA GLU P 199 -95.05 2.18 -18.65
C GLU P 199 -93.83 2.56 -17.81
N MET P 200 -92.77 1.71 -17.85
CA MET P 200 -91.57 1.91 -17.04
C MET P 200 -90.97 3.28 -17.33
N VAL P 201 -90.83 3.62 -18.60
CA VAL P 201 -90.23 4.88 -19.00
C VAL P 201 -91.13 6.03 -18.59
N GLY P 202 -92.45 5.84 -18.70
CA GLY P 202 -93.42 6.85 -18.28
C GLY P 202 -93.16 7.31 -16.84
N GLY P 203 -92.85 6.33 -15.97
CA GLY P 203 -92.43 6.59 -14.60
C GLY P 203 -91.23 7.54 -14.53
N LEU P 204 -90.15 7.17 -15.23
CA LEU P 204 -88.93 7.96 -15.28
C LEU P 204 -89.26 9.35 -15.82
N LEU P 205 -90.07 9.41 -16.89
CA LEU P 205 -90.38 10.67 -17.53
C LEU P 205 -91.04 11.61 -16.50
N GLN P 206 -91.84 11.01 -15.60
CA GLN P 206 -92.54 11.79 -14.60
C GLN P 206 -91.55 12.39 -13.60
N PHE P 207 -90.61 11.58 -13.10
CA PHE P 207 -89.61 12.10 -12.19
C PHE P 207 -88.80 13.20 -12.86
N CYS P 208 -88.50 12.99 -14.13
CA CYS P 208 -87.70 13.95 -14.88
C CYS P 208 -88.41 15.29 -14.95
N PHE P 209 -89.70 15.28 -15.34
CA PHE P 209 -90.48 16.50 -15.42
C PHE P 209 -90.58 17.17 -14.05
N TYR P 210 -90.77 16.34 -13.01
CA TYR P 210 -90.86 16.85 -11.65
C TYR P 210 -89.59 17.59 -11.27
N THR P 211 -88.43 16.95 -11.41
CA THR P 211 -87.18 17.58 -10.99
C THR P 211 -86.85 18.77 -11.89
N PHE P 212 -87.39 18.79 -13.11
CA PHE P 212 -87.10 19.90 -14.01
C PHE P 212 -87.90 21.14 -13.62
N VAL P 213 -89.15 20.94 -13.20
CA VAL P 213 -90.10 22.03 -13.00
C VAL P 213 -89.90 22.62 -11.60
N ASN P 214 -89.63 21.73 -10.63
CA ASN P 214 -89.64 22.08 -9.21
C ASN P 214 -88.26 22.61 -8.82
N LYS P 215 -88.10 23.93 -9.00
CA LYS P 215 -86.86 24.67 -8.82
C LYS P 215 -86.23 24.47 -7.44
N SER P 216 -87.05 24.19 -6.41
CA SER P 216 -86.53 24.12 -5.05
C SER P 216 -85.60 22.94 -4.82
N LEU P 217 -85.66 21.92 -5.69
CA LEU P 217 -84.83 20.73 -5.57
C LEU P 217 -83.43 21.01 -6.08
N SER P 218 -83.25 22.10 -6.85
CA SER P 218 -81.95 22.57 -7.28
C SER P 218 -81.21 21.59 -8.18
N VAL P 219 -81.96 20.75 -8.93
CA VAL P 219 -81.33 19.82 -9.87
C VAL P 219 -81.02 20.58 -11.14
N GLU P 220 -79.80 20.48 -11.66
CA GLU P 220 -79.42 21.19 -12.87
C GLU P 220 -79.60 20.32 -14.10
N PHE P 221 -79.84 20.96 -15.25
CA PHE P 221 -80.01 20.27 -16.52
C PHE P 221 -79.17 20.96 -17.58
N PRO P 222 -78.43 20.23 -18.44
CA PRO P 222 -77.68 20.88 -19.51
C PRO P 222 -78.65 21.40 -20.57
N GLU P 223 -78.23 22.42 -21.34
CA GLU P 223 -79.08 23.11 -22.29
C GLU P 223 -79.76 22.12 -23.24
N MET P 224 -79.01 21.20 -23.79
CA MET P 224 -79.52 20.20 -24.72
C MET P 224 -80.83 19.60 -24.19
N LEU P 225 -80.78 19.06 -22.97
CA LEU P 225 -81.91 18.37 -22.37
C LEU P 225 -83.01 19.35 -21.97
N ALA P 226 -82.61 20.51 -21.44
CA ALA P 226 -83.57 21.51 -20.99
C ALA P 226 -84.48 21.91 -22.15
N GLU P 227 -83.89 22.30 -23.28
CA GLU P 227 -84.62 22.63 -24.49
C GLU P 227 -85.59 21.51 -24.83
N ILE P 228 -85.12 20.27 -24.86
CA ILE P 228 -85.98 19.15 -25.26
C ILE P 228 -87.09 18.97 -24.23
N ILE P 229 -86.75 18.93 -22.95
CA ILE P 229 -87.75 18.63 -21.93
C ILE P 229 -88.85 19.70 -21.98
N SER P 230 -88.47 20.98 -22.04
CA SER P 230 -89.46 22.02 -21.88
C SER P 230 -90.40 22.05 -23.08
N ASN P 231 -89.94 21.62 -24.25
CA ASN P 231 -90.79 21.53 -25.42
C ASN P 231 -91.68 20.30 -25.32
N GLN P 232 -91.18 19.24 -24.69
CA GLN P 232 -91.86 17.95 -24.71
C GLN P 232 -92.88 17.91 -23.57
N LEU P 233 -92.80 18.88 -22.65
CA LEU P 233 -93.54 18.84 -21.39
C LEU P 233 -95.03 19.11 -21.62
N PRO P 234 -95.44 20.24 -22.24
CA PRO P 234 -96.85 20.45 -22.60
C PRO P 234 -97.47 19.34 -23.44
N LYS P 235 -96.69 18.74 -24.35
CA LYS P 235 -97.18 17.68 -25.23
C LYS P 235 -97.55 16.44 -24.43
N PHE P 236 -96.90 16.22 -23.28
CA PHE P 236 -97.15 15.02 -22.49
C PHE P 236 -98.28 15.29 -21.49
N LYS P 237 -98.39 16.54 -21.02
CA LYS P 237 -99.51 16.93 -20.16
C LYS P 237 -100.84 16.87 -20.92
N ALA P 238 -100.80 17.13 -22.23
CA ALA P 238 -101.99 17.17 -23.07
C ALA P 238 -102.30 15.79 -23.67
N GLY P 239 -101.59 14.75 -23.22
CA GLY P 239 -101.73 13.38 -23.70
C GLY P 239 -101.91 13.24 -25.21
N SER P 240 -101.06 13.92 -26.01
CA SER P 240 -101.17 13.96 -27.46
C SER P 240 -100.20 12.98 -28.11
N VAL P 241 -99.85 11.94 -27.36
CA VAL P 241 -98.75 11.04 -27.63
C VAL P 241 -99.28 9.61 -27.65
N LYS P 242 -98.85 8.83 -28.64
CA LYS P 242 -99.44 7.52 -28.88
C LYS P 242 -98.34 6.46 -28.90
N PRO P 243 -98.29 5.51 -27.93
CA PRO P 243 -97.46 4.32 -28.04
C PRO P 243 -97.88 3.38 -29.18
N LEU P 244 -96.90 2.79 -29.87
CA LEU P 244 -97.15 1.69 -30.79
C LEU P 244 -96.91 0.38 -30.05
N LEU P 245 -97.97 -0.36 -29.77
CA LEU P 245 -97.83 -1.63 -29.07
C LEU P 245 -97.77 -2.79 -30.06
N PHE P 246 -97.22 -3.91 -29.62
CA PHE P 246 -97.19 -5.14 -30.40
C PHE P 246 -98.35 -6.01 -29.94
N HIS P 247 -98.96 -5.61 -28.81
CA HIS P 247 -99.99 -6.33 -28.07
C HIS P 247 -100.83 -5.37 -27.22
N SER Q 2 37.29 70.61 44.05
CA SER Q 2 38.30 71.00 42.99
C SER Q 2 38.38 69.93 41.91
N ARG Q 3 39.60 69.59 41.44
CA ARG Q 3 39.84 68.78 40.26
C ARG Q 3 39.77 67.30 40.61
N PRO Q 4 39.06 66.45 39.82
CA PRO Q 4 38.83 65.03 40.19
C PRO Q 4 40.09 64.18 40.17
N ALA Q 5 40.47 63.68 41.36
CA ALA Q 5 41.80 63.16 41.63
C ALA Q 5 42.11 61.91 40.79
N ILE Q 6 41.24 60.90 40.86
CA ILE Q 6 41.54 59.62 40.23
C ILE Q 6 41.59 59.79 38.73
N LEU Q 7 40.58 60.46 38.17
CA LEU Q 7 40.58 60.72 36.73
C LEU Q 7 41.91 61.37 36.32
N TYR Q 8 42.40 62.29 37.15
CA TYR Q 8 43.61 63.01 36.83
C TYR Q 8 44.82 62.08 36.87
N ALA Q 9 44.92 61.27 37.94
CA ALA Q 9 45.98 60.28 38.07
C ALA Q 9 46.02 59.38 36.83
N LEU Q 10 44.85 58.95 36.34
CA LEU Q 10 44.80 58.02 35.23
C LEU Q 10 45.29 58.67 33.95
N LEU Q 11 45.00 59.97 33.78
CA LEU Q 11 45.25 60.60 32.51
C LEU Q 11 46.69 61.09 32.38
N SER Q 12 47.34 61.43 33.50
CA SER Q 12 48.71 61.93 33.48
C SER Q 12 49.73 60.79 33.60
N SER Q 13 49.47 59.83 34.52
CA SER Q 13 50.26 58.61 34.66
C SER Q 13 51.59 58.90 35.32
N SER Q 14 51.69 60.05 36.00
CA SER Q 14 52.99 60.61 36.31
C SER Q 14 53.36 60.25 37.75
N LEU Q 15 54.56 59.70 37.91
CA LEU Q 15 55.03 59.27 39.21
C LEU Q 15 55.32 60.50 40.08
N SER R 2 59.93 43.11 10.69
CA SER R 2 59.12 44.33 10.68
C SER R 2 58.44 44.56 12.05
N ARG R 3 58.10 45.83 12.30
CA ARG R 3 57.68 46.36 13.60
C ARG R 3 56.18 46.13 13.78
N PRO R 4 55.71 45.60 14.95
CA PRO R 4 54.32 45.12 15.09
C PRO R 4 53.27 46.21 15.05
N ALA R 5 52.43 46.18 14.02
CA ALA R 5 51.61 47.33 13.60
C ALA R 5 50.60 47.73 14.67
N ILE R 6 49.77 46.78 15.11
CA ILE R 6 48.66 47.11 15.99
C ILE R 6 49.21 47.58 17.33
N LEU R 7 50.17 46.84 17.89
CA LEU R 7 50.77 47.28 19.14
C LEU R 7 51.25 48.73 19.03
N TYR R 8 51.83 49.07 17.86
CA TYR R 8 52.38 50.40 17.66
C TYR R 8 51.25 51.42 17.61
N ALA R 9 50.20 51.13 16.83
CA ALA R 9 49.04 52.00 16.74
C ALA R 9 48.48 52.29 18.13
N LEU R 10 48.40 51.27 18.99
CA LEU R 10 47.81 51.44 20.31
C LEU R 10 48.66 52.36 21.18
N LEU R 11 49.98 52.24 21.02
CA LEU R 11 50.87 52.91 21.97
C LEU R 11 51.13 54.36 21.59
N SER R 12 51.05 54.70 20.29
CA SER R 12 51.27 56.06 19.84
C SER R 12 49.98 56.88 19.82
N SER R 13 48.90 56.28 19.31
CA SER R 13 47.57 56.87 19.32
C SER R 13 47.45 57.97 18.28
N SER R 14 48.36 57.98 17.31
CA SER R 14 48.50 59.10 16.42
C SER R 14 47.74 58.79 15.12
N LEU R 15 46.88 59.70 14.72
CA LEU R 15 45.86 59.49 13.71
C LEU R 15 46.50 59.28 12.33
N SER S 2 24.59 26.98 -5.27
CA SER S 2 24.00 26.35 -6.50
C SER S 2 24.74 25.07 -6.87
N ARG S 3 25.02 24.84 -8.16
CA ARG S 3 25.40 23.55 -8.70
C ARG S 3 26.90 23.35 -8.55
N PRO S 4 27.39 22.18 -8.07
CA PRO S 4 28.82 21.97 -7.78
C PRO S 4 29.74 21.99 -9.01
N ALA S 5 30.62 23.00 -9.03
CA ALA S 5 31.31 23.43 -10.24
C ALA S 5 32.24 22.35 -10.79
N ILE S 6 33.15 21.85 -9.96
CA ILE S 6 34.19 20.94 -10.45
C ILE S 6 33.54 19.65 -10.92
N LEU S 7 32.66 19.08 -10.10
CA LEU S 7 31.95 17.87 -10.52
C LEU S 7 31.33 18.08 -11.91
N TYR S 8 30.76 19.27 -12.13
CA TYR S 8 30.10 19.56 -13.39
C TYR S 8 31.12 19.63 -14.53
N ALA S 9 32.22 20.36 -14.32
CA ALA S 9 33.30 20.45 -15.28
C ALA S 9 33.78 19.06 -15.69
N LEU S 10 33.91 18.15 -14.73
CA LEU S 10 34.44 16.82 -15.03
C LEU S 10 33.46 16.03 -15.88
N LEU S 11 32.15 16.21 -15.64
CA LEU S 11 31.17 15.35 -16.25
C LEU S 11 30.80 15.81 -17.67
N SER S 12 30.90 17.12 -17.94
CA SER S 12 30.58 17.65 -19.27
C SER S 12 31.78 17.66 -20.20
N SER S 13 32.94 18.10 -19.68
CA SER S 13 34.22 18.07 -20.39
C SER S 13 34.28 19.12 -21.49
N SER S 14 33.41 20.14 -21.38
CA SER S 14 33.09 20.94 -22.55
C SER S 14 33.91 22.22 -22.53
N LEU S 15 34.57 22.50 -23.65
CA LEU S 15 35.41 23.68 -23.76
C LEU S 15 34.51 24.93 -23.81
N SER T 2 41.92 -6.46 -36.49
CA SER T 2 41.01 -5.29 -36.70
C SER T 2 41.12 -4.30 -35.54
N ARG T 3 39.99 -3.72 -35.11
CA ARG T 3 39.91 -2.57 -34.23
C ARG T 3 40.03 -3.00 -32.77
N PRO T 4 40.88 -2.33 -31.94
CA PRO T 4 41.20 -2.83 -30.59
C PRO T 4 40.05 -2.77 -29.59
N ALA T 5 39.63 -3.96 -29.14
CA ALA T 5 38.35 -4.17 -28.50
C ALA T 5 38.21 -3.39 -27.18
N ILE T 6 39.16 -3.56 -26.25
CA ILE T 6 39.01 -3.00 -24.92
C ILE T 6 39.03 -1.47 -25.01
N LEU T 7 40.01 -0.93 -25.72
CA LEU T 7 40.06 0.51 -25.90
C LEU T 7 38.72 1.03 -26.41
N TYR T 8 38.11 0.29 -27.33
CA TYR T 8 36.84 0.71 -27.92
C TYR T 8 35.72 0.67 -26.88
N ALA T 9 35.65 -0.45 -26.13
CA ALA T 9 34.67 -0.59 -25.06
C ALA T 9 34.76 0.59 -24.09
N LEU T 10 36.00 1.01 -23.74
CA LEU T 10 36.17 2.07 -22.77
C LEU T 10 35.68 3.40 -23.32
N LEU T 11 35.87 3.62 -24.61
CA LEU T 11 35.63 4.94 -25.17
C LEU T 11 34.16 5.15 -25.52
N SER T 12 33.43 4.07 -25.87
CA SER T 12 32.02 4.19 -26.23
C SER T 12 31.10 4.05 -25.01
N SER T 13 31.39 3.06 -24.14
CA SER T 13 30.71 2.88 -22.86
C SER T 13 29.31 2.30 -23.08
N SER T 14 29.10 1.68 -24.24
CA SER T 14 27.77 1.34 -24.67
C SER T 14 27.50 -0.13 -24.34
N LEU T 15 26.39 -0.38 -23.65
CA LEU T 15 26.09 -1.65 -23.03
C LEU T 15 25.82 -2.72 -24.11
N SER U 2 9.62 -11.39 28.37
CA SER U 2 8.49 -11.60 29.30
C SER U 2 7.69 -10.32 29.54
N ARG U 3 6.94 -10.33 30.64
CA ARG U 3 6.11 -9.22 31.13
C ARG U 3 6.98 -8.25 31.92
N PRO U 4 6.91 -6.90 31.69
CA PRO U 4 7.93 -5.96 32.19
C PRO U 4 7.89 -5.75 33.70
N ALA U 5 9.00 -6.16 34.36
CA ALA U 5 9.03 -6.44 35.78
C ALA U 5 8.71 -5.20 36.63
N ILE U 6 9.49 -4.12 36.42
CA ILE U 6 9.40 -2.97 37.31
C ILE U 6 8.03 -2.33 37.16
N LEU U 7 7.60 -2.10 35.92
CA LEU U 7 6.27 -1.55 35.71
C LEU U 7 5.23 -2.36 36.48
N TYR U 8 5.39 -3.68 36.48
CA TYR U 8 4.43 -4.56 37.13
C TYR U 8 4.48 -4.38 38.65
N ALA U 9 5.70 -4.40 39.20
CA ALA U 9 5.91 -4.15 40.61
C ALA U 9 5.23 -2.84 41.05
N LEU U 10 5.35 -1.79 40.25
CA LEU U 10 4.82 -0.48 40.62
C LEU U 10 3.30 -0.52 40.64
N LEU U 11 2.70 -1.27 39.71
CA LEU U 11 1.27 -1.17 39.53
C LEU U 11 0.50 -2.08 40.50
N SER U 12 1.12 -3.18 40.94
CA SER U 12 0.45 -4.10 41.87
C SER U 12 0.73 -3.72 43.32
N SER U 13 1.99 -3.40 43.65
CA SER U 13 2.38 -2.88 44.96
C SER U 13 2.39 -3.99 45.99
N SER U 14 2.43 -5.25 45.55
CA SER U 14 2.04 -6.34 46.42
C SER U 14 3.31 -6.99 46.95
N LEU U 15 3.38 -7.15 48.27
CA LEU U 15 4.52 -7.82 48.87
C LEU U 15 4.44 -9.32 48.57
N SER V 2 -14.83 16.47 60.06
CA SER V 2 -15.07 15.85 58.75
C SER V 2 -13.78 15.31 58.12
N ARG V 3 -13.96 14.35 57.20
CA ARG V 3 -12.90 13.51 56.65
C ARG V 3 -12.23 14.22 55.48
N PRO V 4 -10.86 14.28 55.40
CA PRO V 4 -10.17 15.18 54.47
C PRO V 4 -10.31 14.78 53.00
N ALA V 5 -10.96 15.68 52.24
CA ALA V 5 -11.53 15.36 50.94
C ALA V 5 -10.46 14.95 49.92
N ILE V 6 -9.46 15.82 49.72
CA ILE V 6 -8.50 15.62 48.65
C ILE V 6 -7.69 14.36 48.93
N LEU V 7 -7.18 14.23 50.15
CA LEU V 7 -6.44 13.02 50.51
C LEU V 7 -7.26 11.79 50.17
N TYR V 8 -8.57 11.84 50.44
CA TYR V 8 -9.44 10.71 50.21
C TYR V 8 -9.57 10.43 48.71
N ALA V 9 -9.84 11.49 47.93
CA ALA V 9 -9.91 11.38 46.48
C ALA V 9 -8.65 10.72 45.92
N LEU V 10 -7.48 11.09 46.42
CA LEU V 10 -6.22 10.59 45.90
C LEU V 10 -6.08 9.10 46.20
N LEU V 11 -6.57 8.67 47.38
CA LEU V 11 -6.27 7.33 47.83
C LEU V 11 -7.25 6.30 47.25
N SER V 12 -8.49 6.72 46.93
CA SER V 12 -9.47 5.82 46.34
C SER V 12 -9.38 5.78 44.82
N SER V 13 -9.24 6.94 44.18
CA SER V 13 -9.00 7.07 42.74
C SER V 13 -10.28 6.79 41.96
N SER V 14 -11.45 7.05 42.54
CA SER V 14 -12.71 6.73 41.85
C SER V 14 -13.31 7.93 41.12
N SER W 2 87.02 -31.19 17.91
CA SER W 2 87.03 -31.65 19.36
C SER W 2 85.82 -31.12 20.13
N ARG W 3 86.03 -30.52 21.33
CA ARG W 3 85.01 -29.87 22.12
C ARG W 3 84.78 -28.44 21.61
N PRO W 4 83.50 -27.98 21.41
CA PRO W 4 83.21 -26.70 20.75
C PRO W 4 83.65 -25.47 21.54
N ALA W 5 84.60 -24.73 20.96
CA ALA W 5 85.43 -23.76 21.66
C ALA W 5 84.60 -22.61 22.22
N ILE W 6 83.83 -21.94 21.36
CA ILE W 6 83.14 -20.73 21.75
C ILE W 6 82.10 -21.05 22.82
N LEU W 7 81.29 -22.09 22.56
CA LEU W 7 80.30 -22.49 23.55
C LEU W 7 80.97 -22.70 24.90
N TYR W 8 82.17 -23.29 24.88
CA TYR W 8 82.87 -23.59 26.12
C TYR W 8 83.33 -22.30 26.80
N ALA W 9 83.94 -21.40 26.03
CA ALA W 9 84.35 -20.09 26.53
C ALA W 9 83.18 -19.37 27.21
N LEU W 10 81.99 -19.43 26.61
CA LEU W 10 80.83 -18.72 27.13
C LEU W 10 80.39 -19.32 28.46
N LEU W 11 80.50 -20.65 28.59
CA LEU W 11 79.90 -21.32 29.73
C LEU W 11 80.83 -21.30 30.95
N SER W 12 82.14 -21.26 30.74
CA SER W 12 83.10 -21.26 31.85
C SER W 12 83.44 -19.84 32.32
N SER W 13 83.68 -18.92 31.36
CA SER W 13 83.83 -17.51 31.63
C SER W 13 85.17 -17.19 32.29
N SER W 14 86.22 -18.02 32.17
CA SER W 14 87.48 -17.68 32.86
C SER W 14 88.52 -17.06 31.91
N SER X 2 66.85 -3.16 51.70
CA SER X 2 66.95 -4.55 51.28
C SER X 2 67.92 -4.65 50.08
N ARG X 3 68.33 -5.90 49.81
CA ARG X 3 69.11 -6.32 48.64
C ARG X 3 68.18 -6.49 47.45
N PRO X 4 68.50 -5.97 46.23
CA PRO X 4 67.60 -6.00 45.07
C PRO X 4 67.32 -7.40 44.52
N ALA X 5 66.04 -7.80 44.62
CA ALA X 5 65.63 -9.19 44.54
C ALA X 5 65.93 -9.81 43.17
N ILE X 6 65.43 -9.18 42.10
CA ILE X 6 65.51 -9.79 40.78
C ILE X 6 66.98 -9.88 40.36
N LEU X 7 67.72 -8.78 40.50
CA LEU X 7 69.13 -8.82 40.17
C LEU X 7 69.81 -10.00 40.87
N TYR X 8 69.43 -10.22 42.14
CA TYR X 8 70.04 -11.29 42.91
C TYR X 8 69.66 -12.65 42.37
N ALA X 9 68.36 -12.85 42.09
CA ALA X 9 67.87 -14.09 41.49
C ALA X 9 68.64 -14.41 40.22
N LEU X 10 68.91 -13.39 39.39
CA LEU X 10 69.56 -13.62 38.11
C LEU X 10 71.00 -14.07 38.31
N LEU X 11 71.65 -13.50 39.33
CA LEU X 11 73.09 -13.70 39.46
C LEU X 11 73.43 -15.00 40.19
N SER X 12 72.54 -15.47 41.07
CA SER X 12 72.79 -16.71 41.81
C SER X 12 72.25 -17.93 41.06
N SER X 13 71.02 -17.83 40.53
CA SER X 13 70.39 -18.86 39.73
C SER X 13 69.90 -20.01 40.59
N SER X 14 69.58 -19.72 41.86
CA SER X 14 68.80 -20.58 42.73
C SER X 14 67.86 -21.52 41.94
N ALA Y 1 -52.74 9.42 35.99
CA ALA Y 1 -51.76 10.25 36.78
C ALA Y 1 -50.32 9.75 36.59
N SER Y 2 -50.09 8.43 36.59
CA SER Y 2 -48.76 7.86 36.80
C SER Y 2 -48.03 7.57 35.49
N ARG Y 3 -47.28 6.45 35.43
CA ARG Y 3 -46.27 6.20 34.41
C ARG Y 3 -46.92 5.59 33.18
N PRO Y 4 -46.64 6.08 31.93
CA PRO Y 4 -47.43 5.74 30.75
C PRO Y 4 -47.28 4.29 30.28
N ALA Y 5 -48.39 3.53 30.36
CA ALA Y 5 -48.38 2.08 30.34
C ALA Y 5 -47.84 1.52 29.02
N ILE Y 6 -48.44 1.95 27.89
CA ILE Y 6 -48.11 1.31 26.62
C ILE Y 6 -46.65 1.60 26.27
N LEU Y 7 -46.26 2.87 26.37
CA LEU Y 7 -44.86 3.22 26.11
C LEU Y 7 -43.93 2.32 26.93
N TYR Y 8 -44.32 2.05 28.17
CA TYR Y 8 -43.49 1.25 29.06
C TYR Y 8 -43.43 -0.20 28.57
N ALA Y 9 -44.60 -0.77 28.25
CA ALA Y 9 -44.69 -2.11 27.71
C ALA Y 9 -43.78 -2.26 26.49
N LEU Y 10 -43.77 -1.25 25.60
CA LEU Y 10 -42.98 -1.34 24.37
C LEU Y 10 -41.50 -1.34 24.68
N LEU Y 11 -41.09 -0.58 25.69
CA LEU Y 11 -39.67 -0.35 25.90
C LEU Y 11 -39.03 -1.47 26.71
N SER Y 12 -39.79 -2.14 27.58
CA SER Y 12 -39.26 -3.23 28.40
C SER Y 12 -39.40 -4.58 27.71
N SER Y 13 -40.56 -4.85 27.09
CA SER Y 13 -40.80 -6.02 26.25
C SER Y 13 -40.99 -7.25 27.12
N SER Y 14 -41.30 -7.05 28.40
CA SER Y 14 -41.11 -8.11 29.37
C SER Y 14 -42.43 -8.81 29.63
N LEU Y 15 -42.45 -10.12 29.29
CA LEU Y 15 -43.31 -11.24 29.57
C LEU Y 15 -42.49 -12.49 29.22
N SER Z 2 -19.96 -15.20 6.49
CA SER Z 2 -20.14 -15.41 7.98
C SER Z 2 -21.44 -14.76 8.45
N ARG Z 3 -21.42 -14.03 9.59
CA ARG Z 3 -22.60 -13.67 10.35
C ARG Z 3 -23.23 -12.39 9.78
N PRO Z 4 -24.57 -12.35 9.56
CA PRO Z 4 -25.21 -11.28 8.76
C PRO Z 4 -25.20 -9.92 9.42
N ALA Z 5 -24.48 -8.97 8.79
CA ALA Z 5 -24.03 -7.74 9.44
C ALA Z 5 -25.19 -6.87 9.89
N ILE Z 6 -26.10 -6.53 8.95
CA ILE Z 6 -27.13 -5.55 9.25
C ILE Z 6 -28.07 -6.10 10.32
N LEU Z 7 -28.52 -7.34 10.12
CA LEU Z 7 -29.38 -7.96 11.12
C LEU Z 7 -28.73 -7.87 12.51
N TYR Z 8 -27.42 -8.06 12.56
CA TYR Z 8 -26.72 -8.06 13.83
C TYR Z 8 -26.70 -6.66 14.41
N ALA Z 9 -26.35 -5.66 13.58
CA ALA Z 9 -26.35 -4.26 14.00
C ALA Z 9 -27.71 -3.89 14.60
N LEU Z 10 -28.82 -4.34 13.97
CA LEU Z 10 -30.14 -3.95 14.41
C LEU Z 10 -30.45 -4.57 15.77
N LEU Z 11 -29.97 -5.80 16.00
CA LEU Z 11 -30.41 -6.52 17.17
C LEU Z 11 -29.58 -6.18 18.41
N SER Z 12 -28.32 -5.76 18.23
CA SER Z 12 -27.47 -5.40 19.36
C SER Z 12 -27.59 -3.92 19.72
N SER Z 13 -27.58 -3.04 18.70
CA SER Z 13 -27.82 -1.61 18.87
C SER Z 13 -26.62 -0.91 19.52
N SER Z 14 -25.46 -1.55 19.43
CA SER Z 14 -24.38 -1.28 20.39
C SER Z 14 -23.37 -0.20 20.04
N LEU Z 15 -23.26 0.19 18.77
CA LEU Z 15 -22.29 1.22 18.42
C LEU Z 15 -20.91 0.54 18.40
N SER AA 2 -62.73 -43.84 -18.86
CA SER AA 2 -62.86 -45.35 -18.90
C SER AA 2 -61.59 -45.98 -19.45
N ARG AA 3 -61.70 -46.98 -20.34
CA ARG AA 3 -60.64 -47.94 -20.63
C ARG AA 3 -59.71 -47.38 -21.70
N PRO AA 4 -58.35 -47.44 -21.52
CA PRO AA 4 -57.42 -46.69 -22.36
C PRO AA 4 -57.33 -47.18 -23.80
N ALA AA 5 -57.73 -46.32 -24.74
CA ALA AA 5 -58.08 -46.71 -26.10
C ALA AA 5 -56.88 -47.28 -26.87
N ILE AA 6 -55.78 -46.52 -26.92
CA ILE AA 6 -54.66 -46.92 -27.76
C ILE AA 6 -54.04 -48.20 -27.23
N LEU AA 7 -53.79 -48.25 -25.92
CA LEU AA 7 -53.27 -49.48 -25.34
C LEU AA 7 -54.13 -50.67 -25.74
N TYR AA 8 -55.45 -50.47 -25.75
CA TYR AA 8 -56.37 -51.55 -26.06
C TYR AA 8 -56.24 -51.95 -27.53
N ALA AA 9 -56.24 -50.95 -28.42
CA ALA AA 9 -56.04 -51.18 -29.85
C ALA AA 9 -54.78 -52.00 -30.10
N LEU AA 10 -53.68 -51.69 -29.39
CA LEU AA 10 -52.43 -52.38 -29.62
C LEU AA 10 -52.51 -53.83 -29.18
N LEU AA 11 -53.25 -54.10 -28.10
CA LEU AA 11 -53.21 -55.42 -27.50
C LEU AA 11 -54.17 -56.39 -28.19
N SER AA 12 -55.28 -55.88 -28.76
CA SER AA 12 -56.26 -56.73 -29.43
C SER AA 12 -55.95 -56.92 -30.91
N SER AA 13 -55.60 -55.83 -31.61
CA SER AA 13 -55.13 -55.85 -32.99
C SER AA 13 -56.27 -56.16 -33.97
N SER AA 14 -57.50 -55.92 -33.54
CA SER AA 14 -58.64 -56.64 -34.12
C SER AA 14 -59.34 -56.11 -35.39
N LEU AA 15 -59.21 -54.82 -35.71
CA LEU AA 15 -59.86 -54.29 -36.88
C LEU AA 15 -61.35 -54.11 -36.55
N SER BA 2 -34.55 -76.37 -42.29
CA SER BA 2 -36.03 -76.42 -42.03
C SER BA 2 -36.56 -75.05 -41.63
N ARG BA 3 -37.49 -75.00 -40.66
CA ARG BA 3 -38.32 -73.86 -40.34
C ARG BA 3 -37.57 -72.91 -39.41
N PRO BA 4 -37.55 -71.57 -39.68
CA PRO BA 4 -36.65 -70.64 -38.97
C PRO BA 4 -37.01 -70.41 -37.51
N ALA BA 5 -36.12 -70.83 -36.61
CA ALA BA 5 -36.43 -71.05 -35.21
C ALA BA 5 -36.84 -69.76 -34.48
N ILE BA 6 -35.98 -68.73 -34.56
CA ILE BA 6 -36.22 -67.53 -33.77
C ILE BA 6 -37.48 -66.84 -34.26
N LEU BA 7 -37.61 -66.67 -35.58
CA LEU BA 7 -38.82 -66.07 -36.11
C LEU BA 7 -40.05 -66.80 -35.57
N TYR BA 8 -39.97 -68.12 -35.48
CA TYR BA 8 -41.11 -68.93 -35.03
C TYR BA 8 -41.38 -68.65 -33.55
N ALA BA 9 -40.32 -68.68 -32.72
CA ALA BA 9 -40.45 -68.37 -31.31
C ALA BA 9 -41.14 -67.02 -31.10
N LEU BA 10 -40.77 -66.01 -31.91
CA LEU BA 10 -41.32 -64.67 -31.75
C LEU BA 10 -42.81 -64.66 -32.09
N LEU BA 11 -43.21 -65.44 -33.08
CA LEU BA 11 -44.55 -65.31 -33.62
C LEU BA 11 -45.56 -66.12 -32.82
N SER BA 12 -45.12 -67.22 -32.19
CA SER BA 12 -46.02 -68.06 -31.39
C SER BA 12 -46.09 -67.61 -29.93
N SER BA 13 -44.93 -67.28 -29.34
CA SER BA 13 -44.85 -66.67 -28.02
C SER BA 13 -45.14 -67.69 -26.92
N SER BA 14 -45.03 -68.96 -27.26
CA SER BA 14 -45.66 -70.00 -26.44
C SER BA 14 -44.58 -70.62 -25.56
N LEU BA 15 -44.85 -70.68 -24.26
CA LEU BA 15 -43.99 -71.40 -23.33
C LEU BA 15 -44.03 -72.91 -23.63
N SER CA 2 13.41 -16.77 -50.65
CA SER CA 2 13.61 -15.33 -50.25
C SER CA 2 12.73 -14.97 -49.05
N ARG CA 3 12.13 -13.77 -49.07
CA ARG CA 3 11.45 -13.19 -47.92
C ARG CA 3 10.01 -13.68 -47.85
N PRO CA 4 9.50 -14.13 -46.67
CA PRO CA 4 8.20 -14.82 -46.59
C PRO CA 4 6.99 -13.92 -46.88
N ALA CA 5 6.28 -14.24 -47.97
CA ALA CA 5 5.36 -13.33 -48.63
C ALA CA 5 4.18 -12.94 -47.73
N ILE CA 6 3.47 -13.95 -47.20
CA ILE CA 6 2.23 -13.68 -46.49
C ILE CA 6 2.55 -12.90 -45.20
N LEU CA 7 3.53 -13.37 -44.45
CA LEU CA 7 3.93 -12.66 -43.25
C LEU CA 7 4.19 -11.18 -43.58
N TYR CA 8 4.83 -10.94 -44.72
CA TYR CA 8 5.18 -9.58 -45.11
C TYR CA 8 3.91 -8.78 -45.44
N ALA CA 9 3.02 -9.36 -46.24
CA ALA CA 9 1.75 -8.75 -46.57
C ALA CA 9 1.00 -8.33 -45.30
N LEU CA 10 1.00 -9.21 -44.27
CA LEU CA 10 0.24 -8.94 -43.06
C LEU CA 10 0.85 -7.77 -42.30
N LEU CA 11 2.18 -7.66 -42.33
CA LEU CA 11 2.84 -6.71 -41.45
C LEU CA 11 2.89 -5.31 -42.06
N SER CA 12 2.91 -5.20 -43.40
CA SER CA 12 2.97 -3.90 -44.06
C SER CA 12 1.57 -3.34 -44.33
N SER CA 13 0.66 -4.19 -44.83
CA SER CA 13 -0.74 -3.85 -45.03
C SER CA 13 -0.92 -2.93 -46.24
N SER CA 14 0.09 -2.90 -47.12
CA SER CA 14 0.17 -1.84 -48.09
C SER CA 14 -0.38 -2.38 -49.42
N LEU CA 15 -1.34 -1.66 -50.01
CA LEU CA 15 -1.92 -2.16 -51.24
C LEU CA 15 -0.94 -1.98 -52.42
N ALA DA 1 -17.08 10.84 -21.28
CA ALA DA 1 -17.69 11.58 -22.42
C ALA DA 1 -16.83 11.49 -23.68
N SER DA 2 -15.47 11.46 -23.56
CA SER DA 2 -14.58 11.75 -24.68
C SER DA 2 -14.13 10.48 -25.41
N ARG DA 3 -12.84 10.39 -25.81
CA ARG DA 3 -12.38 9.53 -26.90
C ARG DA 3 -12.10 8.12 -26.37
N PRO DA 4 -12.60 7.04 -27.04
CA PRO DA 4 -12.65 5.70 -26.43
C PRO DA 4 -11.28 5.05 -26.24
N ALA DA 5 -10.92 4.81 -24.98
CA ALA DA 5 -9.55 4.56 -24.56
C ALA DA 5 -8.97 3.30 -25.17
N ILE DA 6 -9.66 2.16 -24.97
CA ILE DA 6 -9.09 0.88 -25.37
C ILE DA 6 -8.94 0.84 -26.88
N LEU DA 7 -10.02 1.21 -27.60
CA LEU DA 7 -9.93 1.24 -29.05
C LEU DA 7 -8.71 2.04 -29.49
N TYR DA 8 -8.45 3.16 -28.80
CA TYR DA 8 -7.35 4.03 -29.18
C TYR DA 8 -6.02 3.34 -28.91
N ALA DA 9 -5.87 2.75 -27.71
CA ALA DA 9 -4.68 2.01 -27.36
C ALA DA 9 -4.36 0.95 -28.41
N LEU DA 10 -5.39 0.24 -28.90
CA LEU DA 10 -5.19 -0.85 -29.84
C LEU DA 10 -4.70 -0.31 -31.18
N LEU DA 11 -5.20 0.86 -31.57
CA LEU DA 11 -4.96 1.32 -32.93
C LEU DA 11 -3.63 2.06 -33.05
N SER DA 12 -3.15 2.69 -31.96
CA SER DA 12 -1.89 3.41 -32.01
C SER DA 12 -0.70 2.52 -31.64
N SER DA 13 -0.86 1.70 -30.59
CA SER DA 13 0.11 0.68 -30.20
C SER DA 13 1.31 1.30 -29.53
N SER DA 14 1.15 2.54 -29.04
CA SER DA 14 2.29 3.32 -28.63
C SER DA 14 2.39 3.23 -27.11
N LEU DA 15 3.57 2.82 -26.61
CA LEU DA 15 3.87 2.74 -25.19
C LEU DA 15 4.09 4.16 -24.63
N SER EA 2 -62.51 -1.43 -55.98
CA SER EA 2 -63.90 -1.41 -55.53
C SER EA 2 -64.11 -0.37 -54.41
N ARG EA 3 -65.36 0.09 -54.30
CA ARG EA 3 -65.77 1.25 -53.49
C ARG EA 3 -66.03 0.79 -52.06
N PRO EA 4 -65.50 1.47 -51.01
CA PRO EA 4 -65.49 0.93 -49.64
C PRO EA 4 -66.86 0.83 -48.98
N ALA EA 5 -67.29 -0.40 -48.70
CA ALA EA 5 -68.68 -0.74 -48.44
C ALA EA 5 -69.22 -0.05 -47.18
N ILE EA 6 -68.52 -0.25 -46.05
CA ILE EA 6 -69.06 0.22 -44.78
C ILE EA 6 -69.12 1.75 -44.77
N LEU EA 7 -68.03 2.39 -45.18
CA LEU EA 7 -68.03 3.83 -45.26
C LEU EA 7 -69.24 4.32 -46.06
N TYR EA 8 -69.54 3.61 -47.15
CA TYR EA 8 -70.63 4.00 -48.02
C TYR EA 8 -71.97 3.82 -47.32
N ALA EA 9 -72.17 2.66 -46.69
CA ALA EA 9 -73.37 2.39 -45.91
C ALA EA 9 -73.61 3.50 -44.89
N LEU EA 10 -72.55 3.95 -44.21
CA LEU EA 10 -72.71 4.95 -43.16
C LEU EA 10 -73.14 6.29 -43.74
N LEU EA 11 -72.63 6.61 -44.93
CA LEU EA 11 -72.81 7.96 -45.44
C LEU EA 11 -74.14 8.13 -46.18
N SER EA 12 -74.67 7.04 -46.76
CA SER EA 12 -75.94 7.10 -47.48
C SER EA 12 -77.13 6.83 -46.57
N SER EA 13 -77.02 5.80 -45.71
CA SER EA 13 -78.00 5.49 -44.67
C SER EA 13 -79.23 4.85 -45.28
N SER EA 14 -79.10 4.33 -46.51
CA SER EA 14 -80.27 4.04 -47.32
C SER EA 14 -80.54 2.54 -47.20
N LEU EA 15 -81.79 2.19 -46.86
CA LEU EA 15 -82.13 0.78 -46.71
C LEU EA 15 -82.23 0.14 -48.10
N SER FA 2 -91.75 26.47 -28.53
CA SER FA 2 -90.71 26.60 -29.55
C SER FA 2 -89.87 25.31 -29.65
N ARG FA 3 -89.10 25.25 -30.75
CA ARG FA 3 -88.38 24.08 -31.24
C ARG FA 3 -87.07 23.94 -30.47
N PRO FA 4 -86.66 22.73 -30.04
CA PRO FA 4 -85.33 22.50 -29.43
C PRO FA 4 -84.13 22.75 -30.36
N ALA FA 5 -83.35 23.78 -30.03
CA ALA FA 5 -82.42 24.41 -30.97
C ALA FA 5 -81.30 23.46 -31.39
N ILE FA 6 -80.59 22.91 -30.39
CA ILE FA 6 -79.41 22.11 -30.65
C ILE FA 6 -79.82 20.85 -31.39
N LEU FA 7 -80.86 20.16 -30.90
CA LEU FA 7 -81.33 18.97 -31.60
C LEU FA 7 -81.57 19.28 -33.08
N TYR FA 8 -82.14 20.47 -33.34
CA TYR FA 8 -82.47 20.83 -34.70
C TYR FA 8 -81.20 21.06 -35.53
N ALA FA 9 -80.26 21.83 -34.95
CA ALA FA 9 -78.97 22.07 -35.58
C ALA FA 9 -78.29 20.75 -35.96
N LEU FA 10 -78.35 19.75 -35.07
CA LEU FA 10 -77.66 18.49 -35.31
C LEU FA 10 -78.31 17.73 -36.46
N LEU FA 11 -79.64 17.83 -36.57
CA LEU FA 11 -80.35 16.97 -37.49
C LEU FA 11 -80.36 17.54 -38.91
N SER FA 12 -80.30 18.88 -39.05
CA SER FA 12 -80.31 19.50 -40.36
C SER FA 12 -78.90 19.67 -40.93
N SER FA 13 -77.95 20.12 -40.09
CA SER FA 13 -76.55 20.21 -40.42
C SER FA 13 -76.28 21.37 -41.36
N SER FA 14 -77.22 22.32 -41.44
CA SER FA 14 -77.24 23.23 -42.57
C SER FA 14 -76.63 24.54 -42.10
N LEU FA 15 -75.65 25.06 -42.84
CA LEU FA 15 -75.13 26.40 -42.57
C LEU FA 15 -76.19 27.45 -42.93
#